data_6B48
#
_entry.id   6B48
#
_cell.length_a   1
_cell.length_b   1
_cell.length_c   1
_cell.angle_alpha   90.00
_cell.angle_beta   90.00
_cell.angle_gamma   90.00
#
_symmetry.space_group_name_H-M   'P 1'
#
loop_
_entity.id
_entity.type
_entity.pdbx_description
1 polymer 'CRISPR-associated protein Csy1'
2 polymer 'CRISPR-associated protein Csy2'
3 polymer 'CRISPR-associated protein Csy3'
4 polymer 'Anti-CRISPR protein AcrF10'
5 polymer 'CRISPR-associated endonuclease Cas6/Csy4'
6 polymer 'Pseudomonas aeruginosa strain SMC4485 CRISPR repeat sequence'
#
loop_
_entity_poly.entity_id
_entity_poly.type
_entity_poly.pdbx_seq_one_letter_code
_entity_poly.pdbx_strand_id
1 'polypeptide(L)'
;GSMTSPLPTPTWQELRQFIESFIQERLQGKLDKLQPDEDDKRQTLLATHRREAWLADAARRVGQLQLVTHTLKPIHPDAR
GSNLHSLPQAPGQPGLAGSHELGDRLVSDVVGNAAALDVFKFLSLQYQGKNLLNWLTEDSAEALQALSDNAEQAREWRQA
FIGITTVKGAPASHSLAKQLYFPLPGSGYHLLAPLFPTSLVHHVHALLREARFGDAAKAAREARSRQESWPHGFSEYPNL
AIQKFGGTKPQNISQLNNERRGENWLLPSLPPNWQRQNVNAPMRHSSVFEHDFGRTPEVSRLTRTLQRFLAKTVHNNLAI
RQRRAQLVAQICDEALQYAARLRELEPGWSATPGCQLHDAEQLWLDPLRAQTDETFLQRRLRGDWPAEVGNRFANWLNRA
VSSDSQILGSPEAAQWSQELSKELTMFKEILEDERD
;
A
2 'polypeptide(L)'
;MAMSVTDPEALLLLPRLSIQNANAISSPLTWGFPSPGAFTGFVHALQRRVGISLDIELDGVGIVCHRFEAQISQPAGKRT
KVFNLTRNPLNRDGSTAAIVEEGRAHLEVSLLLGVHGDGLDDHPAQEIARQVQEQAGAMRLAGGSILPWCNERFPAPNAE
LLMLGGSDEQRRKNQRRLTRRLLPGFALVSREALLQQHLETLRTTLPEATTLDALLDLCRINFEPPATSSEEEASPPDAA
WQVRDKPGWLVPIPAGYNALSPLYLPGEVRNARDRETPLRFVENLFGLGEWLSPHRVAALSDLLWYHHAEPDKGLYRWST
PRFVEHAIA
;
B
3 'polypeptide(L)'
;MAMSKPILSTASVLAFERKLDPSDALMSAGAWAQRDASQEWPAVTVREKSVRGTISNRLKTKDRDPAKLDASIQSPNLQT
VDVANLPSDADTLKVRFTLRVLGGAGTPSACNDAAYRDKLLQTVATYVNDQGFAELARRYAHNLANARFLWRNRVGAEAV
EVRINHIRQGEVARAWRFDALAIGLRDFKADAELDALAELIASGLSGSGHVLLEVVAFARIGDGQEVFPSQELILDKGDK
KGQKSKTLYSVRDAAAIHSQKIGNALRTIDTWYPDEDGLGPIAVEPYGSVTSQGKAYRQPKQKLDFYTLLDNWVLRDEAP
AVEQQHYVIANLIRGGVFGEAEEK
;
C,D,E,F,G,H
4 'polypeptide(L)'
;GS(MSE)TTFRIENVRIETINDFD(MSE)VKFDLVTDLGRVELAEHVNYDSEGDFKSVEYTDSNIRYN(MSE)VDELCSV
FDLTDKPSL(MSE)PAIDYVTFAEIIEAVEE(MSE)LEA
;
K
5 'polypeptide(L)'
;MAMDHYLDIRLRPDPEFPPAQLMSVLFGKLHQALVAQGGDRIGVSFPDLDESRSRLGERLRIHASADDLRALLARPWLEG
LRDHLQFGEPAVVPHPTPYRQVSRVQAKSNPERLRRRLMRRHDLSEEEARKRIPDTVARALDLPFVTLRSQSTGQHFRLF
IRHGPLQVTAEEGGFTCYGLSKGGFVPWF
;
L
6 'polyribonucleotide' CUAAGAAAUUCACGGCGGGCUUGAUGUCCGCGUCUACCUGGUUCACUGCCGUGUAGGCAG M
#
loop_
_chem_comp.id
_chem_comp.type
_chem_comp.name
_chem_comp.formula
A RNA linking ADENOSINE-5'-MONOPHOSPHATE 'C10 H14 N5 O7 P'
C RNA linking CYTIDINE-5'-MONOPHOSPHATE 'C9 H14 N3 O8 P'
G RNA linking GUANOSINE-5'-MONOPHOSPHATE 'C10 H14 N5 O8 P'
U RNA linking URIDINE-5'-MONOPHOSPHATE 'C9 H13 N2 O9 P'
#
# COMPACT_ATOMS: atom_id res chain seq x y z
N GLN A 13 1.27 45.34 -55.36
CA GLN A 13 1.04 43.99 -54.88
C GLN A 13 2.36 43.25 -54.74
N GLU A 14 3.10 43.16 -55.85
CA GLU A 14 4.42 42.53 -55.87
C GLU A 14 5.42 43.29 -56.75
N LEU A 15 5.11 44.51 -57.16
CA LEU A 15 5.98 45.21 -58.08
C LEU A 15 7.06 46.00 -57.37
N ARG A 16 7.18 45.89 -56.04
CA ARG A 16 8.35 46.42 -55.35
C ARG A 16 8.89 45.57 -54.21
N GLN A 17 8.07 44.72 -53.57
CA GLN A 17 8.31 44.33 -52.19
C GLN A 17 9.38 43.25 -52.06
N PHE A 18 9.31 42.22 -52.88
CA PHE A 18 10.27 41.12 -52.79
C PHE A 18 11.66 41.56 -53.24
N ILE A 19 11.73 42.38 -54.30
CA ILE A 19 13.02 42.89 -54.77
C ILE A 19 13.66 43.81 -53.74
N GLU A 20 12.88 44.76 -53.19
CA GLU A 20 13.43 45.68 -52.20
C GLU A 20 13.83 44.95 -50.92
N SER A 21 13.10 43.89 -50.56
CA SER A 21 13.48 43.11 -49.39
C SER A 21 14.72 42.26 -49.66
N PHE A 22 14.90 41.80 -50.91
CA PHE A 22 16.10 41.06 -51.26
C PHE A 22 17.32 41.95 -51.23
N ILE A 23 17.18 43.20 -51.66
CA ILE A 23 18.27 44.17 -51.54
C ILE A 23 18.52 44.57 -50.09
N GLN A 24 17.47 44.66 -49.27
CA GLN A 24 17.63 44.99 -47.86
C GLN A 24 18.33 43.86 -47.11
N GLU A 25 18.00 42.60 -47.43
CA GLU A 25 18.72 41.47 -46.86
C GLU A 25 20.16 41.43 -47.34
N ARG A 26 20.39 41.66 -48.64
CA ARG A 26 21.74 41.66 -49.20
C ARG A 26 22.57 42.88 -48.78
N LEU A 27 21.95 43.89 -48.18
CA LEU A 27 22.68 45.02 -47.61
C LEU A 27 22.89 44.92 -46.11
N GLN A 28 21.91 44.40 -45.37
CA GLN A 28 22.10 44.18 -43.93
C GLN A 28 23.06 43.03 -43.69
N GLY A 29 22.71 41.84 -44.19
CA GLY A 29 23.59 40.70 -44.04
C GLY A 29 24.54 40.55 -45.21
N LYS A 30 25.22 41.64 -45.56
CA LYS A 30 26.17 41.63 -46.66
C LYS A 30 27.47 42.36 -46.39
N LEU A 31 27.57 43.17 -45.34
CA LEU A 31 28.74 43.99 -45.08
C LEU A 31 29.15 43.93 -43.62
N ASP A 32 29.02 42.76 -42.99
CA ASP A 32 29.51 42.59 -41.63
C ASP A 32 31.04 42.58 -41.61
N LYS A 33 31.66 41.94 -42.60
CA LYS A 33 33.10 41.96 -42.81
C LYS A 33 33.29 42.32 -44.29
N LEU A 34 33.30 43.62 -44.59
CA LEU A 34 33.29 44.12 -45.96
C LEU A 34 34.48 45.04 -46.19
N GLN A 35 35.62 44.44 -46.55
CA GLN A 35 36.81 45.11 -47.07
C GLN A 35 36.67 45.14 -48.58
N PRO A 36 37.67 45.61 -49.33
CA PRO A 36 37.59 45.51 -50.79
C PRO A 36 37.61 44.08 -51.30
N ASP A 37 38.26 43.16 -50.58
CA ASP A 37 38.31 41.76 -51.01
C ASP A 37 36.93 41.11 -50.93
N GLU A 38 36.21 41.33 -49.83
CA GLU A 38 34.81 40.90 -49.76
C GLU A 38 33.90 41.77 -50.62
N ASP A 39 34.31 43.01 -50.91
CA ASP A 39 33.50 43.90 -51.73
C ASP A 39 33.50 43.48 -53.18
N ASP A 40 34.55 42.78 -53.62
CA ASP A 40 34.63 42.26 -54.98
C ASP A 40 33.51 41.27 -55.32
N LYS A 41 32.89 40.65 -54.32
CA LYS A 41 31.65 39.89 -54.51
C LYS A 41 30.43 40.58 -53.94
N ARG A 42 30.61 41.42 -52.91
CA ARG A 42 29.49 42.10 -52.27
C ARG A 42 28.85 43.11 -53.20
N GLN A 43 29.65 43.83 -53.99
CA GLN A 43 29.10 44.79 -54.94
C GLN A 43 28.33 44.09 -56.05
N THR A 44 28.82 42.92 -56.49
CA THR A 44 28.13 42.17 -57.53
C THR A 44 26.79 41.62 -57.05
N LEU A 45 26.79 40.98 -55.87
CA LEU A 45 25.55 40.43 -55.33
C LEU A 45 24.57 41.52 -54.94
N LEU A 46 25.06 42.67 -54.46
CA LEU A 46 24.18 43.75 -54.05
C LEU A 46 23.56 44.45 -55.26
N ALA A 47 24.36 44.70 -56.31
CA ALA A 47 23.81 45.29 -57.52
C ALA A 47 22.88 44.32 -58.24
N THR A 48 23.08 43.02 -58.07
CA THR A 48 22.16 42.07 -58.70
C THR A 48 20.86 41.95 -57.93
N HIS A 49 20.91 41.89 -56.60
CA HIS A 49 19.74 41.58 -55.80
C HIS A 49 19.06 42.82 -55.20
N ARG A 50 19.54 44.02 -55.51
CA ARG A 50 18.85 45.24 -55.10
C ARG A 50 17.51 45.36 -55.78
N ARG A 51 17.49 45.52 -57.10
CA ARG A 51 16.22 45.63 -57.79
C ARG A 51 15.80 44.38 -58.54
N GLU A 52 16.57 43.96 -59.55
CA GLU A 52 16.04 43.01 -60.53
C GLU A 52 16.80 41.69 -60.60
N ALA A 53 18.10 41.72 -60.88
CA ALA A 53 18.82 40.55 -61.41
C ALA A 53 19.06 39.45 -60.38
N TRP A 54 18.86 39.72 -59.09
CA TRP A 54 19.05 38.70 -58.07
C TRP A 54 17.97 37.62 -58.16
N LEU A 55 16.77 37.98 -58.62
CA LEU A 55 15.71 37.00 -58.83
C LEU A 55 16.09 36.00 -59.91
N ALA A 56 16.70 36.47 -60.99
CA ALA A 56 17.15 35.57 -62.05
C ALA A 56 18.38 34.78 -61.62
N ASP A 57 19.28 35.41 -60.86
CA ASP A 57 20.45 34.70 -60.35
C ASP A 57 20.09 33.66 -59.31
N ALA A 58 18.92 33.78 -58.67
CA ALA A 58 18.42 32.76 -57.75
C ALA A 58 17.60 31.69 -58.44
N ALA A 59 16.80 32.04 -59.44
CA ALA A 59 16.09 31.04 -60.23
C ALA A 59 17.01 30.26 -61.16
N ARG A 60 18.24 30.71 -61.37
CA ARG A 60 19.19 29.96 -62.21
C ARG A 60 19.63 28.66 -61.54
N ARG A 61 19.90 28.69 -60.24
CA ARG A 61 20.09 27.48 -59.45
C ARG A 61 19.01 27.51 -58.38
N VAL A 62 17.81 27.11 -58.77
CA VAL A 62 16.65 27.03 -57.87
C VAL A 62 15.93 25.73 -58.18
N GLY A 63 16.62 24.81 -58.85
CA GLY A 63 16.03 23.57 -59.29
C GLY A 63 16.61 22.33 -58.63
N GLN A 64 16.92 22.45 -57.34
CA GLN A 64 17.34 21.29 -56.58
C GLN A 64 16.19 20.70 -55.78
N LEU A 65 15.20 21.50 -55.44
CA LEU A 65 14.09 21.06 -54.60
C LEU A 65 12.82 20.87 -55.42
N GLN A 66 11.78 20.37 -54.74
CA GLN A 66 10.47 20.16 -55.36
C GLN A 66 9.46 20.05 -54.24
N LEU A 67 8.51 20.99 -54.22
CA LEU A 67 7.57 21.12 -53.11
C LEU A 67 6.56 19.99 -53.06
N VAL A 68 6.84 18.96 -52.26
CA VAL A 68 6.01 17.77 -52.15
C VAL A 68 5.46 17.68 -50.74
N THR A 69 4.14 17.48 -50.64
CA THR A 69 3.44 17.50 -49.37
C THR A 69 3.63 16.21 -48.57
N HIS A 70 3.17 15.07 -49.07
CA HIS A 70 3.30 13.82 -48.34
C HIS A 70 4.73 13.28 -48.44
N THR A 71 5.66 13.90 -47.71
CA THR A 71 7.09 13.73 -47.92
C THR A 71 7.55 12.33 -47.48
N LEU A 72 8.80 12.01 -47.82
CA LEU A 72 9.33 10.69 -47.52
C LEU A 72 10.81 10.73 -47.14
N LYS A 73 11.30 11.88 -46.67
CA LYS A 73 12.70 12.06 -46.30
C LYS A 73 12.95 11.57 -44.88
N PRO A 74 12.06 11.86 -43.94
CA PRO A 74 12.31 11.49 -42.53
C PRO A 74 11.92 10.07 -42.17
N ILE A 75 11.60 9.21 -43.14
CA ILE A 75 11.20 7.84 -42.88
C ILE A 75 12.35 6.87 -43.10
N HIS A 76 13.57 7.36 -43.16
CA HIS A 76 14.80 6.59 -43.31
C HIS A 76 15.93 7.62 -43.28
N PRO A 77 17.16 7.22 -42.96
CA PRO A 77 18.24 8.21 -42.83
C PRO A 77 18.63 8.91 -44.14
N ASP A 78 19.05 8.12 -45.13
CA ASP A 78 19.55 8.66 -46.39
C ASP A 78 19.07 7.83 -47.57
N ALA A 79 17.78 7.50 -47.59
CA ALA A 79 17.21 6.64 -48.62
C ALA A 79 16.41 7.52 -49.57
N ARG A 80 17.09 7.99 -50.62
CA ARG A 80 16.47 8.91 -51.57
C ARG A 80 15.49 8.16 -52.47
N GLY A 81 14.25 8.66 -52.51
CA GLY A 81 13.21 7.97 -53.24
C GLY A 81 12.34 8.89 -54.07
N SER A 82 11.02 8.81 -53.89
CA SER A 82 10.06 9.63 -54.63
C SER A 82 9.10 10.25 -53.62
N ASN A 83 9.40 11.48 -53.20
CA ASN A 83 8.57 12.20 -52.22
C ASN A 83 7.33 12.69 -52.95
N LEU A 84 6.28 11.87 -52.95
CA LEU A 84 5.05 12.19 -53.66
C LEU A 84 4.33 13.34 -52.97
N HIS A 85 3.71 14.22 -53.76
CA HIS A 85 3.22 15.50 -53.27
C HIS A 85 1.81 15.77 -53.75
N SER A 86 0.93 14.79 -53.59
CA SER A 86 -0.46 14.92 -54.02
C SER A 86 -1.38 14.96 -52.80
N LEU A 87 -2.67 15.19 -53.08
CA LEU A 87 -3.74 15.23 -52.09
C LEU A 87 -4.11 13.80 -51.70
N PRO A 88 -4.42 13.59 -50.41
CA PRO A 88 -4.58 12.23 -49.88
C PRO A 88 -5.65 11.36 -50.50
N GLN A 89 -6.92 11.77 -50.42
CA GLN A 89 -7.97 11.00 -51.06
C GLN A 89 -9.35 11.60 -50.82
N ALA A 90 -10.37 10.96 -51.34
CA ALA A 90 -11.67 11.12 -50.70
C ALA A 90 -11.68 10.28 -49.42
N PRO A 91 -12.42 10.71 -48.40
CA PRO A 91 -12.37 9.99 -47.11
C PRO A 91 -12.96 8.60 -47.16
N GLY A 92 -14.20 8.48 -47.61
CA GLY A 92 -14.80 7.19 -47.92
C GLY A 92 -15.17 6.31 -46.75
N GLN A 93 -14.98 6.76 -45.52
CA GLN A 93 -15.17 5.92 -44.35
C GLN A 93 -16.09 6.61 -43.36
N PRO A 94 -16.79 5.83 -42.52
CA PRO A 94 -17.62 6.44 -41.48
C PRO A 94 -16.82 7.17 -40.40
N GLY A 95 -15.90 6.45 -39.75
CA GLY A 95 -15.20 7.00 -38.60
C GLY A 95 -13.71 7.13 -38.72
N LEU A 96 -13.24 7.59 -39.88
CA LEU A 96 -11.81 7.83 -40.09
C LEU A 96 -11.60 9.28 -40.47
N ALA A 97 -10.34 9.72 -40.38
CA ALA A 97 -9.97 11.07 -40.78
C ALA A 97 -8.46 11.23 -40.63
N GLY A 98 -7.90 12.13 -41.43
CA GLY A 98 -6.47 12.33 -41.41
C GLY A 98 -5.96 13.28 -42.47
N SER A 99 -4.93 12.85 -43.20
CA SER A 99 -4.26 13.69 -44.20
C SER A 99 -5.17 14.00 -45.39
N HIS A 100 -6.25 13.25 -45.58
CA HIS A 100 -7.26 13.54 -46.60
C HIS A 100 -8.34 14.48 -46.09
N GLU A 101 -8.10 15.14 -44.96
CA GLU A 101 -8.98 16.19 -44.45
C GLU A 101 -8.20 17.47 -44.18
N LEU A 102 -7.18 17.75 -44.99
CA LEU A 102 -6.26 18.84 -44.72
C LEU A 102 -6.89 20.18 -45.04
N GLY A 103 -7.23 20.43 -46.30
CA GLY A 103 -8.01 21.59 -46.66
C GLY A 103 -7.30 22.94 -46.57
N ASP A 104 -6.79 23.27 -45.38
CA ASP A 104 -6.04 24.51 -45.20
C ASP A 104 -4.72 24.47 -45.94
N ARG A 105 -4.20 23.26 -46.18
CA ARG A 105 -3.11 23.01 -47.13
C ARG A 105 -1.80 23.69 -46.75
N LEU A 106 -1.23 23.26 -45.64
CA LEU A 106 0.13 23.67 -45.29
C LEU A 106 1.15 22.81 -46.04
N VAL A 107 1.07 22.82 -47.37
CA VAL A 107 1.80 21.89 -48.23
C VAL A 107 3.20 22.39 -48.53
N SER A 108 3.60 23.48 -47.89
CA SER A 108 4.96 23.96 -48.06
C SER A 108 5.92 23.08 -47.28
N ASP A 109 6.19 21.88 -47.81
CA ASP A 109 7.19 21.01 -47.22
C ASP A 109 8.33 20.93 -48.20
N VAL A 110 8.62 22.06 -48.86
CA VAL A 110 9.47 22.11 -50.04
C VAL A 110 10.91 21.85 -49.65
N VAL A 111 11.35 20.61 -49.82
CA VAL A 111 12.66 20.15 -49.40
C VAL A 111 13.34 19.53 -50.60
N GLY A 112 14.66 19.48 -50.52
CA GLY A 112 15.49 19.10 -51.65
C GLY A 112 16.93 19.37 -51.33
N ASN A 113 17.64 20.08 -52.22
CA ASN A 113 19.01 20.50 -51.94
C ASN A 113 19.01 21.49 -50.79
N ALA A 114 19.97 21.33 -49.89
CA ALA A 114 19.99 22.11 -48.66
C ALA A 114 20.42 23.56 -48.87
N ALA A 115 21.08 23.86 -49.98
CA ALA A 115 21.59 25.20 -50.25
C ALA A 115 20.61 26.05 -51.03
N ALA A 116 19.32 25.84 -50.83
CA ALA A 116 18.26 26.61 -51.49
C ALA A 116 17.37 27.30 -50.48
N LEU A 117 17.97 27.78 -49.39
CA LEU A 117 17.21 28.55 -48.42
C LEU A 117 16.76 29.89 -48.99
N ASP A 118 17.56 30.46 -49.90
CA ASP A 118 17.15 31.69 -50.57
C ASP A 118 15.95 31.45 -51.48
N VAL A 119 15.95 30.35 -52.24
CA VAL A 119 14.84 30.04 -53.13
C VAL A 119 13.59 29.70 -52.33
N PHE A 120 13.76 29.02 -51.18
CA PHE A 120 12.62 28.73 -50.32
C PHE A 120 12.02 30.00 -49.72
N LYS A 121 12.87 30.91 -49.24
CA LYS A 121 12.38 32.15 -48.67
C LYS A 121 11.73 33.04 -49.72
N PHE A 122 12.28 33.04 -50.94
CA PHE A 122 11.69 33.82 -52.02
C PHE A 122 10.36 33.23 -52.47
N LEU A 123 10.23 31.90 -52.43
CA LEU A 123 8.94 31.29 -52.75
C LEU A 123 7.90 31.56 -51.67
N SER A 124 8.32 31.63 -50.40
CA SER A 124 7.37 31.77 -49.32
C SER A 124 7.03 33.21 -48.97
N LEU A 125 7.87 34.18 -49.38
CA LEU A 125 7.90 35.51 -48.76
C LEU A 125 7.04 36.53 -49.48
N GLN A 126 5.89 36.14 -50.01
CA GLN A 126 4.99 37.08 -50.67
C GLN A 126 3.57 36.88 -50.16
N TYR A 127 3.38 36.91 -48.84
CA TYR A 127 2.18 36.42 -48.18
C TYR A 127 1.07 37.45 -48.11
N GLN A 128 1.03 38.41 -49.03
CA GLN A 128 -0.03 39.43 -49.05
C GLN A 128 -1.24 38.88 -49.80
N GLY A 129 -1.97 37.98 -49.12
CA GLY A 129 -3.18 37.41 -49.65
C GLY A 129 -3.00 36.13 -50.43
N LYS A 130 -1.78 35.78 -50.82
CA LYS A 130 -1.51 34.59 -51.60
C LYS A 130 -0.11 34.11 -51.23
N ASN A 131 0.48 33.29 -52.07
CA ASN A 131 1.86 32.87 -51.90
C ASN A 131 2.78 33.88 -52.59
N LEU A 132 4.09 33.61 -52.52
CA LEU A 132 5.10 34.38 -53.25
C LEU A 132 5.73 33.59 -54.38
N LEU A 133 5.91 32.28 -54.19
CA LEU A 133 6.17 31.39 -55.31
C LEU A 133 4.89 30.69 -55.77
N ASN A 134 3.86 30.66 -54.92
CA ASN A 134 2.55 30.21 -55.34
C ASN A 134 1.70 31.35 -55.87
N TRP A 135 2.16 32.59 -55.72
CA TRP A 135 1.40 33.74 -56.22
C TRP A 135 1.78 34.06 -57.65
N LEU A 136 3.06 33.98 -57.98
CA LEU A 136 3.55 34.31 -59.31
C LEU A 136 3.68 33.11 -60.22
N THR A 137 2.82 32.10 -60.04
CA THR A 137 2.91 30.87 -60.84
C THR A 137 2.37 31.07 -62.25
N GLU A 138 1.10 31.44 -62.37
CA GLU A 138 0.48 31.73 -63.65
C GLU A 138 0.03 33.18 -63.66
N ASP A 139 -0.03 33.75 -64.87
CA ASP A 139 -0.31 35.18 -65.04
C ASP A 139 0.79 36.04 -64.43
N SER A 140 1.99 35.91 -65.02
CA SER A 140 3.19 36.56 -64.51
C SER A 140 3.24 38.06 -64.75
N ALA A 141 2.20 38.66 -65.34
CA ALA A 141 2.12 40.11 -65.41
C ALA A 141 2.00 40.74 -64.02
N GLU A 142 1.32 40.06 -63.10
CA GLU A 142 1.15 40.53 -61.73
C GLU A 142 2.40 40.37 -60.87
N ALA A 143 3.50 39.87 -61.44
CA ALA A 143 4.79 39.83 -60.78
C ALA A 143 5.94 40.42 -61.59
N LEU A 144 5.75 40.67 -62.88
CA LEU A 144 6.76 41.31 -63.71
C LEU A 144 6.20 42.54 -64.41
N GLN A 145 5.15 43.14 -63.86
CA GLN A 145 4.53 44.34 -64.43
C GLN A 145 4.93 45.61 -63.68
N ALA A 146 4.79 45.62 -62.36
CA ALA A 146 5.23 46.77 -61.57
C ALA A 146 6.75 46.86 -61.47
N LEU A 147 7.47 45.78 -61.75
CA LEU A 147 8.92 45.75 -61.65
C LEU A 147 9.61 45.76 -63.01
N SER A 148 8.85 45.91 -64.11
CA SER A 148 9.39 46.01 -65.45
C SER A 148 10.11 44.74 -65.91
N ASP A 149 9.34 43.66 -65.98
CA ASP A 149 9.89 42.37 -66.40
C ASP A 149 10.01 42.30 -67.92
N ASN A 150 11.06 41.62 -68.38
CA ASN A 150 11.33 41.47 -69.80
C ASN A 150 10.54 40.30 -70.37
N ALA A 151 10.88 39.87 -71.59
CA ALA A 151 10.19 38.76 -72.22
C ALA A 151 10.95 37.44 -72.09
N GLU A 152 12.17 37.38 -72.64
CA GLU A 152 12.90 36.12 -72.70
C GLU A 152 13.46 35.70 -71.35
N GLN A 153 14.30 36.56 -70.75
CA GLN A 153 14.90 36.23 -69.46
C GLN A 153 13.85 36.21 -68.35
N ALA A 154 12.86 37.11 -68.43
CA ALA A 154 11.78 37.13 -67.45
C ALA A 154 10.91 35.88 -67.54
N ARG A 155 10.61 35.42 -68.77
CA ARG A 155 9.83 34.20 -68.93
C ARG A 155 10.62 32.96 -68.53
N GLU A 156 11.94 32.96 -68.76
CA GLU A 156 12.78 31.84 -68.32
C GLU A 156 12.84 31.77 -66.80
N TRP A 157 13.00 32.91 -66.13
CA TRP A 157 12.99 32.94 -64.67
C TRP A 157 11.64 32.55 -64.10
N ARG A 158 10.55 32.98 -64.75
CA ARG A 158 9.21 32.64 -64.29
C ARG A 158 8.91 31.15 -64.46
N GLN A 159 9.37 30.56 -65.56
CA GLN A 159 9.19 29.13 -65.76
C GLN A 159 10.02 28.32 -64.78
N ALA A 160 11.28 28.71 -64.57
CA ALA A 160 12.16 27.97 -63.66
C ALA A 160 11.76 28.15 -62.21
N PHE A 161 11.03 29.21 -61.88
CA PHE A 161 10.52 29.38 -60.53
C PHE A 161 9.18 28.71 -60.29
N ILE A 162 8.17 28.97 -61.13
CA ILE A 162 6.86 28.38 -60.94
C ILE A 162 6.75 26.94 -61.42
N GLY A 163 7.81 26.39 -62.01
CA GLY A 163 7.82 24.97 -62.35
C GLY A 163 8.52 24.14 -61.30
N ILE A 164 8.61 24.68 -60.08
CA ILE A 164 9.31 23.98 -59.00
C ILE A 164 8.45 22.88 -58.39
N THR A 165 7.15 22.88 -58.64
CA THR A 165 6.27 21.81 -58.17
C THR A 165 6.23 20.62 -59.12
N THR A 166 7.16 20.54 -60.06
CA THR A 166 7.15 19.47 -61.05
C THR A 166 7.60 18.15 -60.42
N VAL A 167 7.39 17.08 -61.16
CA VAL A 167 7.69 15.72 -60.70
C VAL A 167 9.20 15.53 -60.68
N LYS A 168 9.65 14.61 -59.82
CA LYS A 168 11.05 14.23 -59.79
C LYS A 168 11.44 13.48 -61.06
N GLY A 169 10.47 12.81 -61.67
CA GLY A 169 10.68 12.18 -62.96
C GLY A 169 10.84 10.67 -62.90
N ALA A 170 10.45 10.07 -61.79
CA ALA A 170 10.54 8.62 -61.63
C ALA A 170 9.49 8.17 -60.64
N PRO A 171 8.88 7.00 -60.86
CA PRO A 171 7.99 6.43 -59.84
C PRO A 171 8.73 5.65 -58.76
N ALA A 172 10.03 5.87 -58.58
CA ALA A 172 10.88 5.05 -57.74
C ALA A 172 10.64 5.24 -56.25
N SER A 173 10.50 4.13 -55.52
CA SER A 173 10.65 4.10 -54.08
C SER A 173 12.06 3.66 -53.75
N HIS A 174 12.33 3.37 -52.47
CA HIS A 174 13.67 2.97 -52.08
C HIS A 174 13.61 1.76 -51.17
N SER A 175 14.77 1.11 -50.99
CA SER A 175 14.88 -0.17 -50.31
C SER A 175 14.46 -0.09 -48.85
N LEU A 176 15.00 0.88 -48.12
CA LEU A 176 14.73 1.00 -46.69
C LEU A 176 13.66 2.05 -46.41
N ALA A 177 12.67 2.17 -47.29
CA ALA A 177 11.65 3.20 -47.20
C ALA A 177 10.26 2.61 -46.96
N LYS A 178 10.18 1.50 -46.22
CA LYS A 178 8.96 0.94 -45.64
C LYS A 178 7.93 0.57 -46.73
N GLN A 179 8.25 -0.47 -47.48
CA GLN A 179 7.28 -1.13 -48.35
C GLN A 179 6.73 -2.35 -47.62
N LEU A 180 5.41 -2.48 -47.60
CA LEU A 180 4.83 -3.56 -46.78
C LEU A 180 3.53 -4.06 -47.39
N TYR A 181 3.31 -5.37 -47.25
CA TYR A 181 2.19 -6.04 -47.91
C TYR A 181 0.85 -5.71 -47.25
N PHE A 182 -0.21 -6.08 -47.94
CA PHE A 182 -1.57 -5.92 -47.43
C PHE A 182 -2.44 -6.95 -48.12
N PRO A 183 -3.00 -7.92 -47.39
CA PRO A 183 -3.74 -9.00 -48.05
C PRO A 183 -5.17 -8.59 -48.41
N LEU A 184 -5.48 -8.68 -49.71
CA LEU A 184 -6.85 -8.54 -50.16
C LEU A 184 -7.68 -9.75 -49.72
N PRO A 185 -9.00 -9.60 -49.65
CA PRO A 185 -9.85 -10.77 -49.45
C PRO A 185 -9.96 -11.59 -50.73
N GLY A 186 -9.63 -12.88 -50.62
CA GLY A 186 -9.85 -13.82 -51.69
C GLY A 186 -8.86 -13.78 -52.84
N SER A 187 -7.86 -12.90 -52.80
CA SER A 187 -7.02 -12.69 -53.98
C SER A 187 -5.61 -12.33 -53.53
N GLY A 188 -4.82 -11.80 -54.45
CA GLY A 188 -3.43 -11.47 -54.21
C GLY A 188 -3.19 -10.24 -53.36
N TYR A 189 -2.05 -9.59 -53.54
CA TYR A 189 -1.56 -8.57 -52.62
C TYR A 189 -1.34 -7.25 -53.34
N HIS A 190 -1.51 -6.16 -52.61
CA HIS A 190 -1.06 -4.83 -53.04
C HIS A 190 -0.09 -4.37 -51.97
N LEU A 191 1.21 -4.48 -52.20
CA LEU A 191 2.15 -4.12 -51.14
C LEU A 191 2.25 -2.61 -51.08
N LEU A 192 1.91 -2.05 -49.92
CA LEU A 192 1.73 -0.62 -49.78
C LEU A 192 3.00 0.01 -49.24
N ALA A 193 3.33 1.20 -49.75
CA ALA A 193 4.50 1.97 -49.31
C ALA A 193 3.99 3.23 -48.62
N PRO A 194 3.96 3.25 -47.30
CA PRO A 194 3.60 4.49 -46.61
C PRO A 194 4.72 5.50 -46.65
N LEU A 195 4.34 6.76 -46.85
CA LEU A 195 5.24 7.90 -46.76
C LEU A 195 4.92 8.67 -45.47
N PHE A 196 5.63 9.77 -45.27
CA PHE A 196 5.54 10.53 -44.02
C PHE A 196 4.71 11.78 -44.24
N PRO A 197 3.49 11.86 -43.72
CA PRO A 197 2.63 13.01 -44.01
C PRO A 197 3.06 14.28 -43.30
N THR A 198 4.09 14.96 -43.83
CA THR A 198 4.71 16.03 -43.07
C THR A 198 3.85 17.29 -43.03
N SER A 199 2.91 17.46 -43.95
CA SER A 199 2.01 18.60 -43.84
C SER A 199 0.92 18.36 -42.81
N LEU A 200 0.44 17.12 -42.69
CA LEU A 200 -0.45 16.77 -41.59
C LEU A 200 0.28 16.88 -40.25
N VAL A 201 1.55 16.51 -40.23
CA VAL A 201 2.37 16.66 -39.02
C VAL A 201 2.54 18.14 -38.66
N HIS A 202 2.70 19.01 -39.66
CA HIS A 202 2.80 20.44 -39.39
C HIS A 202 1.49 21.02 -38.88
N HIS A 203 0.36 20.60 -39.44
CA HIS A 203 -0.93 21.08 -38.99
C HIS A 203 -1.22 20.64 -37.55
N VAL A 204 -0.98 19.37 -37.25
CA VAL A 204 -1.24 18.90 -35.90
C VAL A 204 -0.17 19.43 -34.94
N HIS A 205 1.00 19.81 -35.45
CA HIS A 205 1.98 20.46 -34.60
C HIS A 205 1.58 21.89 -34.27
N ALA A 206 0.95 22.59 -35.21
CA ALA A 206 0.45 23.93 -34.90
C ALA A 206 -0.67 23.88 -33.88
N LEU A 207 -1.58 22.90 -34.02
CA LEU A 207 -2.65 22.74 -33.05
C LEU A 207 -2.11 22.34 -31.68
N LEU A 208 -1.11 21.47 -31.65
CA LEU A 208 -0.60 21.06 -30.35
C LEU A 208 0.38 22.07 -29.79
N ARG A 209 0.94 22.96 -30.63
CA ARG A 209 1.73 24.08 -30.14
C ARG A 209 0.86 25.12 -29.45
N GLU A 210 -0.30 25.46 -30.05
CA GLU A 210 -1.20 26.36 -29.35
C GLU A 210 -1.83 25.68 -28.13
N ALA A 211 -1.87 24.35 -28.11
CA ALA A 211 -2.17 23.66 -26.85
C ALA A 211 -1.05 23.86 -25.81
N ARG A 212 0.21 23.74 -26.24
CA ARG A 212 1.35 23.89 -25.33
C ARG A 212 1.39 25.28 -24.71
N PHE A 213 1.49 26.31 -25.55
CA PHE A 213 1.64 27.68 -25.09
C PHE A 213 1.14 28.62 -26.19
N GLY A 214 1.47 29.89 -26.06
CA GLY A 214 1.16 30.87 -27.09
C GLY A 214 0.49 32.10 -26.54
N ASP A 215 -0.71 32.38 -27.03
CA ASP A 215 -1.53 33.46 -26.51
C ASP A 215 -2.81 32.98 -25.86
N ALA A 216 -3.39 31.88 -26.34
CA ALA A 216 -4.66 31.41 -25.81
C ALA A 216 -4.48 30.66 -24.49
N ALA A 217 -3.71 29.57 -24.51
CA ALA A 217 -3.61 28.70 -23.34
C ALA A 217 -2.77 29.31 -22.22
N LYS A 218 -1.78 30.14 -22.58
CA LYS A 218 -0.99 30.83 -21.56
C LYS A 218 -1.86 31.82 -20.79
N ALA A 219 -2.64 32.63 -21.51
CA ALA A 219 -3.55 33.55 -20.85
C ALA A 219 -4.72 32.83 -20.18
N ALA A 220 -5.07 31.62 -20.64
CA ALA A 220 -6.09 30.85 -19.94
C ALA A 220 -5.55 30.31 -18.61
N ARG A 221 -4.29 29.89 -18.58
CA ARG A 221 -3.70 29.47 -17.30
C ARG A 221 -3.48 30.66 -16.38
N GLU A 222 -3.17 31.83 -16.94
CA GLU A 222 -3.09 33.03 -16.12
C GLU A 222 -4.46 33.45 -15.61
N ALA A 223 -5.51 33.22 -16.39
CA ALA A 223 -6.88 33.46 -15.96
C ALA A 223 -7.35 32.43 -14.94
N ARG A 224 -6.72 31.26 -14.89
CA ARG A 224 -6.97 30.33 -13.80
C ARG A 224 -5.96 30.47 -12.68
N SER A 225 -5.04 31.42 -12.79
CA SER A 225 -4.60 32.15 -11.61
C SER A 225 -5.58 33.29 -11.38
N ARG A 226 -5.59 33.82 -10.15
CA ARG A 226 -6.45 34.90 -9.65
C ARG A 226 -7.93 34.48 -9.53
N GLN A 227 -8.29 33.26 -9.98
CA GLN A 227 -9.58 32.59 -9.73
C GLN A 227 -10.77 33.38 -10.27
N GLU A 228 -10.65 33.86 -11.50
CA GLU A 228 -11.67 34.71 -12.12
C GLU A 228 -11.84 34.35 -13.60
N SER A 229 -11.67 33.07 -13.93
CA SER A 229 -11.41 32.64 -15.29
C SER A 229 -12.62 32.83 -16.21
N TRP A 230 -12.31 32.96 -17.49
CA TRP A 230 -13.19 33.29 -18.60
C TRP A 230 -13.82 32.01 -19.16
N PRO A 231 -14.90 32.13 -19.95
CA PRO A 231 -15.34 30.97 -20.73
C PRO A 231 -14.35 30.69 -21.84
N HIS A 232 -13.51 29.68 -21.64
CA HIS A 232 -12.39 29.39 -22.52
C HIS A 232 -11.85 28.00 -22.20
N GLY A 233 -11.76 27.14 -23.21
CA GLY A 233 -11.27 25.79 -22.99
C GLY A 233 -9.87 25.57 -23.52
N PHE A 234 -8.89 25.53 -22.63
CA PHE A 234 -7.51 25.28 -23.04
C PHE A 234 -7.26 23.77 -23.02
N SER A 235 -6.03 23.37 -23.32
CA SER A 235 -5.76 21.96 -23.59
C SER A 235 -4.29 21.66 -23.32
N GLU A 236 -4.02 20.55 -22.62
CA GLU A 236 -2.70 19.97 -22.60
C GLU A 236 -2.83 18.46 -22.41
N TYR A 237 -1.82 17.73 -22.87
CA TYR A 237 -1.84 16.27 -22.85
C TYR A 237 -0.88 15.82 -21.77
N PRO A 238 -1.24 14.80 -20.99
CA PRO A 238 -0.19 13.99 -20.37
C PRO A 238 0.41 13.07 -21.41
N ASN A 239 1.68 12.71 -21.18
CA ASN A 239 2.39 11.64 -21.89
C ASN A 239 2.49 11.92 -23.40
N LEU A 240 3.24 12.97 -23.74
CA LEU A 240 3.66 13.18 -25.12
C LEU A 240 4.87 12.30 -25.41
N ALA A 241 5.43 12.43 -26.60
CA ALA A 241 6.67 11.73 -26.93
C ALA A 241 7.39 12.46 -28.05
N ILE A 242 8.61 12.90 -27.80
CA ILE A 242 9.38 13.65 -28.77
C ILE A 242 10.14 12.67 -29.66
N GLN A 243 9.95 12.78 -30.97
CA GLN A 243 10.77 12.06 -31.94
C GLN A 243 11.48 13.10 -32.78
N LYS A 244 12.81 13.12 -32.72
CA LYS A 244 13.59 14.14 -33.40
C LYS A 244 14.19 13.60 -34.69
N PHE A 245 14.33 14.49 -35.67
CA PHE A 245 14.75 14.14 -37.01
C PHE A 245 16.02 14.88 -37.37
N GLY A 246 16.85 14.26 -38.21
CA GLY A 246 18.03 14.88 -38.74
C GLY A 246 19.27 14.76 -37.89
N GLY A 247 19.12 14.47 -36.62
CA GLY A 247 20.28 14.43 -35.71
C GLY A 247 20.64 15.83 -35.24
N THR A 248 21.89 16.22 -35.49
CA THR A 248 22.41 17.50 -35.02
C THR A 248 22.26 18.62 -36.05
N LYS A 249 21.49 18.39 -37.11
CA LYS A 249 21.39 19.37 -38.20
C LYS A 249 20.09 19.13 -38.94
N PRO A 250 18.99 19.71 -38.46
CA PRO A 250 17.66 19.33 -38.97
C PRO A 250 17.27 19.97 -40.28
N GLN A 251 18.13 20.76 -40.92
CA GLN A 251 17.79 21.37 -42.20
C GLN A 251 18.42 20.62 -43.37
N ASN A 252 18.84 19.36 -43.16
CA ASN A 252 19.09 18.46 -44.28
C ASN A 252 17.79 18.01 -44.92
N ILE A 253 16.68 18.09 -44.19
CA ILE A 253 15.34 17.94 -44.71
C ILE A 253 14.62 19.25 -44.38
N SER A 254 14.27 20.02 -45.40
CA SER A 254 13.68 21.33 -45.15
C SER A 254 12.28 21.20 -44.59
N GLN A 255 11.85 22.29 -43.91
CA GLN A 255 10.63 22.50 -43.12
C GLN A 255 10.71 21.77 -41.77
N LEU A 256 11.72 20.90 -41.60
CA LEU A 256 12.14 20.44 -40.29
C LEU A 256 13.15 21.37 -39.66
N ASN A 257 13.35 22.56 -40.24
CA ASN A 257 14.26 23.54 -39.63
C ASN A 257 13.47 24.59 -38.87
N ASN A 258 12.58 25.30 -39.56
CA ASN A 258 11.86 26.39 -38.93
C ASN A 258 10.70 25.87 -38.09
N GLU A 259 9.77 25.19 -38.73
CA GLU A 259 8.42 25.10 -38.20
C GLU A 259 8.20 23.94 -37.26
N ARG A 260 9.17 23.03 -37.11
CA ARG A 260 9.09 22.12 -35.98
C ARG A 260 10.45 21.78 -35.37
N ARG A 261 11.53 22.48 -35.75
CA ARG A 261 12.90 22.32 -35.25
C ARG A 261 13.48 20.93 -35.57
N GLY A 262 12.80 20.12 -36.37
CA GLY A 262 13.16 18.72 -36.47
C GLY A 262 12.81 17.98 -35.20
N GLU A 263 11.75 18.39 -34.53
CA GLU A 263 11.45 17.97 -33.17
C GLU A 263 9.95 17.68 -33.08
N ASN A 264 9.49 16.85 -34.01
CA ASN A 264 8.12 16.33 -34.04
C ASN A 264 7.75 15.66 -32.72
N TRP A 265 6.46 15.69 -32.37
CA TRP A 265 6.01 14.93 -31.21
C TRP A 265 4.65 14.28 -31.42
N LEU A 266 4.38 13.30 -30.57
CA LEU A 266 3.44 12.20 -30.78
C LEU A 266 2.48 12.12 -29.60
N LEU A 267 1.17 12.34 -29.83
CA LEU A 267 0.34 12.58 -28.65
C LEU A 267 -0.05 11.38 -27.78
N PRO A 268 -1.12 10.67 -28.10
CA PRO A 268 -1.54 9.56 -27.23
C PRO A 268 -1.28 8.19 -27.82
N SER A 269 -0.86 7.19 -27.04
CA SER A 269 -0.96 5.84 -27.54
C SER A 269 -1.15 4.79 -26.45
N LEU A 270 -1.22 5.23 -25.19
CA LEU A 270 -0.92 4.35 -24.07
C LEU A 270 -2.00 3.32 -23.83
N PRO A 271 -1.66 2.19 -23.23
CA PRO A 271 -2.67 1.19 -22.86
C PRO A 271 -3.40 1.60 -21.60
N PRO A 272 -4.35 0.79 -21.13
CA PRO A 272 -5.01 1.12 -19.86
C PRO A 272 -4.08 0.98 -18.66
N ASN A 273 -3.09 0.11 -18.74
CA ASN A 273 -2.09 -0.08 -17.69
C ASN A 273 -0.72 0.37 -18.16
N TRP A 274 -0.66 1.54 -18.80
CA TRP A 274 0.58 2.08 -19.34
C TRP A 274 1.55 2.45 -18.21
N GLN A 275 1.09 3.27 -17.28
CA GLN A 275 1.81 3.44 -16.01
C GLN A 275 1.68 2.13 -15.24
N ARG A 276 2.76 1.35 -15.23
CA ARG A 276 2.68 -0.04 -14.76
C ARG A 276 2.51 -0.11 -13.26
N GLN A 277 1.44 -0.75 -12.83
CA GLN A 277 1.09 -0.88 -11.42
C GLN A 277 1.75 -2.14 -10.85
N ASN A 278 1.47 -2.39 -9.57
CA ASN A 278 2.00 -3.55 -8.87
C ASN A 278 0.85 -4.21 -8.10
N VAL A 279 1.20 -5.23 -7.33
CA VAL A 279 0.21 -6.01 -6.56
C VAL A 279 0.77 -6.25 -5.18
N ASN A 280 0.05 -5.78 -4.16
CA ASN A 280 0.42 -6.02 -2.77
C ASN A 280 -0.87 -6.21 -1.98
N ALA A 281 -0.89 -7.20 -1.10
CA ALA A 281 -2.08 -7.55 -0.34
C ALA A 281 -1.66 -8.15 1.00
N PRO A 282 -1.80 -7.40 2.09
CA PRO A 282 -1.45 -7.94 3.41
C PRO A 282 -2.63 -8.59 4.12
N MET A 283 -2.39 -9.19 5.27
CA MET A 283 -3.41 -9.89 6.04
C MET A 283 -3.56 -9.29 7.43
N ARG A 284 -3.64 -7.97 7.51
CA ARG A 284 -3.79 -7.25 8.78
C ARG A 284 -4.97 -6.29 8.68
N HIS A 285 -5.08 -5.42 9.68
CA HIS A 285 -6.11 -4.39 9.66
C HIS A 285 -5.81 -3.32 8.62
N SER A 286 -4.53 -3.06 8.34
CA SER A 286 -4.17 -2.13 7.27
C SER A 286 -4.47 -2.72 5.91
N SER A 287 -4.53 -4.04 5.80
CA SER A 287 -4.99 -4.72 4.60
C SER A 287 -6.36 -5.36 4.79
N VAL A 288 -7.13 -4.87 5.76
CA VAL A 288 -8.47 -5.38 6.03
C VAL A 288 -9.44 -4.21 6.10
N PHE A 289 -8.92 -3.00 6.22
CA PHE A 289 -9.76 -1.81 6.19
C PHE A 289 -10.37 -1.59 4.81
N GLU A 290 -9.63 -1.92 3.75
CA GLU A 290 -10.17 -1.90 2.41
C GLU A 290 -9.84 -3.18 1.63
N HIS A 291 -9.28 -4.20 2.29
CA HIS A 291 -8.86 -5.42 1.61
C HIS A 291 -10.03 -6.31 1.22
N ASP A 292 -11.24 -6.03 1.71
CA ASP A 292 -12.43 -6.74 1.31
C ASP A 292 -13.33 -5.90 0.40
N PHE A 293 -12.79 -4.81 -0.17
CA PHE A 293 -13.57 -3.91 -1.00
C PHE A 293 -12.92 -3.70 -2.36
N GLY A 294 -11.59 -3.69 -2.41
CA GLY A 294 -10.88 -3.47 -3.66
C GLY A 294 -10.53 -2.02 -3.92
N ARG A 295 -9.86 -1.39 -2.95
CA ARG A 295 -9.56 0.04 -3.02
C ARG A 295 -8.18 0.24 -3.61
N THR A 296 -8.14 0.68 -4.87
CA THR A 296 -6.91 0.99 -5.58
C THR A 296 -6.97 2.44 -6.03
N PRO A 297 -5.94 2.95 -6.70
CA PRO A 297 -5.97 4.35 -7.15
C PRO A 297 -7.01 4.62 -8.24
N GLU A 298 -7.21 3.67 -9.16
CA GLU A 298 -8.25 3.84 -10.17
C GLU A 298 -9.65 3.78 -9.56
N VAL A 299 -9.82 2.91 -8.56
CA VAL A 299 -11.11 2.83 -7.87
C VAL A 299 -11.37 4.09 -7.05
N SER A 300 -10.30 4.66 -6.47
CA SER A 300 -10.44 5.93 -5.75
C SER A 300 -10.74 7.08 -6.70
N ARG A 301 -10.18 7.06 -7.91
CA ARG A 301 -10.47 8.11 -8.87
C ARG A 301 -11.91 7.99 -9.40
N LEU A 302 -12.38 6.76 -9.62
CA LEU A 302 -13.77 6.55 -10.02
C LEU A 302 -14.74 6.96 -8.92
N THR A 303 -14.40 6.65 -7.66
CA THR A 303 -15.25 7.07 -6.54
C THR A 303 -15.21 8.59 -6.34
N ARG A 304 -14.08 9.22 -6.64
CA ARG A 304 -14.01 10.68 -6.55
C ARG A 304 -14.83 11.34 -7.65
N THR A 305 -14.82 10.76 -8.86
CA THR A 305 -15.68 11.28 -9.92
C THR A 305 -17.15 11.09 -9.59
N LEU A 306 -17.53 9.92 -9.09
CA LEU A 306 -18.91 9.64 -8.71
C LEU A 306 -19.34 10.34 -7.43
N GLN A 307 -18.41 10.90 -6.65
CA GLN A 307 -18.76 11.71 -5.50
C GLN A 307 -18.72 13.21 -5.79
N ARG A 308 -18.02 13.63 -6.84
CA ARG A 308 -18.01 15.02 -7.25
C ARG A 308 -19.09 15.34 -8.28
N PHE A 309 -19.63 14.33 -8.97
CA PHE A 309 -20.71 14.54 -9.91
C PHE A 309 -21.78 13.46 -9.78
N LEU A 310 -22.14 13.12 -8.55
CA LEU A 310 -23.12 12.06 -8.30
C LEU A 310 -24.29 12.47 -7.43
N ALA A 311 -24.15 13.53 -6.62
CA ALA A 311 -25.23 14.02 -5.78
C ALA A 311 -25.99 15.18 -6.43
N LYS A 312 -26.06 15.18 -7.75
CA LYS A 312 -26.71 16.24 -8.51
C LYS A 312 -28.10 15.79 -8.97
N THR A 313 -28.75 16.65 -9.73
CA THR A 313 -30.13 16.43 -10.15
C THR A 313 -30.19 15.43 -11.30
N VAL A 314 -31.42 15.08 -11.69
CA VAL A 314 -31.66 14.12 -12.76
C VAL A 314 -32.65 14.71 -13.77
N HIS A 315 -32.69 16.04 -13.85
CA HIS A 315 -33.55 16.71 -14.82
C HIS A 315 -32.96 16.72 -16.23
N ASN A 316 -31.76 16.16 -16.41
CA ASN A 316 -31.11 16.07 -17.70
C ASN A 316 -30.91 14.59 -18.04
N ASN A 317 -32.00 13.81 -17.94
CA ASN A 317 -32.01 12.35 -18.01
C ASN A 317 -31.34 11.78 -19.26
N LEU A 318 -31.42 12.47 -20.41
CA LEU A 318 -30.75 11.98 -21.62
C LEU A 318 -29.23 12.06 -21.49
N ALA A 319 -28.72 13.00 -20.68
CA ALA A 319 -27.30 13.07 -20.38
C ALA A 319 -26.97 12.53 -19.00
N ILE A 320 -27.94 11.94 -18.31
CA ILE A 320 -27.72 11.39 -16.98
C ILE A 320 -27.83 9.88 -16.91
N ARG A 321 -28.78 9.25 -17.61
CA ARG A 321 -28.98 7.82 -17.47
C ARG A 321 -27.88 7.02 -18.15
N GLN A 322 -27.38 7.49 -19.30
CA GLN A 322 -26.25 6.86 -19.95
C GLN A 322 -24.92 7.29 -19.38
N ARG A 323 -24.90 8.30 -18.52
CA ARG A 323 -23.66 8.82 -17.95
C ARG A 323 -23.38 8.30 -16.54
N ARG A 324 -24.30 8.50 -15.60
CA ARG A 324 -24.06 8.07 -14.22
C ARG A 324 -24.12 6.55 -14.10
N ALA A 325 -24.97 5.91 -14.90
CA ALA A 325 -25.03 4.45 -14.88
C ALA A 325 -23.77 3.82 -15.47
N GLN A 326 -23.30 4.33 -16.60
CA GLN A 326 -22.05 3.89 -17.20
C GLN A 326 -20.82 4.29 -16.40
N LEU A 327 -20.94 5.29 -15.52
CA LEU A 327 -19.90 5.64 -14.58
C LEU A 327 -19.86 4.68 -13.40
N VAL A 328 -21.00 4.42 -12.76
CA VAL A 328 -21.08 3.53 -11.61
C VAL A 328 -20.77 2.09 -11.98
N ALA A 329 -21.49 1.52 -12.96
CA ALA A 329 -21.24 0.15 -13.38
C ALA A 329 -19.90 0.02 -14.07
N GLN A 330 -19.44 1.09 -14.74
CA GLN A 330 -18.12 1.08 -15.38
C GLN A 330 -17.01 1.04 -14.34
N ILE A 331 -17.12 1.85 -13.29
CA ILE A 331 -16.11 1.87 -12.23
C ILE A 331 -16.15 0.57 -11.44
N CYS A 332 -17.35 0.00 -11.25
CA CYS A 332 -17.47 -1.27 -10.56
C CYS A 332 -16.84 -2.42 -11.35
N ASP A 333 -17.06 -2.44 -12.67
CA ASP A 333 -16.47 -3.49 -13.50
C ASP A 333 -14.96 -3.30 -13.63
N GLU A 334 -14.49 -2.06 -13.72
CA GLU A 334 -13.06 -1.81 -13.78
C GLU A 334 -12.37 -2.16 -12.47
N ALA A 335 -13.04 -1.90 -11.34
CA ALA A 335 -12.50 -2.29 -10.05
C ALA A 335 -12.49 -3.81 -9.88
N LEU A 336 -13.50 -4.49 -10.41
CA LEU A 336 -13.53 -5.95 -10.38
C LEU A 336 -12.38 -6.54 -11.20
N GLN A 337 -12.15 -6.02 -12.41
CA GLN A 337 -11.07 -6.51 -13.26
C GLN A 337 -9.70 -6.21 -12.66
N TYR A 338 -9.52 -4.99 -12.11
CA TYR A 338 -8.24 -4.63 -11.51
C TYR A 338 -7.97 -5.41 -10.22
N ALA A 339 -9.01 -5.67 -9.42
CA ALA A 339 -8.84 -6.45 -8.21
C ALA A 339 -8.56 -7.92 -8.51
N ALA A 340 -9.17 -8.45 -9.58
CA ALA A 340 -8.84 -9.80 -10.01
C ALA A 340 -7.40 -9.89 -10.50
N ARG A 341 -6.95 -8.90 -11.28
CA ARG A 341 -5.59 -8.92 -11.81
C ARG A 341 -4.53 -8.64 -10.75
N LEU A 342 -4.89 -7.94 -9.67
CA LEU A 342 -3.92 -7.57 -8.64
C LEU A 342 -3.90 -8.51 -7.44
N ARG A 343 -5.02 -9.16 -7.13
CA ARG A 343 -5.05 -10.06 -5.98
C ARG A 343 -4.40 -11.40 -6.25
N GLU A 344 -4.11 -11.74 -7.51
CA GLU A 344 -3.55 -13.03 -7.89
C GLU A 344 -2.05 -12.98 -8.09
N LEU A 345 -1.35 -12.20 -7.26
CA LEU A 345 0.09 -12.06 -7.42
C LEU A 345 0.84 -13.27 -6.86
N GLU A 346 0.49 -13.68 -5.64
CA GLU A 346 1.11 -14.84 -5.03
C GLU A 346 0.38 -16.10 -5.43
N PRO A 347 1.07 -17.25 -5.44
CA PRO A 347 0.42 -18.52 -5.81
C PRO A 347 -0.06 -19.35 -4.63
N GLY A 348 0.00 -18.82 -3.40
CA GLY A 348 -0.39 -19.61 -2.24
C GLY A 348 -1.05 -18.79 -1.14
N TRP A 349 -2.22 -19.25 -0.70
CA TRP A 349 -2.96 -18.60 0.38
C TRP A 349 -4.12 -19.49 0.76
N SER A 350 -4.45 -19.48 2.05
CA SER A 350 -5.52 -20.32 2.58
C SER A 350 -6.12 -19.61 3.79
N ALA A 351 -6.87 -20.36 4.61
CA ALA A 351 -7.40 -19.82 5.86
C ALA A 351 -6.25 -19.60 6.84
N THR A 352 -6.11 -18.37 7.31
CA THR A 352 -5.01 -18.01 8.21
C THR A 352 -5.44 -16.83 9.08
N PRO A 353 -4.58 -16.35 9.97
CA PRO A 353 -4.93 -15.19 10.79
C PRO A 353 -4.98 -13.91 9.97
N GLY A 354 -5.88 -13.02 10.36
CA GLY A 354 -6.13 -11.82 9.59
C GLY A 354 -6.90 -12.04 8.31
N CYS A 355 -7.60 -13.17 8.18
CA CYS A 355 -8.32 -13.52 6.97
C CYS A 355 -9.79 -13.14 7.01
N GLN A 356 -10.12 -12.02 7.66
CA GLN A 356 -11.51 -11.56 7.71
C GLN A 356 -12.01 -11.10 6.35
N LEU A 357 -11.10 -10.65 5.49
CA LEU A 357 -11.45 -10.43 4.09
C LEU A 357 -11.72 -11.73 3.34
N HIS A 358 -11.15 -12.84 3.80
CA HIS A 358 -11.32 -14.15 3.18
C HIS A 358 -12.73 -14.71 3.32
N ASP A 359 -13.56 -14.16 4.21
CA ASP A 359 -14.96 -14.53 4.23
C ASP A 359 -15.72 -13.90 3.07
N ALA A 360 -15.16 -12.85 2.46
CA ALA A 360 -15.78 -12.21 1.32
C ALA A 360 -14.90 -12.31 0.08
N GLU A 361 -13.58 -12.20 0.26
CA GLU A 361 -12.66 -12.24 -0.87
C GLU A 361 -11.76 -13.46 -0.86
N GLN A 362 -12.18 -14.56 -0.22
CA GLN A 362 -11.38 -15.78 -0.26
C GLN A 362 -11.45 -16.48 -1.60
N LEU A 363 -12.45 -16.16 -2.42
CA LEU A 363 -12.58 -16.72 -3.76
C LEU A 363 -12.74 -15.67 -4.85
N TRP A 364 -13.24 -14.48 -4.50
CA TRP A 364 -13.41 -13.44 -5.51
C TRP A 364 -12.19 -12.54 -5.60
N LEU A 365 -11.82 -11.90 -4.48
CA LEU A 365 -10.62 -11.06 -4.43
C LEU A 365 -9.44 -11.85 -3.86
N ASP A 366 -9.14 -12.97 -4.52
CA ASP A 366 -8.07 -13.86 -4.09
C ASP A 366 -7.83 -14.89 -5.19
N PRO A 367 -6.59 -15.32 -5.38
CA PRO A 367 -6.30 -16.31 -6.43
C PRO A 367 -6.57 -17.73 -5.98
N LEU A 368 -6.18 -18.71 -6.81
CA LEU A 368 -6.36 -20.11 -6.46
C LEU A 368 -5.41 -20.49 -5.32
N ARG A 369 -5.91 -21.32 -4.41
CA ARG A 369 -5.17 -21.67 -3.20
C ARG A 369 -4.17 -22.79 -3.49
N ALA A 370 -3.60 -23.35 -2.43
CA ALA A 370 -2.63 -24.43 -2.57
C ALA A 370 -3.32 -25.74 -2.94
N GLN A 371 -2.50 -26.72 -3.31
CA GLN A 371 -3.02 -27.99 -3.81
C GLN A 371 -2.45 -29.17 -3.04
N THR A 372 -2.49 -29.10 -1.71
CA THR A 372 -2.04 -30.20 -0.87
C THR A 372 -3.04 -30.60 0.21
N ASP A 373 -4.23 -30.01 0.23
CA ASP A 373 -5.22 -30.31 1.25
C ASP A 373 -6.04 -31.52 0.82
N GLU A 374 -7.10 -31.82 1.59
CA GLU A 374 -7.97 -32.94 1.27
C GLU A 374 -8.82 -32.62 0.04
N THR A 375 -9.12 -33.66 -0.73
CA THR A 375 -9.85 -33.50 -1.99
C THR A 375 -11.33 -33.21 -1.80
N PHE A 376 -11.86 -33.35 -0.59
CA PHE A 376 -13.26 -33.03 -0.31
C PHE A 376 -13.42 -31.61 0.20
N LEU A 377 -12.88 -30.65 -0.54
CA LEU A 377 -12.94 -29.24 -0.17
C LEU A 377 -13.34 -28.35 -1.35
N GLN A 378 -13.88 -28.93 -2.41
CA GLN A 378 -14.28 -28.18 -3.59
C GLN A 378 -15.64 -27.48 -3.45
N ARG A 379 -16.30 -27.62 -2.29
CA ARG A 379 -17.59 -27.01 -2.06
C ARG A 379 -17.51 -25.75 -1.21
N ARG A 380 -16.35 -25.44 -0.65
CA ARG A 380 -16.16 -24.23 0.13
C ARG A 380 -15.70 -23.05 -0.71
N LEU A 381 -15.30 -23.28 -1.95
CA LEU A 381 -14.90 -22.22 -2.87
C LEU A 381 -15.71 -22.30 -4.15
N ARG A 382 -16.13 -23.52 -4.51
CA ARG A 382 -16.99 -23.69 -5.67
C ARG A 382 -18.40 -23.19 -5.37
N GLY A 383 -18.84 -23.32 -4.12
CA GLY A 383 -20.13 -22.82 -3.69
C GLY A 383 -20.11 -21.43 -3.10
N ASP A 384 -18.93 -20.89 -2.79
CA ASP A 384 -18.79 -19.55 -2.22
C ASP A 384 -19.02 -18.55 -3.34
N TRP A 385 -20.28 -18.19 -3.54
CA TRP A 385 -20.69 -17.33 -4.64
C TRP A 385 -20.43 -15.87 -4.27
N PRO A 386 -20.72 -14.94 -5.19
CA PRO A 386 -20.50 -13.50 -4.92
C PRO A 386 -21.71 -12.84 -4.27
N ALA A 387 -22.13 -13.40 -3.13
CA ALA A 387 -23.21 -12.84 -2.32
C ALA A 387 -22.70 -12.19 -1.04
N GLU A 388 -21.64 -12.72 -0.45
CA GLU A 388 -20.99 -12.08 0.68
C GLU A 388 -19.96 -11.05 0.25
N VAL A 389 -19.07 -11.41 -0.69
CA VAL A 389 -18.07 -10.47 -1.17
C VAL A 389 -18.69 -9.41 -2.07
N GLY A 390 -19.50 -9.83 -3.04
CA GLY A 390 -20.14 -8.87 -3.92
C GLY A 390 -21.21 -8.05 -3.21
N ASN A 391 -21.94 -8.68 -2.28
CA ASN A 391 -22.87 -7.94 -1.44
C ASN A 391 -22.15 -6.97 -0.53
N ARG A 392 -20.97 -7.33 -0.02
CA ARG A 392 -20.19 -6.41 0.80
C ARG A 392 -19.64 -5.26 -0.01
N PHE A 393 -19.27 -5.52 -1.28
CA PHE A 393 -18.82 -4.45 -2.16
C PHE A 393 -19.95 -3.50 -2.50
N ALA A 394 -21.15 -4.03 -2.75
CA ALA A 394 -22.31 -3.19 -3.02
C ALA A 394 -22.71 -2.38 -1.79
N ASN A 395 -22.61 -2.99 -0.60
CA ASN A 395 -22.91 -2.26 0.63
C ASN A 395 -21.86 -1.21 0.94
N TRP A 396 -20.59 -1.47 0.60
CA TRP A 396 -19.55 -0.46 0.79
C TRP A 396 -19.73 0.70 -0.18
N LEU A 397 -20.13 0.41 -1.42
CA LEU A 397 -20.46 1.47 -2.37
C LEU A 397 -21.66 2.29 -1.93
N ASN A 398 -22.71 1.64 -1.41
CA ASN A 398 -23.89 2.34 -0.94
C ASN A 398 -23.70 3.02 0.42
N ARG A 399 -22.64 2.67 1.15
CA ARG A 399 -22.31 3.33 2.41
C ARG A 399 -21.35 4.49 2.24
N ALA A 400 -20.42 4.40 1.27
CA ALA A 400 -19.55 5.52 0.95
C ALA A 400 -20.23 6.52 0.04
N VAL A 401 -20.65 6.09 -1.14
CA VAL A 401 -21.43 6.94 -2.05
C VAL A 401 -22.90 6.81 -1.66
N SER A 402 -23.69 7.82 -2.01
CA SER A 402 -25.10 7.87 -1.66
C SER A 402 -25.89 8.47 -2.81
N SER A 403 -27.14 8.85 -2.53
CA SER A 403 -28.01 9.46 -3.52
C SER A 403 -28.53 10.79 -3.00
N ASP A 404 -29.53 11.36 -3.69
CA ASP A 404 -30.13 12.61 -3.24
C ASP A 404 -30.95 12.39 -1.98
N SER A 405 -30.77 13.27 -0.99
CA SER A 405 -31.41 13.13 0.31
C SER A 405 -32.64 14.01 0.47
N GLN A 406 -32.69 15.16 -0.21
CA GLN A 406 -33.89 15.98 -0.22
C GLN A 406 -34.80 15.69 -1.39
N ILE A 407 -34.32 14.94 -2.39
CA ILE A 407 -35.08 14.59 -3.57
C ILE A 407 -35.15 13.06 -3.65
N LEU A 408 -35.26 12.40 -2.50
CA LEU A 408 -35.15 10.95 -2.39
C LEU A 408 -36.34 10.19 -2.98
N GLY A 409 -37.36 10.87 -3.49
CA GLY A 409 -38.43 10.26 -4.24
C GLY A 409 -38.34 10.46 -5.73
N SER A 410 -37.28 11.08 -6.23
CA SER A 410 -37.13 11.41 -7.64
C SER A 410 -36.59 10.20 -8.40
N PRO A 411 -36.42 10.33 -9.73
CA PRO A 411 -36.00 9.16 -10.51
C PRO A 411 -34.49 8.98 -10.63
N GLU A 412 -33.69 10.01 -10.34
CA GLU A 412 -32.25 9.89 -10.43
C GLU A 412 -31.68 8.97 -9.37
N ALA A 413 -32.20 9.09 -8.13
CA ALA A 413 -31.79 8.18 -7.06
C ALA A 413 -32.27 6.76 -7.31
N ALA A 414 -33.42 6.60 -7.96
CA ALA A 414 -33.91 5.27 -8.30
C ALA A 414 -33.07 4.62 -9.38
N GLN A 415 -32.65 5.40 -10.38
CA GLN A 415 -31.74 4.88 -11.41
C GLN A 415 -30.37 4.56 -10.82
N TRP A 416 -29.92 5.35 -9.85
CA TRP A 416 -28.65 5.06 -9.19
C TRP A 416 -28.74 3.82 -8.31
N SER A 417 -29.88 3.61 -7.65
CA SER A 417 -30.07 2.40 -6.85
C SER A 417 -30.15 1.16 -7.73
N GLN A 418 -30.84 1.26 -8.87
CA GLN A 418 -30.88 0.15 -9.82
C GLN A 418 -29.51 -0.12 -10.41
N GLU A 419 -28.72 0.93 -10.66
CA GLU A 419 -27.36 0.74 -11.16
C GLU A 419 -26.46 0.10 -10.12
N LEU A 420 -26.64 0.46 -8.84
CA LEU A 420 -25.85 -0.16 -7.78
C LEU A 420 -26.22 -1.63 -7.58
N SER A 421 -27.52 -1.95 -7.67
CA SER A 421 -27.96 -3.34 -7.58
C SER A 421 -27.46 -4.16 -8.78
N LYS A 422 -27.49 -3.57 -9.98
CA LYS A 422 -26.98 -4.26 -11.15
C LYS A 422 -25.47 -4.43 -11.10
N GLU A 423 -24.75 -3.47 -10.52
CA GLU A 423 -23.31 -3.61 -10.36
C GLU A 423 -22.97 -4.70 -9.35
N LEU A 424 -23.73 -4.79 -8.25
CA LEU A 424 -23.52 -5.85 -7.27
C LEU A 424 -23.84 -7.23 -7.87
N THR A 425 -24.92 -7.33 -8.65
CA THR A 425 -25.27 -8.60 -9.28
C THR A 425 -24.28 -9.00 -10.36
N MET A 426 -23.74 -8.02 -11.10
CA MET A 426 -22.72 -8.31 -12.10
C MET A 426 -21.41 -8.74 -11.46
N PHE A 427 -21.03 -8.10 -10.35
CA PHE A 427 -19.83 -8.52 -9.62
C PHE A 427 -20.00 -9.91 -9.03
N LYS A 428 -21.21 -10.24 -8.56
CA LYS A 428 -21.47 -11.57 -8.05
C LYS A 428 -21.43 -12.63 -9.15
N GLU A 429 -22.01 -12.31 -10.32
CA GLU A 429 -21.98 -13.25 -11.43
C GLU A 429 -20.58 -13.40 -12.02
N ILE A 430 -19.73 -12.38 -11.86
CA ILE A 430 -18.39 -12.46 -12.41
C ILE A 430 -17.41 -13.12 -11.43
N LEU A 431 -17.64 -13.01 -10.12
CA LEU A 431 -16.70 -13.51 -9.13
C LEU A 431 -17.22 -14.67 -8.29
N GLU A 432 -18.40 -15.20 -8.61
CA GLU A 432 -18.96 -16.29 -7.82
C GLU A 432 -18.43 -17.65 -8.22
N ASP A 433 -17.67 -17.74 -9.31
CA ASP A 433 -17.09 -18.99 -9.78
C ASP A 433 -15.61 -19.09 -9.47
N GLU A 434 -15.20 -18.64 -8.28
CA GLU A 434 -13.81 -18.66 -7.86
C GLU A 434 -13.32 -20.04 -7.43
N ARG A 435 -14.19 -21.06 -7.47
CA ARG A 435 -13.78 -22.44 -7.22
C ARG A 435 -14.26 -23.33 -8.36
N ASP A 436 -15.27 -22.88 -9.08
CA ASP A 436 -15.80 -23.63 -10.22
C ASP A 436 -15.24 -23.07 -11.52
N VAL B 5 -15.04 -11.83 -42.53
CA VAL B 5 -16.43 -11.51 -42.27
C VAL B 5 -17.24 -12.78 -42.04
N THR B 6 -16.65 -13.92 -42.39
CA THR B 6 -17.31 -15.20 -42.13
C THR B 6 -17.27 -15.54 -40.65
N ASP B 7 -18.43 -15.84 -40.09
CA ASP B 7 -18.62 -16.07 -38.65
C ASP B 7 -17.88 -17.34 -38.24
N PRO B 8 -16.93 -17.27 -37.30
CA PRO B 8 -16.05 -18.41 -37.05
C PRO B 8 -16.75 -19.60 -36.40
N GLU B 9 -16.08 -20.75 -36.51
CA GLU B 9 -16.48 -21.98 -35.84
C GLU B 9 -15.65 -22.29 -34.62
N ALA B 10 -14.54 -21.59 -34.42
CA ALA B 10 -13.64 -21.87 -33.31
C ALA B 10 -13.04 -20.57 -32.79
N LEU B 11 -12.56 -20.61 -31.55
CA LEU B 11 -11.76 -19.52 -30.98
C LEU B 11 -10.48 -20.12 -30.44
N LEU B 12 -9.49 -20.25 -31.31
CA LEU B 12 -8.15 -20.64 -30.93
C LEU B 12 -7.52 -19.56 -30.07
N LEU B 13 -6.55 -19.96 -29.25
CA LEU B 13 -6.04 -19.08 -28.21
C LEU B 13 -4.55 -19.33 -27.99
N LEU B 14 -3.83 -18.27 -27.68
CA LEU B 14 -2.42 -18.33 -27.30
C LEU B 14 -2.28 -17.40 -26.09
N PRO B 15 -2.23 -17.95 -24.88
CA PRO B 15 -2.65 -17.17 -23.71
C PRO B 15 -1.67 -16.09 -23.24
N ARG B 16 -0.35 -16.29 -23.33
CA ARG B 16 0.60 -15.26 -22.92
C ARG B 16 1.75 -15.24 -23.90
N LEU B 17 1.71 -14.31 -24.85
CA LEU B 17 2.80 -14.11 -25.82
C LEU B 17 3.65 -12.93 -25.35
N SER B 18 4.63 -13.22 -24.51
CA SER B 18 5.55 -12.19 -24.07
C SER B 18 6.50 -11.84 -25.20
N ILE B 19 6.42 -10.61 -25.69
CA ILE B 19 7.28 -10.17 -26.77
C ILE B 19 8.28 -9.16 -26.21
N GLN B 20 9.40 -9.04 -26.90
CA GLN B 20 10.43 -8.10 -26.49
C GLN B 20 10.87 -7.28 -27.69
N ASN B 21 11.22 -6.03 -27.40
CA ASN B 21 11.65 -5.02 -28.38
C ASN B 21 10.62 -4.79 -29.47
N ALA B 22 9.38 -4.56 -29.07
CA ALA B 22 8.33 -4.22 -30.02
C ALA B 22 8.49 -2.79 -30.49
N ASN B 23 7.78 -2.46 -31.56
CA ASN B 23 7.94 -1.20 -32.26
C ASN B 23 6.85 -0.25 -31.78
N ALA B 24 7.13 0.49 -30.72
CA ALA B 24 6.17 1.47 -30.19
C ALA B 24 6.41 2.83 -30.82
N ILE B 25 6.16 2.91 -32.13
CA ILE B 25 6.01 4.18 -32.81
C ILE B 25 4.68 4.16 -33.55
N SER B 26 4.50 3.16 -34.42
CA SER B 26 3.21 2.74 -34.98
C SER B 26 2.57 3.72 -35.95
N SER B 27 3.10 4.95 -36.07
CA SER B 27 2.48 6.07 -36.78
C SER B 27 3.39 7.29 -36.75
N PRO B 28 3.15 8.28 -37.61
CA PRO B 28 3.78 9.59 -37.40
C PRO B 28 3.15 10.45 -36.33
N LEU B 29 2.01 10.08 -35.72
CA LEU B 29 1.53 10.89 -34.61
C LEU B 29 0.83 10.09 -33.50
N THR B 30 1.22 8.83 -33.28
CA THR B 30 0.98 8.19 -31.99
C THR B 30 2.28 7.55 -31.56
N TRP B 31 2.35 7.05 -30.32
CA TRP B 31 3.55 6.35 -29.92
C TRP B 31 3.38 5.16 -29.00
N GLY B 32 2.18 4.85 -28.55
CA GLY B 32 2.11 3.89 -27.46
C GLY B 32 2.18 2.43 -27.84
N PHE B 33 1.19 1.97 -28.57
CA PHE B 33 0.99 0.55 -28.72
C PHE B 33 1.26 0.16 -30.17
N PRO B 34 1.79 -1.04 -30.42
CA PRO B 34 1.96 -1.49 -31.80
C PRO B 34 0.62 -1.65 -32.47
N SER B 35 0.56 -1.22 -33.73
CA SER B 35 -0.69 -1.05 -34.44
C SER B 35 -1.41 -2.39 -34.63
N PRO B 36 -2.74 -2.40 -34.58
CA PRO B 36 -3.47 -3.65 -34.78
C PRO B 36 -3.35 -4.23 -36.18
N GLY B 37 -2.96 -3.42 -37.16
CA GLY B 37 -2.62 -3.96 -38.45
C GLY B 37 -1.44 -4.90 -38.42
N ALA B 38 -0.49 -4.67 -37.50
CA ALA B 38 0.58 -5.62 -37.29
C ALA B 38 0.04 -6.94 -36.76
N PHE B 39 -0.99 -6.89 -35.91
CA PHE B 39 -1.53 -8.12 -35.37
C PHE B 39 -2.30 -8.90 -36.42
N THR B 40 -3.05 -8.20 -37.27
CA THR B 40 -3.73 -8.88 -38.38
C THR B 40 -2.73 -9.42 -39.40
N GLY B 41 -1.62 -8.72 -39.60
CA GLY B 41 -0.56 -9.26 -40.44
C GLY B 41 0.07 -10.50 -39.85
N PHE B 42 0.21 -10.55 -38.53
CA PHE B 42 0.73 -11.75 -37.88
C PHE B 42 -0.22 -12.92 -38.01
N VAL B 43 -1.51 -12.67 -37.88
CA VAL B 43 -2.50 -13.75 -38.04
C VAL B 43 -2.52 -14.24 -39.47
N HIS B 44 -2.35 -13.33 -40.44
CA HIS B 44 -2.31 -13.78 -41.83
C HIS B 44 -1.01 -14.50 -42.14
N ALA B 45 0.08 -14.18 -41.45
CA ALA B 45 1.33 -14.92 -41.65
C ALA B 45 1.25 -16.31 -41.01
N LEU B 46 0.56 -16.42 -39.86
CA LEU B 46 0.25 -17.74 -39.31
C LEU B 46 -0.63 -18.53 -40.26
N GLN B 47 -1.58 -17.86 -40.92
CA GLN B 47 -2.44 -18.55 -41.87
C GLN B 47 -1.66 -19.02 -43.07
N ARG B 48 -0.61 -18.30 -43.44
CA ARG B 48 0.19 -18.75 -44.57
C ARG B 48 1.21 -19.81 -44.21
N ARG B 49 1.64 -19.89 -42.95
CA ARG B 49 2.56 -20.96 -42.56
C ARG B 49 1.93 -22.04 -41.71
N VAL B 50 0.60 -22.04 -41.56
CA VAL B 50 -0.15 -23.13 -40.95
C VAL B 50 -1.28 -23.58 -41.85
N GLY B 51 -2.13 -22.65 -42.28
CA GLY B 51 -3.34 -22.99 -42.99
C GLY B 51 -3.19 -23.37 -44.46
N ILE B 52 -2.04 -23.94 -44.81
CA ILE B 52 -1.89 -24.61 -46.09
C ILE B 52 -1.77 -26.12 -45.93
N SER B 53 -1.36 -26.62 -44.78
CA SER B 53 -1.33 -28.05 -44.49
C SER B 53 -2.45 -28.46 -43.54
N LEU B 54 -3.45 -27.61 -43.35
CA LEU B 54 -4.57 -27.90 -42.47
C LEU B 54 -5.92 -27.60 -43.10
N ASP B 55 -5.96 -26.89 -44.22
CA ASP B 55 -7.18 -26.50 -44.95
C ASP B 55 -8.13 -25.68 -44.05
N ILE B 56 -7.59 -24.64 -43.43
CA ILE B 56 -8.35 -23.69 -42.65
C ILE B 56 -7.90 -22.28 -43.03
N GLU B 57 -8.49 -21.28 -42.38
CA GLU B 57 -8.05 -19.91 -42.52
C GLU B 57 -8.22 -19.21 -41.19
N LEU B 58 -7.45 -18.13 -41.01
CA LEU B 58 -7.34 -17.44 -39.73
C LEU B 58 -7.49 -15.95 -39.97
N ASP B 59 -8.56 -15.36 -39.48
CA ASP B 59 -8.78 -13.92 -39.69
C ASP B 59 -8.95 -13.12 -38.41
N GLY B 60 -9.69 -13.64 -37.43
CA GLY B 60 -9.93 -12.88 -36.22
C GLY B 60 -8.72 -12.83 -35.30
N VAL B 61 -8.63 -11.77 -34.52
CA VAL B 61 -7.53 -11.62 -33.56
C VAL B 61 -8.01 -10.80 -32.38
N GLY B 62 -7.73 -11.29 -31.17
CA GLY B 62 -8.00 -10.56 -29.97
C GLY B 62 -6.75 -9.91 -29.41
N ILE B 63 -6.96 -8.86 -28.62
CA ILE B 63 -5.90 -8.09 -27.98
C ILE B 63 -6.28 -7.92 -26.52
N VAL B 64 -5.38 -8.24 -25.60
CA VAL B 64 -5.74 -8.01 -24.19
C VAL B 64 -4.72 -7.17 -23.42
N CYS B 65 -3.44 -7.21 -23.83
CA CYS B 65 -2.39 -6.32 -23.33
C CYS B 65 -2.27 -6.35 -21.81
N HIS B 66 -1.79 -7.49 -21.29
CA HIS B 66 -1.75 -7.74 -19.86
C HIS B 66 -0.91 -6.69 -19.13
N ARG B 67 0.36 -6.55 -19.52
CA ARG B 67 1.13 -5.41 -19.05
C ARG B 67 1.92 -4.84 -20.22
N PHE B 68 2.24 -3.55 -20.10
CA PHE B 68 2.89 -2.77 -21.14
C PHE B 68 4.02 -2.02 -20.43
N GLU B 69 5.24 -2.54 -20.49
CA GLU B 69 6.36 -1.82 -19.93
C GLU B 69 7.16 -1.23 -21.08
N ALA B 70 7.18 0.08 -21.15
CA ALA B 70 7.78 0.74 -22.29
C ALA B 70 9.27 0.95 -21.99
N GLN B 71 9.93 1.70 -22.87
CA GLN B 71 11.33 2.03 -22.70
C GLN B 71 11.42 3.50 -23.09
N ILE B 72 11.18 4.39 -22.12
CA ILE B 72 11.08 5.82 -22.32
C ILE B 72 11.96 6.50 -21.27
N SER B 73 12.21 7.79 -21.40
CA SER B 73 12.74 8.57 -20.29
C SER B 73 12.33 10.02 -20.45
N GLN B 74 12.14 10.71 -19.32
CA GLN B 74 11.82 12.11 -19.60
C GLN B 74 13.05 12.99 -19.44
N PRO B 75 13.22 14.00 -20.28
CA PRO B 75 14.41 14.85 -20.18
C PRO B 75 14.26 16.05 -19.26
N ALA B 76 15.14 16.12 -18.24
CA ALA B 76 15.39 17.33 -17.43
C ALA B 76 14.14 17.82 -16.69
N GLY B 77 13.32 16.88 -16.22
CA GLY B 77 12.15 17.26 -15.46
C GLY B 77 11.04 17.90 -16.26
N LYS B 78 11.03 17.70 -17.58
CA LYS B 78 9.94 18.20 -18.40
C LYS B 78 8.82 17.17 -18.49
N ARG B 79 7.67 17.62 -18.97
CA ARG B 79 6.49 16.78 -19.05
C ARG B 79 6.31 16.15 -20.43
N THR B 80 7.34 16.20 -21.26
CA THR B 80 7.40 15.40 -22.47
C THR B 80 8.32 14.23 -22.19
N LYS B 81 8.43 13.33 -23.16
CA LYS B 81 9.15 12.07 -22.94
C LYS B 81 9.95 11.70 -24.17
N VAL B 82 11.27 11.72 -24.07
CA VAL B 82 12.08 11.30 -25.21
C VAL B 82 12.27 9.79 -25.20
N PHE B 83 12.51 9.26 -26.39
CA PHE B 83 12.82 7.87 -26.57
C PHE B 83 14.31 7.64 -26.42
N ASN B 84 14.65 6.49 -25.88
CA ASN B 84 16.02 6.05 -25.78
C ASN B 84 16.32 5.06 -26.89
N LEU B 85 17.57 5.03 -27.32
CA LEU B 85 17.87 4.42 -28.60
C LEU B 85 18.93 3.33 -28.49
N THR B 86 19.40 2.88 -29.64
CA THR B 86 20.47 1.90 -29.76
C THR B 86 21.59 2.51 -30.60
N ARG B 87 22.83 2.17 -30.26
CA ARG B 87 23.92 2.60 -31.14
C ARG B 87 23.93 1.79 -32.42
N ASN B 88 24.78 2.22 -33.34
CA ASN B 88 24.82 1.71 -34.69
C ASN B 88 26.28 1.47 -35.03
N PRO B 89 26.58 0.55 -35.96
CA PRO B 89 27.97 0.33 -36.34
C PRO B 89 28.56 1.52 -37.09
N LEU B 90 29.87 1.52 -37.19
CA LEU B 90 30.57 2.66 -37.75
C LEU B 90 30.62 2.57 -39.27
N ASN B 91 30.98 3.69 -39.88
CA ASN B 91 31.08 3.79 -41.33
C ASN B 91 32.42 3.24 -41.81
N ARG B 92 32.77 3.52 -43.07
CA ARG B 92 34.08 3.13 -43.59
C ARG B 92 35.20 3.86 -42.86
N ASP B 93 35.00 5.15 -42.60
CA ASP B 93 36.01 5.93 -41.89
C ASP B 93 36.03 5.60 -40.40
N GLY B 94 34.90 5.15 -39.87
CA GLY B 94 34.81 4.82 -38.46
C GLY B 94 34.77 6.04 -37.57
N SER B 95 33.74 6.86 -37.69
CA SER B 95 33.60 8.03 -36.83
C SER B 95 32.38 7.94 -35.92
N THR B 96 31.18 7.87 -36.49
CA THR B 96 29.88 7.73 -35.84
C THR B 96 28.84 7.61 -36.94
N ALA B 97 27.66 7.14 -36.58
CA ALA B 97 26.61 6.89 -37.54
C ALA B 97 25.52 7.95 -37.44
N ALA B 98 24.68 7.98 -38.47
CA ALA B 98 23.52 8.87 -38.49
C ALA B 98 22.41 8.18 -37.71
N ILE B 99 22.31 8.50 -36.42
CA ILE B 99 21.40 7.81 -35.53
C ILE B 99 19.99 8.35 -35.76
N VAL B 100 19.11 7.49 -36.27
CA VAL B 100 17.70 7.82 -36.48
C VAL B 100 16.91 7.28 -35.30
N GLU B 101 15.83 7.98 -34.96
CA GLU B 101 15.12 7.72 -33.71
C GLU B 101 13.96 6.76 -33.96
N GLU B 102 14.01 5.62 -33.28
CA GLU B 102 12.95 4.63 -33.31
C GLU B 102 12.67 4.15 -31.90
N GLY B 103 11.39 4.04 -31.56
CA GLY B 103 11.00 3.65 -30.23
C GLY B 103 11.08 2.16 -30.03
N ARG B 104 10.71 1.73 -28.81
CA ARG B 104 10.92 0.35 -28.43
C ARG B 104 10.11 0.10 -27.16
N ALA B 105 9.42 -1.04 -27.09
CA ALA B 105 8.63 -1.34 -25.90
C ALA B 105 8.66 -2.84 -25.61
N HIS B 106 8.03 -3.24 -24.51
CA HIS B 106 7.91 -4.63 -24.11
C HIS B 106 6.48 -4.91 -23.71
N LEU B 107 5.99 -6.07 -24.14
CA LEU B 107 4.58 -6.39 -24.00
C LEU B 107 4.40 -7.84 -23.60
N GLU B 108 3.16 -8.16 -23.23
CA GLU B 108 2.59 -9.46 -23.55
C GLU B 108 1.13 -9.25 -23.88
N VAL B 109 0.58 -10.18 -24.65
CA VAL B 109 -0.77 -10.08 -25.18
C VAL B 109 -1.19 -11.50 -25.55
N SER B 110 -2.48 -11.79 -25.41
CA SER B 110 -3.01 -13.03 -25.93
C SER B 110 -3.66 -12.77 -27.27
N LEU B 111 -3.80 -13.82 -28.06
CA LEU B 111 -4.43 -13.71 -29.36
C LEU B 111 -5.62 -14.65 -29.40
N LEU B 112 -6.81 -14.11 -29.60
CA LEU B 112 -8.03 -14.90 -29.82
C LEU B 112 -8.16 -15.10 -31.32
N LEU B 113 -7.64 -16.22 -31.82
CA LEU B 113 -7.74 -16.48 -33.25
C LEU B 113 -9.14 -16.95 -33.61
N GLY B 114 -9.43 -16.95 -34.90
CA GLY B 114 -10.71 -17.44 -35.36
C GLY B 114 -10.55 -18.37 -36.55
N VAL B 115 -10.96 -19.62 -36.40
CA VAL B 115 -10.77 -20.64 -37.42
C VAL B 115 -12.07 -20.76 -38.20
N HIS B 116 -12.10 -20.15 -39.38
CA HIS B 116 -13.32 -20.17 -40.19
C HIS B 116 -13.51 -21.48 -40.93
N GLY B 117 -12.42 -22.18 -41.23
CA GLY B 117 -12.43 -23.23 -42.22
C GLY B 117 -13.04 -24.53 -41.74
N ASP B 118 -12.94 -25.55 -42.59
CA ASP B 118 -13.59 -26.83 -42.40
C ASP B 118 -12.68 -27.92 -41.81
N GLY B 119 -11.40 -27.61 -41.58
CA GLY B 119 -10.47 -28.60 -41.08
C GLY B 119 -10.46 -28.73 -39.57
N LEU B 120 -11.61 -28.53 -38.92
CA LEU B 120 -11.70 -28.66 -37.48
C LEU B 120 -12.09 -30.06 -37.02
N ASP B 121 -12.77 -30.83 -37.86
CA ASP B 121 -13.18 -32.17 -37.47
C ASP B 121 -12.28 -33.26 -38.05
N ASP B 122 -11.39 -32.91 -38.97
CA ASP B 122 -10.40 -33.85 -39.48
C ASP B 122 -9.16 -33.91 -38.61
N HIS B 123 -9.11 -33.13 -37.53
CA HIS B 123 -7.99 -33.10 -36.60
C HIS B 123 -8.55 -32.84 -35.21
N PRO B 124 -7.95 -33.40 -34.17
CA PRO B 124 -8.39 -33.07 -32.81
C PRO B 124 -7.98 -31.66 -32.42
N ALA B 125 -8.51 -31.20 -31.28
CA ALA B 125 -8.36 -29.80 -30.90
C ALA B 125 -6.95 -29.50 -30.41
N GLN B 126 -6.38 -30.38 -29.58
CA GLN B 126 -5.07 -30.12 -29.02
C GLN B 126 -3.98 -30.22 -30.08
N GLU B 127 -4.19 -30.99 -31.14
CA GLU B 127 -3.20 -31.10 -32.20
C GLU B 127 -3.09 -29.80 -33.00
N ILE B 128 -4.22 -29.24 -33.42
CA ILE B 128 -4.19 -27.99 -34.18
C ILE B 128 -3.74 -26.83 -33.29
N ALA B 129 -4.18 -26.80 -32.02
CA ALA B 129 -3.74 -25.74 -31.13
C ALA B 129 -2.25 -25.82 -30.83
N ARG B 130 -1.73 -27.04 -30.70
CA ARG B 130 -0.32 -27.25 -30.41
C ARG B 130 0.55 -26.88 -31.59
N GLN B 131 0.13 -27.21 -32.82
CA GLN B 131 1.00 -26.86 -33.93
C GLN B 131 0.87 -25.38 -34.33
N VAL B 132 -0.28 -24.75 -34.08
CA VAL B 132 -0.35 -23.30 -34.24
C VAL B 132 0.55 -22.60 -33.24
N GLN B 133 0.64 -23.12 -32.01
CA GLN B 133 1.57 -22.54 -31.05
C GLN B 133 3.04 -22.80 -31.45
N GLU B 134 3.32 -24.00 -31.97
CA GLU B 134 4.69 -24.31 -32.39
C GLU B 134 5.12 -23.48 -33.59
N GLN B 135 4.18 -23.03 -34.40
CA GLN B 135 4.54 -22.12 -35.49
C GLN B 135 4.58 -20.66 -35.04
N ALA B 136 3.69 -20.26 -34.14
CA ALA B 136 3.67 -18.89 -33.64
C ALA B 136 4.82 -18.59 -32.69
N GLY B 137 5.51 -19.61 -32.19
CA GLY B 137 6.63 -19.34 -31.31
C GLY B 137 7.90 -18.89 -31.99
N ALA B 138 7.97 -18.90 -33.32
CA ALA B 138 9.20 -18.63 -34.04
C ALA B 138 9.03 -17.50 -35.06
N MET B 139 8.19 -16.52 -34.76
CA MET B 139 7.80 -15.50 -35.72
C MET B 139 7.87 -14.13 -35.07
N ARG B 140 8.55 -13.19 -35.74
CA ARG B 140 8.58 -11.81 -35.29
C ARG B 140 7.17 -11.21 -35.38
N LEU B 141 6.82 -10.40 -34.38
CA LEU B 141 5.43 -10.05 -34.17
C LEU B 141 5.07 -8.63 -34.61
N ALA B 142 5.66 -7.61 -34.02
CA ALA B 142 5.54 -6.26 -34.57
C ALA B 142 6.92 -5.64 -34.46
N GLY B 143 7.77 -5.94 -35.43
CA GLY B 143 9.16 -5.54 -35.37
C GLY B 143 9.96 -6.09 -34.20
N GLY B 144 9.46 -7.10 -33.50
CA GLY B 144 10.10 -7.56 -32.29
C GLY B 144 9.94 -9.06 -32.14
N SER B 145 10.75 -9.62 -31.24
CA SER B 145 10.76 -11.06 -31.12
C SER B 145 9.74 -11.51 -30.09
N ILE B 146 9.46 -12.80 -30.09
CA ILE B 146 8.56 -13.43 -29.13
C ILE B 146 9.38 -14.25 -28.16
N LEU B 147 9.20 -13.99 -26.87
CA LEU B 147 9.97 -14.75 -25.90
C LEU B 147 9.35 -16.13 -25.68
N PRO B 148 10.17 -17.15 -25.53
CA PRO B 148 9.67 -18.50 -25.29
C PRO B 148 9.29 -18.72 -23.84
N TRP B 149 9.00 -19.96 -23.46
CA TRP B 149 8.49 -20.25 -22.13
C TRP B 149 9.50 -21.03 -21.30
N CYS B 150 9.69 -20.58 -20.06
CA CYS B 150 10.60 -21.14 -19.07
C CYS B 150 9.87 -22.15 -18.20
N ASN B 151 10.43 -22.46 -17.02
CA ASN B 151 9.91 -23.49 -16.14
C ASN B 151 8.98 -22.94 -15.05
N GLU B 152 8.16 -21.92 -15.36
CA GLU B 152 7.09 -21.51 -14.47
C GLU B 152 5.81 -22.32 -14.68
N ARG B 153 5.65 -22.87 -15.89
CA ARG B 153 4.89 -24.06 -16.27
C ARG B 153 3.36 -23.88 -16.36
N PHE B 154 2.79 -22.76 -15.92
CA PHE B 154 1.33 -22.79 -15.80
C PHE B 154 0.55 -22.49 -17.10
N PRO B 155 0.83 -21.40 -17.90
CA PRO B 155 0.01 -21.18 -19.11
C PRO B 155 0.50 -21.87 -20.36
N ALA B 156 1.38 -22.86 -20.21
CA ALA B 156 1.85 -23.69 -21.32
C ALA B 156 0.78 -24.39 -22.18
N PRO B 157 -0.39 -24.78 -21.67
CA PRO B 157 -1.46 -25.22 -22.60
C PRO B 157 -2.00 -24.08 -23.45
N ASN B 158 -2.63 -24.48 -24.55
CA ASN B 158 -3.16 -23.58 -25.56
C ASN B 158 -4.56 -24.09 -25.92
N ALA B 159 -5.59 -23.36 -25.49
CA ALA B 159 -6.94 -23.89 -25.54
C ALA B 159 -7.54 -23.74 -26.93
N GLU B 160 -8.80 -24.18 -27.05
CA GLU B 160 -9.63 -24.08 -28.25
C GLU B 160 -11.04 -24.48 -27.79
N LEU B 161 -12.02 -24.25 -28.66
CA LEU B 161 -13.39 -24.61 -28.39
C LEU B 161 -14.06 -24.99 -29.72
N LEU B 162 -15.38 -25.00 -29.72
CA LEU B 162 -16.15 -25.29 -30.92
C LEU B 162 -17.41 -24.42 -30.89
N MET B 163 -17.46 -23.38 -31.71
CA MET B 163 -18.63 -22.50 -31.76
C MET B 163 -19.83 -23.13 -32.43
N LEU B 164 -19.62 -24.05 -33.39
CA LEU B 164 -20.71 -24.57 -34.19
C LEU B 164 -21.65 -25.47 -33.37
N GLY B 165 -21.11 -26.21 -32.40
CA GLY B 165 -21.90 -27.09 -31.57
C GLY B 165 -21.99 -26.58 -30.14
N GLY B 166 -23.20 -26.59 -29.60
CA GLY B 166 -23.42 -26.16 -28.23
C GLY B 166 -24.70 -25.37 -28.02
N SER B 167 -25.07 -25.17 -26.76
CA SER B 167 -26.26 -24.42 -26.41
C SER B 167 -25.86 -23.00 -26.00
N ASP B 168 -26.85 -22.20 -25.57
CA ASP B 168 -26.57 -20.83 -25.16
C ASP B 168 -25.79 -20.81 -23.84
N GLU B 169 -26.26 -21.58 -22.85
CA GLU B 169 -25.55 -21.63 -21.57
C GLU B 169 -24.23 -22.38 -21.69
N GLN B 170 -24.09 -23.28 -22.67
CA GLN B 170 -22.81 -23.93 -22.87
C GLN B 170 -21.80 -22.98 -23.52
N ARG B 171 -22.26 -22.13 -24.43
CA ARG B 171 -21.39 -21.07 -24.96
C ARG B 171 -21.06 -20.05 -23.87
N ARG B 172 -21.98 -19.80 -22.94
CA ARG B 172 -21.63 -18.98 -21.79
C ARG B 172 -20.64 -19.68 -20.87
N LYS B 173 -20.67 -21.02 -20.83
CA LYS B 173 -19.68 -21.76 -20.04
C LYS B 173 -18.30 -21.68 -20.67
N ASN B 174 -18.23 -21.78 -22.00
CA ASN B 174 -16.96 -21.57 -22.69
C ASN B 174 -16.47 -20.14 -22.57
N GLN B 175 -17.39 -19.17 -22.53
CA GLN B 175 -17.01 -17.78 -22.27
C GLN B 175 -16.48 -17.59 -20.84
N ARG B 176 -17.07 -18.29 -19.87
CA ARG B 176 -16.58 -18.20 -18.50
C ARG B 176 -15.25 -18.92 -18.34
N ARG B 177 -14.95 -19.91 -19.20
CA ARG B 177 -13.60 -20.45 -19.21
C ARG B 177 -12.61 -19.44 -19.80
N LEU B 178 -12.97 -18.82 -20.94
CA LEU B 178 -12.02 -17.97 -21.64
C LEU B 178 -11.75 -16.66 -20.89
N THR B 179 -12.80 -15.97 -20.44
CA THR B 179 -12.60 -14.67 -19.80
C THR B 179 -11.98 -14.77 -18.42
N ARG B 180 -11.84 -15.96 -17.85
CA ARG B 180 -11.01 -16.18 -16.70
C ARG B 180 -9.61 -16.66 -17.07
N ARG B 181 -9.43 -17.21 -18.27
CA ARG B 181 -8.07 -17.31 -18.81
C ARG B 181 -7.50 -15.93 -19.12
N LEU B 182 -8.34 -14.93 -19.38
CA LEU B 182 -7.90 -13.56 -19.59
C LEU B 182 -8.51 -12.69 -18.49
N LEU B 183 -7.94 -12.76 -17.29
CA LEU B 183 -8.47 -11.92 -16.22
C LEU B 183 -7.90 -10.49 -16.14
N PRO B 184 -6.59 -10.23 -16.20
CA PRO B 184 -6.15 -8.83 -16.05
C PRO B 184 -6.12 -8.02 -17.33
N GLY B 185 -6.52 -8.59 -18.47
CA GLY B 185 -6.32 -7.94 -19.73
C GLY B 185 -7.34 -6.85 -20.02
N PHE B 186 -6.97 -5.97 -20.95
CA PHE B 186 -7.80 -4.86 -21.40
C PHE B 186 -7.97 -4.98 -22.91
N ALA B 187 -9.21 -5.14 -23.37
CA ALA B 187 -9.45 -5.40 -24.79
C ALA B 187 -9.23 -4.13 -25.62
N LEU B 188 -9.39 -4.26 -26.93
CA LEU B 188 -9.13 -3.13 -27.83
C LEU B 188 -10.00 -3.31 -29.06
N VAL B 189 -10.97 -2.42 -29.25
CA VAL B 189 -11.83 -2.40 -30.43
C VAL B 189 -12.03 -0.94 -30.84
N SER B 190 -12.13 -0.71 -32.15
CA SER B 190 -12.24 0.65 -32.66
C SER B 190 -13.68 1.09 -32.79
N ARG B 191 -13.89 2.38 -32.53
CA ARG B 191 -15.22 2.98 -32.52
C ARG B 191 -15.34 4.00 -33.63
N GLU B 192 -16.22 3.73 -34.59
CA GLU B 192 -16.78 4.78 -35.42
C GLU B 192 -18.00 5.41 -34.79
N ALA B 193 -18.62 4.72 -33.81
CA ALA B 193 -19.87 5.18 -33.21
C ALA B 193 -19.65 6.42 -32.36
N LEU B 194 -18.74 6.32 -31.39
CA LEU B 194 -18.43 7.46 -30.53
C LEU B 194 -17.79 8.59 -31.31
N LEU B 195 -17.01 8.26 -32.35
CA LEU B 195 -16.32 9.29 -33.10
C LEU B 195 -17.29 10.06 -33.99
N GLN B 196 -18.28 9.37 -34.56
CA GLN B 196 -19.33 10.09 -35.28
C GLN B 196 -20.28 10.82 -34.33
N GLN B 197 -20.42 10.33 -33.09
CA GLN B 197 -21.15 11.09 -32.09
C GLN B 197 -20.44 12.41 -31.78
N HIS B 198 -19.10 12.38 -31.73
CA HIS B 198 -18.37 13.62 -31.48
C HIS B 198 -18.34 14.52 -32.70
N LEU B 199 -18.35 13.97 -33.92
CA LEU B 199 -18.58 14.79 -35.10
C LEU B 199 -19.93 15.50 -35.03
N GLU B 200 -21.01 14.74 -34.85
CA GLU B 200 -22.34 15.33 -34.82
C GLU B 200 -22.72 15.93 -33.47
N THR B 201 -21.78 16.14 -32.55
CA THR B 201 -22.01 17.12 -31.49
C THR B 201 -21.06 18.31 -31.55
N LEU B 202 -19.92 18.22 -32.23
CA LEU B 202 -19.10 19.39 -32.49
C LEU B 202 -19.37 19.98 -33.87
N ARG B 203 -20.41 19.51 -34.56
CA ARG B 203 -20.57 19.73 -36.00
C ARG B 203 -20.91 21.16 -36.38
N THR B 204 -21.16 22.05 -35.41
CA THR B 204 -21.51 23.42 -35.75
C THR B 204 -20.33 24.18 -36.35
N THR B 205 -19.12 23.91 -35.87
CA THR B 205 -17.97 24.67 -36.33
C THR B 205 -17.42 24.12 -37.65
N LEU B 206 -16.91 22.89 -37.63
CA LEU B 206 -16.22 22.33 -38.80
C LEU B 206 -16.17 20.82 -38.66
N PRO B 207 -16.29 20.08 -39.75
CA PRO B 207 -16.28 18.61 -39.66
C PRO B 207 -14.89 18.00 -39.72
N GLU B 208 -13.85 18.79 -39.45
CA GLU B 208 -12.48 18.30 -39.52
C GLU B 208 -12.23 17.29 -38.42
N ALA B 209 -11.92 16.05 -38.82
CA ALA B 209 -11.76 14.95 -37.88
C ALA B 209 -10.47 15.02 -37.06
N THR B 210 -9.47 15.78 -37.52
CA THR B 210 -8.19 15.82 -36.82
C THR B 210 -8.26 16.62 -35.53
N THR B 211 -9.01 17.73 -35.55
CA THR B 211 -9.13 18.56 -34.35
C THR B 211 -9.92 17.84 -33.25
N LEU B 212 -10.80 16.93 -33.64
CA LEU B 212 -11.57 16.17 -32.66
C LEU B 212 -10.97 14.83 -32.32
N ASP B 213 -10.00 14.33 -33.10
CA ASP B 213 -9.10 13.31 -32.56
C ASP B 213 -8.17 13.91 -31.53
N ALA B 214 -7.64 15.11 -31.81
CA ALA B 214 -6.78 15.79 -30.86
C ALA B 214 -7.54 16.23 -29.62
N LEU B 215 -8.84 16.52 -29.74
CA LEU B 215 -9.64 17.02 -28.65
C LEU B 215 -10.52 15.92 -28.03
N LEU B 216 -10.02 14.69 -28.00
CA LEU B 216 -10.78 13.60 -27.40
C LEU B 216 -9.92 12.80 -26.43
N ASP B 217 -8.62 12.73 -26.70
CA ASP B 217 -7.67 12.06 -25.81
C ASP B 217 -7.05 13.05 -24.82
N LEU B 218 -7.89 13.83 -24.14
CA LEU B 218 -7.41 15.05 -23.53
C LEU B 218 -8.05 15.21 -22.15
N CYS B 219 -7.31 15.80 -21.23
CA CYS B 219 -7.86 16.25 -19.96
C CYS B 219 -8.31 17.70 -20.12
N ARG B 220 -9.55 17.88 -20.58
CA ARG B 220 -10.06 19.19 -20.94
C ARG B 220 -10.63 19.90 -19.72
N ILE B 221 -10.43 21.21 -19.67
CA ILE B 221 -10.77 22.04 -18.52
C ILE B 221 -11.59 23.22 -18.99
N ASN B 222 -12.80 23.37 -18.45
CA ASN B 222 -13.73 24.43 -18.83
C ASN B 222 -14.07 25.28 -17.60
N PHE B 223 -15.03 26.19 -17.77
CA PHE B 223 -15.35 27.20 -16.79
C PHE B 223 -16.72 26.93 -16.17
N GLU B 224 -17.20 27.90 -15.38
CA GLU B 224 -18.51 27.82 -14.74
C GLU B 224 -19.62 27.81 -15.78
N PRO B 225 -20.72 27.07 -15.54
CA PRO B 225 -21.87 27.08 -16.46
C PRO B 225 -22.65 28.38 -16.41
N TRP B 241 -11.33 21.29 -9.67
CA TRP B 241 -12.06 21.98 -10.73
C TRP B 241 -12.51 20.95 -11.78
N GLN B 242 -13.37 21.37 -12.71
CA GLN B 242 -13.97 20.50 -13.71
C GLN B 242 -12.92 19.91 -14.65
N VAL B 243 -12.94 18.59 -14.76
CA VAL B 243 -12.22 17.83 -15.79
C VAL B 243 -13.26 16.94 -16.46
N ARG B 244 -13.22 16.88 -17.80
CA ARG B 244 -14.13 16.02 -18.55
C ARG B 244 -13.93 14.56 -18.19
N ASP B 245 -15.03 13.81 -18.10
CA ASP B 245 -15.00 12.41 -17.72
C ASP B 245 -15.39 11.52 -18.89
N LYS B 246 -15.33 10.21 -18.65
CA LYS B 246 -15.53 9.19 -19.67
C LYS B 246 -15.70 7.84 -18.97
N PRO B 247 -16.58 6.95 -19.45
CA PRO B 247 -16.68 5.63 -18.82
C PRO B 247 -15.50 4.72 -19.12
N GLY B 248 -14.88 4.83 -20.30
CA GLY B 248 -13.78 3.98 -20.67
C GLY B 248 -12.47 4.74 -20.81
N TRP B 249 -11.47 4.03 -21.32
CA TRP B 249 -10.14 4.57 -21.54
C TRP B 249 -9.86 4.56 -23.03
N LEU B 250 -9.63 5.73 -23.61
CA LEU B 250 -9.62 5.94 -25.05
C LEU B 250 -8.20 6.08 -25.58
N VAL B 251 -8.04 5.80 -26.86
CA VAL B 251 -6.72 5.82 -27.49
C VAL B 251 -6.87 6.21 -28.96
N PRO B 252 -6.01 7.07 -29.47
CA PRO B 252 -5.91 7.25 -30.93
C PRO B 252 -4.98 6.23 -31.55
N ILE B 253 -5.50 5.37 -32.42
CA ILE B 253 -4.70 4.32 -33.06
C ILE B 253 -4.81 4.46 -34.57
N PRO B 254 -3.80 4.04 -35.33
CA PRO B 254 -3.94 4.03 -36.79
C PRO B 254 -4.89 2.92 -37.22
N ALA B 255 -5.88 3.29 -38.02
CA ALA B 255 -6.90 2.36 -38.49
C ALA B 255 -6.78 2.12 -39.98
N GLY B 256 -5.55 1.95 -40.46
CA GLY B 256 -5.31 1.50 -41.82
C GLY B 256 -4.56 2.54 -42.64
N TYR B 257 -4.85 2.55 -43.93
CA TYR B 257 -4.05 3.16 -44.97
C TYR B 257 -4.98 3.87 -45.95
N ASN B 258 -4.53 4.96 -46.54
CA ASN B 258 -5.36 5.87 -47.32
C ASN B 258 -4.62 6.22 -48.61
N ALA B 259 -4.25 5.19 -49.37
CA ALA B 259 -3.41 5.26 -50.56
C ALA B 259 -3.77 6.40 -51.50
N LEU B 260 -2.74 7.06 -52.01
CA LEU B 260 -2.90 8.30 -52.76
C LEU B 260 -2.58 8.13 -54.24
N SER B 261 -1.64 7.27 -54.57
CA SER B 261 -1.14 7.10 -55.92
C SER B 261 -2.09 6.27 -56.76
N PRO B 262 -2.09 6.49 -58.08
CA PRO B 262 -2.63 5.46 -58.97
C PRO B 262 -1.78 4.21 -58.85
N LEU B 263 -2.43 3.05 -58.91
CA LEU B 263 -1.77 1.78 -58.70
C LEU B 263 -0.85 1.47 -59.87
N TYR B 264 0.45 1.41 -59.60
CA TYR B 264 1.42 1.16 -60.65
C TYR B 264 1.51 -0.32 -60.95
N LEU B 265 1.82 -0.63 -62.22
CA LEU B 265 2.09 -1.98 -62.66
C LEU B 265 3.37 -2.49 -61.97
N PRO B 266 3.55 -3.83 -61.84
CA PRO B 266 4.66 -4.35 -61.02
C PRO B 266 6.06 -3.97 -61.48
N GLY B 267 6.32 -4.00 -62.78
CA GLY B 267 7.64 -3.62 -63.23
C GLY B 267 7.90 -2.14 -63.34
N GLU B 268 6.91 -1.30 -63.07
CA GLU B 268 7.08 0.13 -63.27
C GLU B 268 7.91 0.75 -62.15
N VAL B 269 7.52 0.52 -60.89
CA VAL B 269 8.17 1.17 -59.76
C VAL B 269 9.55 0.57 -59.57
N ARG B 270 10.56 1.43 -59.56
CA ARG B 270 11.91 0.98 -59.25
C ARG B 270 12.04 0.64 -57.78
N ASN B 271 13.00 -0.25 -57.49
CA ASN B 271 13.47 -0.55 -56.13
C ASN B 271 12.38 -1.12 -55.24
N ALA B 272 11.46 -1.89 -55.81
CA ALA B 272 10.36 -2.47 -55.06
C ALA B 272 10.84 -3.66 -54.25
N ARG B 273 9.94 -4.26 -53.46
CA ARG B 273 10.29 -5.49 -52.76
C ARG B 273 10.41 -6.65 -53.74
N ASP B 274 9.31 -6.99 -54.41
CA ASP B 274 9.35 -7.96 -55.48
C ASP B 274 8.58 -7.43 -56.68
N ARG B 275 8.74 -8.11 -57.81
CA ARG B 275 8.24 -7.63 -59.08
C ARG B 275 7.15 -8.54 -59.62
N GLU B 276 6.23 -8.93 -58.74
CA GLU B 276 5.06 -9.69 -59.12
C GLU B 276 3.79 -9.21 -58.44
N THR B 277 3.86 -8.17 -57.62
CA THR B 277 2.72 -7.58 -56.92
C THR B 277 2.85 -6.05 -57.02
N PRO B 278 1.74 -5.34 -57.18
CA PRO B 278 1.81 -3.90 -57.43
C PRO B 278 1.94 -3.08 -56.15
N LEU B 279 2.38 -1.82 -56.33
CA LEU B 279 2.63 -0.90 -55.24
C LEU B 279 1.69 0.30 -55.30
N ARG B 280 1.39 0.86 -54.13
CA ARG B 280 0.70 2.13 -54.03
C ARG B 280 1.35 2.95 -52.92
N PHE B 281 1.43 4.27 -53.11
CA PHE B 281 1.98 5.16 -52.10
C PHE B 281 0.87 5.68 -51.20
N VAL B 282 1.17 5.76 -49.90
CA VAL B 282 0.14 5.77 -48.85
C VAL B 282 0.46 6.83 -47.79
N GLU B 283 -0.54 7.60 -47.37
CA GLU B 283 -0.59 8.14 -46.01
C GLU B 283 -1.55 7.29 -45.19
N ASN B 284 -1.25 7.09 -43.92
CA ASN B 284 -2.07 6.21 -43.09
C ASN B 284 -3.19 6.96 -42.38
N LEU B 285 -4.35 6.32 -42.26
CA LEU B 285 -5.54 6.93 -41.68
C LEU B 285 -5.41 7.03 -40.17
N PHE B 286 -6.45 7.59 -39.56
CA PHE B 286 -6.59 7.65 -38.12
C PHE B 286 -8.06 7.50 -37.76
N GLY B 287 -8.34 6.61 -36.82
CA GLY B 287 -9.68 6.44 -36.32
C GLY B 287 -9.71 6.70 -34.83
N LEU B 288 -10.30 5.80 -34.08
CA LEU B 288 -10.39 5.94 -32.64
C LEU B 288 -10.63 4.56 -32.03
N GLY B 289 -9.86 4.21 -31.01
CA GLY B 289 -10.01 2.95 -30.32
C GLY B 289 -10.20 3.17 -28.83
N GLU B 290 -10.53 2.08 -28.13
CA GLU B 290 -10.80 2.18 -26.70
C GLU B 290 -10.26 0.94 -26.00
N TRP B 291 -10.48 0.89 -24.69
CA TRP B 291 -9.94 -0.18 -23.85
C TRP B 291 -11.01 -0.58 -22.83
N LEU B 292 -11.82 -1.57 -23.19
CA LEU B 292 -12.71 -2.21 -22.23
C LEU B 292 -12.08 -3.48 -21.68
N SER B 293 -12.53 -3.86 -20.49
CA SER B 293 -12.29 -5.20 -20.00
C SER B 293 -13.04 -6.21 -20.86
N PRO B 294 -12.56 -7.45 -20.96
CA PRO B 294 -13.30 -8.46 -21.74
C PRO B 294 -14.65 -8.86 -21.16
N HIS B 295 -14.95 -8.49 -19.91
CA HIS B 295 -16.21 -8.84 -19.28
C HIS B 295 -17.31 -7.83 -19.54
N ARG B 296 -17.05 -6.79 -20.33
CA ARG B 296 -18.11 -5.84 -20.67
C ARG B 296 -19.00 -6.40 -21.77
N VAL B 297 -18.45 -6.65 -22.93
CA VAL B 297 -19.18 -7.17 -24.08
C VAL B 297 -19.23 -8.69 -23.96
N ALA B 298 -20.39 -9.27 -24.26
CA ALA B 298 -20.62 -10.65 -23.91
C ALA B 298 -19.92 -11.60 -24.88
N ALA B 299 -20.35 -11.61 -26.14
CA ALA B 299 -19.88 -12.62 -27.09
C ALA B 299 -18.45 -12.32 -27.52
N LEU B 300 -17.58 -13.33 -27.45
CA LEU B 300 -16.18 -13.15 -27.77
C LEU B 300 -15.87 -13.33 -29.25
N SER B 301 -16.89 -13.32 -30.11
CA SER B 301 -16.65 -13.06 -31.52
C SER B 301 -16.75 -11.58 -31.85
N ASP B 302 -16.95 -10.74 -30.84
CA ASP B 302 -17.02 -9.29 -31.01
C ASP B 302 -15.66 -8.63 -30.85
N LEU B 303 -14.63 -9.38 -30.50
CA LEU B 303 -13.31 -8.85 -30.20
C LEU B 303 -12.29 -9.27 -31.26
N LEU B 304 -12.68 -9.17 -32.52
CA LEU B 304 -11.85 -9.60 -33.63
C LEU B 304 -11.58 -8.45 -34.57
N TRP B 305 -10.39 -8.45 -35.16
CA TRP B 305 -9.96 -7.42 -36.10
C TRP B 305 -9.91 -8.02 -37.49
N TYR B 306 -11.05 -8.05 -38.15
CA TYR B 306 -11.05 -8.31 -39.57
C TYR B 306 -10.54 -7.07 -40.28
N HIS B 307 -10.04 -7.22 -41.49
CA HIS B 307 -9.61 -6.06 -42.25
C HIS B 307 -10.13 -6.16 -43.68
N HIS B 308 -10.84 -5.13 -44.11
CA HIS B 308 -11.36 -5.04 -45.46
C HIS B 308 -10.36 -4.35 -46.37
N ALA B 309 -10.48 -4.62 -47.66
CA ALA B 309 -9.62 -3.98 -48.64
C ALA B 309 -10.36 -3.93 -49.97
N GLU B 310 -10.03 -2.92 -50.76
CA GLU B 310 -10.64 -2.74 -52.06
C GLU B 310 -9.61 -2.19 -53.05
N PRO B 311 -9.59 -2.71 -54.28
CA PRO B 311 -8.53 -2.36 -55.23
C PRO B 311 -8.58 -0.93 -55.74
N ASP B 312 -9.74 -0.51 -56.26
CA ASP B 312 -9.81 0.77 -56.96
C ASP B 312 -9.81 1.92 -55.98
N LYS B 313 -10.72 1.89 -55.00
CA LYS B 313 -10.66 2.86 -53.91
C LYS B 313 -9.40 2.64 -53.09
N GLY B 314 -8.55 3.65 -53.04
CA GLY B 314 -7.34 3.57 -52.23
C GLY B 314 -7.66 3.74 -50.77
N LEU B 315 -8.30 2.74 -50.18
CA LEU B 315 -8.76 2.79 -48.81
C LEU B 315 -8.58 1.40 -48.22
N TYR B 316 -7.61 1.27 -47.33
CA TYR B 316 -7.29 0.01 -46.68
C TYR B 316 -7.58 0.20 -45.19
N ARG B 317 -8.27 -0.77 -44.58
CA ARG B 317 -8.86 -0.44 -43.29
C ARG B 317 -8.86 -1.66 -42.39
N TRP B 318 -8.69 -1.41 -41.09
CA TRP B 318 -8.58 -2.44 -40.04
C TRP B 318 -9.79 -2.28 -39.12
N SER B 319 -10.91 -2.85 -39.51
CA SER B 319 -12.13 -2.59 -38.77
C SER B 319 -12.26 -3.56 -37.60
N THR B 320 -13.24 -3.28 -36.74
CA THR B 320 -13.73 -4.23 -35.74
C THR B 320 -15.23 -4.34 -35.97
N PRO B 321 -15.67 -5.24 -36.84
CA PRO B 321 -17.09 -5.33 -37.16
C PRO B 321 -17.85 -6.02 -36.03
N ARG B 322 -19.16 -6.23 -36.27
CA ARG B 322 -20.10 -7.05 -35.48
C ARG B 322 -20.08 -6.75 -33.98
N PHE B 323 -19.65 -5.55 -33.59
CA PHE B 323 -19.35 -5.29 -32.20
C PHE B 323 -20.54 -4.71 -31.44
N VAL B 324 -20.97 -3.50 -31.81
CA VAL B 324 -22.15 -2.87 -31.22
C VAL B 324 -22.95 -2.19 -32.33
N LEU C 8 -52.07 -7.60 1.55
CA LEU C 8 -51.97 -8.92 2.13
C LEU C 8 -50.73 -9.64 1.61
N SER C 9 -49.62 -9.52 2.32
CA SER C 9 -48.36 -10.14 1.90
C SER C 9 -47.60 -10.59 3.15
N THR C 10 -46.39 -11.08 2.93
CA THR C 10 -45.58 -11.66 3.99
C THR C 10 -44.93 -10.58 4.84
N ALA C 11 -44.81 -10.83 6.14
CA ALA C 11 -44.06 -9.96 7.03
C ALA C 11 -42.57 -10.21 6.87
N SER C 12 -41.78 -9.23 7.30
CA SER C 12 -40.34 -9.25 7.01
C SER C 12 -39.60 -10.28 7.85
N VAL C 13 -39.60 -10.09 9.17
CA VAL C 13 -38.86 -10.96 10.09
C VAL C 13 -39.85 -11.59 11.05
N LEU C 14 -39.84 -12.92 11.12
CA LEU C 14 -40.74 -13.65 12.00
C LEU C 14 -39.93 -14.33 13.10
N ALA C 15 -40.18 -13.94 14.34
CA ALA C 15 -39.52 -14.53 15.50
C ALA C 15 -40.53 -15.37 16.27
N PHE C 16 -40.16 -16.63 16.53
CA PHE C 16 -40.98 -17.54 17.32
C PHE C 16 -40.06 -18.27 18.28
N GLU C 17 -40.17 -17.95 19.57
CA GLU C 17 -39.23 -18.46 20.56
C GLU C 17 -39.47 -19.94 20.82
N ARG C 18 -38.47 -20.58 21.42
CA ARG C 18 -38.48 -22.02 21.64
C ARG C 18 -39.36 -22.36 22.83
N LYS C 19 -40.57 -22.85 22.54
CA LYS C 19 -41.34 -23.57 23.54
C LYS C 19 -40.71 -24.95 23.75
N LEU C 20 -41.08 -25.58 24.86
CA LEU C 20 -40.43 -26.81 25.37
C LEU C 20 -38.92 -26.61 25.49
N ASP C 21 -38.54 -25.55 26.22
CA ASP C 21 -37.16 -25.06 26.31
C ASP C 21 -36.35 -25.93 27.26
N PRO C 22 -35.35 -26.68 26.75
CA PRO C 22 -34.66 -27.66 27.59
C PRO C 22 -33.46 -27.10 28.35
N SER C 23 -32.73 -27.98 29.04
CA SER C 23 -31.49 -27.64 29.72
C SER C 23 -30.51 -28.79 29.55
N ASP C 24 -29.30 -28.61 30.08
CA ASP C 24 -28.23 -29.58 29.91
C ASP C 24 -28.46 -30.82 30.77
N ALA C 25 -27.81 -31.91 30.37
CA ALA C 25 -28.03 -33.23 30.97
C ALA C 25 -26.77 -33.68 31.71
N LEU C 26 -26.82 -33.59 33.04
CA LEU C 26 -25.72 -34.05 33.89
C LEU C 26 -25.63 -35.57 33.87
N MET C 27 -24.48 -36.07 34.34
CA MET C 27 -24.20 -37.49 34.43
C MET C 27 -23.61 -37.82 35.80
N SER C 28 -24.04 -38.93 36.38
CA SER C 28 -23.43 -39.46 37.60
C SER C 28 -23.56 -40.97 37.59
N ALA C 29 -22.74 -41.66 38.38
CA ALA C 29 -22.66 -43.11 38.31
C ALA C 29 -23.03 -43.75 39.64
N GLY C 30 -23.94 -44.74 39.58
CA GLY C 30 -24.29 -45.54 40.74
C GLY C 30 -24.18 -47.01 40.41
N ALA C 31 -24.49 -47.85 41.39
CA ALA C 31 -24.32 -49.28 41.25
C ALA C 31 -25.67 -49.99 41.11
N TRP C 32 -25.60 -51.30 40.86
CA TRP C 32 -26.79 -52.14 40.84
C TRP C 32 -27.28 -52.40 42.24
N ALA C 33 -28.62 -52.34 42.41
CA ALA C 33 -29.37 -52.53 43.65
C ALA C 33 -28.99 -51.55 44.75
N GLN C 34 -28.32 -50.45 44.42
CA GLN C 34 -28.00 -49.37 45.36
C GLN C 34 -28.68 -48.08 44.97
N ARG C 35 -29.78 -48.15 44.21
CA ARG C 35 -30.31 -47.00 43.51
C ARG C 35 -31.63 -46.48 44.10
N ASP C 36 -31.96 -46.87 45.32
CA ASP C 36 -33.14 -46.31 45.97
C ASP C 36 -32.89 -44.91 46.54
N ALA C 37 -31.64 -44.48 46.61
CA ALA C 37 -31.30 -43.17 47.16
C ALA C 37 -30.56 -42.32 46.13
N SER C 38 -31.09 -42.25 44.91
CA SER C 38 -30.45 -41.53 43.81
C SER C 38 -30.60 -40.02 43.99
N GLN C 39 -29.84 -39.48 44.93
CA GLN C 39 -29.85 -38.05 45.21
C GLN C 39 -28.47 -37.42 45.24
N GLU C 40 -27.46 -38.12 45.77
CA GLU C 40 -26.11 -37.59 45.91
C GLU C 40 -25.08 -38.61 45.42
N TRP C 41 -25.29 -39.12 44.21
CA TRP C 41 -24.33 -40.03 43.61
C TRP C 41 -23.07 -39.27 43.17
N PRO C 42 -21.92 -39.94 43.12
CA PRO C 42 -20.72 -39.30 42.56
C PRO C 42 -20.85 -39.11 41.04
N ALA C 43 -20.41 -37.94 40.59
CA ALA C 43 -20.59 -37.54 39.20
C ALA C 43 -19.47 -38.09 38.33
N VAL C 44 -19.39 -37.61 37.09
CA VAL C 44 -18.42 -38.08 36.11
C VAL C 44 -17.36 -37.00 35.93
N THR C 45 -16.13 -37.33 36.29
CA THR C 45 -15.01 -36.40 36.10
C THR C 45 -14.31 -36.69 34.78
N VAL C 46 -13.60 -35.68 34.28
CA VAL C 46 -12.97 -35.74 32.97
C VAL C 46 -11.58 -36.35 33.12
N ARG C 47 -11.39 -37.55 32.57
CA ARG C 47 -10.12 -38.25 32.61
C ARG C 47 -9.41 -38.12 31.26
N GLU C 48 -8.14 -38.55 31.24
CA GLU C 48 -7.32 -38.49 30.04
C GLU C 48 -6.53 -39.77 29.89
N LYS C 49 -6.46 -40.28 28.66
CA LYS C 49 -5.68 -41.47 28.36
C LYS C 49 -4.92 -41.26 27.06
N SER C 50 -3.88 -42.08 26.86
CA SER C 50 -3.04 -41.99 25.66
C SER C 50 -2.87 -43.35 24.99
N GLN C 79 -3.76 -37.47 18.26
CA GLN C 79 -4.63 -36.54 18.98
C GLN C 79 -4.79 -36.96 20.43
N THR C 80 -5.33 -36.07 21.25
CA THR C 80 -5.57 -36.33 22.66
C THR C 80 -7.03 -36.74 22.82
N VAL C 81 -7.24 -37.99 23.23
CA VAL C 81 -8.59 -38.52 23.47
C VAL C 81 -8.80 -38.45 24.98
N ASP C 82 -9.37 -37.34 25.44
CA ASP C 82 -9.66 -37.15 26.87
C ASP C 82 -11.08 -37.58 27.21
N VAL C 83 -11.44 -38.79 26.80
CA VAL C 83 -12.77 -39.34 27.05
C VAL C 83 -12.67 -40.26 28.26
N ALA C 84 -13.54 -40.04 29.24
CA ALA C 84 -13.51 -40.81 30.47
C ALA C 84 -14.34 -42.07 30.34
N ASN C 85 -14.24 -42.92 31.37
CA ASN C 85 -15.02 -44.14 31.49
C ASN C 85 -15.79 -44.11 32.81
N LEU C 86 -16.77 -45.00 32.94
CA LEU C 86 -17.35 -45.23 34.24
C LEU C 86 -16.35 -45.97 35.13
N PRO C 87 -16.45 -45.80 36.45
CA PRO C 87 -15.58 -46.57 37.35
C PRO C 87 -15.88 -48.06 37.30
N SER C 88 -14.95 -48.84 37.85
CA SER C 88 -15.04 -50.30 37.83
C SER C 88 -16.00 -50.85 38.88
N ASP C 89 -16.76 -50.01 39.57
CA ASP C 89 -17.73 -50.45 40.56
C ASP C 89 -19.14 -49.98 40.24
N ALA C 90 -19.30 -48.74 39.80
CA ALA C 90 -20.61 -48.17 39.50
C ALA C 90 -20.92 -48.33 38.02
N ASP C 91 -22.19 -48.60 37.70
CA ASP C 91 -22.55 -48.89 36.32
C ASP C 91 -23.78 -48.15 35.79
N THR C 92 -24.70 -47.78 36.66
CA THR C 92 -25.93 -47.07 36.25
C THR C 92 -25.62 -45.59 36.13
N LEU C 93 -25.62 -45.07 34.90
CA LEU C 93 -25.41 -43.65 34.66
C LEU C 93 -26.74 -42.92 34.85
N LYS C 94 -26.88 -42.23 35.97
CA LYS C 94 -27.96 -41.27 36.19
C LYS C 94 -27.76 -40.08 35.28
N VAL C 95 -28.61 -39.99 34.25
CA VAL C 95 -28.69 -38.82 33.38
C VAL C 95 -29.75 -37.91 33.96
N ARG C 96 -29.38 -36.66 34.21
CA ARG C 96 -30.14 -35.73 35.06
C ARG C 96 -30.38 -34.42 34.30
N PHE C 97 -31.62 -34.17 33.93
CA PHE C 97 -31.98 -32.95 33.22
C PHE C 97 -33.45 -32.65 33.43
N THR C 98 -33.82 -31.39 33.19
CA THR C 98 -35.19 -30.91 33.40
C THR C 98 -35.69 -30.25 32.11
N LEU C 99 -36.92 -29.76 32.17
CA LEU C 99 -37.64 -29.22 31.02
C LEU C 99 -38.86 -28.45 31.52
N ARG C 100 -39.17 -27.33 30.87
CA ARG C 100 -40.41 -26.61 31.10
C ARG C 100 -41.01 -26.22 29.76
N VAL C 101 -42.20 -25.61 29.81
CA VAL C 101 -42.90 -25.11 28.63
C VAL C 101 -43.17 -23.63 28.83
N LEU C 102 -42.71 -22.81 27.89
CA LEU C 102 -43.05 -21.39 27.91
C LEU C 102 -44.52 -21.19 27.55
N GLY C 103 -44.91 -21.61 26.36
CA GLY C 103 -46.27 -21.43 25.89
C GLY C 103 -46.50 -20.07 25.28
N GLY C 104 -47.70 -19.90 24.74
CA GLY C 104 -48.06 -18.66 24.09
C GLY C 104 -47.56 -18.54 22.67
N ALA C 105 -48.01 -19.45 21.80
CA ALA C 105 -47.61 -19.47 20.40
C ALA C 105 -48.58 -18.69 19.50
N GLY C 106 -49.56 -18.00 20.09
CA GLY C 106 -50.51 -17.25 19.29
C GLY C 106 -50.00 -15.91 18.81
N THR C 107 -48.91 -15.41 19.40
CA THR C 107 -48.34 -14.13 19.04
C THR C 107 -46.92 -14.32 18.54
N PRO C 108 -46.59 -13.80 17.35
CA PRO C 108 -45.17 -13.82 16.93
C PRO C 108 -44.35 -12.85 17.76
N SER C 109 -43.11 -13.26 18.06
CA SER C 109 -42.24 -12.43 18.89
C SER C 109 -41.70 -11.23 18.13
N ALA C 110 -41.79 -11.23 16.80
CA ALA C 110 -41.48 -10.06 16.00
C ALA C 110 -42.29 -10.13 14.72
N CYS C 111 -42.96 -9.03 14.39
CA CYS C 111 -43.76 -8.94 13.17
C CYS C 111 -43.82 -7.47 12.77
N ASN C 112 -44.46 -7.19 11.64
CA ASN C 112 -44.63 -5.79 11.24
C ASN C 112 -46.06 -5.43 10.86
N ASP C 113 -46.79 -6.34 10.20
CA ASP C 113 -48.06 -6.00 9.58
C ASP C 113 -49.19 -6.05 10.61
N ALA C 114 -50.30 -5.38 10.26
CA ALA C 114 -51.50 -5.37 11.09
C ALA C 114 -52.57 -6.32 10.60
N ALA C 115 -52.85 -6.35 9.30
CA ALA C 115 -53.86 -7.24 8.76
C ALA C 115 -53.37 -8.68 8.63
N TYR C 116 -52.09 -8.87 8.25
CA TYR C 116 -51.50 -10.20 8.25
C TYR C 116 -51.44 -10.77 9.66
N ARG C 117 -51.17 -9.91 10.65
CA ARG C 117 -51.18 -10.35 12.03
C ARG C 117 -52.60 -10.69 12.50
N ASP C 118 -53.61 -9.93 12.04
CA ASP C 118 -54.99 -10.26 12.39
C ASP C 118 -55.41 -11.59 11.76
N LYS C 119 -54.98 -11.86 10.53
CA LYS C 119 -55.26 -13.15 9.89
C LYS C 119 -54.58 -14.30 10.63
N LEU C 120 -53.32 -14.09 11.07
CA LEU C 120 -52.60 -15.13 11.81
C LEU C 120 -53.22 -15.37 13.18
N LEU C 121 -53.66 -14.30 13.85
CA LEU C 121 -54.30 -14.44 15.16
C LEU C 121 -55.65 -15.13 15.05
N GLN C 122 -56.45 -14.82 14.02
CA GLN C 122 -57.73 -15.51 13.91
C GLN C 122 -57.55 -16.94 13.43
N THR C 123 -56.48 -17.24 12.69
CA THR C 123 -56.23 -18.62 12.30
C THR C 123 -55.76 -19.47 13.48
N VAL C 124 -54.90 -18.90 14.34
CA VAL C 124 -54.48 -19.61 15.55
C VAL C 124 -55.65 -19.76 16.51
N ALA C 125 -56.53 -18.74 16.60
CA ALA C 125 -57.73 -18.85 17.41
C ALA C 125 -58.71 -19.89 16.85
N THR C 126 -58.72 -20.05 15.52
CA THR C 126 -59.51 -21.11 14.91
C THR C 126 -58.97 -22.48 15.30
N TYR C 127 -57.65 -22.65 15.35
CA TYR C 127 -57.09 -23.93 15.82
C TYR C 127 -57.38 -24.17 17.30
N VAL C 128 -57.28 -23.11 18.11
CA VAL C 128 -57.50 -23.26 19.56
C VAL C 128 -58.95 -23.61 19.86
N ASN C 129 -59.89 -23.02 19.10
CA ASN C 129 -61.28 -23.43 19.19
C ASN C 129 -61.54 -24.76 18.48
N ASP C 130 -60.62 -25.24 17.65
CA ASP C 130 -60.79 -26.50 16.93
C ASP C 130 -60.41 -27.69 17.80
N GLN C 131 -59.16 -27.73 18.28
CA GLN C 131 -58.69 -28.88 19.06
C GLN C 131 -57.51 -28.48 19.94
N GLY C 132 -57.27 -29.29 20.98
CA GLY C 132 -56.28 -28.99 21.99
C GLY C 132 -54.94 -29.63 21.74
N PHE C 133 -54.18 -29.82 22.81
CA PHE C 133 -52.79 -30.27 22.77
C PHE C 133 -52.62 -31.74 23.12
N ALA C 134 -53.67 -32.54 22.93
CA ALA C 134 -53.66 -33.94 23.32
C ALA C 134 -52.75 -34.78 22.43
N GLU C 135 -52.87 -34.61 21.11
CA GLU C 135 -52.09 -35.40 20.16
C GLU C 135 -50.60 -35.09 20.27
N LEU C 136 -50.25 -33.80 20.37
CA LEU C 136 -48.86 -33.41 20.48
C LEU C 136 -48.27 -33.82 21.83
N ALA C 137 -49.08 -33.76 22.90
CA ALA C 137 -48.62 -34.25 24.19
C ALA C 137 -48.40 -35.76 24.20
N ARG C 138 -49.25 -36.52 23.50
CA ARG C 138 -49.06 -37.96 23.45
C ARG C 138 -47.86 -38.35 22.58
N ARG C 139 -47.61 -37.59 21.50
CA ARG C 139 -46.42 -37.86 20.70
C ARG C 139 -45.14 -37.48 21.45
N TYR C 140 -45.20 -36.42 22.26
CA TYR C 140 -44.05 -36.08 23.10
C TYR C 140 -43.89 -37.08 24.23
N ALA C 141 -44.99 -37.72 24.64
CA ALA C 141 -44.90 -38.83 25.58
C ALA C 141 -44.26 -40.04 24.92
N HIS C 142 -44.56 -40.30 23.65
CA HIS C 142 -43.85 -41.33 22.88
C HIS C 142 -42.36 -41.04 22.82
N ASN C 143 -42.00 -39.76 22.71
CA ASN C 143 -40.58 -39.39 22.81
C ASN C 143 -40.04 -39.64 24.23
N LEU C 144 -40.84 -39.37 25.24
CA LEU C 144 -40.43 -39.56 26.63
C LEU C 144 -40.71 -40.96 27.17
N ALA C 145 -41.21 -41.87 26.33
CA ALA C 145 -41.43 -43.25 26.73
C ALA C 145 -40.27 -44.17 26.37
N ASN C 146 -39.74 -44.04 25.17
CA ASN C 146 -38.55 -44.78 24.76
C ASN C 146 -37.30 -44.04 25.25
N ALA C 147 -36.14 -44.44 24.74
CA ALA C 147 -34.90 -43.75 25.08
C ALA C 147 -34.29 -43.14 23.83
N ARG C 148 -35.12 -42.48 23.02
CA ARG C 148 -34.64 -41.81 21.81
C ARG C 148 -33.81 -40.56 22.13
N PHE C 149 -34.02 -39.96 23.31
CA PHE C 149 -33.21 -38.80 23.70
C PHE C 149 -31.75 -39.19 23.93
N LEU C 150 -31.50 -40.41 24.40
CA LEU C 150 -30.15 -40.97 24.40
C LEU C 150 -29.87 -41.53 23.02
N TRP C 151 -28.97 -40.88 22.27
CA TRP C 151 -28.75 -41.26 20.89
C TRP C 151 -27.88 -42.51 20.77
N ARG C 152 -26.84 -42.62 21.59
CA ARG C 152 -26.02 -43.82 21.63
C ARG C 152 -26.01 -44.49 23.00
N ASN C 153 -26.42 -43.77 24.05
CA ASN C 153 -26.44 -44.30 25.40
C ASN C 153 -27.53 -45.33 25.64
N ARG C 154 -28.48 -45.49 24.71
CA ARG C 154 -29.53 -46.50 24.89
C ARG C 154 -28.97 -47.91 24.78
N VAL C 155 -28.10 -48.14 23.80
CA VAL C 155 -27.48 -49.44 23.62
C VAL C 155 -26.46 -49.66 24.73
N GLY C 156 -26.58 -50.78 25.42
CA GLY C 156 -25.69 -51.09 26.54
C GLY C 156 -26.42 -51.23 27.85
N ALA C 157 -27.41 -50.36 28.09
CA ALA C 157 -28.19 -50.39 29.32
C ALA C 157 -29.09 -51.61 29.36
N GLU C 158 -29.41 -52.05 30.58
CA GLU C 158 -30.19 -53.27 30.78
C GLU C 158 -31.67 -53.00 31.04
N ALA C 159 -31.97 -52.13 32.01
CA ALA C 159 -33.35 -51.75 32.32
C ALA C 159 -33.40 -50.24 32.38
N VAL C 160 -33.77 -49.61 31.27
CA VAL C 160 -33.75 -48.15 31.15
C VAL C 160 -34.95 -47.62 31.92
N GLU C 161 -34.73 -47.21 33.16
CA GLU C 161 -35.80 -46.76 34.04
C GLU C 161 -35.80 -45.23 34.09
N VAL C 162 -36.97 -44.65 33.88
CA VAL C 162 -37.14 -43.20 33.82
C VAL C 162 -37.86 -42.77 35.08
N ARG C 163 -37.12 -42.17 36.01
CA ARG C 163 -37.67 -41.67 37.25
C ARG C 163 -38.04 -40.20 37.06
N ILE C 164 -39.32 -39.88 37.30
CA ILE C 164 -39.83 -38.52 37.13
C ILE C 164 -40.59 -38.14 38.40
N ASN C 165 -40.24 -36.99 38.98
CA ASN C 165 -41.00 -36.41 40.07
C ASN C 165 -41.84 -35.26 39.54
N HIS C 166 -42.64 -34.65 40.43
CA HIS C 166 -43.43 -33.48 40.08
C HIS C 166 -42.95 -32.30 40.92
N ILE C 167 -42.62 -31.20 40.26
CA ILE C 167 -42.00 -30.05 40.91
C ILE C 167 -42.80 -28.79 40.58
N ARG C 168 -43.33 -28.15 41.62
CA ARG C 168 -43.59 -26.71 41.61
C ARG C 168 -42.76 -25.97 42.64
N GLN C 169 -42.40 -26.63 43.75
CA GLN C 169 -41.37 -26.16 44.66
C GLN C 169 -40.41 -27.32 44.93
N GLY C 170 -39.50 -27.16 45.89
CA GLY C 170 -38.45 -28.13 46.09
C GLY C 170 -38.83 -29.39 46.85
N GLU C 171 -39.87 -30.09 46.40
CA GLU C 171 -40.28 -31.34 47.01
C GLU C 171 -40.93 -32.21 45.94
N VAL C 172 -41.41 -33.37 46.35
CA VAL C 172 -42.12 -34.28 45.46
C VAL C 172 -43.61 -34.08 45.64
N ALA C 173 -44.36 -34.29 44.56
CA ALA C 173 -45.82 -34.20 44.60
C ALA C 173 -46.45 -35.43 43.96
N ARG C 174 -45.76 -36.02 42.97
CA ARG C 174 -46.21 -37.23 42.30
C ARG C 174 -45.01 -37.83 41.59
N ALA C 175 -44.92 -39.16 41.59
CA ALA C 175 -43.78 -39.87 41.06
C ALA C 175 -44.17 -40.78 39.90
N TRP C 176 -43.17 -41.18 39.13
CA TRP C 176 -43.36 -42.01 37.94
C TRP C 176 -42.11 -42.84 37.70
N ARG C 177 -42.33 -44.11 37.36
CA ARG C 177 -41.28 -45.06 36.98
C ARG C 177 -41.65 -45.71 35.66
N PHE C 178 -40.70 -45.74 34.73
CA PHE C 178 -40.89 -46.34 33.41
C PHE C 178 -39.90 -47.49 33.21
N ASP C 179 -40.01 -48.15 32.06
CA ASP C 179 -38.99 -49.05 31.55
C ASP C 179 -39.08 -49.00 30.04
N ALA C 180 -37.95 -48.76 29.38
CA ALA C 180 -37.92 -48.53 27.94
C ALA C 180 -37.65 -49.80 27.14
N LEU C 181 -37.61 -50.97 27.79
CA LEU C 181 -37.55 -52.23 27.05
C LEU C 181 -38.92 -52.88 26.89
N ALA C 182 -39.84 -52.61 27.80
CA ALA C 182 -41.24 -52.98 27.61
C ALA C 182 -41.99 -52.00 26.73
N ILE C 183 -41.40 -50.84 26.45
CA ILE C 183 -41.99 -49.81 25.62
C ILE C 183 -41.16 -49.69 24.34
N GLY C 184 -41.83 -49.80 23.20
CA GLY C 184 -41.16 -49.82 21.92
C GLY C 184 -40.56 -48.47 21.53
N LEU C 185 -39.91 -48.48 20.37
CA LEU C 185 -39.14 -47.34 19.88
C LEU C 185 -39.86 -46.57 18.77
N ARG C 186 -40.33 -47.26 17.74
CA ARG C 186 -40.99 -46.63 16.61
C ARG C 186 -42.51 -46.64 16.72
N ASP C 187 -43.08 -47.64 17.37
CA ASP C 187 -44.53 -47.83 17.33
C ASP C 187 -45.27 -46.79 18.16
N PHE C 188 -46.26 -46.17 17.55
CA PHE C 188 -47.14 -45.26 18.26
C PHE C 188 -48.10 -46.02 19.16
N LYS C 189 -47.72 -46.22 20.42
CA LYS C 189 -48.61 -46.79 21.42
C LYS C 189 -48.62 -45.87 22.63
N ALA C 190 -49.82 -45.70 23.21
CA ALA C 190 -50.01 -44.81 24.35
C ALA C 190 -50.70 -45.62 25.45
N ASP C 191 -49.91 -46.10 26.41
CA ASP C 191 -50.44 -46.85 27.55
C ASP C 191 -51.21 -45.93 28.48
N ALA C 192 -51.80 -46.52 29.53
CA ALA C 192 -52.58 -45.73 30.48
C ALA C 192 -51.69 -44.81 31.31
N GLU C 193 -50.51 -45.30 31.69
CA GLU C 193 -49.55 -44.46 32.41
C GLU C 193 -48.99 -43.36 31.51
N LEU C 194 -48.74 -43.68 30.24
CA LEU C 194 -48.27 -42.68 29.29
C LEU C 194 -49.36 -41.66 28.98
N ASP C 195 -50.61 -42.10 28.94
CA ASP C 195 -51.74 -41.18 28.77
C ASP C 195 -51.89 -40.27 29.98
N ALA C 196 -51.65 -40.80 31.18
CA ALA C 196 -51.73 -39.98 32.38
C ALA C 196 -50.64 -38.91 32.41
N LEU C 197 -49.39 -39.32 32.09
CA LEU C 197 -48.30 -38.35 32.10
C LEU C 197 -48.44 -37.35 30.96
N ALA C 198 -48.90 -37.80 29.79
CA ALA C 198 -49.13 -36.89 28.67
C ALA C 198 -50.30 -35.94 28.94
N GLU C 199 -51.31 -36.40 29.68
CA GLU C 199 -52.41 -35.52 30.06
C GLU C 199 -51.95 -34.48 31.06
N LEU C 200 -51.05 -34.84 31.98
CA LEU C 200 -50.55 -33.86 32.93
C LEU C 200 -49.61 -32.86 32.25
N ILE C 201 -48.82 -33.34 31.27
CA ILE C 201 -48.00 -32.44 30.45
C ILE C 201 -48.88 -31.51 29.63
N ALA C 202 -49.98 -32.02 29.07
CA ALA C 202 -50.90 -31.19 28.29
C ALA C 202 -51.62 -30.16 29.16
N SER C 203 -51.93 -30.53 30.40
CA SER C 203 -52.41 -29.56 31.38
C SER C 203 -51.38 -28.47 31.64
N GLY C 204 -50.09 -28.83 31.64
CA GLY C 204 -49.05 -27.82 31.66
C GLY C 204 -48.93 -27.03 30.36
N LEU C 205 -49.35 -27.62 29.23
CA LEU C 205 -49.17 -27.07 27.90
C LEU C 205 -50.24 -26.07 27.48
N SER C 206 -51.46 -26.18 28.02
CA SER C 206 -52.61 -25.44 27.51
C SER C 206 -52.52 -23.92 27.73
N GLY C 207 -51.59 -23.44 28.53
CA GLY C 207 -51.43 -22.01 28.73
C GLY C 207 -52.20 -21.44 29.91
N SER C 208 -52.68 -22.29 30.81
CA SER C 208 -53.41 -21.84 31.99
C SER C 208 -52.93 -22.54 33.25
N GLY C 209 -51.85 -23.31 33.18
CA GLY C 209 -51.28 -24.00 34.31
C GLY C 209 -49.84 -24.39 34.03
N HIS C 210 -48.97 -24.24 35.01
CA HIS C 210 -47.53 -24.43 34.80
C HIS C 210 -47.09 -25.76 35.39
N VAL C 211 -46.29 -26.49 34.61
CA VAL C 211 -45.73 -27.77 35.04
C VAL C 211 -44.22 -27.69 34.88
N LEU C 212 -43.52 -28.53 35.64
CA LEU C 212 -42.05 -28.57 35.59
C LEU C 212 -41.63 -30.00 35.90
N LEU C 213 -41.35 -30.77 34.86
CA LEU C 213 -41.06 -32.20 34.98
C LEU C 213 -39.67 -32.50 34.45
N GLU C 214 -38.87 -33.16 35.27
CA GLU C 214 -37.52 -33.57 34.89
C GLU C 214 -37.53 -35.03 34.45
N VAL C 215 -36.37 -35.50 34.00
CA VAL C 215 -36.18 -36.89 33.59
C VAL C 215 -34.89 -37.39 34.22
N VAL C 216 -34.95 -38.53 34.91
CA VAL C 216 -33.75 -39.16 35.46
C VAL C 216 -33.66 -40.55 34.86
N ALA C 217 -32.64 -40.80 34.03
CA ALA C 217 -32.52 -42.08 33.36
C ALA C 217 -31.33 -42.85 33.89
N PHE C 218 -31.37 -44.18 33.70
CA PHE C 218 -30.34 -45.10 34.17
C PHE C 218 -29.73 -45.82 32.98
N ALA C 219 -28.56 -45.38 32.55
CA ALA C 219 -27.81 -46.04 31.47
C ALA C 219 -26.81 -47.00 32.09
N ARG C 220 -27.15 -48.28 32.12
CA ARG C 220 -26.24 -49.30 32.65
C ARG C 220 -25.15 -49.57 31.62
N ILE C 221 -24.16 -48.68 31.59
CA ILE C 221 -23.09 -48.79 30.61
C ILE C 221 -22.09 -49.87 31.03
N GLY C 222 -21.73 -49.92 32.30
CA GLY C 222 -20.97 -51.03 32.83
C GLY C 222 -19.94 -50.57 33.83
N ASP C 223 -19.06 -51.50 34.19
CA ASP C 223 -17.97 -51.24 35.14
C ASP C 223 -16.68 -51.15 34.33
N GLY C 224 -16.35 -49.94 33.90
CA GLY C 224 -15.18 -49.72 33.07
C GLY C 224 -15.52 -49.55 31.61
N GLN C 225 -16.54 -48.76 31.31
CA GLN C 225 -16.97 -48.53 29.94
C GLN C 225 -17.31 -47.05 29.80
N GLU C 226 -17.44 -46.60 28.55
CA GLU C 226 -17.26 -45.20 28.17
C GLU C 226 -18.41 -44.31 28.64
N VAL C 227 -18.07 -43.08 29.05
CA VAL C 227 -19.06 -42.03 29.29
C VAL C 227 -19.25 -41.26 27.99
N PHE C 228 -20.41 -40.64 27.83
CA PHE C 228 -20.74 -39.94 26.58
C PHE C 228 -21.31 -38.56 26.87
N PRO C 229 -20.47 -37.54 26.92
CA PRO C 229 -20.95 -36.16 26.86
C PRO C 229 -21.14 -35.74 25.41
N SER C 230 -21.54 -34.50 25.21
CA SER C 230 -21.61 -33.96 23.85
C SER C 230 -20.23 -33.46 23.42
N GLN C 231 -20.06 -33.33 22.11
CA GLN C 231 -18.78 -32.99 21.52
C GLN C 231 -18.82 -31.58 20.94
N GLU C 232 -17.74 -30.83 21.17
CA GLU C 232 -17.59 -29.48 20.64
C GLU C 232 -17.06 -29.55 19.21
N LEU C 233 -16.68 -28.40 18.67
CA LEU C 233 -16.11 -28.32 17.33
C LEU C 233 -14.58 -28.19 17.40
N LYS C 246 -10.21 -35.30 22.72
CA LYS C 246 -11.27 -34.85 21.84
C LYS C 246 -11.90 -33.57 22.39
N THR C 247 -12.82 -32.97 21.64
CA THR C 247 -13.39 -31.69 22.03
C THR C 247 -14.71 -31.95 22.75
N LEU C 248 -14.61 -32.32 24.02
CA LEU C 248 -15.79 -32.71 24.79
C LEU C 248 -16.38 -31.51 25.54
N TYR C 249 -17.34 -31.79 26.41
CA TYR C 249 -18.05 -30.80 27.20
C TYR C 249 -18.04 -31.22 28.66
N SER C 250 -17.96 -30.21 29.55
CA SER C 250 -17.95 -30.48 30.98
C SER C 250 -18.50 -29.27 31.73
N VAL C 251 -18.87 -29.51 32.99
CA VAL C 251 -19.43 -28.50 33.87
C VAL C 251 -18.65 -28.51 35.18
N ARG C 252 -19.15 -27.76 36.17
CA ARG C 252 -18.48 -27.60 37.46
C ARG C 252 -18.39 -28.92 38.24
N ASP C 253 -17.17 -29.48 38.30
CA ASP C 253 -16.83 -30.69 39.06
C ASP C 253 -17.67 -31.90 38.63
N ALA C 254 -18.05 -31.93 37.35
CA ALA C 254 -18.91 -32.98 36.81
C ALA C 254 -18.76 -32.98 35.29
N ALA C 255 -19.64 -33.71 34.61
CA ALA C 255 -19.73 -33.73 33.17
C ALA C 255 -21.20 -33.68 32.76
N ALA C 256 -21.46 -33.13 31.57
CA ALA C 256 -22.84 -32.95 31.12
C ALA C 256 -22.91 -33.07 29.60
N ILE C 257 -24.15 -33.03 29.11
CA ILE C 257 -24.49 -33.16 27.70
C ILE C 257 -25.30 -31.92 27.34
N HIS C 258 -25.16 -31.48 26.08
CA HIS C 258 -25.76 -30.23 25.62
C HIS C 258 -27.29 -30.31 25.61
N SER C 259 -27.91 -29.14 25.43
CA SER C 259 -29.36 -29.01 25.51
C SER C 259 -30.05 -28.98 24.16
N GLN C 260 -29.36 -28.53 23.10
CA GLN C 260 -29.99 -28.51 21.79
C GLN C 260 -30.18 -29.91 21.23
N LYS C 261 -29.37 -30.87 21.68
CA LYS C 261 -29.54 -32.25 21.24
C LYS C 261 -30.78 -32.86 21.87
N ILE C 262 -31.04 -32.54 23.15
CA ILE C 262 -32.30 -32.93 23.79
C ILE C 262 -33.48 -32.23 23.12
N GLY C 263 -33.31 -30.95 22.78
CA GLY C 263 -34.39 -30.19 22.17
C GLY C 263 -34.75 -30.65 20.78
N ASN C 264 -33.80 -31.24 20.06
CA ASN C 264 -34.12 -31.84 18.77
C ASN C 264 -34.50 -33.32 18.90
N ALA C 265 -34.08 -33.98 19.97
CA ALA C 265 -34.44 -35.38 20.17
C ALA C 265 -35.89 -35.53 20.61
N LEU C 266 -36.38 -34.61 21.45
CA LEU C 266 -37.75 -34.73 21.96
C LEU C 266 -38.80 -34.32 20.95
N ARG C 267 -38.41 -33.70 19.83
CA ARG C 267 -39.34 -33.34 18.77
C ARG C 267 -39.29 -34.34 17.61
N THR C 268 -38.84 -35.56 17.88
CA THR C 268 -38.73 -36.61 16.87
C THR C 268 -40.13 -37.14 16.55
N ILE C 269 -40.80 -36.52 15.57
CA ILE C 269 -42.20 -36.80 15.28
C ILE C 269 -42.34 -37.30 13.84
N ASP C 270 -41.43 -36.87 12.97
CA ASP C 270 -41.63 -36.88 11.52
C ASP C 270 -41.64 -38.30 10.97
N THR C 271 -42.84 -38.81 10.69
CA THR C 271 -43.05 -40.01 9.91
C THR C 271 -43.64 -39.69 8.54
N TRP C 272 -43.50 -38.45 8.08
CA TRP C 272 -44.19 -37.99 6.88
C TRP C 272 -43.23 -37.64 5.76
N TYR C 273 -42.26 -38.50 5.49
CA TYR C 273 -41.41 -38.32 4.32
C TYR C 273 -41.64 -39.45 3.33
N PRO C 274 -41.81 -39.14 2.04
CA PRO C 274 -42.51 -40.06 1.14
C PRO C 274 -41.67 -41.22 0.60
N ASP C 275 -40.39 -41.30 0.93
CA ASP C 275 -39.53 -42.28 0.26
C ASP C 275 -39.68 -43.67 0.89
N GLU C 276 -39.33 -43.82 2.17
CA GLU C 276 -39.44 -45.11 2.84
C GLU C 276 -39.60 -44.85 4.34
N ASP C 277 -40.81 -45.06 4.86
CA ASP C 277 -41.11 -44.81 6.25
C ASP C 277 -40.96 -46.06 7.12
N GLY C 278 -40.03 -46.95 6.76
CA GLY C 278 -39.66 -48.06 7.62
C GLY C 278 -38.71 -47.69 8.73
N LEU C 279 -38.29 -46.43 8.80
CA LEU C 279 -37.43 -45.93 9.86
C LEU C 279 -38.18 -45.14 10.92
N GLY C 280 -39.39 -44.68 10.61
CA GLY C 280 -40.27 -44.10 11.60
C GLY C 280 -40.04 -42.62 11.84
N PRO C 281 -40.05 -42.20 13.11
CA PRO C 281 -39.92 -40.78 13.42
C PRO C 281 -38.50 -40.28 13.31
N ILE C 282 -38.34 -39.10 12.70
CA ILE C 282 -37.08 -38.40 12.62
C ILE C 282 -37.31 -36.95 13.04
N ALA C 283 -36.27 -36.12 12.94
CA ALA C 283 -36.30 -34.77 13.48
C ALA C 283 -37.20 -33.85 12.67
N VAL C 284 -37.86 -32.92 13.36
CA VAL C 284 -38.84 -32.03 12.76
C VAL C 284 -38.22 -30.64 12.62
N GLU C 285 -37.99 -30.23 11.38
CA GLU C 285 -37.72 -28.86 10.98
C GLU C 285 -38.36 -28.62 9.64
N PRO C 286 -38.59 -27.36 9.27
CA PRO C 286 -38.80 -27.05 7.85
C PRO C 286 -37.53 -27.37 7.07
N TYR C 287 -37.69 -28.14 5.99
CA TYR C 287 -36.60 -28.85 5.29
C TYR C 287 -35.77 -29.69 6.27
N GLY C 288 -36.46 -30.38 7.18
CA GLY C 288 -35.82 -31.14 8.23
C GLY C 288 -35.68 -32.60 7.90
N SER C 289 -34.58 -33.19 8.36
CA SER C 289 -34.25 -34.59 8.10
C SER C 289 -33.20 -35.02 9.13
N VAL C 290 -32.60 -36.18 8.91
CA VAL C 290 -31.45 -36.62 9.67
C VAL C 290 -30.19 -36.33 8.87
N THR C 291 -29.17 -35.83 9.55
CA THR C 291 -27.93 -35.41 8.91
C THR C 291 -26.81 -36.44 9.04
N SER C 292 -27.07 -37.57 9.69
CA SER C 292 -26.09 -38.64 9.77
C SER C 292 -26.22 -39.65 8.65
N GLN C 293 -27.40 -39.73 8.02
CA GLN C 293 -27.57 -40.55 6.84
C GLN C 293 -27.09 -39.81 5.59
N GLY C 294 -27.59 -38.59 5.39
CA GLY C 294 -27.27 -37.81 4.22
C GLY C 294 -28.39 -37.66 3.21
N LYS C 295 -29.65 -37.81 3.63
CA LYS C 295 -30.79 -37.85 2.72
C LYS C 295 -31.78 -36.76 3.10
N ALA C 296 -32.33 -36.10 2.09
CA ALA C 296 -33.25 -34.98 2.31
C ALA C 296 -34.68 -35.48 2.44
N TYR C 297 -35.32 -35.11 3.53
CA TYR C 297 -36.71 -35.46 3.80
C TYR C 297 -37.57 -34.20 3.74
N ARG C 298 -38.88 -34.42 3.51
CA ARG C 298 -39.88 -33.37 3.31
C ARG C 298 -39.48 -32.44 2.16
N GLN C 299 -39.50 -33.02 0.97
CA GLN C 299 -39.03 -32.36 -0.24
C GLN C 299 -39.89 -31.15 -0.58
N PRO C 300 -39.29 -30.11 -1.19
CA PRO C 300 -40.08 -29.02 -1.76
C PRO C 300 -40.74 -29.37 -3.08
N LYS C 301 -40.45 -30.54 -3.64
CA LYS C 301 -41.12 -30.98 -4.87
C LYS C 301 -42.53 -31.49 -4.59
N GLN C 302 -42.77 -32.03 -3.40
CA GLN C 302 -44.11 -32.37 -2.95
C GLN C 302 -44.66 -31.24 -2.08
N LYS C 303 -45.78 -31.50 -1.42
CA LYS C 303 -46.43 -30.52 -0.56
C LYS C 303 -46.25 -30.84 0.92
N LEU C 304 -45.15 -31.50 1.27
CA LEU C 304 -44.81 -31.81 2.65
C LEU C 304 -43.94 -30.74 3.30
N ASP C 305 -43.86 -29.56 2.68
CA ASP C 305 -43.07 -28.46 3.23
C ASP C 305 -43.97 -27.56 4.08
N PHE C 306 -43.36 -26.95 5.10
CA PHE C 306 -44.08 -26.03 5.97
C PHE C 306 -44.49 -24.75 5.26
N TYR C 307 -43.74 -24.35 4.24
CA TYR C 307 -43.89 -23.01 3.67
C TYR C 307 -45.09 -22.93 2.73
N THR C 308 -45.29 -23.96 1.91
CA THR C 308 -46.51 -24.07 1.09
C THR C 308 -47.75 -24.13 1.97
N LEU C 309 -47.66 -24.87 3.10
CA LEU C 309 -48.77 -24.97 4.04
C LEU C 309 -49.09 -23.63 4.67
N LEU C 310 -48.05 -22.86 5.05
CA LEU C 310 -48.28 -21.56 5.66
C LEU C 310 -48.87 -20.57 4.66
N ASP C 311 -48.37 -20.60 3.42
CA ASP C 311 -48.88 -19.70 2.38
C ASP C 311 -50.34 -19.97 2.05
N ASN C 312 -50.69 -21.24 1.84
CA ASN C 312 -52.08 -21.59 1.57
C ASN C 312 -52.97 -21.47 2.81
N TRP C 313 -52.40 -21.58 4.00
CA TRP C 313 -53.14 -21.63 5.26
C TRP C 313 -53.42 -20.25 5.82
N VAL C 314 -52.65 -19.24 5.41
CA VAL C 314 -52.83 -17.87 5.88
C VAL C 314 -53.27 -16.95 4.74
N LEU C 315 -52.55 -16.99 3.61
CA LEU C 315 -52.81 -15.99 2.56
C LEU C 315 -54.02 -16.35 1.70
N ARG C 316 -53.96 -17.48 1.01
CA ARG C 316 -54.99 -17.83 0.03
C ARG C 316 -56.27 -18.36 0.66
N ASP C 317 -56.26 -18.64 1.97
CA ASP C 317 -57.35 -19.33 2.69
C ASP C 317 -57.67 -20.68 2.04
N GLU C 318 -56.63 -21.37 1.58
CA GLU C 318 -56.72 -22.75 1.12
C GLU C 318 -56.20 -23.66 2.23
N ALA C 319 -57.05 -23.83 3.24
CA ALA C 319 -56.64 -24.44 4.50
C ALA C 319 -56.38 -25.94 4.33
N PRO C 320 -55.19 -26.42 4.67
CA PRO C 320 -54.88 -27.85 4.54
C PRO C 320 -55.47 -28.67 5.69
N ALA C 321 -55.12 -29.95 5.71
CA ALA C 321 -55.77 -30.91 6.59
C ALA C 321 -55.16 -30.89 7.99
N VAL C 322 -55.63 -31.83 8.81
CA VAL C 322 -55.39 -31.78 10.25
C VAL C 322 -53.95 -32.14 10.59
N GLU C 323 -53.42 -33.21 9.97
CA GLU C 323 -52.07 -33.65 10.30
C GLU C 323 -51.02 -32.70 9.74
N GLN C 324 -51.33 -32.01 8.64
CA GLN C 324 -50.44 -30.95 8.18
C GLN C 324 -50.47 -29.76 9.12
N GLN C 325 -51.64 -29.48 9.73
CA GLN C 325 -51.66 -28.46 10.77
C GLN C 325 -50.92 -28.93 12.03
N HIS C 326 -50.91 -30.24 12.30
CA HIS C 326 -50.10 -30.77 13.40
C HIS C 326 -48.62 -30.56 13.14
N TYR C 327 -48.18 -30.75 11.90
CA TYR C 327 -46.78 -30.45 11.54
C TYR C 327 -46.48 -28.96 11.65
N VAL C 328 -47.43 -28.11 11.23
CA VAL C 328 -47.28 -26.66 11.33
C VAL C 328 -47.12 -26.23 12.79
N ILE C 329 -47.96 -26.75 13.66
CA ILE C 329 -47.88 -26.34 15.05
C ILE C 329 -46.73 -27.05 15.78
N ALA C 330 -46.26 -28.18 15.27
CA ALA C 330 -45.06 -28.81 15.82
C ALA C 330 -43.81 -27.99 15.52
N ASN C 331 -43.64 -27.55 14.26
CA ASN C 331 -42.46 -26.75 14.00
C ASN C 331 -42.65 -25.26 14.29
N LEU C 332 -43.84 -24.85 14.72
CA LEU C 332 -43.97 -23.56 15.40
C LEU C 332 -43.81 -23.66 16.91
N ILE C 333 -43.96 -24.86 17.50
CA ILE C 333 -43.74 -25.03 18.93
C ILE C 333 -42.31 -25.47 19.24
N ARG C 334 -41.54 -25.90 18.24
CA ARG C 334 -40.11 -26.09 18.45
C ARG C 334 -39.36 -24.76 18.56
N GLY C 335 -39.97 -23.66 18.12
CA GLY C 335 -39.27 -22.38 18.05
C GLY C 335 -38.60 -22.19 16.71
N GLY C 336 -37.66 -21.24 16.68
CA GLY C 336 -36.84 -21.03 15.51
C GLY C 336 -37.16 -19.73 14.81
N VAL C 337 -36.34 -19.43 13.82
CA VAL C 337 -36.50 -18.24 12.98
C VAL C 337 -37.45 -18.59 11.84
N PHE C 338 -38.22 -17.61 11.37
CA PHE C 338 -39.04 -17.75 10.19
C PHE C 338 -39.01 -16.44 9.42
N GLY C 339 -39.32 -16.53 8.13
CA GLY C 339 -39.22 -15.37 7.27
C GLY C 339 -37.81 -15.20 6.72
N GLU C 340 -37.71 -14.77 5.47
CA GLU C 340 -36.41 -14.63 4.82
C GLU C 340 -35.64 -13.42 5.34
N LEU D 8 -40.84 33.17 17.45
CA LEU D 8 -39.92 32.44 18.29
C LEU D 8 -39.67 31.06 17.72
N SER D 9 -38.44 30.58 17.83
CA SER D 9 -38.06 29.26 17.35
C SER D 9 -37.23 28.55 18.41
N THR D 10 -36.83 27.31 18.11
CA THR D 10 -36.02 26.53 19.03
C THR D 10 -34.56 26.95 18.91
N ALA D 11 -33.68 26.16 19.52
CA ALA D 11 -32.25 26.35 19.38
C ALA D 11 -31.69 25.30 18.43
N SER D 12 -30.43 25.48 18.06
CA SER D 12 -29.78 24.54 17.14
C SER D 12 -29.52 23.21 17.82
N VAL D 13 -29.01 23.22 19.05
CA VAL D 13 -28.70 22.00 19.78
C VAL D 13 -29.39 22.08 21.13
N LEU D 14 -30.32 21.18 21.37
CA LEU D 14 -30.79 20.90 22.71
C LEU D 14 -30.31 19.52 23.13
N ALA D 15 -30.21 19.34 24.43
CA ALA D 15 -29.82 18.07 25.02
C ALA D 15 -30.29 18.07 26.46
N PHE D 16 -30.41 16.88 27.02
CA PHE D 16 -30.73 16.72 28.43
C PHE D 16 -29.88 15.57 28.94
N GLU D 17 -30.13 15.14 30.16
CA GLU D 17 -29.37 14.02 30.69
C GLU D 17 -30.28 12.86 31.06
N ARG D 18 -29.63 11.72 31.27
CA ARG D 18 -30.31 10.45 31.48
C ARG D 18 -30.78 10.36 32.93
N LYS D 19 -31.85 11.09 33.21
CA LYS D 19 -32.60 10.86 34.45
C LYS D 19 -33.23 9.48 34.37
N LEU D 20 -33.37 8.84 35.53
CA LEU D 20 -33.49 7.38 35.66
C LEU D 20 -32.32 6.71 34.95
N ASP D 21 -31.14 6.89 35.53
CA ASP D 21 -29.91 6.30 35.01
C ASP D 21 -29.71 4.95 35.69
N PRO D 22 -29.85 3.84 34.98
CA PRO D 22 -29.61 2.53 35.61
C PRO D 22 -28.17 2.08 35.43
N SER D 23 -27.88 0.86 35.86
CA SER D 23 -26.53 0.32 35.76
C SER D 23 -26.55 -1.03 35.03
N ASP D 24 -25.42 -1.72 35.07
CA ASP D 24 -25.34 -3.06 34.50
C ASP D 24 -25.74 -4.08 35.55
N ALA D 25 -26.58 -5.03 35.14
CA ALA D 25 -27.11 -6.01 36.06
C ALA D 25 -26.06 -7.05 36.39
N LEU D 26 -26.34 -7.84 37.43
CA LEU D 26 -25.43 -8.88 37.92
C LEU D 26 -26.29 -10.10 38.21
N MET D 27 -26.46 -10.96 37.22
CA MET D 27 -27.37 -12.09 37.34
C MET D 27 -26.71 -13.18 38.18
N SER D 28 -27.08 -13.25 39.45
CA SER D 28 -26.57 -14.31 40.31
C SER D 28 -27.64 -15.36 40.56
N ALA D 29 -27.26 -16.43 41.24
CA ALA D 29 -28.17 -17.53 41.54
C ALA D 29 -27.64 -18.28 42.75
N GLY D 30 -28.51 -19.08 43.36
CA GLY D 30 -28.12 -19.82 44.54
C GLY D 30 -29.23 -20.75 45.00
N ALA D 31 -28.94 -21.44 46.10
CA ALA D 31 -29.82 -22.48 46.62
C ALA D 31 -31.00 -21.85 47.39
N TRP D 32 -31.78 -22.70 48.05
CA TRP D 32 -33.04 -22.28 48.63
C TRP D 32 -32.82 -21.63 49.99
N ALA D 33 -33.70 -20.67 50.31
CA ALA D 33 -33.90 -20.00 51.59
C ALA D 33 -32.73 -19.11 52.02
N GLN D 34 -31.65 -19.03 51.23
CA GLN D 34 -30.61 -18.06 51.52
C GLN D 34 -30.91 -16.70 50.91
N ARG D 35 -31.97 -16.59 50.09
CA ARG D 35 -32.38 -15.32 49.51
C ARG D 35 -33.05 -14.40 50.52
N ASP D 36 -33.22 -14.85 51.76
CA ASP D 36 -33.50 -13.92 52.84
C ASP D 36 -32.30 -13.00 53.08
N ALA D 37 -31.10 -13.54 52.94
CA ALA D 37 -29.87 -12.78 53.18
C ALA D 37 -28.84 -13.09 52.08
N SER D 38 -29.28 -13.03 50.83
CA SER D 38 -28.43 -13.37 49.69
C SER D 38 -27.35 -12.31 49.52
N GLN D 39 -26.12 -12.65 49.92
CA GLN D 39 -25.01 -11.70 49.87
C GLN D 39 -23.90 -12.16 48.94
N GLU D 40 -23.35 -13.36 49.14
CA GLU D 40 -22.21 -13.80 48.34
C GLU D 40 -22.54 -15.02 47.48
N TRP D 41 -23.69 -15.00 46.82
CA TRP D 41 -24.03 -16.06 45.88
C TRP D 41 -23.15 -15.99 44.63
N PRO D 42 -22.86 -17.14 44.02
CA PRO D 42 -22.18 -17.12 42.72
C PRO D 42 -23.09 -16.60 41.62
N ALA D 43 -22.46 -16.17 40.53
CA ALA D 43 -23.14 -15.48 39.45
C ALA D 43 -23.25 -16.37 38.22
N VAL D 44 -24.07 -15.91 37.28
CA VAL D 44 -24.24 -16.59 35.99
C VAL D 44 -23.24 -16.00 35.01
N THR D 45 -22.43 -16.85 34.40
CA THR D 45 -21.34 -16.42 33.54
C THR D 45 -21.74 -16.55 32.07
N VAL D 46 -20.78 -16.32 31.18
CA VAL D 46 -20.95 -16.54 29.76
C VAL D 46 -20.03 -17.69 29.37
N ARG D 47 -20.62 -18.88 29.22
CA ARG D 47 -19.89 -20.05 28.78
C ARG D 47 -20.42 -20.50 27.43
N GLU D 48 -19.56 -21.18 26.68
CA GLU D 48 -19.75 -21.38 25.25
C GLU D 48 -19.86 -22.87 24.92
N LYS D 49 -20.60 -23.17 23.86
CA LYS D 49 -20.74 -24.55 23.40
C LYS D 49 -21.06 -24.55 21.91
N SER D 50 -20.74 -25.68 21.28
CA SER D 50 -20.89 -25.83 19.84
C SER D 50 -22.35 -26.06 19.48
N VAL D 51 -22.63 -25.95 18.17
CA VAL D 51 -23.92 -26.29 17.61
C VAL D 51 -23.70 -26.65 16.14
N ARG D 52 -24.50 -27.61 15.67
CA ARG D 52 -24.50 -28.02 14.27
C ARG D 52 -25.60 -27.24 13.55
N GLY D 53 -25.20 -26.32 12.69
CA GLY D 53 -26.17 -25.55 11.96
C GLY D 53 -26.60 -26.25 10.68
N THR D 54 -27.73 -26.93 10.76
CA THR D 54 -28.47 -27.37 9.58
C THR D 54 -29.53 -26.32 9.29
N ILE D 55 -29.66 -25.95 8.01
CA ILE D 55 -30.38 -24.73 7.65
C ILE D 55 -31.89 -24.90 7.87
N SER D 56 -32.51 -23.84 8.37
CA SER D 56 -33.95 -23.79 8.55
C SER D 56 -34.56 -22.55 7.91
N ASN D 57 -33.76 -21.73 7.23
CA ASN D 57 -34.25 -20.50 6.64
C ASN D 57 -35.03 -20.82 5.37
N ARG D 58 -35.81 -19.86 4.92
CA ARG D 58 -36.73 -20.06 3.81
C ARG D 58 -35.97 -20.24 2.48
N LEU D 59 -36.53 -21.05 1.60
CA LEU D 59 -35.91 -21.40 0.33
C LEU D 59 -36.85 -21.02 -0.80
N LYS D 60 -36.27 -20.83 -1.99
CA LYS D 60 -37.01 -20.39 -3.16
C LYS D 60 -38.00 -21.46 -3.62
N THR D 61 -39.21 -21.00 -4.01
CA THR D 61 -40.24 -21.89 -4.51
C THR D 61 -39.84 -22.46 -5.87
N LYS D 62 -40.46 -23.58 -6.22
CA LYS D 62 -40.15 -24.39 -7.41
C LYS D 62 -38.66 -24.74 -7.47
N ASP D 63 -38.22 -25.51 -6.46
CA ASP D 63 -36.82 -25.89 -6.32
C ASP D 63 -36.50 -26.93 -7.40
N ARG D 64 -36.18 -26.44 -8.59
CA ARG D 64 -35.90 -27.30 -9.73
C ARG D 64 -34.54 -27.96 -9.65
N ASP D 65 -33.62 -27.41 -8.86
CA ASP D 65 -32.24 -27.87 -8.85
C ASP D 65 -32.02 -28.79 -7.66
N PRO D 66 -31.58 -30.04 -7.86
CA PRO D 66 -31.18 -30.87 -6.74
C PRO D 66 -29.81 -30.55 -6.16
N ALA D 67 -29.11 -29.55 -6.71
CA ALA D 67 -27.85 -29.13 -6.12
C ALA D 67 -28.05 -28.48 -4.76
N LYS D 68 -29.16 -27.75 -4.57
CA LYS D 68 -29.47 -27.23 -3.25
C LYS D 68 -29.99 -28.33 -2.32
N LEU D 69 -30.67 -29.33 -2.90
CA LEU D 69 -31.07 -30.51 -2.14
C LEU D 69 -29.86 -31.26 -1.57
N ASP D 70 -28.78 -31.32 -2.35
CA ASP D 70 -27.55 -31.91 -1.85
C ASP D 70 -26.85 -30.97 -0.85
N ALA D 71 -26.47 -29.77 -1.31
CA ALA D 71 -25.62 -28.86 -0.53
C ALA D 71 -26.32 -28.26 0.69
N SER D 72 -27.63 -28.46 0.85
CA SER D 72 -28.29 -28.05 2.09
C SER D 72 -27.87 -28.94 3.24
N ILE D 73 -27.61 -30.23 2.97
CA ILE D 73 -27.33 -31.22 4.00
C ILE D 73 -25.93 -31.81 3.86
N GLN D 74 -25.48 -32.05 2.61
CA GLN D 74 -24.18 -32.68 2.39
C GLN D 74 -23.01 -31.81 2.85
N SER D 75 -23.18 -30.50 2.85
CA SER D 75 -22.17 -29.57 3.36
C SER D 75 -22.83 -28.64 4.38
N PRO D 76 -23.01 -29.10 5.63
CA PRO D 76 -23.68 -28.27 6.64
C PRO D 76 -22.74 -27.27 7.30
N ASN D 77 -23.21 -26.55 8.32
CA ASN D 77 -22.36 -25.60 9.02
C ASN D 77 -22.11 -26.04 10.46
N LEU D 78 -21.03 -25.51 11.03
CA LEU D 78 -20.63 -25.85 12.40
C LEU D 78 -20.21 -24.56 13.09
N GLN D 79 -20.96 -24.11 14.10
CA GLN D 79 -20.65 -22.82 14.71
C GLN D 79 -20.81 -22.89 16.21
N THR D 80 -20.55 -21.78 16.89
CA THR D 80 -20.53 -21.72 18.34
C THR D 80 -21.60 -20.77 18.84
N VAL D 81 -22.46 -21.26 19.74
CA VAL D 81 -23.49 -20.43 20.37
C VAL D 81 -23.31 -20.55 21.87
N ASP D 82 -23.06 -19.42 22.53
CA ASP D 82 -22.91 -19.41 23.98
C ASP D 82 -24.26 -19.34 24.67
N VAL D 83 -24.43 -20.18 25.68
CA VAL D 83 -25.69 -20.33 26.41
C VAL D 83 -25.40 -20.21 27.90
N ALA D 84 -26.06 -19.27 28.57
CA ALA D 84 -25.88 -19.03 30.00
C ALA D 84 -27.00 -19.72 30.76
N ASN D 85 -26.89 -21.04 30.87
CA ASN D 85 -27.77 -21.77 31.76
C ASN D 85 -27.41 -21.48 33.20
N LEU D 86 -28.41 -21.52 34.07
CA LEU D 86 -28.16 -21.49 35.50
C LEU D 86 -27.61 -22.84 35.94
N PRO D 87 -26.94 -22.89 37.10
CA PRO D 87 -26.64 -24.19 37.71
C PRO D 87 -27.92 -24.90 38.11
N SER D 88 -27.87 -26.24 38.04
CA SER D 88 -29.05 -27.05 38.37
C SER D 88 -29.41 -27.00 39.84
N ASP D 89 -28.47 -26.62 40.70
CA ASP D 89 -28.72 -26.48 42.14
C ASP D 89 -29.33 -25.12 42.50
N ALA D 90 -29.65 -24.29 41.52
CA ALA D 90 -30.10 -22.93 41.77
C ALA D 90 -31.32 -22.61 40.91
N ASP D 91 -32.20 -21.74 41.42
CA ASP D 91 -33.47 -21.46 40.78
C ASP D 91 -33.81 -19.98 40.61
N THR D 92 -33.20 -19.07 41.36
CA THR D 92 -33.56 -17.66 41.33
C THR D 92 -32.55 -16.88 40.51
N LEU D 93 -32.97 -16.39 39.35
CA LEU D 93 -32.21 -15.39 38.59
C LEU D 93 -32.30 -14.10 39.38
N LYS D 94 -31.31 -13.85 40.22
CA LYS D 94 -31.23 -12.61 40.98
C LYS D 94 -30.65 -11.57 40.04
N VAL D 95 -31.52 -10.77 39.43
CA VAL D 95 -31.09 -9.65 38.60
C VAL D 95 -30.96 -8.46 39.54
N ARG D 96 -29.72 -8.09 39.86
CA ARG D 96 -29.43 -6.97 40.74
C ARG D 96 -28.85 -5.84 39.91
N PHE D 97 -29.40 -4.65 40.08
CA PHE D 97 -28.75 -3.46 39.52
C PHE D 97 -29.11 -2.27 40.41
N THR D 98 -28.63 -1.09 40.03
CA THR D 98 -28.95 0.13 40.75
C THR D 98 -29.44 1.17 39.75
N LEU D 99 -30.00 2.24 40.29
CA LEU D 99 -30.74 3.22 39.49
C LEU D 99 -30.78 4.53 40.25
N ARG D 100 -30.27 5.60 39.64
CA ARG D 100 -30.36 6.88 40.31
C ARG D 100 -31.24 7.82 39.53
N VAL D 101 -31.65 8.88 40.21
CA VAL D 101 -32.57 9.89 39.68
C VAL D 101 -31.94 11.25 39.97
N LEU D 102 -31.60 11.97 38.90
CA LEU D 102 -30.95 13.26 39.08
C LEU D 102 -31.93 14.30 39.59
N GLY D 103 -32.99 14.56 38.85
CA GLY D 103 -33.93 15.60 39.21
C GLY D 103 -33.53 16.95 38.65
N GLY D 104 -34.51 17.86 38.61
CA GLY D 104 -34.32 19.08 37.87
C GLY D 104 -34.38 18.80 36.38
N ALA D 105 -35.50 18.23 35.95
CA ALA D 105 -35.57 17.60 34.63
C ALA D 105 -35.59 18.64 33.52
N GLY D 106 -36.35 19.71 33.69
CA GLY D 106 -36.48 20.74 32.68
C GLY D 106 -35.27 21.63 32.52
N THR D 107 -34.30 21.54 33.43
CA THR D 107 -33.03 22.24 33.31
C THR D 107 -32.23 21.60 32.18
N PRO D 108 -31.98 22.30 31.07
CA PRO D 108 -31.32 21.66 29.93
C PRO D 108 -29.83 21.48 30.16
N SER D 109 -29.31 20.37 29.63
CA SER D 109 -27.87 20.10 29.80
C SER D 109 -27.03 21.03 28.94
N ALA D 110 -27.43 21.23 27.68
CA ALA D 110 -26.71 22.16 26.81
C ALA D 110 -27.72 22.76 25.83
N CYS D 111 -28.29 23.89 26.22
CA CYS D 111 -29.18 24.63 25.33
C CYS D 111 -28.38 25.69 24.58
N ASN D 112 -29.05 26.39 23.67
CA ASN D 112 -28.41 27.54 23.04
C ASN D 112 -29.21 28.82 23.18
N ASP D 113 -30.51 28.80 22.90
CA ASP D 113 -31.28 30.03 22.85
C ASP D 113 -31.91 30.32 24.20
N ALA D 114 -31.70 31.55 24.68
CA ALA D 114 -32.13 31.94 26.01
C ALA D 114 -33.64 32.06 26.10
N ALA D 115 -34.30 32.57 25.07
CA ALA D 115 -35.76 32.77 25.13
C ALA D 115 -36.51 31.44 25.08
N TYR D 116 -36.05 30.53 24.21
CA TYR D 116 -36.55 29.16 24.23
C TYR D 116 -36.29 28.49 25.57
N ARG D 117 -35.10 28.74 26.15
CA ARG D 117 -34.80 28.19 27.46
C ARG D 117 -35.70 28.78 28.54
N ASP D 118 -36.05 30.06 28.42
CA ASP D 118 -36.92 30.71 29.40
C ASP D 118 -38.32 30.13 29.34
N LYS D 119 -38.86 30.00 28.13
CA LYS D 119 -40.20 29.45 27.97
C LYS D 119 -40.25 27.98 28.38
N LEU D 120 -39.16 27.23 28.11
CA LEU D 120 -39.14 25.83 28.51
C LEU D 120 -39.03 25.68 30.03
N LEU D 121 -38.19 26.49 30.67
CA LEU D 121 -38.08 26.47 32.13
C LEU D 121 -39.39 26.82 32.80
N GLN D 122 -40.04 27.91 32.36
CA GLN D 122 -41.28 28.28 33.03
C GLN D 122 -42.42 27.32 32.70
N THR D 123 -42.40 26.71 31.52
CA THR D 123 -43.47 25.79 31.16
C THR D 123 -43.35 24.48 31.92
N VAL D 124 -42.13 23.94 32.05
CA VAL D 124 -41.96 22.72 32.81
C VAL D 124 -42.13 22.98 34.30
N ALA D 125 -41.77 24.18 34.79
CA ALA D 125 -42.03 24.49 36.20
C ALA D 125 -43.51 24.67 36.47
N THR D 126 -44.23 25.25 35.50
CA THR D 126 -45.69 25.32 35.52
C THR D 126 -46.30 23.93 35.67
N TYR D 127 -45.80 22.97 34.87
CA TYR D 127 -46.19 21.57 35.02
C TYR D 127 -45.91 21.05 36.42
N VAL D 128 -44.67 21.18 36.88
CA VAL D 128 -44.21 20.48 38.08
C VAL D 128 -44.93 20.98 39.33
N ASN D 129 -45.07 22.30 39.45
CA ASN D 129 -45.78 22.83 40.60
C ASN D 129 -47.28 22.98 40.36
N ASP D 130 -47.78 22.65 39.16
CA ASP D 130 -49.22 22.59 38.95
C ASP D 130 -49.75 21.18 39.19
N GLN D 131 -49.29 20.24 38.38
CA GLN D 131 -49.70 18.84 38.44
C GLN D 131 -48.46 17.97 38.62
N GLY D 132 -48.36 17.31 39.76
CA GLY D 132 -47.10 16.76 40.21
C GLY D 132 -46.63 15.57 39.39
N PHE D 133 -45.46 15.07 39.79
CA PHE D 133 -44.85 13.90 39.17
C PHE D 133 -45.43 12.59 39.67
N ALA D 134 -46.63 12.59 40.25
CA ALA D 134 -47.17 11.35 40.79
C ALA D 134 -47.65 10.39 39.71
N GLU D 135 -48.04 10.88 38.53
CA GLU D 135 -48.40 9.94 37.47
C GLU D 135 -47.17 9.28 36.86
N LEU D 136 -46.13 10.08 36.60
CA LEU D 136 -44.86 9.52 36.18
C LEU D 136 -44.26 8.62 37.25
N ALA D 137 -44.49 8.96 38.52
CA ALA D 137 -43.99 8.16 39.62
C ALA D 137 -44.74 6.83 39.72
N ARG D 138 -46.06 6.86 39.56
CA ARG D 138 -46.83 5.62 39.63
C ARG D 138 -46.51 4.71 38.47
N ARG D 139 -46.32 5.25 37.27
CA ARG D 139 -45.97 4.34 36.19
C ARG D 139 -44.52 3.89 36.24
N TYR D 140 -43.60 4.71 36.76
CA TYR D 140 -42.23 4.23 36.91
C TYR D 140 -42.14 3.20 38.03
N ALA D 141 -42.90 3.38 39.10
CA ALA D 141 -42.94 2.37 40.15
C ALA D 141 -43.68 1.12 39.72
N HIS D 142 -44.60 1.21 38.76
CA HIS D 142 -45.18 -0.01 38.19
C HIS D 142 -44.18 -0.74 37.29
N ASN D 143 -43.47 0.00 36.44
CA ASN D 143 -42.45 -0.60 35.59
C ASN D 143 -41.29 -1.15 36.41
N LEU D 144 -41.05 -0.63 37.61
CA LEU D 144 -40.13 -1.27 38.54
C LEU D 144 -40.79 -2.38 39.35
N ALA D 145 -42.11 -2.32 39.53
CA ALA D 145 -42.83 -3.29 40.35
C ALA D 145 -42.91 -4.63 39.67
N ASN D 146 -43.22 -4.64 38.38
CA ASN D 146 -43.06 -5.86 37.60
C ASN D 146 -41.61 -5.99 37.15
N ALA D 147 -41.35 -6.83 36.16
CA ALA D 147 -40.00 -6.93 35.63
C ALA D 147 -39.99 -6.62 34.14
N ARG D 148 -40.63 -5.51 33.75
CA ARG D 148 -40.57 -5.06 32.37
C ARG D 148 -39.15 -4.68 31.95
N PHE D 149 -38.28 -4.33 32.91
CA PHE D 149 -36.86 -4.13 32.59
C PHE D 149 -36.19 -5.42 32.11
N LEU D 150 -36.65 -6.57 32.60
CA LEU D 150 -36.30 -7.85 31.98
C LEU D 150 -37.16 -8.01 30.74
N TRP D 151 -36.58 -7.72 29.56
CA TRP D 151 -37.34 -7.77 28.31
C TRP D 151 -37.88 -9.16 27.98
N ARG D 152 -37.18 -10.21 28.41
CA ARG D 152 -37.49 -11.55 27.97
C ARG D 152 -37.73 -12.54 29.09
N ASN D 153 -37.06 -12.37 30.23
CA ASN D 153 -37.04 -13.39 31.26
C ASN D 153 -38.31 -13.42 32.12
N ARG D 154 -39.32 -12.60 31.80
CA ARG D 154 -40.55 -12.59 32.58
C ARG D 154 -41.48 -13.74 32.19
N VAL D 155 -41.39 -14.21 30.95
CA VAL D 155 -42.35 -15.16 30.42
C VAL D 155 -42.11 -16.54 31.04
N GLY D 156 -43.14 -17.10 31.66
CA GLY D 156 -43.08 -18.44 32.20
C GLY D 156 -42.33 -18.55 33.51
N ALA D 157 -42.85 -17.92 34.56
CA ALA D 157 -42.16 -17.85 35.83
C ALA D 157 -43.10 -18.27 36.96
N GLU D 158 -42.50 -18.54 38.12
CA GLU D 158 -43.26 -18.90 39.32
C GLU D 158 -43.62 -17.66 40.13
N ALA D 159 -42.60 -16.92 40.59
CA ALA D 159 -42.83 -15.73 41.39
C ALA D 159 -41.69 -14.75 41.11
N VAL D 160 -41.93 -13.80 40.20
CA VAL D 160 -40.96 -12.75 39.93
C VAL D 160 -41.01 -11.81 41.13
N GLU D 161 -40.10 -12.01 42.08
CA GLU D 161 -40.20 -11.43 43.41
C GLU D 161 -39.19 -10.28 43.53
N VAL D 162 -39.68 -9.06 43.34
CA VAL D 162 -38.82 -7.89 43.38
C VAL D 162 -38.51 -7.54 44.84
N ARG D 163 -37.31 -7.01 45.09
CA ARG D 163 -36.98 -6.39 46.37
C ARG D 163 -36.25 -5.08 46.09
N ILE D 164 -37.00 -4.01 45.86
CA ILE D 164 -36.40 -2.68 45.71
C ILE D 164 -36.07 -2.16 47.10
N ASN D 165 -34.90 -1.54 47.25
CA ASN D 165 -34.56 -0.97 48.55
C ASN D 165 -34.05 0.45 48.38
N HIS D 166 -34.17 1.24 49.45
CA HIS D 166 -33.77 2.64 49.46
C HIS D 166 -32.58 2.83 50.39
N ILE D 167 -31.47 3.29 49.83
CA ILE D 167 -30.22 3.49 50.56
C ILE D 167 -29.75 4.92 50.33
N ARG D 168 -29.47 5.63 51.41
CA ARG D 168 -28.76 6.90 51.35
C ARG D 168 -27.42 6.86 52.05
N GLN D 169 -27.34 6.22 53.22
CA GLN D 169 -26.07 5.92 53.87
C GLN D 169 -25.92 4.41 53.93
N GLY D 170 -24.78 3.95 54.45
CA GLY D 170 -24.41 2.55 54.33
C GLY D 170 -25.21 1.54 55.15
N GLU D 171 -26.52 1.51 54.94
CA GLU D 171 -27.40 0.57 55.61
C GLU D 171 -28.68 0.45 54.80
N VAL D 172 -29.40 -0.64 55.02
CA VAL D 172 -30.71 -0.82 54.40
C VAL D 172 -31.77 -0.15 55.27
N ALA D 173 -32.93 0.10 54.68
CA ALA D 173 -34.03 0.75 55.39
C ALA D 173 -35.17 -0.20 55.72
N ARG D 174 -35.70 -0.91 54.72
CA ARG D 174 -36.89 -1.72 54.92
C ARG D 174 -36.85 -2.84 53.87
N ALA D 175 -37.86 -3.71 53.88
CA ALA D 175 -37.90 -4.87 52.98
C ALA D 175 -39.20 -4.85 52.19
N TRP D 176 -39.07 -4.60 50.89
CA TRP D 176 -40.17 -4.73 49.95
C TRP D 176 -40.23 -6.17 49.44
N ARG D 177 -41.42 -6.76 49.43
CA ARG D 177 -41.64 -8.14 48.97
C ARG D 177 -42.86 -8.15 48.07
N PHE D 178 -42.66 -8.48 46.79
CA PHE D 178 -43.71 -8.34 45.77
C PHE D 178 -43.97 -9.69 45.11
N ASP D 179 -44.74 -9.61 44.02
CA ASP D 179 -44.74 -10.58 42.94
C ASP D 179 -44.83 -9.75 41.68
N ALA D 180 -44.79 -10.39 40.51
CA ALA D 180 -45.16 -9.72 39.27
C ALA D 180 -46.27 -10.47 38.53
N LEU D 181 -46.91 -11.40 39.23
CA LEU D 181 -48.14 -12.05 38.76
C LEU D 181 -49.37 -11.53 39.48
N ALA D 182 -49.26 -11.20 40.77
CA ALA D 182 -50.29 -10.43 41.43
C ALA D 182 -50.32 -9.00 40.91
N ILE D 183 -49.16 -8.39 40.77
CA ILE D 183 -49.05 -7.13 40.04
C ILE D 183 -49.21 -7.42 38.57
N GLY D 184 -50.22 -6.82 37.95
CA GLY D 184 -50.44 -7.00 36.53
C GLY D 184 -49.34 -6.36 35.70
N LEU D 185 -49.25 -6.81 34.45
CA LEU D 185 -48.22 -6.28 33.57
C LEU D 185 -48.58 -4.87 33.10
N ARG D 186 -49.87 -4.61 32.85
CA ARG D 186 -50.30 -3.42 32.15
C ARG D 186 -51.23 -2.51 32.96
N ASP D 187 -51.32 -2.71 34.27
CA ASP D 187 -52.29 -1.98 35.07
C ASP D 187 -51.66 -0.72 35.67
N PHE D 188 -52.32 0.42 35.44
CA PHE D 188 -51.95 1.71 36.02
C PHE D 188 -52.75 1.97 37.29
N LYS D 189 -52.71 1.01 38.22
CA LYS D 189 -53.46 1.07 39.47
C LYS D 189 -52.73 1.93 40.49
N ALA D 190 -53.16 1.86 41.75
CA ALA D 190 -52.55 2.64 42.82
C ALA D 190 -52.70 1.87 44.13
N ASP D 191 -51.66 1.16 44.53
CA ASP D 191 -51.66 0.41 45.77
C ASP D 191 -51.16 1.31 46.91
N ALA D 192 -50.84 0.71 48.05
CA ALA D 192 -50.40 1.45 49.23
C ALA D 192 -48.88 1.52 49.35
N GLU D 193 -48.22 0.36 49.44
CA GLU D 193 -46.77 0.34 49.60
C GLU D 193 -46.07 0.67 48.28
N LEU D 194 -46.69 0.28 47.16
CA LEU D 194 -46.21 0.75 45.86
C LEU D 194 -46.35 2.25 45.70
N ASP D 195 -47.38 2.86 46.30
CA ASP D 195 -47.41 4.32 46.28
C ASP D 195 -46.50 4.94 47.32
N ALA D 196 -46.07 4.21 48.35
CA ALA D 196 -45.02 4.71 49.22
C ALA D 196 -43.69 4.80 48.47
N LEU D 197 -43.34 3.72 47.77
CA LEU D 197 -42.14 3.73 46.94
C LEU D 197 -42.29 4.70 45.76
N ALA D 198 -43.50 4.87 45.24
CA ALA D 198 -43.73 5.88 44.21
C ALA D 198 -43.65 7.28 44.77
N GLU D 199 -43.96 7.48 46.05
CA GLU D 199 -43.76 8.77 46.68
C GLU D 199 -42.28 9.07 46.84
N LEU D 200 -41.50 8.03 47.12
CA LEU D 200 -40.04 8.17 47.12
C LEU D 200 -39.51 8.58 45.75
N ILE D 201 -40.02 7.92 44.69
CA ILE D 201 -39.61 8.27 43.33
C ILE D 201 -40.07 9.67 42.96
N ALA D 202 -41.24 10.09 43.44
CA ALA D 202 -41.72 11.45 43.19
C ALA D 202 -40.83 12.50 43.86
N SER D 203 -40.42 12.22 45.10
CA SER D 203 -39.49 13.10 45.81
C SER D 203 -38.14 13.18 45.09
N GLY D 204 -37.68 12.05 44.55
CA GLY D 204 -36.42 12.08 43.83
C GLY D 204 -36.51 12.80 42.49
N LEU D 205 -37.60 12.59 41.77
CA LEU D 205 -37.74 13.15 40.42
C LEU D 205 -37.96 14.65 40.44
N SER D 206 -38.81 15.15 41.35
CA SER D 206 -39.20 16.54 41.26
C SER D 206 -38.12 17.52 41.70
N GLY D 207 -37.02 17.04 42.27
CA GLY D 207 -35.92 17.89 42.64
C GLY D 207 -35.90 18.36 44.08
N SER D 208 -36.67 17.74 44.94
CA SER D 208 -36.73 18.11 46.34
C SER D 208 -35.81 17.28 47.21
N GLY D 209 -34.88 16.53 46.59
CA GLY D 209 -33.95 15.71 47.33
C GLY D 209 -33.10 14.87 46.42
N HIS D 210 -32.76 13.66 46.87
CA HIS D 210 -31.95 12.76 46.08
C HIS D 210 -32.25 11.33 46.52
N VAL D 211 -32.17 10.39 45.59
CA VAL D 211 -32.61 9.02 45.83
C VAL D 211 -31.68 8.07 45.09
N LEU D 212 -31.42 6.91 45.72
CA LEU D 212 -30.63 5.83 45.15
C LEU D 212 -31.45 4.56 45.28
N LEU D 213 -32.01 4.07 44.17
CA LEU D 213 -32.88 2.90 44.18
C LEU D 213 -32.14 1.73 43.57
N GLU D 214 -31.83 0.72 44.37
CA GLU D 214 -31.37 -0.50 43.76
C GLU D 214 -32.52 -1.49 43.68
N VAL D 215 -32.51 -2.27 42.60
CA VAL D 215 -33.62 -3.12 42.22
C VAL D 215 -33.10 -4.54 42.06
N VAL D 216 -33.70 -5.47 42.80
CA VAL D 216 -33.27 -6.85 42.86
C VAL D 216 -34.50 -7.70 42.56
N ALA D 217 -34.60 -8.21 41.33
CA ALA D 217 -35.72 -9.03 40.92
C ALA D 217 -35.31 -10.50 40.98
N PHE D 218 -35.95 -11.26 41.88
CA PHE D 218 -35.79 -12.71 41.97
C PHE D 218 -36.69 -13.36 40.92
N ALA D 219 -36.17 -13.47 39.70
CA ALA D 219 -36.90 -14.14 38.64
C ALA D 219 -36.85 -15.64 38.87
N ARG D 220 -38.00 -16.25 39.13
CA ARG D 220 -38.06 -17.69 39.36
C ARG D 220 -38.30 -18.38 38.02
N ILE D 221 -37.22 -18.86 37.40
CA ILE D 221 -37.27 -19.40 36.05
C ILE D 221 -37.07 -20.91 36.04
N GLY D 222 -36.20 -21.43 36.88
CA GLY D 222 -36.15 -22.87 37.07
C GLY D 222 -34.79 -23.34 37.57
N ASP D 223 -34.73 -24.65 37.85
CA ASP D 223 -33.54 -25.31 38.38
C ASP D 223 -32.55 -25.57 37.25
N GLY D 224 -31.91 -24.49 36.80
CA GLY D 224 -30.97 -24.55 35.71
C GLY D 224 -31.56 -24.23 34.36
N GLN D 225 -32.57 -23.38 34.30
CA GLN D 225 -33.26 -23.07 33.05
C GLN D 225 -32.57 -21.89 32.37
N GLU D 226 -32.65 -21.87 31.04
CA GLU D 226 -31.86 -20.96 30.21
C GLU D 226 -32.38 -19.53 30.31
N VAL D 227 -31.48 -18.60 30.54
CA VAL D 227 -31.78 -17.17 30.52
C VAL D 227 -30.99 -16.52 29.39
N PHE D 228 -31.34 -15.28 29.09
CA PHE D 228 -30.89 -14.63 27.87
C PHE D 228 -30.47 -13.19 28.13
N PRO D 229 -29.20 -12.95 28.44
CA PRO D 229 -28.69 -11.58 28.46
C PRO D 229 -28.47 -11.04 27.06
N SER D 230 -28.03 -9.79 26.97
CA SER D 230 -27.98 -9.13 25.67
C SER D 230 -26.82 -9.65 24.83
N GLN D 231 -26.93 -9.42 23.52
CA GLN D 231 -25.96 -9.90 22.55
C GLN D 231 -25.18 -8.72 21.99
N GLU D 232 -23.86 -8.77 22.12
CA GLU D 232 -22.98 -7.78 21.53
C GLU D 232 -22.79 -8.05 20.05
N LEU D 233 -22.33 -7.03 19.33
CA LEU D 233 -22.20 -7.12 17.88
C LEU D 233 -20.89 -7.82 17.52
N ILE D 234 -20.66 -7.95 16.21
CA ILE D 234 -19.41 -8.50 15.68
C ILE D 234 -19.26 -7.94 14.27
N LEU D 235 -18.03 -7.93 13.77
CA LEU D 235 -17.69 -7.31 12.49
C LEU D 235 -17.20 -8.37 11.50
N ASP D 236 -16.72 -7.91 10.35
CA ASP D 236 -16.31 -8.78 9.25
C ASP D 236 -14.86 -9.24 9.35
N LYS D 237 -14.27 -9.23 10.55
CA LYS D 237 -12.90 -9.68 10.75
C LYS D 237 -12.83 -11.04 11.45
N GLY D 238 -13.95 -11.72 11.62
CA GLY D 238 -13.97 -13.01 12.28
C GLY D 238 -14.78 -14.03 11.50
N ASP D 239 -14.29 -15.26 11.47
CA ASP D 239 -14.92 -16.34 10.73
C ASP D 239 -16.05 -16.95 11.56
N LYS D 240 -16.57 -18.09 11.11
CA LYS D 240 -17.68 -18.75 11.80
C LYS D 240 -17.22 -19.34 13.13
N LYS D 241 -16.12 -20.08 13.12
CA LYS D 241 -15.50 -20.54 14.36
C LYS D 241 -14.83 -19.35 15.04
N GLY D 242 -15.23 -19.08 16.28
CA GLY D 242 -14.76 -17.88 16.94
C GLY D 242 -15.90 -17.01 17.44
N GLN D 243 -17.06 -17.65 17.69
CA GLN D 243 -18.26 -17.05 18.28
C GLN D 243 -18.79 -15.89 17.41
N LYS D 244 -19.21 -16.25 16.20
CA LYS D 244 -19.72 -15.29 15.24
C LYS D 244 -21.20 -15.02 15.43
N SER D 245 -21.98 -16.05 15.78
CA SER D 245 -23.44 -15.93 15.80
C SER D 245 -23.91 -15.18 17.04
N LYS D 246 -23.66 -15.73 18.23
CA LYS D 246 -24.10 -15.12 19.46
C LYS D 246 -22.93 -14.94 20.40
N THR D 247 -22.84 -13.76 21.02
CA THR D 247 -21.91 -13.50 22.10
C THR D 247 -22.68 -12.78 23.23
N LEU D 248 -22.82 -13.45 24.35
CA LEU D 248 -23.61 -12.92 25.46
C LEU D 248 -22.82 -11.86 26.19
N TYR D 249 -23.48 -10.72 26.48
CA TYR D 249 -22.83 -9.61 27.18
C TYR D 249 -22.44 -10.01 28.59
N SER D 250 -21.32 -9.48 29.06
CA SER D 250 -20.74 -9.93 30.31
C SER D 250 -20.04 -8.79 31.03
N VAL D 251 -19.82 -9.01 32.32
CA VAL D 251 -18.89 -8.29 33.19
C VAL D 251 -17.93 -9.35 33.70
N ARG D 252 -17.06 -8.98 34.63
CA ARG D 252 -15.92 -9.79 35.01
C ARG D 252 -16.33 -11.13 35.61
N ASP D 253 -16.23 -12.18 34.78
CA ASP D 253 -16.63 -13.56 35.09
C ASP D 253 -18.10 -13.64 35.51
N ALA D 254 -18.97 -12.88 34.82
CA ALA D 254 -20.41 -12.96 35.06
C ALA D 254 -21.14 -12.43 33.85
N ALA D 255 -22.34 -12.94 33.58
CA ALA D 255 -23.14 -12.34 32.52
C ALA D 255 -23.83 -11.10 33.05
N ALA D 256 -24.31 -10.26 32.13
CA ALA D 256 -24.84 -8.96 32.53
C ALA D 256 -25.83 -8.46 31.51
N ILE D 257 -26.54 -7.40 31.90
CA ILE D 257 -27.57 -6.76 31.10
C ILE D 257 -27.16 -5.31 30.89
N HIS D 258 -27.43 -4.77 29.70
CA HIS D 258 -27.01 -3.42 29.33
C HIS D 258 -27.74 -2.37 30.16
N SER D 259 -27.23 -1.14 30.08
CA SER D 259 -27.81 -0.01 30.79
C SER D 259 -28.81 0.75 29.93
N GLN D 260 -28.54 0.91 28.64
CA GLN D 260 -29.49 1.59 27.76
C GLN D 260 -30.72 0.73 27.49
N LYS D 261 -30.62 -0.58 27.75
CA LYS D 261 -31.72 -1.48 27.44
C LYS D 261 -32.72 -1.52 28.58
N ILE D 262 -32.24 -1.70 29.82
CA ILE D 262 -33.07 -1.50 31.00
C ILE D 262 -33.58 -0.07 31.07
N GLY D 263 -32.73 0.90 30.71
CA GLY D 263 -33.10 2.30 30.73
C GLY D 263 -34.08 2.71 29.65
N ASN D 264 -34.41 1.82 28.71
CA ASN D 264 -35.60 2.01 27.90
C ASN D 264 -36.77 1.16 28.39
N ALA D 265 -36.49 0.08 29.09
CA ALA D 265 -37.56 -0.76 29.61
C ALA D 265 -37.95 -0.40 31.03
N LEU D 266 -37.80 0.88 31.40
CA LEU D 266 -38.34 1.44 32.63
C LEU D 266 -38.99 2.79 32.39
N ARG D 267 -39.36 3.10 31.16
CA ARG D 267 -39.82 4.44 30.81
C ARG D 267 -41.09 4.40 29.94
N THR D 268 -42.08 3.63 30.36
CA THR D 268 -43.39 3.66 29.68
C THR D 268 -44.32 4.64 30.37
N ILE D 269 -44.64 5.73 29.68
CA ILE D 269 -45.69 6.66 30.07
C ILE D 269 -46.69 6.73 28.92
N ASP D 270 -46.19 6.51 27.71
CA ASP D 270 -46.97 6.69 26.49
C ASP D 270 -47.88 5.49 26.28
N THR D 271 -49.11 5.59 26.79
CA THR D 271 -50.18 4.68 26.39
C THR D 271 -51.33 5.46 25.78
N TRP D 272 -51.00 6.45 24.96
CA TRP D 272 -51.98 7.11 24.10
C TRP D 272 -51.46 7.14 22.67
N TYR D 273 -50.71 6.14 22.28
CA TYR D 273 -50.46 5.93 20.87
C TYR D 273 -51.76 5.51 20.20
N PRO D 274 -51.99 5.90 18.92
CA PRO D 274 -53.37 5.95 18.42
C PRO D 274 -54.03 4.60 18.18
N ASP D 275 -53.27 3.54 17.89
CA ASP D 275 -53.87 2.31 17.40
C ASP D 275 -54.66 1.54 18.45
N GLU D 276 -53.99 0.96 19.44
CA GLU D 276 -54.67 0.24 20.53
C GLU D 276 -53.72 0.06 21.69
N ASP D 277 -53.95 0.80 22.78
CA ASP D 277 -53.18 0.62 24.01
C ASP D 277 -53.42 -0.75 24.62
N GLY D 278 -54.61 -1.33 24.40
CA GLY D 278 -54.94 -2.68 24.78
C GLY D 278 -54.06 -3.76 24.16
N LEU D 279 -53.30 -3.44 23.10
CA LEU D 279 -52.34 -4.36 22.55
C LEU D 279 -50.98 -4.26 23.24
N GLY D 280 -50.93 -3.71 24.44
CA GLY D 280 -49.70 -3.63 25.18
C GLY D 280 -49.03 -2.30 24.99
N PRO D 281 -48.49 -1.72 26.07
CA PRO D 281 -47.84 -0.42 25.97
C PRO D 281 -46.51 -0.45 25.26
N ILE D 282 -45.88 0.71 25.13
CA ILE D 282 -44.67 0.83 24.33
C ILE D 282 -43.57 1.49 25.15
N ALA D 283 -42.45 1.81 24.50
CA ALA D 283 -41.36 2.54 25.11
C ALA D 283 -41.32 3.96 24.57
N VAL D 284 -41.11 4.93 25.46
CA VAL D 284 -41.24 6.34 25.11
C VAL D 284 -40.05 6.77 24.26
N GLU D 285 -40.32 7.24 23.04
CA GLU D 285 -39.36 7.94 22.20
C GLU D 285 -40.07 9.05 21.45
N PRO D 286 -39.36 10.11 21.09
CA PRO D 286 -39.85 11.00 20.02
C PRO D 286 -39.92 10.22 18.72
N TYR D 287 -40.95 10.52 17.92
CA TYR D 287 -41.41 9.66 16.82
C TYR D 287 -41.60 8.22 17.34
N GLY D 288 -42.60 8.09 18.22
CA GLY D 288 -42.74 6.92 19.07
C GLY D 288 -42.83 5.60 18.35
N SER D 289 -41.72 4.89 18.35
CA SER D 289 -41.51 3.75 17.48
C SER D 289 -41.05 2.57 18.29
N VAL D 290 -41.42 1.39 17.84
CA VAL D 290 -41.08 0.15 18.51
C VAL D 290 -40.44 -0.80 17.49
N THR D 291 -39.11 -0.87 17.50
CA THR D 291 -38.39 -1.82 16.66
C THR D 291 -38.59 -3.26 17.09
N SER D 292 -39.13 -3.48 18.29
CA SER D 292 -39.62 -4.80 18.68
C SER D 292 -40.76 -5.26 17.78
N GLN D 293 -41.52 -4.33 17.21
CA GLN D 293 -42.53 -4.63 16.21
C GLN D 293 -42.37 -3.80 14.95
N GLY D 294 -41.30 -3.03 14.83
CA GLY D 294 -40.91 -2.38 13.58
C GLY D 294 -41.82 -1.32 13.03
N LYS D 295 -42.92 -0.99 13.72
CA LYS D 295 -43.96 -0.13 13.16
C LYS D 295 -43.82 1.28 13.71
N ALA D 296 -44.09 2.26 12.86
CA ALA D 296 -43.88 3.68 13.18
C ALA D 296 -45.19 4.28 13.65
N TYR D 297 -45.48 4.14 14.94
CA TYR D 297 -46.53 4.92 15.54
C TYR D 297 -46.07 6.37 15.68
N ARG D 298 -47.05 7.26 15.90
CA ARG D 298 -46.83 8.71 16.05
C ARG D 298 -46.10 9.29 14.83
N GLN D 299 -46.75 9.15 13.68
CA GLN D 299 -46.29 9.74 12.43
C GLN D 299 -46.20 11.26 12.54
N PRO D 300 -45.23 11.89 11.87
CA PRO D 300 -45.27 13.35 11.76
C PRO D 300 -46.38 13.85 10.85
N LYS D 301 -46.95 12.96 10.02
CA LYS D 301 -48.22 13.24 9.34
C LYS D 301 -49.31 13.61 10.32
N GLN D 302 -49.39 12.90 11.46
CA GLN D 302 -50.35 13.18 12.50
C GLN D 302 -49.78 14.26 13.42
N LYS D 303 -50.46 14.50 14.55
CA LYS D 303 -49.96 15.41 15.56
C LYS D 303 -49.73 14.69 16.88
N LEU D 304 -49.22 13.47 16.77
CA LEU D 304 -48.73 12.71 17.92
C LEU D 304 -47.22 12.63 17.93
N ASP D 305 -46.56 13.25 16.96
CA ASP D 305 -45.12 13.49 16.99
C ASP D 305 -44.76 14.31 18.22
N PHE D 306 -43.75 13.84 18.98
CA PHE D 306 -43.30 14.58 20.15
C PHE D 306 -42.71 15.93 19.78
N TYR D 307 -42.01 16.02 18.66
CA TYR D 307 -41.41 17.29 18.29
C TYR D 307 -42.48 18.32 17.98
N THR D 308 -43.62 17.86 17.44
CA THR D 308 -44.79 18.71 17.30
C THR D 308 -45.37 19.07 18.67
N LEU D 309 -45.36 18.11 19.61
CA LEU D 309 -45.88 18.37 20.96
C LEU D 309 -45.05 19.40 21.71
N LEU D 310 -43.73 19.29 21.63
CA LEU D 310 -42.86 20.22 22.35
C LEU D 310 -42.86 21.59 21.67
N ASP D 311 -42.89 21.60 20.33
CA ASP D 311 -43.00 22.86 19.61
C ASP D 311 -44.37 23.50 19.72
N ASN D 312 -45.38 22.78 20.18
CA ASN D 312 -46.64 23.42 20.52
C ASN D 312 -46.75 23.82 21.98
N TRP D 313 -46.16 23.04 22.88
CA TRP D 313 -46.28 23.32 24.30
C TRP D 313 -45.25 24.33 24.78
N VAL D 314 -44.25 24.66 23.94
CA VAL D 314 -43.29 25.71 24.26
C VAL D 314 -43.41 26.89 23.29
N LEU D 315 -43.21 26.65 22.00
CA LEU D 315 -43.09 27.75 21.04
C LEU D 315 -44.44 28.41 20.77
N ARG D 316 -45.35 27.65 20.18
CA ARG D 316 -46.60 28.19 19.68
C ARG D 316 -47.64 28.42 20.76
N ASP D 317 -47.32 28.06 22.01
CA ASP D 317 -48.09 28.36 23.22
C ASP D 317 -49.47 27.70 23.24
N GLU D 318 -49.66 26.64 22.45
CA GLU D 318 -50.89 25.87 22.44
C GLU D 318 -50.66 24.55 23.18
N ALA D 319 -51.21 24.44 24.38
CA ALA D 319 -50.92 23.29 25.23
C ALA D 319 -51.71 22.07 24.75
N PRO D 320 -51.10 20.90 24.79
CA PRO D 320 -51.83 19.68 24.42
C PRO D 320 -52.60 19.11 25.58
N ALA D 321 -53.15 17.91 25.39
CA ALA D 321 -53.83 17.19 26.45
C ALA D 321 -52.86 16.85 27.58
N VAL D 322 -53.42 16.66 28.77
CA VAL D 322 -52.62 16.41 29.98
C VAL D 322 -51.82 15.12 29.82
N GLU D 323 -52.43 14.13 29.16
CA GLU D 323 -51.75 12.87 28.89
C GLU D 323 -50.64 13.04 27.86
N GLN D 324 -50.84 13.94 26.89
CA GLN D 324 -49.74 14.29 25.99
C GLN D 324 -48.63 15.02 26.75
N GLN D 325 -48.98 15.78 27.80
CA GLN D 325 -47.95 16.47 28.56
C GLN D 325 -47.16 15.52 29.45
N HIS D 326 -47.82 14.48 29.99
CA HIS D 326 -47.10 13.40 30.64
C HIS D 326 -46.11 12.74 29.68
N TYR D 327 -46.52 12.58 28.41
CA TYR D 327 -45.60 12.01 27.41
C TYR D 327 -44.44 12.97 27.08
N VAL D 328 -44.73 14.26 27.01
CA VAL D 328 -43.71 15.28 26.74
C VAL D 328 -42.63 15.25 27.80
N ILE D 329 -43.03 15.17 29.07
CA ILE D 329 -42.00 15.16 30.10
C ILE D 329 -41.40 13.77 30.29
N ALA D 330 -42.07 12.71 29.81
CA ALA D 330 -41.41 11.41 29.74
C ALA D 330 -40.20 11.42 28.81
N ASN D 331 -40.32 12.06 27.64
CA ASN D 331 -39.13 12.16 26.79
C ASN D 331 -38.46 13.55 26.83
N LEU D 332 -38.77 14.37 27.82
CA LEU D 332 -37.83 15.36 28.33
C LEU D 332 -37.06 14.84 29.53
N ILE D 333 -37.43 13.68 30.07
CA ILE D 333 -36.75 13.12 31.22
C ILE D 333 -36.00 11.83 30.86
N ARG D 334 -36.25 11.25 29.69
CA ARG D 334 -35.38 10.15 29.25
C ARG D 334 -34.04 10.63 28.72
N GLY D 335 -33.89 11.92 28.45
CA GLY D 335 -32.68 12.45 27.83
C GLY D 335 -32.82 12.57 26.33
N GLY D 336 -31.68 12.65 25.65
CA GLY D 336 -31.67 12.61 24.20
C GLY D 336 -31.09 13.83 23.51
N VAL D 337 -30.66 13.66 22.27
CA VAL D 337 -30.31 14.80 21.43
C VAL D 337 -31.61 15.40 20.90
N PHE D 338 -31.64 16.71 20.74
CA PHE D 338 -32.79 17.39 20.16
C PHE D 338 -32.24 18.50 19.27
N GLY D 339 -33.11 19.39 18.82
CA GLY D 339 -32.65 20.48 17.98
C GLY D 339 -32.30 20.08 16.57
N GLU D 340 -32.14 21.06 15.68
CA GLU D 340 -31.81 20.75 14.30
C GLU D 340 -30.33 20.35 14.16
N ILE E 7 3.84 57.34 21.25
CA ILE E 7 2.73 56.48 21.63
C ILE E 7 3.12 55.02 21.49
N LEU E 8 3.02 54.28 22.59
CA LEU E 8 3.40 52.89 22.61
C LEU E 8 2.35 52.04 21.90
N SER E 9 2.76 50.86 21.43
CA SER E 9 1.87 49.92 20.77
C SER E 9 2.13 48.52 21.29
N THR E 10 1.09 47.69 21.26
CA THR E 10 1.22 46.32 21.71
C THR E 10 2.05 45.51 20.71
N ALA E 11 2.78 44.53 21.23
CA ALA E 11 3.70 43.78 20.40
C ALA E 11 2.93 42.78 19.54
N SER E 12 3.62 42.25 18.54
CA SER E 12 2.97 41.40 17.56
C SER E 12 2.73 40.00 18.10
N VAL E 13 3.68 39.46 18.85
CA VAL E 13 3.57 38.11 19.40
C VAL E 13 3.80 38.20 20.90
N LEU E 14 2.72 38.15 21.68
CA LEU E 14 2.80 37.85 23.09
C LEU E 14 2.47 36.39 23.32
N ALA E 15 3.07 35.82 24.36
CA ALA E 15 2.78 34.46 24.74
C ALA E 15 3.07 34.31 26.22
N PHE E 16 2.15 33.70 26.95
CA PHE E 16 2.28 33.51 28.38
C PHE E 16 2.21 32.03 28.71
N GLU E 17 2.98 31.61 29.71
CA GLU E 17 3.00 30.22 30.10
C GLU E 17 1.75 29.88 30.90
N ARG E 18 1.61 28.62 31.25
CA ARG E 18 0.44 28.13 31.98
C ARG E 18 0.82 27.97 33.44
N LYS E 19 0.46 28.97 34.24
CA LYS E 19 0.44 28.76 35.67
C LYS E 19 -0.82 27.98 36.03
N LEU E 20 -0.85 27.45 37.26
CA LEU E 20 -1.86 26.49 37.72
C LEU E 20 -1.91 25.29 36.78
N ASP E 21 -0.80 24.55 36.78
CA ASP E 21 -0.58 23.44 35.87
C ASP E 21 -1.17 22.17 36.45
N PRO E 22 -2.22 21.58 35.84
CA PRO E 22 -2.75 20.32 36.36
C PRO E 22 -2.20 19.11 35.63
N SER E 23 -2.28 17.94 36.25
CA SER E 23 -2.04 16.69 35.57
C SER E 23 -3.34 16.19 34.97
N ASP E 24 -3.38 14.92 34.57
CA ASP E 24 -4.63 14.28 34.24
C ASP E 24 -5.21 13.60 35.47
N ALA E 25 -6.52 13.42 35.46
CA ALA E 25 -7.14 12.70 36.58
C ALA E 25 -7.23 11.23 36.26
N LEU E 26 -6.95 10.40 37.28
CA LEU E 26 -7.02 8.95 37.11
C LEU E 26 -8.10 8.42 38.03
N MET E 27 -9.15 7.82 37.48
CA MET E 27 -10.24 7.40 38.34
C MET E 27 -10.01 5.99 38.88
N SER E 28 -10.56 5.73 40.07
CA SER E 28 -10.58 4.40 40.64
C SER E 28 -11.81 4.28 41.53
N ALA E 29 -12.00 3.12 42.15
CA ALA E 29 -13.26 2.82 42.81
C ALA E 29 -13.07 1.82 43.94
N GLY E 30 -13.29 2.25 45.18
CA GLY E 30 -13.25 1.37 46.33
C GLY E 30 -14.50 1.48 47.17
N ALA E 31 -14.49 0.89 48.36
CA ALA E 31 -15.65 0.91 49.24
C ALA E 31 -15.56 2.06 50.22
N TRP E 32 -16.70 2.70 50.47
CA TRP E 32 -16.78 3.82 51.40
C TRP E 32 -16.62 3.33 52.83
N ALA E 33 -16.08 4.23 53.68
CA ALA E 33 -15.48 4.03 55.00
C ALA E 33 -14.17 3.25 54.94
N GLN E 34 -13.71 2.86 53.76
CA GLN E 34 -12.36 2.36 53.55
C GLN E 34 -11.54 3.35 52.73
N ARG E 35 -12.08 4.55 52.54
CA ARG E 35 -11.47 5.59 51.72
C ARG E 35 -10.18 6.14 52.32
N ASP E 36 -9.88 5.88 53.58
CA ASP E 36 -8.59 6.28 54.13
C ASP E 36 -7.47 5.41 53.59
N ALA E 37 -7.80 4.18 53.19
CA ALA E 37 -6.80 3.24 52.68
C ALA E 37 -6.63 3.33 51.18
N SER E 38 -6.92 4.49 50.58
CA SER E 38 -6.98 4.64 49.13
C SER E 38 -5.57 4.75 48.55
N GLN E 39 -4.89 3.60 48.52
CA GLN E 39 -3.64 3.46 47.79
C GLN E 39 -3.61 2.21 46.93
N GLU E 40 -4.51 1.25 47.17
CA GLU E 40 -4.51 -0.04 46.49
C GLU E 40 -5.80 -0.25 45.71
N TRP E 41 -6.49 0.82 45.37
CA TRP E 41 -7.80 0.64 44.77
C TRP E 41 -7.66 0.35 43.27
N PRO E 42 -8.47 -0.58 42.75
CA PRO E 42 -8.43 -0.86 41.31
C PRO E 42 -9.03 0.29 40.53
N ALA E 43 -8.41 0.59 39.38
CA ALA E 43 -8.85 1.71 38.58
C ALA E 43 -10.08 1.35 37.77
N VAL E 44 -10.78 2.38 37.32
CA VAL E 44 -11.93 2.20 36.45
C VAL E 44 -11.42 1.97 35.03
N THR E 45 -11.88 0.88 34.42
CA THR E 45 -11.36 0.44 33.12
C THR E 45 -12.40 0.76 32.04
N VAL E 46 -11.98 1.49 31.02
CA VAL E 46 -12.85 1.76 29.88
C VAL E 46 -12.96 0.50 29.03
N ARG E 47 -14.20 0.07 28.77
CA ARG E 47 -14.47 -1.08 27.93
C ARG E 47 -15.76 -0.85 27.17
N GLU E 48 -16.07 -1.76 26.25
CA GLU E 48 -17.03 -1.50 25.19
C GLU E 48 -18.40 -2.10 25.50
N LYS E 49 -19.39 -1.62 24.75
CA LYS E 49 -20.70 -2.25 24.68
C LYS E 49 -21.30 -1.91 23.32
N SER E 50 -22.42 -2.56 23.00
CA SER E 50 -23.13 -2.34 21.75
C SER E 50 -24.36 -1.50 21.99
N VAL E 51 -24.88 -0.94 20.90
CA VAL E 51 -26.15 -0.20 20.96
C VAL E 51 -26.88 -0.32 19.64
N ARG E 52 -28.16 -0.72 19.72
CA ARG E 52 -29.09 -0.67 18.60
C ARG E 52 -29.91 0.60 18.75
N GLY E 53 -29.65 1.57 17.90
CA GLY E 53 -30.29 2.86 17.98
C GLY E 53 -31.63 2.89 17.29
N THR E 54 -32.11 4.11 17.06
CA THR E 54 -33.31 4.43 16.31
C THR E 54 -33.16 5.87 15.88
N ILE E 55 -33.63 6.20 14.67
CA ILE E 55 -33.59 7.59 14.22
C ILE E 55 -34.49 8.43 15.13
N SER E 56 -33.88 9.37 15.83
CA SER E 56 -34.58 10.08 16.89
C SER E 56 -34.25 11.56 16.96
N ASN E 57 -33.45 12.11 16.05
CA ASN E 57 -33.25 13.54 16.01
C ASN E 57 -34.44 14.21 15.32
N ARG E 58 -34.42 15.53 15.23
CA ARG E 58 -35.49 16.20 14.51
C ARG E 58 -35.32 15.98 13.02
N LEU E 59 -36.00 14.95 12.51
CA LEU E 59 -36.01 14.71 11.07
C LEU E 59 -36.83 15.80 10.38
N LYS E 60 -36.31 16.30 9.27
CA LYS E 60 -36.96 17.37 8.52
C LYS E 60 -38.25 16.87 7.90
N THR E 61 -39.37 17.42 8.34
CA THR E 61 -40.69 17.00 7.85
C THR E 61 -41.09 17.73 6.58
N LYS E 62 -40.17 17.75 5.61
CA LYS E 62 -40.48 18.00 4.21
C LYS E 62 -40.47 16.72 3.42
N ASP E 63 -40.08 15.62 4.05
CA ASP E 63 -40.11 14.28 3.44
C ASP E 63 -40.43 13.30 4.56
N ARG E 64 -41.70 12.94 4.69
CA ARG E 64 -42.17 12.00 5.72
C ARG E 64 -42.93 10.90 5.00
N ASP E 65 -42.19 9.92 4.49
CA ASP E 65 -42.76 8.79 3.79
C ASP E 65 -42.64 7.55 4.65
N PRO E 66 -43.73 6.78 4.81
CA PRO E 66 -43.66 5.54 5.61
C PRO E 66 -42.72 4.51 5.04
N ALA E 67 -42.42 4.56 3.73
CA ALA E 67 -41.46 3.64 3.13
C ALA E 67 -40.06 3.86 3.71
N LYS E 68 -39.55 5.09 3.66
CA LYS E 68 -38.20 5.30 4.18
C LYS E 68 -38.17 5.38 5.71
N LEU E 69 -39.28 5.79 6.35
CA LEU E 69 -39.34 5.75 7.80
C LEU E 69 -39.30 4.32 8.32
N ASP E 70 -40.07 3.41 7.71
CA ASP E 70 -39.99 2.02 8.10
C ASP E 70 -38.70 1.37 7.62
N ALA E 71 -38.09 1.87 6.54
CA ALA E 71 -36.76 1.37 6.17
C ALA E 71 -35.72 1.74 7.22
N SER E 72 -35.91 2.89 7.89
CA SER E 72 -35.06 3.22 9.03
C SER E 72 -35.37 2.32 10.23
N ILE E 73 -36.65 2.15 10.54
CA ILE E 73 -37.02 1.53 11.82
C ILE E 73 -36.90 -0.01 11.78
N GLN E 74 -37.04 -0.64 10.60
CA GLN E 74 -36.83 -2.08 10.49
C GLN E 74 -35.37 -2.45 10.75
N SER E 75 -34.44 -1.81 10.06
CA SER E 75 -33.01 -2.06 10.19
C SER E 75 -32.32 -0.79 10.64
N PRO E 76 -32.28 -0.51 11.93
CA PRO E 76 -31.71 0.75 12.42
C PRO E 76 -30.19 0.70 12.42
N ASN E 77 -29.58 1.84 12.76
CA ASN E 77 -28.14 1.88 12.93
C ASN E 77 -27.74 1.14 14.21
N LEU E 78 -26.52 0.61 14.20
CA LEU E 78 -26.05 -0.20 15.31
C LEU E 78 -24.55 -0.09 15.40
N GLN E 79 -24.05 0.19 16.60
CA GLN E 79 -22.67 0.63 16.72
C GLN E 79 -22.10 0.27 18.09
N THR E 80 -20.78 0.41 18.21
CA THR E 80 -20.08 0.11 19.44
C THR E 80 -19.73 1.42 20.16
N VAL E 81 -20.15 1.51 21.41
CA VAL E 81 -19.89 2.67 22.25
C VAL E 81 -19.23 2.17 23.53
N ASP E 82 -18.12 2.79 23.92
CA ASP E 82 -17.46 2.38 25.14
C ASP E 82 -17.95 3.19 26.34
N VAL E 83 -17.99 2.53 27.48
CA VAL E 83 -18.61 3.04 28.71
C VAL E 83 -17.77 2.59 29.90
N ALA E 84 -17.40 3.54 30.75
CA ALA E 84 -16.70 3.25 32.00
C ALA E 84 -17.70 3.15 33.13
N ASN E 85 -17.62 2.06 33.90
CA ASN E 85 -18.51 1.83 35.03
C ASN E 85 -17.66 1.47 36.24
N LEU E 86 -18.29 1.49 37.42
CA LEU E 86 -17.64 0.98 38.60
C LEU E 86 -17.62 -0.55 38.60
N PRO E 87 -16.79 -1.16 39.44
CA PRO E 87 -16.98 -2.57 39.76
C PRO E 87 -18.24 -2.86 40.56
N SER E 88 -18.45 -4.13 40.91
CA SER E 88 -19.67 -4.54 41.58
C SER E 88 -19.68 -4.10 43.04
N ASP E 89 -18.59 -4.37 43.77
CA ASP E 89 -18.56 -4.12 45.20
C ASP E 89 -18.44 -2.64 45.51
N ALA E 90 -17.63 -1.92 44.75
CA ALA E 90 -17.26 -0.56 45.12
C ALA E 90 -18.39 0.42 44.87
N ASP E 91 -18.41 1.49 45.65
CA ASP E 91 -19.41 2.52 45.53
C ASP E 91 -18.86 3.93 45.40
N THR E 92 -17.57 4.15 45.68
CA THR E 92 -17.00 5.49 45.66
C THR E 92 -16.47 5.81 44.27
N LEU E 93 -15.73 6.91 44.17
CA LEU E 93 -15.03 7.25 42.94
C LEU E 93 -13.81 8.09 43.34
N LYS E 94 -12.67 7.44 43.49
CA LYS E 94 -11.45 8.17 43.82
C LYS E 94 -10.92 8.82 42.56
N VAL E 95 -11.03 10.14 42.48
CA VAL E 95 -10.36 10.89 41.43
C VAL E 95 -9.10 11.49 42.03
N ARG E 96 -7.96 11.26 41.40
CA ARG E 96 -6.69 11.79 41.88
C ARG E 96 -5.99 12.49 40.73
N PHE E 97 -5.61 13.74 40.94
CA PHE E 97 -4.68 14.40 40.05
C PHE E 97 -3.70 15.21 40.88
N THR E 98 -2.74 15.85 40.21
CA THR E 98 -1.83 16.74 40.91
C THR E 98 -1.74 18.06 40.15
N LEU E 99 -1.57 19.13 40.91
CA LEU E 99 -1.67 20.51 40.44
C LEU E 99 -0.49 21.26 41.03
N ARG E 100 0.42 21.70 40.19
CA ARG E 100 1.51 22.53 40.69
C ARG E 100 1.30 23.95 40.22
N VAL E 101 1.77 24.88 41.03
CA VAL E 101 1.53 26.30 40.85
C VAL E 101 2.87 26.97 40.68
N LEU E 102 3.11 27.54 39.50
CA LEU E 102 4.47 27.93 39.14
C LEU E 102 4.85 29.28 39.74
N GLY E 103 4.14 30.34 39.34
CA GLY E 103 4.42 31.65 39.87
C GLY E 103 5.21 32.51 38.89
N GLY E 104 5.13 33.83 39.10
CA GLY E 104 5.70 34.78 38.18
C GLY E 104 4.75 35.06 37.04
N ALA E 105 3.54 35.49 37.39
CA ALA E 105 2.41 35.43 36.46
C ALA E 105 2.55 36.43 35.32
N GLY E 106 3.02 37.65 35.61
CA GLY E 106 3.07 38.67 34.60
C GLY E 106 4.15 38.48 33.55
N THR E 107 5.21 37.75 33.88
CA THR E 107 6.37 37.63 33.01
C THR E 107 6.05 36.80 31.78
N PRO E 108 6.09 37.36 30.58
CA PRO E 108 5.73 36.60 29.38
C PRO E 108 6.83 35.61 28.98
N SER E 109 6.52 34.83 27.95
CA SER E 109 7.49 33.91 27.38
C SER E 109 7.85 34.27 25.94
N ALA E 110 7.32 35.38 25.43
CA ALA E 110 7.70 35.95 24.14
C ALA E 110 7.25 37.40 24.13
N CYS E 111 7.90 38.18 23.27
CA CYS E 111 7.55 39.58 23.06
C CYS E 111 8.19 40.03 21.75
N ASN E 112 7.91 41.27 21.38
CA ASN E 112 8.58 41.88 20.24
C ASN E 112 8.93 43.32 20.55
N ASP E 113 9.12 43.63 21.82
CA ASP E 113 9.37 44.99 22.27
C ASP E 113 9.99 44.93 23.66
N ALA E 114 10.78 45.94 23.99
CA ALA E 114 11.30 46.10 25.34
C ALA E 114 10.48 47.08 26.17
N ALA E 115 10.03 48.17 25.55
CA ALA E 115 9.24 49.17 26.27
C ALA E 115 7.88 48.62 26.68
N TYR E 116 7.21 47.92 25.75
CA TYR E 116 5.93 47.30 26.07
C TYR E 116 6.09 46.21 27.11
N ARG E 117 7.20 45.48 27.05
CA ARG E 117 7.45 44.40 28.00
C ARG E 117 7.65 44.94 29.41
N ASP E 118 8.48 45.97 29.56
CA ASP E 118 8.69 46.52 30.90
C ASP E 118 7.48 47.29 31.39
N LYS E 119 6.66 47.83 30.47
CA LYS E 119 5.40 48.43 30.87
C LYS E 119 4.45 47.39 31.43
N LEU E 120 4.37 46.23 30.79
CA LEU E 120 3.48 45.17 31.27
C LEU E 120 3.98 44.60 32.59
N LEU E 121 5.29 44.45 32.75
CA LEU E 121 5.83 43.95 34.01
C LEU E 121 5.62 44.94 35.15
N GLN E 122 5.81 46.23 34.91
CA GLN E 122 5.57 47.17 36.00
C GLN E 122 4.08 47.35 36.28
N THR E 123 3.21 47.09 35.29
CA THR E 123 1.78 47.13 35.55
C THR E 123 1.35 45.96 36.43
N VAL E 124 1.82 44.75 36.13
CA VAL E 124 1.48 43.60 36.95
C VAL E 124 2.13 43.70 38.33
N ALA E 125 3.34 44.25 38.42
CA ALA E 125 3.96 44.45 39.73
C ALA E 125 3.26 45.56 40.52
N THR E 126 2.72 46.57 39.82
CA THR E 126 1.91 47.59 40.47
C THR E 126 0.64 46.99 41.05
N TYR E 127 0.00 46.09 40.29
CA TYR E 127 -1.12 45.31 40.81
C TYR E 127 -0.73 44.52 42.05
N VAL E 128 0.40 43.80 41.99
CA VAL E 128 0.75 42.88 43.08
C VAL E 128 1.13 43.65 44.35
N ASN E 129 1.82 44.78 44.20
CA ASN E 129 2.10 45.61 45.38
C ASN E 129 0.85 46.34 45.86
N ASP E 130 -0.10 46.61 44.96
CA ASP E 130 -1.29 47.36 45.33
C ASP E 130 -2.28 46.47 46.08
N GLN E 131 -2.56 45.29 45.55
CA GLN E 131 -3.49 44.34 46.14
C GLN E 131 -3.05 42.94 45.77
N GLY E 132 -2.92 42.07 46.77
CA GLY E 132 -2.27 40.80 46.59
C GLY E 132 -3.07 39.82 45.75
N PHE E 133 -2.49 38.63 45.58
CA PHE E 133 -3.15 37.52 44.90
C PHE E 133 -4.19 36.82 45.75
N ALA E 134 -4.59 37.38 46.89
CA ALA E 134 -5.46 36.67 47.82
C ALA E 134 -6.87 36.47 47.29
N GLU E 135 -7.36 37.35 46.40
CA GLU E 135 -8.71 37.18 45.87
C GLU E 135 -8.78 36.00 44.91
N LEU E 136 -7.88 35.97 43.92
CA LEU E 136 -7.82 34.82 43.02
C LEU E 136 -7.35 33.56 43.74
N ALA E 137 -6.61 33.73 44.82
CA ALA E 137 -6.22 32.60 45.65
C ALA E 137 -7.42 31.97 46.34
N ARG E 138 -8.32 32.80 46.90
CA ARG E 138 -9.53 32.25 47.51
C ARG E 138 -10.45 31.64 46.47
N ARG E 139 -10.51 32.21 45.28
CA ARG E 139 -11.41 31.66 44.26
C ARG E 139 -10.89 30.34 43.70
N TYR E 140 -9.58 30.23 43.47
CA TYR E 140 -9.01 28.93 43.12
C TYR E 140 -9.12 27.94 44.28
N ALA E 141 -9.09 28.44 45.52
CA ALA E 141 -9.29 27.57 46.66
C ALA E 141 -10.71 27.04 46.73
N HIS E 142 -11.69 27.85 46.33
CA HIS E 142 -13.05 27.35 46.21
C HIS E 142 -13.15 26.26 45.16
N ASN E 143 -12.58 26.52 43.97
CA ASN E 143 -12.71 25.53 42.91
C ASN E 143 -11.87 24.28 43.14
N LEU E 144 -10.90 24.31 44.05
CA LEU E 144 -10.32 23.06 44.52
C LEU E 144 -11.09 22.46 45.68
N ALA E 145 -11.81 23.30 46.43
CA ALA E 145 -12.49 22.82 47.63
C ALA E 145 -13.72 22.01 47.28
N ASN E 146 -14.55 22.54 46.38
CA ASN E 146 -15.72 21.80 45.95
C ASN E 146 -15.30 20.75 44.92
N ALA E 147 -16.26 20.12 44.30
CA ALA E 147 -15.98 19.08 43.33
C ALA E 147 -16.15 19.59 41.91
N ARG E 148 -15.70 20.83 41.65
CA ARG E 148 -15.86 21.42 40.33
C ARG E 148 -15.03 20.68 39.29
N PHE E 149 -13.86 20.16 39.66
CA PHE E 149 -13.05 19.37 38.74
C PHE E 149 -13.75 18.06 38.35
N LEU E 150 -14.58 17.52 39.22
CA LEU E 150 -15.57 16.54 38.81
C LEU E 150 -16.60 17.26 37.96
N TRP E 151 -16.58 17.04 36.65
CA TRP E 151 -17.49 17.78 35.79
C TRP E 151 -18.91 17.22 35.79
N ARG E 152 -19.05 15.91 35.93
CA ARG E 152 -20.38 15.33 35.95
C ARG E 152 -20.56 14.33 37.08
N ASN E 153 -19.48 13.82 37.66
CA ASN E 153 -19.57 12.92 38.80
C ASN E 153 -20.06 13.60 40.06
N ARG E 154 -20.06 14.93 40.09
CA ARG E 154 -20.60 15.68 41.23
C ARG E 154 -22.11 15.64 41.23
N VAL E 155 -22.73 15.86 40.07
CA VAL E 155 -24.19 15.86 39.93
C VAL E 155 -24.71 14.46 40.19
N GLY E 156 -25.51 14.30 41.23
CA GLY E 156 -25.96 12.99 41.64
C GLY E 156 -24.94 12.29 42.51
N ALA E 157 -24.65 12.89 43.67
CA ALA E 157 -23.74 12.28 44.61
C ALA E 157 -24.31 12.41 46.02
N GLU E 158 -23.65 11.76 46.98
CA GLU E 158 -24.11 11.77 48.35
C GLU E 158 -23.24 12.66 49.24
N ALA E 159 -21.94 12.40 49.30
CA ALA E 159 -21.06 13.17 50.19
C ALA E 159 -19.67 13.18 49.56
N VAL E 160 -19.37 14.24 48.81
CA VAL E 160 -18.14 14.30 48.03
C VAL E 160 -17.05 14.81 48.96
N GLU E 161 -16.28 13.90 49.54
CA GLU E 161 -15.19 14.31 50.42
C GLU E 161 -13.95 14.59 49.59
N VAL E 162 -13.43 15.81 49.70
CA VAL E 162 -12.25 16.25 48.94
C VAL E 162 -11.08 16.32 49.89
N ARG E 163 -9.94 15.73 49.49
CA ARG E 163 -8.73 15.71 50.30
C ARG E 163 -7.61 16.33 49.48
N ILE E 164 -7.27 17.57 49.82
CA ILE E 164 -6.11 18.24 49.26
C ILE E 164 -4.94 18.03 50.21
N ASN E 165 -3.90 17.36 49.72
CA ASN E 165 -2.68 17.26 50.48
C ASN E 165 -1.72 18.36 50.05
N HIS E 166 -0.50 18.33 50.55
CA HIS E 166 0.52 19.31 50.16
C HIS E 166 1.88 18.62 50.23
N ILE E 167 2.31 18.08 49.10
CA ILE E 167 3.63 17.49 48.99
C ILE E 167 4.65 18.60 48.79
N ARG E 168 5.60 18.72 49.71
CA ARG E 168 6.74 19.60 49.53
C ARG E 168 8.03 18.83 49.32
N GLN E 169 8.42 18.04 50.29
CA GLN E 169 9.39 16.98 50.09
C GLN E 169 8.61 15.70 49.91
N GLY E 170 9.26 14.55 49.99
CA GLY E 170 8.57 13.30 49.69
C GLY E 170 7.63 12.76 50.77
N GLU E 171 6.88 13.64 51.42
CA GLU E 171 5.79 13.27 52.31
C GLU E 171 4.85 14.46 52.41
N VAL E 172 3.72 14.26 53.05
CA VAL E 172 2.70 15.30 53.15
C VAL E 172 3.10 16.30 54.22
N ALA E 173 2.92 17.58 53.91
CA ALA E 173 3.23 18.64 54.87
C ALA E 173 2.00 18.98 55.70
N ARG E 174 0.93 19.41 55.04
CA ARG E 174 -0.34 19.67 55.69
C ARG E 174 -1.45 19.02 54.87
N ALA E 175 -2.36 18.33 55.54
CA ALA E 175 -3.45 17.63 54.89
C ALA E 175 -4.78 18.31 55.19
N TRP E 176 -5.51 18.66 54.14
CA TRP E 176 -6.85 19.20 54.25
C TRP E 176 -7.87 18.08 54.07
N ARG E 177 -9.05 18.26 54.66
CA ARG E 177 -10.14 17.29 54.58
C ARG E 177 -11.43 18.08 54.46
N PHE E 178 -11.96 18.19 53.26
CA PHE E 178 -13.09 19.07 53.01
C PHE E 178 -14.38 18.28 52.88
N ASP E 179 -15.43 18.98 52.46
CA ASP E 179 -16.72 18.36 52.15
C ASP E 179 -17.34 19.22 51.06
N ALA E 180 -17.50 18.66 49.87
CA ALA E 180 -17.84 19.48 48.72
C ALA E 180 -19.32 19.82 48.61
N LEU E 181 -20.16 19.29 49.49
CA LEU E 181 -21.54 19.71 49.51
C LEU E 181 -21.88 20.61 50.69
N ALA E 182 -21.08 20.59 51.75
CA ALA E 182 -21.17 21.65 52.75
C ALA E 182 -20.71 22.98 52.16
N ILE E 183 -19.57 22.97 51.49
CA ILE E 183 -19.12 24.12 50.72
C ILE E 183 -20.04 24.26 49.50
N GLY E 184 -20.64 25.43 49.36
CA GLY E 184 -21.54 25.65 48.25
C GLY E 184 -20.80 25.76 46.93
N LEU E 185 -21.52 25.48 45.85
CA LEU E 185 -20.92 25.49 44.52
C LEU E 185 -20.77 26.90 43.97
N ARG E 186 -21.79 27.74 44.13
CA ARG E 186 -21.83 29.03 43.48
C ARG E 186 -21.40 30.19 44.35
N ASP E 187 -21.66 30.15 45.65
CA ASP E 187 -21.24 31.25 46.51
C ASP E 187 -19.73 31.17 46.78
N PHE E 188 -19.16 32.31 47.17
CA PHE E 188 -17.73 32.44 47.45
C PHE E 188 -17.56 33.03 48.84
N LYS E 189 -17.47 32.16 49.84
CA LYS E 189 -17.22 32.52 51.23
C LYS E 189 -15.86 32.00 51.65
N ALA E 190 -15.41 32.43 52.83
CA ALA E 190 -14.11 32.02 53.32
C ALA E 190 -14.22 31.41 54.71
N ASP E 191 -13.22 30.60 55.06
CA ASP E 191 -13.09 30.01 56.37
C ASP E 191 -11.71 30.35 56.93
N ALA E 192 -11.31 29.72 58.02
CA ALA E 192 -9.90 29.73 58.37
C ALA E 192 -9.13 28.69 57.56
N GLU E 193 -9.80 27.59 57.24
CA GLU E 193 -9.14 26.49 56.53
C GLU E 193 -8.97 26.83 55.05
N LEU E 194 -10.02 27.35 54.42
CA LEU E 194 -9.91 27.81 53.04
C LEU E 194 -8.99 29.01 52.92
N ASP E 195 -8.90 29.86 53.95
CA ASP E 195 -7.91 30.92 53.90
C ASP E 195 -6.50 30.42 54.12
N ALA E 196 -6.31 29.29 54.81
CA ALA E 196 -5.00 28.66 54.82
C ALA E 196 -4.62 28.15 53.44
N LEU E 197 -5.58 27.55 52.74
CA LEU E 197 -5.34 27.09 51.36
C LEU E 197 -5.07 28.26 50.42
N ALA E 198 -5.81 29.35 50.58
CA ALA E 198 -5.58 30.54 49.76
C ALA E 198 -4.27 31.21 50.11
N GLU E 199 -3.83 31.13 51.37
CA GLU E 199 -2.50 31.61 51.73
C GLU E 199 -1.42 30.80 51.03
N LEU E 200 -1.62 29.48 50.94
CA LEU E 200 -0.65 28.63 50.26
C LEU E 200 -0.61 28.92 48.76
N ILE E 201 -1.78 29.08 48.13
CA ILE E 201 -1.81 29.36 46.68
C ILE E 201 -1.27 30.74 46.39
N ALA E 202 -1.56 31.73 47.23
CA ALA E 202 -1.04 33.07 47.00
C ALA E 202 0.47 33.13 47.21
N SER E 203 1.00 32.38 48.19
CA SER E 203 2.43 32.29 48.36
C SER E 203 3.09 31.51 47.23
N GLY E 204 2.34 30.63 46.57
CA GLY E 204 2.87 30.00 45.38
C GLY E 204 2.92 30.97 44.20
N LEU E 205 1.82 31.66 43.95
CA LEU E 205 1.72 32.52 42.77
C LEU E 205 2.54 33.79 42.88
N SER E 206 2.89 34.22 44.07
CA SER E 206 3.72 35.41 44.21
C SER E 206 5.20 35.09 44.22
N GLY E 207 5.59 33.88 43.83
CA GLY E 207 6.98 33.50 43.71
C GLY E 207 7.69 33.22 45.02
N SER E 208 6.99 33.25 46.15
CA SER E 208 7.62 33.17 47.46
C SER E 208 7.61 31.75 48.02
N GLY E 209 7.77 30.76 47.17
CA GLY E 209 7.85 29.40 47.63
C GLY E 209 7.51 28.44 46.51
N HIS E 210 7.39 27.17 46.86
CA HIS E 210 6.99 26.16 45.90
C HIS E 210 5.88 25.33 46.49
N VAL E 211 4.96 24.89 45.65
CA VAL E 211 3.70 24.30 46.09
C VAL E 211 3.26 23.24 45.09
N LEU E 212 2.95 22.05 45.61
CA LEU E 212 2.56 20.91 44.79
C LEU E 212 1.37 20.25 45.48
N LEU E 213 0.16 20.57 45.02
CA LEU E 213 -1.07 20.13 45.66
C LEU E 213 -1.64 18.96 44.87
N GLU E 214 -1.78 17.79 45.50
CA GLU E 214 -2.52 16.73 44.84
C GLU E 214 -3.91 16.66 45.45
N VAL E 215 -4.88 16.36 44.60
CA VAL E 215 -6.29 16.45 44.95
C VAL E 215 -6.90 15.08 44.77
N VAL E 216 -7.58 14.60 45.82
CA VAL E 216 -8.23 13.29 45.81
C VAL E 216 -9.68 13.48 46.24
N ALA E 217 -10.61 13.28 45.32
CA ALA E 217 -12.03 13.36 45.61
C ALA E 217 -12.62 11.97 45.78
N PHE E 218 -13.56 11.86 46.71
CA PHE E 218 -14.26 10.63 47.07
C PHE E 218 -15.76 10.92 46.90
N ALA E 219 -16.31 10.56 45.75
CA ALA E 219 -17.68 10.88 45.40
C ALA E 219 -18.48 9.59 45.30
N ARG E 220 -19.34 9.34 46.30
CA ARG E 220 -20.31 8.26 46.22
C ARG E 220 -21.28 8.53 45.07
N ILE E 221 -21.50 7.53 44.23
CA ILE E 221 -22.53 7.60 43.19
C ILE E 221 -23.50 6.44 43.31
N GLY E 222 -22.99 5.24 43.44
CA GLY E 222 -23.84 4.06 43.53
C GLY E 222 -23.01 2.81 43.42
N ASP E 223 -23.69 1.67 43.49
CA ASP E 223 -23.03 0.37 43.50
C ASP E 223 -22.79 -0.14 42.08
N GLY E 224 -22.21 0.70 41.24
CA GLY E 224 -21.98 0.33 39.85
C GLY E 224 -22.59 1.32 38.89
N GLN E 225 -22.95 2.50 39.40
CA GLN E 225 -23.55 3.52 38.57
C GLN E 225 -22.50 4.12 37.64
N GLU E 226 -22.94 4.69 36.53
CA GLU E 226 -22.09 4.98 35.39
C GLU E 226 -21.40 6.33 35.54
N VAL E 227 -20.07 6.31 35.61
CA VAL E 227 -19.25 7.52 35.66
C VAL E 227 -19.02 8.06 34.26
N PHE E 228 -18.41 9.24 34.17
CA PHE E 228 -18.22 9.90 32.88
C PHE E 228 -16.81 10.48 32.78
N PRO E 229 -15.84 9.69 32.29
CA PRO E 229 -14.51 10.25 31.97
C PRO E 229 -14.54 11.06 30.69
N SER E 230 -13.37 11.51 30.24
CA SER E 230 -13.35 12.40 29.10
C SER E 230 -13.51 11.62 27.80
N GLN E 231 -13.91 12.32 26.75
CA GLN E 231 -14.36 11.71 25.51
C GLN E 231 -13.45 12.14 24.36
N GLU E 232 -12.83 11.17 23.71
CA GLU E 232 -11.98 11.43 22.56
C GLU E 232 -12.83 11.66 21.31
N LEU E 233 -12.18 11.93 20.18
CA LEU E 233 -12.88 12.19 18.93
C LEU E 233 -12.42 11.24 17.84
N ILE E 234 -13.39 10.71 17.09
CA ILE E 234 -13.16 9.75 16.02
C ILE E 234 -13.80 10.29 14.75
N LEU E 235 -13.09 10.18 13.62
CA LEU E 235 -13.67 10.51 12.32
C LEU E 235 -14.52 9.35 11.81
N ASP E 236 -15.73 9.66 11.34
CA ASP E 236 -16.63 8.65 10.82
C ASP E 236 -17.60 9.35 9.86
N LYS E 237 -17.33 9.22 8.56
CA LYS E 237 -18.15 9.84 7.53
C LYS E 237 -19.10 8.85 6.86
N GLY E 238 -19.53 7.83 7.60
CA GLY E 238 -20.32 6.78 7.01
C GLY E 238 -19.45 5.65 6.49
N ASP E 239 -18.54 5.18 7.35
CA ASP E 239 -17.63 4.11 6.96
C ASP E 239 -18.37 2.77 6.90
N LYS E 240 -17.72 1.82 6.25
CA LYS E 240 -18.22 0.45 6.16
C LYS E 240 -18.18 -0.20 7.54
N LYS E 241 -19.10 -1.14 7.75
CA LYS E 241 -19.23 -2.06 8.88
C LYS E 241 -19.73 -1.42 10.18
N GLY E 242 -19.94 -0.10 10.21
CA GLY E 242 -20.46 0.52 11.41
C GLY E 242 -19.48 0.61 12.57
N GLN E 243 -18.49 1.47 12.45
CA GLN E 243 -17.40 1.55 13.41
C GLN E 243 -17.84 2.34 14.66
N LYS E 244 -16.85 2.73 15.47
CA LYS E 244 -17.07 3.42 16.74
C LYS E 244 -17.72 4.79 16.53
N SER E 245 -18.36 5.28 17.58
CA SER E 245 -18.92 6.62 17.56
C SER E 245 -18.46 7.41 18.78
N LYS E 246 -18.20 6.71 19.88
CA LYS E 246 -17.66 7.31 21.09
C LYS E 246 -16.42 6.55 21.52
N THR E 247 -15.41 7.29 21.99
CA THR E 247 -14.21 6.73 22.59
C THR E 247 -13.84 7.54 23.82
N LEU E 248 -13.32 6.86 24.83
CA LEU E 248 -12.97 7.48 26.10
C LEU E 248 -11.47 7.53 26.25
N TYR E 249 -10.97 8.68 26.72
CA TYR E 249 -9.54 8.87 26.93
C TYR E 249 -9.04 7.97 28.04
N SER E 250 -7.83 7.45 27.87
CA SER E 250 -7.28 6.50 28.81
C SER E 250 -5.80 6.73 28.98
N VAL E 251 -5.25 6.03 29.97
CA VAL E 251 -3.82 5.99 30.27
C VAL E 251 -3.47 4.52 30.28
N ARG E 252 -2.36 4.13 30.91
CA ARG E 252 -1.94 2.73 30.96
C ARG E 252 -2.97 1.92 31.74
N ASP E 253 -4.05 1.57 31.03
CA ASP E 253 -5.18 0.77 31.49
C ASP E 253 -5.88 1.41 32.70
N ALA E 254 -6.35 2.64 32.49
CA ALA E 254 -7.22 3.33 33.45
C ALA E 254 -7.95 4.46 32.75
N ALA E 255 -9.14 4.75 33.27
CA ALA E 255 -9.96 5.85 32.77
C ALA E 255 -9.49 7.17 33.35
N ALA E 256 -9.59 8.21 32.55
CA ALA E 256 -8.89 9.44 32.86
C ALA E 256 -9.70 10.65 32.42
N ILE E 257 -9.34 11.80 32.98
CA ILE E 257 -9.94 13.08 32.65
C ILE E 257 -8.82 14.00 32.17
N HIS E 258 -9.09 14.75 31.11
CA HIS E 258 -8.11 15.61 30.45
C HIS E 258 -7.63 16.74 31.35
N SER E 259 -6.34 17.07 31.19
CA SER E 259 -5.75 18.16 31.95
C SER E 259 -6.33 19.50 31.57
N GLN E 260 -6.73 19.68 30.31
CA GLN E 260 -7.39 20.94 29.97
C GLN E 260 -8.81 20.99 30.51
N LYS E 261 -9.42 19.84 30.78
CA LYS E 261 -10.74 19.86 31.39
C LYS E 261 -10.66 20.20 32.88
N ILE E 262 -9.66 19.65 33.57
CA ILE E 262 -9.44 20.02 34.97
C ILE E 262 -9.04 21.49 35.07
N GLY E 263 -8.09 21.92 34.24
CA GLY E 263 -7.69 23.30 34.23
C GLY E 263 -8.69 24.25 33.62
N ASN E 264 -9.80 23.75 33.07
CA ASN E 264 -10.95 24.57 32.78
C ASN E 264 -11.89 24.65 33.96
N ALA E 265 -11.97 23.58 34.75
CA ALA E 265 -12.85 23.63 35.92
C ALA E 265 -12.27 24.51 37.01
N LEU E 266 -10.94 24.53 37.16
CA LEU E 266 -10.34 25.27 38.26
C LEU E 266 -10.41 26.78 38.04
N ARG E 267 -10.17 27.23 36.81
CA ARG E 267 -10.17 28.65 36.54
C ARG E 267 -11.58 29.22 36.30
N THR E 268 -12.63 28.50 36.64
CA THR E 268 -13.98 29.05 36.54
C THR E 268 -14.14 30.06 37.67
N ILE E 269 -13.88 31.33 37.36
CA ILE E 269 -13.77 32.38 38.34
C ILE E 269 -14.78 33.49 38.08
N ASP E 270 -14.98 33.86 36.82
CA ASP E 270 -15.59 35.11 36.42
C ASP E 270 -17.05 35.17 36.84
N THR E 271 -17.28 35.92 37.92
CA THR E 271 -18.61 36.33 38.35
C THR E 271 -18.84 37.80 38.04
N TRP E 272 -18.10 38.35 37.08
CA TRP E 272 -18.12 39.78 36.81
C TRP E 272 -18.49 40.08 35.37
N TYR E 273 -18.89 39.08 34.59
CA TYR E 273 -19.34 39.33 33.24
C TYR E 273 -20.63 40.14 33.27
N PRO E 274 -20.75 41.15 32.42
CA PRO E 274 -21.70 42.23 32.71
C PRO E 274 -23.14 41.98 32.32
N ASP E 275 -23.51 40.73 32.06
CA ASP E 275 -24.93 40.43 31.87
C ASP E 275 -25.61 40.07 33.17
N GLU E 276 -24.97 39.21 33.99
CA GLU E 276 -25.50 38.82 35.28
C GLU E 276 -24.37 38.22 36.11
N ASP E 277 -24.67 37.94 37.37
CA ASP E 277 -23.70 37.30 38.27
C ASP E 277 -24.31 36.10 38.96
N GLY E 278 -25.63 36.12 39.18
CA GLY E 278 -26.32 35.00 39.80
C GLY E 278 -26.51 33.79 38.90
N LEU E 279 -26.16 33.91 37.62
CA LEU E 279 -26.20 32.79 36.69
C LEU E 279 -24.96 31.90 36.80
N GLY E 280 -24.04 32.19 37.72
CA GLY E 280 -22.90 31.35 37.95
C GLY E 280 -21.60 31.94 37.46
N PRO E 281 -20.48 31.49 38.03
CA PRO E 281 -19.18 31.84 37.47
C PRO E 281 -18.95 31.09 36.17
N ILE E 282 -18.26 31.75 35.24
CA ILE E 282 -18.02 31.15 33.93
C ILE E 282 -16.52 30.90 33.75
N ALA E 283 -16.20 30.15 32.70
CA ALA E 283 -14.82 29.80 32.40
C ALA E 283 -14.06 31.05 31.96
N VAL E 284 -12.97 31.36 32.65
CA VAL E 284 -12.22 32.58 32.34
C VAL E 284 -11.46 32.38 31.04
N GLU E 285 -11.84 33.15 30.02
CA GLU E 285 -11.17 33.21 28.73
C GLU E 285 -11.24 34.64 28.22
N PRO E 286 -10.51 34.99 27.18
CA PRO E 286 -10.89 36.18 26.42
C PRO E 286 -12.19 35.91 25.70
N TYR E 287 -12.97 36.99 25.53
CA TYR E 287 -14.33 36.94 24.98
C TYR E 287 -15.20 35.96 25.76
N GLY E 288 -15.09 36.02 27.08
CA GLY E 288 -15.22 34.88 27.96
C GLY E 288 -16.48 34.07 27.81
N SER E 289 -16.33 32.92 27.15
CA SER E 289 -17.44 32.24 26.50
C SER E 289 -17.57 30.83 27.06
N VAL E 290 -18.74 30.53 27.62
CA VAL E 290 -19.09 29.15 27.89
C VAL E 290 -19.34 28.45 26.57
N THR E 291 -18.77 27.26 26.41
CA THR E 291 -18.97 26.50 25.20
C THR E 291 -20.30 25.75 25.20
N SER E 292 -20.84 25.47 26.39
CA SER E 292 -22.04 24.65 26.49
C SER E 292 -23.29 25.37 26.04
N GLN E 293 -23.25 26.70 25.92
CA GLN E 293 -24.42 27.45 25.49
C GLN E 293 -24.29 28.03 24.09
N GLY E 294 -23.13 27.92 23.45
CA GLY E 294 -22.94 28.52 22.14
C GLY E 294 -23.04 30.02 22.13
N LYS E 295 -22.77 30.65 23.27
CA LYS E 295 -23.02 32.06 23.49
C LYS E 295 -21.80 32.67 24.13
N ALA E 296 -21.30 33.75 23.56
CA ALA E 296 -20.07 34.38 24.02
C ALA E 296 -20.42 35.58 24.88
N TYR E 297 -20.15 35.47 26.19
CA TYR E 297 -20.27 36.61 27.07
C TYR E 297 -19.08 37.53 26.86
N ARG E 298 -19.12 38.69 27.51
CA ARG E 298 -18.12 39.74 27.40
C ARG E 298 -17.93 40.17 25.94
N GLN E 299 -19.02 40.64 25.35
CA GLN E 299 -19.01 40.96 23.94
C GLN E 299 -18.18 42.21 23.67
N PRO E 300 -17.43 42.23 22.56
CA PRO E 300 -16.76 43.47 22.13
C PRO E 300 -17.70 44.51 21.54
N LYS E 301 -19.03 44.29 21.51
CA LYS E 301 -19.98 45.39 21.54
C LYS E 301 -19.62 46.36 22.65
N GLN E 302 -19.57 45.82 23.86
CA GLN E 302 -19.16 46.54 25.04
C GLN E 302 -17.65 46.66 25.07
N LYS E 303 -17.16 47.34 26.11
CA LYS E 303 -15.72 47.50 26.29
C LYS E 303 -15.26 46.71 27.52
N LEU E 304 -15.81 45.51 27.67
CA LEU E 304 -15.39 44.62 28.75
C LEU E 304 -14.92 43.29 28.16
N ASP E 305 -14.08 43.39 27.15
CA ASP E 305 -13.36 42.27 26.56
C ASP E 305 -12.17 41.95 27.47
N PHE E 306 -11.34 40.98 27.09
CA PHE E 306 -9.99 40.97 27.65
C PHE E 306 -9.04 41.86 26.90
N TYR E 307 -9.12 41.86 25.57
CA TYR E 307 -8.17 42.58 24.75
C TYR E 307 -8.30 44.08 24.91
N THR E 308 -9.54 44.58 25.05
CA THR E 308 -9.72 46.01 25.19
C THR E 308 -9.28 46.49 26.58
N LEU E 309 -9.53 45.68 27.61
CA LEU E 309 -9.09 46.05 28.95
C LEU E 309 -7.57 45.98 29.10
N LEU E 310 -6.94 44.94 28.55
CA LEU E 310 -5.48 44.85 28.59
C LEU E 310 -4.83 45.96 27.79
N ASP E 311 -5.30 46.18 26.57
CA ASP E 311 -4.69 47.15 25.69
C ASP E 311 -5.15 48.57 25.95
N ASN E 312 -5.99 48.79 26.97
CA ASN E 312 -6.13 50.13 27.52
C ASN E 312 -5.39 50.30 28.84
N TRP E 313 -5.30 49.25 29.65
CA TRP E 313 -4.69 49.36 30.97
C TRP E 313 -3.18 49.31 30.89
N VAL E 314 -2.60 48.84 29.78
CA VAL E 314 -1.16 48.82 29.63
C VAL E 314 -0.67 49.98 28.77
N LEU E 315 -1.35 50.29 27.68
CA LEU E 315 -0.91 51.38 26.81
C LEU E 315 -1.18 52.76 27.42
N ARG E 316 -2.27 52.91 28.16
CA ARG E 316 -2.77 54.22 28.53
C ARG E 316 -2.84 54.46 30.04
N ASP E 317 -2.59 53.43 30.85
CA ASP E 317 -2.66 53.46 32.32
C ASP E 317 -4.03 53.85 32.85
N GLU E 318 -5.09 53.80 32.05
CA GLU E 318 -6.42 53.95 32.60
C GLU E 318 -6.82 52.64 33.26
N ALA E 319 -7.14 52.72 34.52
CA ALA E 319 -7.41 51.47 35.20
C ALA E 319 -8.85 51.05 34.98
N PRO E 320 -9.09 49.77 34.73
CA PRO E 320 -10.44 49.24 34.88
C PRO E 320 -10.83 49.10 36.34
N ALA E 321 -12.03 48.64 36.62
CA ALA E 321 -12.41 48.37 38.00
C ALA E 321 -11.60 47.20 38.55
N VAL E 322 -11.63 47.06 39.88
CA VAL E 322 -10.82 46.06 40.57
C VAL E 322 -11.24 44.65 40.18
N GLU E 323 -12.55 44.46 39.98
CA GLU E 323 -13.09 43.23 39.45
C GLU E 323 -12.52 42.89 38.07
N GLN E 324 -12.41 43.88 37.19
CA GLN E 324 -11.90 43.59 35.87
C GLN E 324 -10.38 43.45 35.87
N GLN E 325 -9.69 44.04 36.85
CA GLN E 325 -8.29 43.73 37.07
C GLN E 325 -8.12 42.26 37.41
N HIS E 326 -8.98 41.73 38.30
CA HIS E 326 -8.93 40.31 38.64
C HIS E 326 -9.20 39.45 37.41
N TYR E 327 -10.12 39.90 36.55
CA TYR E 327 -10.39 39.17 35.30
C TYR E 327 -9.18 39.14 34.38
N VAL E 328 -8.57 40.31 34.13
CA VAL E 328 -7.43 40.43 33.23
C VAL E 328 -6.25 39.61 33.72
N ILE E 329 -6.08 39.54 35.04
CA ILE E 329 -4.97 38.73 35.53
C ILE E 329 -5.31 37.25 35.62
N ALA E 330 -6.59 36.88 35.70
CA ALA E 330 -6.95 35.47 35.60
C ALA E 330 -6.72 34.92 34.19
N ASN E 331 -6.94 35.73 33.17
CA ASN E 331 -6.60 35.19 31.85
C ASN E 331 -5.25 35.70 31.31
N LEU E 332 -4.47 36.40 32.14
CA LEU E 332 -3.03 36.37 31.95
C LEU E 332 -2.39 35.22 32.69
N ILE E 333 -3.11 34.59 33.61
CA ILE E 333 -2.56 33.47 34.36
C ILE E 333 -3.03 32.13 33.83
N ARG E 334 -4.04 32.10 32.95
CA ARG E 334 -4.30 30.85 32.22
C ARG E 334 -3.28 30.60 31.13
N GLY E 335 -2.71 31.66 30.53
CA GLY E 335 -1.77 31.52 29.44
C GLY E 335 -2.31 32.13 28.15
N GLY E 336 -2.10 31.43 27.04
CA GLY E 336 -2.72 31.81 25.78
C GLY E 336 -1.88 32.75 24.94
N VAL E 337 -1.79 32.48 23.63
CA VAL E 337 -1.08 33.36 22.73
C VAL E 337 -1.91 34.61 22.49
N PHE E 338 -1.25 35.77 22.44
CA PHE E 338 -1.96 37.01 22.17
C PHE E 338 -1.25 37.73 21.03
N GLY E 339 -1.63 38.98 20.78
CA GLY E 339 -1.00 39.74 19.72
C GLY E 339 -1.51 39.36 18.35
N GLU E 340 -1.35 40.29 17.41
CA GLU E 340 -1.93 40.16 16.07
C GLU E 340 -1.25 39.08 15.24
N ILE F 7 46.38 44.52 0.70
CA ILE F 7 45.98 43.22 0.21
C ILE F 7 45.45 42.36 1.35
N LEU F 8 45.35 41.05 1.10
CA LEU F 8 44.77 40.05 2.01
C LEU F 8 43.32 40.41 2.34
N SER F 9 42.50 40.30 1.31
CA SER F 9 41.05 40.46 1.46
C SER F 9 40.42 39.18 1.98
N THR F 10 39.12 39.23 2.23
CA THR F 10 38.43 38.10 2.84
C THR F 10 38.30 36.94 1.86
N ALA F 11 38.39 35.73 2.39
CA ALA F 11 38.11 34.55 1.57
C ALA F 11 36.62 34.45 1.32
N SER F 12 36.25 33.86 0.20
CA SER F 12 34.86 33.85 -0.23
C SER F 12 34.05 32.71 0.34
N VAL F 13 34.69 31.62 0.78
CA VAL F 13 34.00 30.47 1.36
C VAL F 13 34.69 30.11 2.66
N LEU F 14 33.95 30.16 3.77
CA LEU F 14 34.44 29.72 5.07
C LEU F 14 33.47 28.71 5.68
N ALA F 15 34.02 27.75 6.42
CA ALA F 15 33.19 26.83 7.18
C ALA F 15 33.97 26.42 8.41
N PHE F 16 33.24 26.03 9.44
CA PHE F 16 33.85 25.55 10.67
C PHE F 16 32.99 24.44 11.24
N GLU F 17 33.61 23.30 11.50
CA GLU F 17 32.89 22.16 12.02
C GLU F 17 32.46 22.42 13.46
N ARG F 18 31.34 21.81 13.85
CA ARG F 18 30.77 22.01 15.18
C ARG F 18 31.66 21.37 16.24
N LYS F 19 32.26 22.19 17.08
CA LYS F 19 32.81 21.70 18.32
C LYS F 19 31.75 21.87 19.40
N LEU F 20 32.01 21.31 20.58
CA LEU F 20 30.99 21.10 21.62
C LEU F 20 29.80 20.34 21.05
N ASP F 21 30.05 19.09 20.65
CA ASP F 21 29.08 18.32 19.88
C ASP F 21 28.18 17.52 20.82
N PRO F 22 26.88 17.84 20.89
CA PRO F 22 25.99 17.12 21.82
C PRO F 22 25.28 15.97 21.13
N SER F 23 24.52 15.20 21.89
CA SER F 23 23.68 14.14 21.36
C SER F 23 22.23 14.49 21.66
N ASP F 24 21.34 13.54 21.42
CA ASP F 24 19.96 13.70 21.86
C ASP F 24 19.81 13.14 23.26
N ALA F 25 18.73 13.55 23.92
CA ALA F 25 18.52 13.26 25.33
C ALA F 25 17.24 12.49 25.51
N LEU F 26 17.33 11.32 26.12
CA LEU F 26 16.18 10.43 26.24
C LEU F 26 15.53 10.64 27.60
N MET F 27 14.32 11.21 27.62
CA MET F 27 13.71 11.53 28.90
C MET F 27 13.05 10.29 29.47
N SER F 28 13.58 9.78 30.58
CA SER F 28 12.92 8.71 31.31
C SER F 28 12.38 9.28 32.61
N ALA F 29 11.71 8.44 33.40
CA ALA F 29 11.05 8.91 34.60
C ALA F 29 11.14 7.85 35.68
N GLY F 30 10.93 8.27 36.92
CA GLY F 30 11.07 7.36 38.03
C GLY F 30 10.85 8.10 39.34
N ALA F 31 11.16 7.41 40.43
CA ALA F 31 10.96 7.94 41.76
C ALA F 31 12.27 8.51 42.30
N TRP F 32 12.16 9.64 42.99
CA TRP F 32 13.30 10.22 43.69
C TRP F 32 13.67 9.35 44.87
N ALA F 33 14.97 9.40 45.23
CA ALA F 33 15.72 8.54 46.15
C ALA F 33 15.93 7.14 45.59
N GLN F 34 15.37 6.85 44.43
CA GLN F 34 15.80 5.74 43.59
C GLN F 34 16.75 6.23 42.51
N ARG F 35 17.22 7.49 42.63
CA ARG F 35 18.00 8.15 41.61
C ARG F 35 19.38 7.55 41.39
N ASP F 36 19.86 6.74 42.32
CA ASP F 36 21.11 6.03 42.10
C ASP F 36 20.92 4.75 41.32
N ALA F 37 19.72 4.18 41.31
CA ALA F 37 19.40 3.00 40.53
C ALA F 37 18.86 3.35 39.17
N SER F 38 19.09 4.58 38.70
CA SER F 38 18.45 5.09 37.48
C SER F 38 19.21 4.63 36.25
N GLN F 39 19.07 3.34 35.95
CA GLN F 39 19.51 2.80 34.67
C GLN F 39 18.49 1.90 34.02
N GLU F 40 17.43 1.50 34.73
CA GLU F 40 16.39 0.66 34.18
C GLU F 40 15.03 1.35 34.20
N TRP F 41 15.02 2.68 34.27
CA TRP F 41 13.77 3.40 34.33
C TRP F 41 13.08 3.40 32.97
N PRO F 42 11.76 3.31 32.94
CA PRO F 42 11.05 3.35 31.65
C PRO F 42 11.04 4.76 31.09
N ALA F 43 11.02 4.84 29.77
CA ALA F 43 11.08 6.13 29.11
C ALA F 43 9.69 6.77 29.05
N VAL F 44 9.67 8.10 29.05
CA VAL F 44 8.43 8.84 28.90
C VAL F 44 7.96 8.70 27.46
N THR F 45 6.75 8.19 27.28
CA THR F 45 6.22 7.83 25.97
C THR F 45 5.29 8.91 25.45
N VAL F 46 5.45 9.24 24.18
CA VAL F 46 4.60 10.24 23.53
C VAL F 46 3.30 9.57 23.10
N ARG F 47 2.18 10.16 23.50
CA ARG F 47 0.86 9.62 23.22
C ARG F 47 -0.08 10.77 22.93
N GLU F 48 -1.22 10.44 22.34
CA GLU F 48 -2.13 11.43 21.78
C GLU F 48 -3.35 11.63 22.67
N LYS F 49 -3.82 12.87 22.74
CA LYS F 49 -5.14 13.16 23.28
C LYS F 49 -5.82 14.14 22.34
N SER F 50 -7.04 14.52 22.66
CA SER F 50 -7.81 15.38 21.77
C SER F 50 -8.31 16.58 22.56
N VAL F 51 -8.00 17.77 22.07
CA VAL F 51 -8.42 18.98 22.73
C VAL F 51 -9.60 19.56 21.94
N ARG F 52 -10.33 20.48 22.57
CA ARG F 52 -11.43 21.17 21.90
C ARG F 52 -11.25 22.64 22.19
N GLY F 53 -10.62 23.34 21.28
CA GLY F 53 -10.33 24.73 21.50
C GLY F 53 -11.52 25.61 21.27
N THR F 54 -11.39 26.86 21.66
CA THR F 54 -12.39 27.88 21.43
C THR F 54 -11.80 28.93 20.49
N ILE F 55 -12.62 29.92 20.16
CA ILE F 55 -12.13 31.06 19.38
C ILE F 55 -11.44 31.98 20.37
N SER F 56 -10.14 31.77 20.56
CA SER F 56 -9.39 32.46 21.60
C SER F 56 -8.10 33.05 21.04
N ASN F 57 -8.20 33.72 19.90
CA ASN F 57 -7.08 34.43 19.31
C ASN F 57 -7.50 35.88 19.08
N ARG F 58 -6.51 36.72 18.78
CA ARG F 58 -6.75 38.16 18.73
C ARG F 58 -7.54 38.48 17.47
N LEU F 59 -8.77 38.93 17.68
CA LEU F 59 -9.73 39.09 16.61
C LEU F 59 -9.40 40.30 15.76
N LYS F 60 -9.72 40.22 14.48
CA LYS F 60 -9.60 41.38 13.62
C LYS F 60 -10.68 42.38 14.00
N THR F 61 -10.35 43.32 14.90
CA THR F 61 -11.34 44.21 15.51
C THR F 61 -11.51 45.46 14.63
N LYS F 62 -11.85 45.21 13.39
CA LYS F 62 -12.32 46.19 12.44
C LYS F 62 -13.62 45.75 11.78
N ASP F 63 -13.76 44.45 11.50
CA ASP F 63 -14.97 43.87 10.93
C ASP F 63 -15.25 42.62 11.75
N ARG F 64 -16.06 42.78 12.80
CA ARG F 64 -16.45 41.67 13.67
C ARG F 64 -17.90 41.89 14.05
N ASP F 65 -18.80 41.30 13.28
CA ASP F 65 -20.21 41.33 13.61
C ASP F 65 -20.45 40.47 14.85
N PRO F 66 -21.13 40.99 15.87
CA PRO F 66 -21.19 40.25 17.15
C PRO F 66 -22.07 39.02 17.10
N ALA F 67 -23.12 39.02 16.30
CA ALA F 67 -23.87 37.78 16.08
C ALA F 67 -23.03 36.77 15.30
N LYS F 68 -22.18 37.25 14.40
CA LYS F 68 -21.22 36.38 13.72
C LYS F 68 -20.18 35.83 14.70
N LEU F 69 -19.85 36.59 15.74
CA LEU F 69 -18.95 36.09 16.77
C LEU F 69 -19.63 35.08 17.68
N ASP F 70 -20.92 35.27 17.97
CA ASP F 70 -21.69 34.27 18.68
C ASP F 70 -21.80 32.98 17.87
N ALA F 71 -21.93 33.11 16.55
CA ALA F 71 -22.00 31.94 15.68
C ALA F 71 -20.63 31.36 15.35
N SER F 72 -19.54 32.09 15.62
CA SER F 72 -18.21 31.59 15.34
C SER F 72 -17.80 30.51 16.34
N ILE F 73 -18.17 30.66 17.62
CA ILE F 73 -17.93 29.60 18.59
C ILE F 73 -18.93 28.47 18.46
N GLN F 74 -20.01 28.67 17.70
CA GLN F 74 -20.91 27.56 17.38
C GLN F 74 -20.25 26.59 16.41
N SER F 75 -19.31 27.06 15.61
CA SER F 75 -18.41 26.20 14.87
C SER F 75 -17.24 25.84 15.78
N PRO F 76 -17.15 24.60 16.25
CA PRO F 76 -16.16 24.25 17.27
C PRO F 76 -14.77 24.09 16.64
N ASN F 77 -13.82 23.70 17.50
CA ASN F 77 -12.42 23.52 17.09
C ASN F 77 -11.95 22.17 17.62
N LEU F 78 -12.18 21.12 16.83
CA LEU F 78 -11.85 19.74 17.19
C LEU F 78 -10.49 19.39 16.60
N GLN F 79 -9.45 19.45 17.41
CA GLN F 79 -8.11 19.10 16.97
C GLN F 79 -7.45 18.15 17.95
N THR F 80 -6.50 17.40 17.43
CA THR F 80 -5.80 16.35 18.18
C THR F 80 -4.41 16.85 18.50
N VAL F 81 -4.00 16.70 19.77
CA VAL F 81 -2.70 17.17 20.21
C VAL F 81 -2.07 16.05 21.01
N ASP F 82 -0.86 15.66 20.63
CA ASP F 82 -0.11 14.68 21.41
C ASP F 82 0.83 15.37 22.38
N VAL F 83 0.82 14.90 23.62
CA VAL F 83 1.48 15.53 24.76
C VAL F 83 2.01 14.42 25.65
N ALA F 84 3.27 14.53 26.05
CA ALA F 84 3.91 13.54 26.90
C ALA F 84 3.82 13.94 28.37
N ASN F 85 3.51 12.96 29.23
CA ASN F 85 3.40 13.17 30.66
C ASN F 85 4.22 12.11 31.38
N LEU F 86 4.44 12.31 32.66
CA LEU F 86 5.14 11.31 33.45
C LEU F 86 4.23 10.13 33.75
N PRO F 87 4.81 8.97 34.07
CA PRO F 87 4.04 7.96 34.78
C PRO F 87 3.63 8.47 36.15
N SER F 88 2.38 8.22 36.51
CA SER F 88 1.78 8.75 37.73
C SER F 88 2.29 8.09 39.01
N ASP F 89 3.24 7.16 38.92
CA ASP F 89 3.88 6.57 40.08
C ASP F 89 5.27 7.14 40.31
N ALA F 90 5.58 8.27 39.69
CA ALA F 90 6.95 8.70 39.51
C ALA F 90 7.04 10.22 39.53
N ASP F 91 8.09 10.75 40.15
CA ASP F 91 8.23 12.20 40.28
C ASP F 91 9.66 12.66 40.02
N THR F 92 10.31 12.13 38.98
CA THR F 92 11.57 12.70 38.51
C THR F 92 11.52 12.83 37.00
N LEU F 93 12.63 13.29 36.43
CA LEU F 93 12.75 13.36 34.98
C LEU F 93 14.23 13.18 34.64
N LYS F 94 14.63 11.94 34.39
CA LYS F 94 16.01 11.66 34.05
C LYS F 94 16.22 12.05 32.59
N VAL F 95 16.88 13.18 32.38
CA VAL F 95 17.21 13.64 31.03
C VAL F 95 18.69 13.32 30.83
N ARG F 96 18.96 12.28 30.05
CA ARG F 96 20.33 11.82 29.83
C ARG F 96 20.71 12.13 28.41
N PHE F 97 21.85 12.80 28.24
CA PHE F 97 22.47 12.87 26.92
C PHE F 97 23.98 12.67 27.09
N THR F 98 24.69 12.68 25.98
CA THR F 98 26.15 12.65 26.00
C THR F 98 26.68 13.76 25.11
N LEU F 99 27.94 14.10 25.32
CA LEU F 99 28.55 15.31 24.80
C LEU F 99 30.02 15.01 24.57
N ARG F 100 30.47 15.06 23.32
CA ARG F 100 31.89 14.97 23.09
C ARG F 100 32.40 16.33 22.67
N VAL F 101 33.62 16.65 23.10
CA VAL F 101 34.18 17.96 22.82
C VAL F 101 35.44 17.75 21.99
N LEU F 102 35.43 18.24 20.74
CA LEU F 102 36.35 17.72 19.74
C LEU F 102 37.74 18.33 19.86
N GLY F 103 37.87 19.63 19.61
CA GLY F 103 39.18 20.25 19.68
C GLY F 103 39.71 20.77 18.36
N GLY F 104 40.73 21.63 18.42
CA GLY F 104 41.20 22.30 17.24
C GLY F 104 40.20 23.34 16.78
N ALA F 105 40.02 24.38 17.60
CA ALA F 105 38.86 25.25 17.48
C ALA F 105 38.90 26.15 16.26
N GLY F 106 40.08 26.63 15.88
CA GLY F 106 40.13 27.64 14.83
C GLY F 106 40.31 27.13 13.42
N THR F 107 40.60 25.85 13.25
CA THR F 107 40.93 25.32 11.93
C THR F 107 39.70 25.21 11.06
N PRO F 108 39.63 25.93 9.94
CA PRO F 108 38.44 25.88 9.08
C PRO F 108 38.36 24.56 8.33
N SER F 109 37.19 24.31 7.77
CA SER F 109 36.96 23.13 6.94
C SER F 109 36.85 23.46 5.48
N ALA F 110 36.94 24.74 5.12
CA ALA F 110 36.97 25.18 3.72
C ALA F 110 37.54 26.59 3.69
N CYS F 111 38.25 26.89 2.61
CA CYS F 111 38.80 28.23 2.41
C CYS F 111 39.09 28.39 0.93
N ASN F 112 39.33 29.64 0.54
CA ASN F 112 39.75 29.92 -0.82
C ASN F 112 41.12 30.59 -0.85
N ASP F 113 41.28 31.68 -0.11
CA ASP F 113 42.56 32.39 -0.07
C ASP F 113 43.45 31.69 0.94
N ALA F 114 44.49 31.03 0.46
CA ALA F 114 45.34 30.22 1.32
C ALA F 114 46.33 31.06 2.13
N ALA F 115 46.29 32.38 2.03
CA ALA F 115 46.96 33.22 3.00
C ALA F 115 46.03 33.60 4.14
N TYR F 116 44.73 33.64 3.86
CA TYR F 116 43.74 33.99 4.88
C TYR F 116 43.63 32.88 5.92
N ARG F 117 43.75 31.63 5.48
CA ARG F 117 43.76 30.51 6.43
C ARG F 117 44.97 30.57 7.35
N ASP F 118 46.14 30.90 6.80
CA ASP F 118 47.35 31.00 7.61
C ASP F 118 47.25 32.16 8.60
N LYS F 119 46.67 33.27 8.14
CA LYS F 119 46.47 34.44 9.00
C LYS F 119 45.52 34.11 10.15
N LEU F 120 44.44 33.40 9.85
CA LEU F 120 43.46 33.08 10.88
C LEU F 120 44.02 32.08 11.88
N LEU F 121 44.82 31.11 11.40
CA LEU F 121 45.43 30.16 12.33
C LEU F 121 46.47 30.82 13.21
N GLN F 122 47.24 31.79 12.69
CA GLN F 122 48.20 32.42 13.58
C GLN F 122 47.51 33.40 14.53
N THR F 123 46.34 33.93 14.16
CA THR F 123 45.55 34.73 15.09
C THR F 123 45.03 33.89 16.24
N VAL F 124 44.45 32.72 15.94
CA VAL F 124 43.91 31.86 16.98
C VAL F 124 45.02 31.28 17.86
N ALA F 125 46.18 30.99 17.27
CA ALA F 125 47.29 30.52 18.08
C ALA F 125 47.86 31.63 18.95
N THR F 126 47.83 32.88 18.48
CA THR F 126 48.20 34.02 19.31
C THR F 126 47.27 34.15 20.49
N TYR F 127 45.97 33.96 20.26
CA TYR F 127 44.99 33.94 21.34
C TYR F 127 45.29 32.85 22.36
N VAL F 128 45.51 31.62 21.90
CA VAL F 128 45.65 30.50 22.84
C VAL F 128 46.96 30.60 23.61
N ASN F 129 48.01 31.14 22.98
CA ASN F 129 49.22 31.42 23.75
C ASN F 129 49.02 32.57 24.74
N ASP F 130 48.15 33.52 24.41
CA ASP F 130 47.89 34.63 25.33
C ASP F 130 47.07 34.15 26.52
N GLN F 131 45.86 33.68 26.26
CA GLN F 131 44.99 33.10 27.28
C GLN F 131 44.37 31.83 26.73
N GLY F 132 44.50 30.74 27.49
CA GLY F 132 43.98 29.46 27.06
C GLY F 132 42.46 29.44 27.03
N PHE F 133 41.93 28.31 26.58
CA PHE F 133 40.48 28.16 26.59
C PHE F 133 39.98 27.94 28.00
N ALA F 134 39.96 28.98 28.83
CA ALA F 134 39.57 28.85 30.22
C ALA F 134 38.35 29.66 30.59
N GLU F 135 38.18 30.85 30.00
CA GLU F 135 36.99 31.65 30.26
C GLU F 135 35.75 30.99 29.65
N LEU F 136 35.86 30.61 28.38
CA LEU F 136 34.80 29.85 27.73
C LEU F 136 34.62 28.48 28.39
N ALA F 137 35.68 27.94 28.98
CA ALA F 137 35.55 26.68 29.69
C ALA F 137 34.73 26.83 30.97
N ARG F 138 34.94 27.91 31.72
CA ARG F 138 34.13 28.09 32.92
C ARG F 138 32.69 28.42 32.58
N ARG F 139 32.47 29.12 31.47
CA ARG F 139 31.10 29.45 31.11
C ARG F 139 30.35 28.23 30.57
N TYR F 140 31.03 27.36 29.82
CA TYR F 140 30.42 26.09 29.43
C TYR F 140 30.21 25.17 30.63
N ALA F 141 31.11 25.19 31.61
CA ALA F 141 30.91 24.38 32.79
C ALA F 141 29.72 24.86 33.61
N HIS F 142 29.47 26.18 33.63
CA HIS F 142 28.26 26.67 34.28
C HIS F 142 27.02 26.24 33.53
N ASN F 143 27.03 26.34 32.20
CA ASN F 143 25.81 25.92 31.50
C ASN F 143 25.64 24.41 31.44
N LEU F 144 26.65 23.63 31.81
CA LEU F 144 26.42 22.21 32.07
C LEU F 144 25.95 21.93 33.50
N ALA F 145 26.48 22.65 34.49
CA ALA F 145 26.25 22.28 35.87
C ALA F 145 25.13 23.06 36.53
N ASN F 146 24.50 23.99 35.83
CA ASN F 146 23.11 24.30 36.15
C ASN F 146 22.26 23.43 35.23
N ALA F 147 20.98 23.75 35.06
CA ALA F 147 20.19 22.94 34.15
C ALA F 147 19.61 23.78 33.05
N ARG F 148 20.45 24.56 32.38
CA ARG F 148 19.98 25.43 31.30
C ARG F 148 19.41 24.63 30.15
N PHE F 149 19.90 23.41 29.92
CA PHE F 149 19.39 22.60 28.81
C PHE F 149 18.00 22.05 29.08
N LEU F 150 17.61 21.89 30.34
CA LEU F 150 16.20 21.74 30.66
C LEU F 150 15.56 23.09 30.41
N TRP F 151 14.89 23.24 29.28
CA TRP F 151 14.39 24.56 28.90
C TRP F 151 13.13 24.94 29.66
N ARG F 152 12.07 24.14 29.56
CA ARG F 152 10.87 24.42 30.31
C ARG F 152 10.69 23.46 31.48
N ASN F 153 11.41 22.35 31.50
CA ASN F 153 11.31 21.41 32.60
C ASN F 153 12.01 21.91 33.87
N ARG F 154 12.77 23.00 33.78
CA ARG F 154 13.44 23.56 34.93
C ARG F 154 12.56 24.55 35.68
N VAL F 155 11.71 25.27 34.96
CA VAL F 155 10.90 26.35 35.55
C VAL F 155 9.86 25.73 36.48
N GLY F 156 10.00 26.01 37.77
CA GLY F 156 9.11 25.44 38.76
C GLY F 156 9.39 23.97 39.03
N ALA F 157 10.54 23.69 39.61
CA ALA F 157 10.88 22.34 40.03
C ALA F 157 11.35 22.37 41.48
N GLU F 158 11.19 21.24 42.16
CA GLU F 158 11.55 21.18 43.57
C GLU F 158 13.06 21.17 43.75
N ALA F 159 13.75 20.28 43.05
CA ALA F 159 15.20 20.14 43.21
C ALA F 159 15.76 19.53 41.95
N VAL F 160 16.76 20.17 41.35
CA VAL F 160 17.33 19.73 40.09
C VAL F 160 18.79 19.39 40.33
N GLU F 161 19.16 18.16 40.03
CA GLU F 161 20.49 17.65 40.27
C GLU F 161 21.11 17.27 38.95
N VAL F 162 22.39 17.57 38.77
CA VAL F 162 23.11 17.20 37.56
C VAL F 162 24.22 16.25 37.97
N ARG F 163 24.32 15.12 37.28
CA ARG F 163 25.37 14.14 37.51
C ARG F 163 26.14 14.01 36.21
N ILE F 164 27.34 14.56 36.18
CA ILE F 164 28.18 14.54 34.99
C ILE F 164 29.26 13.48 35.15
N ASN F 165 29.40 12.61 34.17
CA ASN F 165 30.46 11.62 34.20
C ASN F 165 31.38 11.78 33.01
N HIS F 166 32.65 11.45 33.24
CA HIS F 166 33.72 11.57 32.25
C HIS F 166 34.12 10.19 31.78
N ILE F 167 33.53 9.76 30.66
CA ILE F 167 33.84 8.47 30.05
C ILE F 167 35.18 8.60 29.33
N ARG F 168 36.14 7.75 29.71
CA ARG F 168 37.41 7.70 29.01
C ARG F 168 37.62 6.35 28.32
N GLN F 169 37.63 5.27 29.08
CA GLN F 169 37.39 3.94 28.56
C GLN F 169 35.89 3.68 28.74
N GLY F 170 35.45 2.43 28.69
CA GLY F 170 34.03 2.14 28.84
C GLY F 170 33.43 2.47 30.20
N GLU F 171 34.26 2.79 31.20
CA GLU F 171 33.80 3.18 32.52
C GLU F 171 33.97 4.68 32.72
N VAL F 172 33.59 5.14 33.91
CA VAL F 172 33.72 6.54 34.26
C VAL F 172 35.09 6.78 34.87
N ALA F 173 35.55 8.03 34.82
CA ALA F 173 36.83 8.41 35.38
C ALA F 173 36.68 9.29 36.61
N ARG F 174 35.99 10.42 36.48
CA ARG F 174 35.65 11.26 37.62
C ARG F 174 34.20 11.65 37.55
N ALA F 175 33.44 11.38 38.60
CA ALA F 175 32.03 11.72 38.67
C ALA F 175 31.83 13.08 39.32
N TRP F 176 30.74 13.74 38.98
CA TRP F 176 30.40 15.02 39.57
C TRP F 176 28.92 15.08 39.92
N ARG F 177 28.63 15.42 41.16
CA ARG F 177 27.31 15.84 41.62
C ARG F 177 27.23 17.35 41.58
N PHE F 178 26.00 17.86 41.47
CA PHE F 178 25.77 19.31 41.53
C PHE F 178 24.42 19.58 42.17
N ASP F 179 24.00 20.83 42.09
CA ASP F 179 22.69 21.25 42.58
C ASP F 179 22.32 22.48 41.75
N ALA F 180 21.48 22.29 40.74
CA ALA F 180 21.32 23.30 39.71
C ALA F 180 20.54 24.52 40.15
N LEU F 181 19.82 24.45 41.27
CA LEU F 181 19.20 25.66 41.79
C LEU F 181 20.15 26.45 42.68
N ALA F 182 21.04 25.77 43.40
CA ALA F 182 22.01 26.46 44.24
C ALA F 182 23.04 27.20 43.41
N ILE F 183 23.27 26.77 42.18
CA ILE F 183 24.05 27.54 41.22
C ILE F 183 23.08 28.42 40.46
N GLY F 184 23.44 29.69 40.27
CA GLY F 184 22.52 30.64 39.67
C GLY F 184 22.33 30.40 38.18
N LEU F 185 21.38 31.14 37.63
CA LEU F 185 21.09 31.08 36.20
C LEU F 185 21.54 32.33 35.47
N ARG F 186 21.97 33.37 36.20
CA ARG F 186 22.37 34.63 35.58
C ARG F 186 23.72 35.12 36.07
N ASP F 187 24.53 34.27 36.69
CA ASP F 187 25.85 34.71 37.15
C ASP F 187 26.87 33.59 37.00
N PHE F 188 27.98 33.90 36.34
CA PHE F 188 29.01 32.92 36.05
C PHE F 188 30.17 33.10 37.03
N LYS F 189 29.97 32.62 38.25
CA LYS F 189 30.96 32.66 39.31
C LYS F 189 31.53 31.27 39.56
N ALA F 190 32.81 31.21 39.88
CA ALA F 190 33.52 29.94 39.89
C ALA F 190 33.51 29.29 41.27
N ASP F 191 33.85 28.00 41.28
CA ASP F 191 33.96 27.20 42.48
C ASP F 191 35.23 26.39 42.37
N ALA F 192 35.39 25.36 43.20
CA ALA F 192 36.51 24.44 43.00
C ALA F 192 36.13 23.34 42.00
N GLU F 193 34.95 22.76 42.18
CA GLU F 193 34.54 21.63 41.38
C GLU F 193 34.07 22.07 39.99
N LEU F 194 33.49 23.27 39.90
CA LEU F 194 33.24 23.88 38.60
C LEU F 194 34.54 24.18 37.87
N ASP F 195 35.59 24.56 38.59
CA ASP F 195 36.85 24.76 37.89
C ASP F 195 37.51 23.44 37.51
N ALA F 196 37.18 22.35 38.20
CA ALA F 196 37.64 21.04 37.73
C ALA F 196 36.98 20.65 36.42
N LEU F 197 35.65 20.81 36.34
CA LEU F 197 34.95 20.56 35.08
C LEU F 197 35.42 21.52 33.97
N ALA F 198 35.67 22.77 34.31
CA ALA F 198 36.17 23.71 33.33
C ALA F 198 37.58 23.37 32.87
N GLU F 199 38.41 22.82 33.75
CA GLU F 199 39.74 22.45 33.31
C GLU F 199 39.69 21.22 32.42
N LEU F 200 38.72 20.34 32.63
CA LEU F 200 38.53 19.22 31.72
C LEU F 200 38.08 19.68 30.34
N ILE F 201 37.13 20.62 30.29
CA ILE F 201 36.70 21.17 29.01
C ILE F 201 37.82 21.98 28.35
N ALA F 202 38.68 22.61 29.15
CA ALA F 202 39.84 23.32 28.63
C ALA F 202 40.82 22.37 27.95
N SER F 203 41.19 21.30 28.62
CA SER F 203 42.11 20.33 28.05
C SER F 203 41.44 19.39 27.07
N GLY F 204 40.15 19.54 26.82
CA GLY F 204 39.53 18.88 25.70
C GLY F 204 39.40 19.76 24.48
N LEU F 205 39.22 21.06 24.68
CA LEU F 205 39.15 21.98 23.55
C LEU F 205 40.52 22.30 22.98
N SER F 206 41.56 22.35 23.80
CA SER F 206 42.84 22.82 23.30
C SER F 206 43.69 21.69 22.72
N GLY F 207 43.08 20.62 22.22
CA GLY F 207 43.77 19.60 21.47
C GLY F 207 44.52 18.57 22.28
N SER F 208 44.62 18.74 23.60
CA SER F 208 45.48 17.91 24.43
C SER F 208 44.71 16.80 25.13
N GLY F 209 43.72 16.23 24.47
CA GLY F 209 43.01 15.10 25.05
C GLY F 209 41.74 14.81 24.28
N HIS F 210 40.99 13.85 24.81
CA HIS F 210 39.67 13.52 24.28
C HIS F 210 38.70 13.38 25.43
N VAL F 211 37.63 14.18 25.40
CA VAL F 211 36.69 14.26 26.50
C VAL F 211 35.28 13.93 25.99
N LEU F 212 34.67 12.94 26.65
CA LEU F 212 33.31 12.49 26.40
C LEU F 212 32.56 12.51 27.72
N LEU F 213 31.74 13.52 27.92
CA LEU F 213 30.96 13.69 29.14
C LEU F 213 29.53 13.25 28.87
N GLU F 214 28.94 12.50 29.79
CA GLU F 214 27.51 12.27 29.68
C GLU F 214 26.83 12.87 30.89
N VAL F 215 25.69 13.49 30.62
CA VAL F 215 25.02 14.38 31.56
C VAL F 215 23.69 13.73 31.89
N VAL F 216 23.55 13.31 33.14
CA VAL F 216 22.30 12.75 33.63
C VAL F 216 21.69 13.81 34.54
N ALA F 217 20.60 14.42 34.13
CA ALA F 217 20.00 15.51 34.89
C ALA F 217 18.68 15.06 35.47
N PHE F 218 18.56 15.11 36.80
CA PHE F 218 17.37 14.76 37.55
C PHE F 218 16.61 16.02 37.92
N ALA F 219 15.29 15.91 37.99
CA ALA F 219 14.47 17.06 38.37
C ALA F 219 13.18 16.54 39.00
N ARG F 220 12.97 16.83 40.28
CA ARG F 220 11.69 16.53 40.91
C ARG F 220 10.60 17.40 40.31
N ILE F 221 9.58 16.77 39.74
CA ILE F 221 8.49 17.52 39.17
C ILE F 221 7.21 17.23 39.94
N GLY F 222 6.75 15.98 39.91
CA GLY F 222 5.51 15.64 40.57
C GLY F 222 4.93 14.36 40.02
N ASP F 223 3.73 14.04 40.50
CA ASP F 223 3.12 12.73 40.29
C ASP F 223 2.22 12.74 39.06
N GLY F 224 2.85 12.91 37.90
CA GLY F 224 2.11 12.78 36.66
C GLY F 224 2.02 14.06 35.87
N GLN F 225 3.00 14.94 36.05
CA GLN F 225 2.96 16.29 35.51
C GLN F 225 3.34 16.25 34.03
N GLU F 226 3.50 17.41 33.39
CA GLU F 226 3.74 17.48 31.95
C GLU F 226 5.19 17.87 31.66
N VAL F 227 5.94 16.95 31.04
CA VAL F 227 7.27 17.22 30.52
C VAL F 227 7.16 17.97 29.20
N PHE F 228 8.27 18.47 28.68
CA PHE F 228 8.25 19.25 27.45
C PHE F 228 9.40 18.84 26.53
N PRO F 229 9.18 17.86 25.67
CA PRO F 229 10.18 17.51 24.67
C PRO F 229 10.12 18.49 23.51
N SER F 230 11.03 18.32 22.56
CA SER F 230 11.08 19.20 21.42
C SER F 230 9.96 18.86 20.44
N GLN F 231 9.46 19.88 19.77
CA GLN F 231 8.27 19.75 18.94
C GLN F 231 8.68 19.56 17.47
N GLU F 232 7.94 18.71 16.76
CA GLU F 232 8.23 18.41 15.37
C GLU F 232 7.73 19.54 14.47
N LEU F 233 7.72 19.27 13.17
CA LEU F 233 7.20 20.21 12.19
C LEU F 233 6.00 19.60 11.48
N ILE F 234 4.91 20.37 11.41
CA ILE F 234 3.72 19.98 10.69
C ILE F 234 3.81 20.47 9.25
N LEU F 235 3.85 19.52 8.31
CA LEU F 235 3.73 19.82 6.89
C LEU F 235 3.04 18.64 6.24
N ASP F 236 2.06 18.96 5.37
CA ASP F 236 1.14 18.00 4.76
C ASP F 236 0.44 17.16 5.83
N LYS F 237 0.05 17.82 6.92
CA LYS F 237 -0.68 17.18 8.01
C LYS F 237 -1.90 17.98 8.44
N GLY F 238 -2.10 19.18 7.88
CA GLY F 238 -3.26 19.99 8.18
C GLY F 238 -4.44 19.81 7.25
N ASP F 239 -4.27 19.04 6.18
CA ASP F 239 -5.34 18.76 5.24
C ASP F 239 -5.85 17.34 5.36
N LYS F 240 -4.97 16.34 5.42
CA LYS F 240 -5.38 14.94 5.46
C LYS F 240 -5.55 14.44 6.89
N LYS F 241 -4.49 14.53 7.70
CA LYS F 241 -4.66 14.34 9.13
C LYS F 241 -5.51 15.46 9.71
N GLY F 242 -5.18 16.70 9.37
CA GLY F 242 -5.98 17.87 9.71
C GLY F 242 -5.98 18.27 11.16
N GLN F 243 -5.47 17.44 12.06
CA GLN F 243 -5.66 17.63 13.48
C GLN F 243 -4.35 17.73 14.24
N LYS F 244 -3.41 16.82 13.99
CA LYS F 244 -2.18 16.73 14.77
C LYS F 244 -1.30 17.93 14.47
N SER F 245 -1.27 18.87 15.40
CA SER F 245 -0.49 20.10 15.27
C SER F 245 0.78 20.09 16.10
N LYS F 246 0.68 19.76 17.38
CA LYS F 246 1.84 19.79 18.28
C LYS F 246 2.49 18.42 18.40
N THR F 247 2.93 17.88 17.26
CA THR F 247 3.59 16.57 17.26
C THR F 247 4.97 16.66 17.88
N LEU F 248 5.33 15.65 18.66
CA LEU F 248 6.54 15.67 19.47
C LEU F 248 7.66 14.87 18.83
N TYR F 249 8.89 15.25 19.12
CA TYR F 249 10.07 14.57 18.62
C TYR F 249 10.26 13.29 19.40
N SER F 250 9.86 12.17 18.81
CA SER F 250 10.04 10.87 19.43
C SER F 250 11.19 10.14 18.77
N VAL F 251 11.86 9.32 19.55
CA VAL F 251 12.93 8.45 19.09
C VAL F 251 12.45 7.05 19.41
N ARG F 252 13.33 6.06 19.37
CA ARG F 252 12.91 4.68 19.56
C ARG F 252 12.38 4.48 20.97
N ASP F 253 11.06 4.65 21.11
CA ASP F 253 10.29 4.50 22.34
C ASP F 253 10.79 5.43 23.45
N ALA F 254 10.90 6.72 23.11
CA ALA F 254 11.20 7.74 24.09
C ALA F 254 10.83 9.11 23.53
N ALA F 255 10.61 10.04 24.43
CA ALA F 255 10.55 11.45 24.07
C ALA F 255 11.94 12.05 24.23
N ALA F 256 12.21 13.08 23.44
CA ALA F 256 13.59 13.52 23.33
C ALA F 256 13.66 14.98 22.93
N ILE F 257 14.70 15.63 23.41
CA ILE F 257 15.02 17.02 23.08
C ILE F 257 15.97 16.99 21.90
N HIS F 258 15.86 17.97 21.01
CA HIS F 258 16.79 18.06 19.89
C HIS F 258 18.21 18.35 20.36
N SER F 259 19.17 17.75 19.64
CA SER F 259 20.57 17.96 19.95
C SER F 259 20.98 19.40 19.75
N GLN F 260 20.43 20.09 18.75
CA GLN F 260 20.78 21.49 18.59
C GLN F 260 20.14 22.37 19.66
N LYS F 261 19.07 21.93 20.29
CA LYS F 261 18.52 22.71 21.40
C LYS F 261 19.38 22.57 22.64
N ILE F 262 19.87 21.36 22.90
CA ILE F 262 20.87 21.18 23.96
C ILE F 262 22.13 21.97 23.65
N GLY F 263 22.58 21.93 22.42
CA GLY F 263 23.73 22.71 22.02
C GLY F 263 23.48 24.19 21.82
N ASN F 264 22.24 24.63 21.98
CA ASN F 264 21.93 26.04 22.09
C ASN F 264 21.92 26.48 23.54
N ALA F 265 21.59 25.59 24.45
CA ALA F 265 21.65 25.95 25.85
C ALA F 265 23.02 25.70 26.47
N LEU F 266 23.91 24.97 25.81
CA LEU F 266 25.27 24.91 26.29
C LEU F 266 26.02 26.18 25.99
N ARG F 267 25.73 26.80 24.85
CA ARG F 267 26.50 27.95 24.37
C ARG F 267 25.83 29.28 24.69
N THR F 268 24.85 29.30 25.60
CA THR F 268 24.35 30.58 26.04
C THR F 268 25.39 31.19 26.96
N ILE F 269 26.28 31.97 26.35
CA ILE F 269 27.47 32.50 26.99
C ILE F 269 27.45 34.02 27.02
N ASP F 270 26.96 34.64 25.95
CA ASP F 270 27.28 36.01 25.60
C ASP F 270 26.67 36.97 26.61
N THR F 271 27.49 37.41 27.57
CA THR F 271 27.16 38.50 28.47
C THR F 271 27.88 39.77 28.10
N TRP F 272 28.49 39.83 26.91
CA TRP F 272 29.35 40.93 26.57
C TRP F 272 28.74 41.84 25.51
N TYR F 273 27.52 41.54 25.06
CA TYR F 273 26.83 42.35 24.08
C TYR F 273 26.53 43.73 24.66
N PRO F 274 26.59 44.80 23.85
CA PRO F 274 26.72 46.15 24.42
C PRO F 274 25.46 46.73 25.02
N ASP F 275 24.28 46.16 24.74
CA ASP F 275 23.04 46.84 25.07
C ASP F 275 22.80 46.86 26.57
N GLU F 276 22.64 45.69 27.17
CA GLU F 276 22.42 45.62 28.62
C GLU F 276 22.87 44.25 29.09
N ASP F 277 24.03 44.20 29.76
CA ASP F 277 24.49 42.96 30.35
C ASP F 277 23.62 42.51 31.52
N GLY F 278 22.84 43.43 32.11
CA GLY F 278 21.89 43.08 33.14
C GLY F 278 20.54 42.65 32.61
N LEU F 279 20.54 41.78 31.61
CA LEU F 279 19.33 41.13 31.11
C LEU F 279 19.59 39.67 30.84
N GLY F 280 20.57 39.08 31.52
CA GLY F 280 20.93 37.70 31.34
C GLY F 280 21.81 37.48 30.13
N PRO F 281 22.50 36.35 30.09
CA PRO F 281 23.27 35.99 28.91
C PRO F 281 22.36 35.63 27.75
N ILE F 282 22.88 35.78 26.53
CA ILE F 282 22.17 35.32 25.35
C ILE F 282 23.05 34.32 24.61
N ALA F 283 22.43 33.68 23.61
CA ALA F 283 23.06 32.60 22.89
C ALA F 283 24.10 33.15 21.91
N VAL F 284 25.25 32.51 21.87
CA VAL F 284 26.34 32.96 21.02
C VAL F 284 25.96 32.69 19.57
N GLU F 285 25.69 33.75 18.82
CA GLU F 285 25.37 33.68 17.40
C GLU F 285 25.99 34.88 16.71
N PRO F 286 26.15 34.81 15.39
CA PRO F 286 26.40 36.04 14.63
C PRO F 286 25.13 36.87 14.63
N TYR F 287 25.30 38.19 14.69
CA TYR F 287 24.21 39.15 14.91
C TYR F 287 23.40 38.78 16.13
N GLY F 288 24.11 38.48 17.24
CA GLY F 288 23.64 37.55 18.26
C GLY F 288 22.30 37.83 18.87
N SER F 289 21.31 37.04 18.47
CA SER F 289 19.92 37.41 18.61
C SER F 289 19.12 36.26 19.20
N VAL F 290 18.35 36.56 20.22
CA VAL F 290 17.30 35.65 20.67
C VAL F 290 16.07 35.86 19.79
N THR F 291 15.45 34.76 19.40
CA THR F 291 14.26 34.84 18.55
C THR F 291 13.01 35.09 19.36
N SER F 292 12.97 34.59 20.60
CA SER F 292 11.77 34.69 21.41
C SER F 292 11.49 36.11 21.88
N GLN F 293 12.51 36.97 21.95
CA GLN F 293 12.28 38.35 22.26
C GLN F 293 12.10 39.21 21.02
N GLY F 294 12.36 38.66 19.84
CA GLY F 294 12.16 39.37 18.59
C GLY F 294 13.18 40.44 18.25
N LYS F 295 14.01 40.85 19.20
CA LYS F 295 15.01 41.88 18.96
C LYS F 295 16.36 41.23 18.70
N ALA F 296 17.16 41.87 17.86
CA ALA F 296 18.49 41.37 17.51
C ALA F 296 19.53 42.23 18.19
N TYR F 297 20.22 41.67 19.17
CA TYR F 297 21.36 42.35 19.76
C TYR F 297 22.54 42.26 18.79
N ARG F 298 23.58 43.04 19.08
CA ARG F 298 24.79 43.15 18.27
C ARG F 298 24.46 43.51 16.82
N GLN F 299 23.82 44.66 16.67
CA GLN F 299 23.48 45.17 15.35
C GLN F 299 24.77 45.50 14.59
N PRO F 300 24.82 45.24 13.28
CA PRO F 300 26.02 45.55 12.51
C PRO F 300 26.24 47.03 12.26
N LYS F 301 25.25 47.88 12.53
CA LYS F 301 25.50 49.32 12.50
C LYS F 301 26.44 49.72 13.63
N GLN F 302 26.24 49.17 14.81
CA GLN F 302 27.27 49.21 15.83
C GLN F 302 28.40 48.27 15.43
N LYS F 303 29.59 48.53 15.96
CA LYS F 303 30.78 47.80 15.53
C LYS F 303 31.09 46.60 16.40
N LEU F 304 30.08 46.01 17.05
CA LEU F 304 30.28 44.82 17.88
C LEU F 304 29.53 43.62 17.31
N ASP F 305 29.61 43.47 15.99
CA ASP F 305 29.09 42.32 15.27
C ASP F 305 30.06 41.15 15.43
N PHE F 306 29.78 40.03 14.79
CA PHE F 306 30.84 39.05 14.63
C PHE F 306 31.68 39.31 13.39
N TYR F 307 31.03 39.68 12.29
CA TYR F 307 31.73 39.86 11.03
C TYR F 307 32.65 41.07 11.09
N THR F 308 32.21 42.13 11.76
CA THR F 308 33.03 43.32 11.91
C THR F 308 34.25 43.04 12.78
N LEU F 309 34.07 42.30 13.86
CA LEU F 309 35.21 41.98 14.73
C LEU F 309 36.17 41.02 14.06
N LEU F 310 35.66 40.06 13.30
CA LEU F 310 36.54 39.11 12.64
C LEU F 310 37.32 39.78 11.51
N ASP F 311 36.66 40.60 10.69
CA ASP F 311 37.32 41.29 9.61
C ASP F 311 38.12 42.50 10.06
N ASN F 312 38.05 42.89 11.32
CA ASN F 312 39.03 43.81 11.84
C ASN F 312 40.14 43.13 12.62
N TRP F 313 39.93 41.90 13.06
CA TRP F 313 40.95 41.25 13.87
C TRP F 313 41.87 40.36 13.06
N VAL F 314 41.37 39.78 11.97
CA VAL F 314 42.22 38.94 11.14
C VAL F 314 42.89 39.76 10.03
N LEU F 315 42.15 40.67 9.41
CA LEU F 315 42.68 41.37 8.24
C LEU F 315 43.65 42.48 8.64
N ARG F 316 43.15 43.46 9.38
CA ARG F 316 43.84 44.74 9.56
C ARG F 316 44.76 44.76 10.77
N ASP F 317 45.10 43.59 11.31
CA ASP F 317 46.15 43.33 12.30
C ASP F 317 45.86 43.90 13.69
N GLU F 318 44.77 44.62 13.88
CA GLU F 318 44.45 45.16 15.19
C GLU F 318 43.64 44.15 15.98
N ALA F 319 43.38 44.47 17.24
CA ALA F 319 42.63 43.56 18.08
C ALA F 319 41.39 44.24 18.64
N PRO F 320 40.33 43.50 18.90
CA PRO F 320 39.23 44.02 19.71
C PRO F 320 39.55 43.88 21.19
N ALA F 321 38.58 44.15 22.05
CA ALA F 321 38.77 43.96 23.47
C ALA F 321 38.85 42.47 23.81
N VAL F 322 39.21 42.18 25.07
CA VAL F 322 39.45 40.80 25.49
C VAL F 322 38.14 40.01 25.50
N GLU F 323 37.08 40.62 26.00
CA GLU F 323 35.80 39.95 26.06
C GLU F 323 35.19 39.77 24.67
N GLN F 324 35.45 40.69 23.76
CA GLN F 324 34.99 40.48 22.40
C GLN F 324 35.81 39.41 21.69
N GLN F 325 37.08 39.24 22.07
CA GLN F 325 37.84 38.09 21.60
C GLN F 325 37.22 36.79 22.06
N HIS F 326 36.74 36.76 23.31
CA HIS F 326 36.02 35.58 23.81
C HIS F 326 34.77 35.31 23.00
N TYR F 327 34.06 36.38 22.60
CA TYR F 327 32.86 36.20 21.78
C TYR F 327 33.19 35.64 20.39
N VAL F 328 34.22 36.21 19.74
CA VAL F 328 34.60 35.78 18.40
C VAL F 328 35.04 34.33 18.40
N ILE F 329 35.77 33.91 19.43
CA ILE F 329 36.17 32.51 19.45
C ILE F 329 35.05 31.61 19.94
N ALA F 330 34.04 32.16 20.62
CA ALA F 330 32.86 31.35 20.93
C ALA F 330 32.04 31.03 19.69
N ASN F 331 31.84 31.99 18.79
CA ASN F 331 31.14 31.60 17.57
C ASN F 331 32.07 31.19 16.44
N LEU F 332 33.35 31.02 16.72
CA LEU F 332 34.13 30.08 15.92
C LEU F 332 34.02 28.67 16.45
N ILE F 333 33.83 28.53 17.77
CA ILE F 333 33.85 27.20 18.38
C ILE F 333 32.49 26.53 18.32
N ARG F 334 31.43 27.28 18.02
CA ARG F 334 30.16 26.64 17.67
C ARG F 334 30.11 26.19 16.22
N GLY F 335 31.05 26.62 15.39
CA GLY F 335 31.03 26.29 13.98
C GLY F 335 30.05 27.14 13.20
N GLY F 336 30.05 26.96 11.89
CA GLY F 336 29.10 27.67 11.05
C GLY F 336 29.59 27.76 9.62
N VAL F 337 28.83 28.48 8.82
CA VAL F 337 29.20 28.83 7.46
C VAL F 337 29.38 30.34 7.38
N PHE F 338 30.51 30.77 6.84
CA PHE F 338 30.83 32.18 6.76
C PHE F 338 31.36 32.46 5.36
N GLY F 339 31.60 33.71 5.06
CA GLY F 339 31.88 34.03 3.67
C GLY F 339 30.62 34.28 2.89
N GLU F 340 30.74 35.07 1.83
CA GLU F 340 29.56 35.60 1.15
C GLU F 340 28.88 34.51 0.34
N ALA F 341 27.69 34.12 0.78
CA ALA F 341 26.88 33.12 0.08
C ALA F 341 25.47 33.65 -0.13
N LEU G 8 54.41 11.34 -33.88
CA LEU G 8 53.31 10.70 -33.17
C LEU G 8 52.49 11.72 -32.42
N SER G 9 51.17 11.58 -32.46
CA SER G 9 50.25 12.48 -31.80
C SER G 9 49.38 11.72 -30.81
N THR G 10 48.80 12.45 -29.87
CA THR G 10 47.86 11.87 -28.92
C THR G 10 46.59 11.44 -29.65
N ALA G 11 45.91 10.44 -29.09
CA ALA G 11 44.70 9.97 -29.71
C ALA G 11 43.55 10.93 -29.42
N SER G 12 42.43 10.71 -30.09
CA SER G 12 41.29 11.60 -29.91
C SER G 12 40.50 11.24 -28.66
N VAL G 13 40.24 9.95 -28.46
CA VAL G 13 39.43 9.49 -27.34
C VAL G 13 40.19 8.42 -26.60
N LEU G 14 40.48 8.67 -25.33
CA LEU G 14 41.02 7.64 -24.44
C LEU G 14 39.97 7.25 -23.42
N ALA G 15 40.31 6.23 -22.63
CA ALA G 15 39.49 5.72 -21.53
C ALA G 15 40.34 4.79 -20.70
N PHE G 16 40.10 4.78 -19.40
CA PHE G 16 40.77 3.84 -18.51
C PHE G 16 39.77 3.37 -17.47
N GLU G 17 39.60 2.06 -17.37
CA GLU G 17 38.63 1.47 -16.45
C GLU G 17 39.12 1.58 -15.03
N ARG G 18 38.16 1.72 -14.11
CA ARG G 18 38.46 1.96 -12.71
C ARG G 18 39.00 0.71 -12.06
N LYS G 19 40.32 0.64 -11.93
CA LYS G 19 40.90 -0.31 -11.01
C LYS G 19 40.74 0.24 -9.60
N LEU G 20 40.96 -0.63 -8.61
CA LEU G 20 40.60 -0.41 -7.20
C LEU G 20 39.14 0.01 -7.07
N ASP G 21 38.25 -0.92 -7.39
CA ASP G 21 36.83 -0.65 -7.37
C ASP G 21 36.28 -0.88 -5.97
N PRO G 22 35.78 0.15 -5.27
CA PRO G 22 35.19 -0.08 -3.95
C PRO G 22 33.70 -0.30 -4.05
N SER G 23 33.06 -0.53 -2.92
CA SER G 23 31.62 -0.73 -2.85
C SER G 23 31.01 0.36 -2.00
N ASP G 24 29.72 0.22 -1.71
CA ASP G 24 29.13 1.06 -0.69
C ASP G 24 29.52 0.54 0.69
N ALA G 25 29.27 1.36 1.70
CA ALA G 25 29.59 1.01 3.06
C ALA G 25 28.31 0.82 3.86
N LEU G 26 28.33 -0.12 4.79
CA LEU G 26 27.23 -0.31 5.72
C LEU G 26 27.67 0.22 7.07
N MET G 27 26.81 1.01 7.70
CA MET G 27 27.08 1.52 9.03
C MET G 27 26.11 0.89 10.02
N SER G 28 26.66 0.30 11.07
CA SER G 28 25.85 -0.36 12.06
C SER G 28 26.56 -0.27 13.40
N ALA G 29 25.81 0.04 14.45
CA ALA G 29 26.39 0.41 15.72
C ALA G 29 26.10 -0.65 16.78
N GLY G 30 27.14 -1.10 17.46
CA GLY G 30 27.02 -2.01 18.58
C GLY G 30 27.96 -1.63 19.69
N ALA G 31 27.94 -2.40 20.75
CA ALA G 31 28.82 -2.12 21.88
C ALA G 31 30.25 -2.55 21.56
N TRP G 32 31.21 -1.72 21.97
CA TRP G 32 32.61 -2.13 21.98
C TRP G 32 32.79 -3.25 22.99
N ALA G 33 33.82 -4.07 22.75
CA ALA G 33 34.11 -5.40 23.31
C ALA G 33 33.09 -6.46 22.89
N GLN G 34 32.09 -6.09 22.09
CA GLN G 34 31.33 -7.03 21.28
C GLN G 34 31.68 -6.88 19.81
N ARG G 35 32.76 -6.15 19.52
CA ARG G 35 33.24 -5.94 18.16
C ARG G 35 33.71 -7.22 17.49
N ASP G 36 34.03 -8.27 18.26
CA ASP G 36 34.48 -9.52 17.66
C ASP G 36 33.33 -10.25 16.99
N ALA G 37 32.17 -10.30 17.63
CA ALA G 37 30.97 -10.93 17.09
C ALA G 37 30.08 -9.92 16.37
N SER G 38 30.66 -8.90 15.76
CA SER G 38 29.91 -7.82 15.13
C SER G 38 29.38 -8.27 13.77
N GLN G 39 28.35 -9.09 13.82
CA GLN G 39 27.61 -9.46 12.62
C GLN G 39 26.10 -9.34 12.78
N GLU G 40 25.60 -9.31 14.01
CA GLU G 40 24.19 -9.09 14.27
C GLU G 40 23.90 -7.66 14.67
N TRP G 41 24.76 -6.73 14.30
CA TRP G 41 24.52 -5.37 14.78
C TRP G 41 23.47 -4.68 13.91
N PRO G 42 22.56 -3.93 14.51
CA PRO G 42 21.50 -3.28 13.74
C PRO G 42 22.01 -2.07 12.99
N ALA G 43 21.44 -1.86 11.81
CA ALA G 43 21.92 -0.82 10.92
C ALA G 43 21.56 0.56 11.46
N VAL G 44 22.48 1.51 11.26
CA VAL G 44 22.23 2.89 11.62
C VAL G 44 21.16 3.46 10.70
N THR G 45 20.02 3.83 11.28
CA THR G 45 18.85 4.20 10.50
C THR G 45 18.81 5.70 10.28
N VAL G 46 18.72 6.10 9.03
CA VAL G 46 18.49 7.50 8.70
C VAL G 46 17.07 7.86 9.10
N ARG G 47 16.93 8.89 9.94
CA ARG G 47 15.63 9.33 10.40
C ARG G 47 15.63 10.84 10.49
N GLU G 48 14.44 11.40 10.63
CA GLU G 48 14.22 12.83 10.46
C GLU G 48 14.17 13.56 11.79
N LYS G 49 14.55 14.83 11.75
CA LYS G 49 14.23 15.80 12.78
C LYS G 49 13.83 17.08 12.08
N SER G 50 13.58 18.15 12.81
CA SER G 50 12.98 19.33 12.20
C SER G 50 13.57 20.56 12.86
N VAL G 51 14.48 21.23 12.18
CA VAL G 51 15.24 22.29 12.80
C VAL G 51 14.66 23.62 12.40
N ARG G 52 14.97 24.64 13.18
CA ARG G 52 14.79 26.02 12.76
C ARG G 52 16.11 26.73 12.95
N GLY G 53 16.33 27.75 12.15
CA GLY G 53 17.61 28.41 12.20
C GLY G 53 17.47 29.85 12.62
N THR G 54 18.50 30.63 12.29
CA THR G 54 18.53 32.06 12.55
C THR G 54 19.10 32.71 11.31
N ILE G 55 19.55 33.95 11.43
CA ILE G 55 20.29 34.61 10.38
C ILE G 55 21.76 34.51 10.74
N SER G 56 22.50 33.70 9.99
CA SER G 56 23.93 33.50 10.19
C SER G 56 24.67 33.66 8.87
N ASN G 57 24.22 34.61 8.06
CA ASN G 57 24.80 34.87 6.75
C ASN G 57 25.39 36.27 6.74
N ARG G 58 26.33 36.50 5.83
CA ARG G 58 26.84 37.85 5.64
C ARG G 58 25.78 38.68 4.96
N LEU G 59 25.37 39.75 5.62
CA LEU G 59 24.49 40.72 4.98
C LEU G 59 25.31 41.55 4.01
N LYS G 60 24.64 42.02 2.96
CA LYS G 60 25.31 42.74 1.87
C LYS G 60 25.83 44.12 2.27
N THR G 61 25.49 44.61 3.47
CA THR G 61 25.45 46.04 3.83
C THR G 61 24.62 46.82 2.80
N LYS G 62 23.52 46.21 2.37
CA LYS G 62 22.46 46.83 1.60
C LYS G 62 21.16 46.42 2.28
N ASP G 63 21.20 45.27 2.95
CA ASP G 63 20.12 44.78 3.79
C ASP G 63 20.44 44.93 5.27
N ARG G 64 21.51 45.64 5.61
CA ARG G 64 21.88 45.86 7.01
C ARG G 64 21.07 47.04 7.57
N ASP G 65 19.80 46.75 7.82
CA ASP G 65 18.86 47.69 8.40
C ASP G 65 18.09 47.01 9.51
N PRO G 66 17.75 47.72 10.59
CA PRO G 66 17.14 47.06 11.75
C PRO G 66 15.75 46.51 11.48
N ALA G 67 14.99 47.13 10.57
CA ALA G 67 13.72 46.54 10.16
C ALA G 67 13.94 45.25 9.39
N LYS G 68 15.01 45.17 8.60
CA LYS G 68 15.31 43.94 7.88
C LYS G 68 15.72 42.83 8.85
N LEU G 69 16.52 43.17 9.86
CA LEU G 69 16.91 42.16 10.84
C LEU G 69 15.74 41.72 11.70
N ASP G 70 14.85 42.65 12.06
CA ASP G 70 13.68 42.28 12.85
C ASP G 70 12.74 41.38 12.05
N ALA G 71 12.48 41.74 10.78
CA ALA G 71 11.64 40.92 9.93
C ALA G 71 12.31 39.60 9.55
N SER G 72 13.63 39.51 9.61
CA SER G 72 14.29 38.26 9.30
C SER G 72 14.30 37.31 10.50
N ILE G 73 14.64 37.82 11.69
CA ILE G 73 14.69 36.93 12.85
C ILE G 73 13.32 36.67 13.44
N GLN G 74 12.31 37.45 13.08
CA GLN G 74 10.96 37.16 13.53
C GLN G 74 10.23 36.23 12.57
N SER G 75 10.75 36.06 11.35
CA SER G 75 10.24 35.09 10.39
C SER G 75 11.31 34.01 10.18
N PRO G 76 11.30 32.94 10.97
CA PRO G 76 12.45 32.04 11.01
C PRO G 76 12.49 31.06 9.87
N ASN G 77 13.71 30.80 9.37
CA ASN G 77 13.89 29.83 8.29
C ASN G 77 13.79 28.40 8.83
N LEU G 78 12.57 27.88 8.80
CA LEU G 78 12.23 26.60 9.38
C LEU G 78 12.27 25.50 8.33
N GLN G 79 12.89 24.36 8.66
CA GLN G 79 13.11 23.34 7.64
C GLN G 79 13.38 21.97 8.26
N THR G 80 12.89 20.93 7.59
CA THR G 80 13.11 19.56 8.02
C THR G 80 14.51 19.13 7.63
N VAL G 81 15.19 18.37 8.49
CA VAL G 81 16.52 17.85 8.21
C VAL G 81 16.59 16.45 8.77
N ASP G 82 16.98 15.47 7.96
CA ASP G 82 17.13 14.10 8.46
C ASP G 82 18.59 13.79 8.75
N VAL G 83 18.84 13.26 9.94
CA VAL G 83 20.17 13.06 10.51
C VAL G 83 20.22 11.70 11.18
N ALA G 84 21.22 10.88 10.85
CA ALA G 84 21.36 9.56 11.43
C ALA G 84 22.23 9.62 12.68
N ASN G 85 21.66 9.18 13.81
CA ASN G 85 22.37 9.02 15.06
C ASN G 85 22.54 7.54 15.36
N LEU G 86 23.39 7.23 16.34
CA LEU G 86 23.55 5.85 16.75
C LEU G 86 22.34 5.38 17.54
N PRO G 87 22.16 4.07 17.66
CA PRO G 87 21.45 3.55 18.82
C PRO G 87 22.17 3.97 20.09
N SER G 88 21.43 4.57 21.01
CA SER G 88 22.02 5.22 22.18
C SER G 88 22.32 4.27 23.32
N ASP G 89 22.43 2.98 23.05
CA ASP G 89 22.93 2.00 24.01
C ASP G 89 24.27 1.44 23.57
N ALA G 90 24.88 2.04 22.55
CA ALA G 90 26.03 1.49 21.86
C ALA G 90 27.00 2.61 21.54
N ASP G 91 28.29 2.27 21.48
CA ASP G 91 29.33 3.28 21.37
C ASP G 91 30.36 2.92 20.30
N THR G 92 29.93 2.34 19.18
CA THR G 92 30.86 2.11 18.08
C THR G 92 30.27 2.57 16.76
N LEU G 93 30.97 2.29 15.68
CA LEU G 93 30.44 2.48 14.34
C LEU G 93 31.13 1.46 13.45
N LYS G 94 30.47 0.34 13.21
CA LYS G 94 30.97 -0.65 12.27
C LYS G 94 30.68 -0.15 10.87
N VAL G 95 31.73 0.19 10.13
CA VAL G 95 31.63 0.53 8.72
C VAL G 95 32.24 -0.61 7.94
N ARG G 96 31.47 -1.22 7.07
CA ARG G 96 31.93 -2.38 6.31
C ARG G 96 31.82 -2.08 4.83
N PHE G 97 32.92 -2.24 4.10
CA PHE G 97 32.85 -2.14 2.65
C PHE G 97 33.80 -3.14 2.06
N THR G 98 33.54 -3.54 0.81
CA THR G 98 34.42 -4.46 0.13
C THR G 98 35.04 -3.77 -1.08
N LEU G 99 36.22 -4.26 -1.45
CA LEU G 99 37.12 -3.60 -2.39
C LEU G 99 37.75 -4.65 -3.27
N ARG G 100 37.51 -4.59 -4.57
CA ARG G 100 38.20 -5.51 -5.46
C ARG G 100 39.28 -4.75 -6.21
N VAL G 101 40.43 -5.37 -6.33
CA VAL G 101 41.63 -4.71 -6.85
C VAL G 101 41.96 -5.41 -8.16
N LEU G 102 41.63 -4.78 -9.29
CA LEU G 102 41.54 -5.51 -10.55
C LEU G 102 42.92 -5.84 -11.11
N GLY G 103 43.70 -4.83 -11.49
CA GLY G 103 44.99 -5.08 -12.08
C GLY G 103 44.94 -5.24 -13.58
N GLY G 104 46.08 -4.98 -14.22
CA GLY G 104 46.13 -4.80 -15.65
C GLY G 104 45.97 -3.33 -15.98
N ALA G 105 46.83 -2.52 -15.37
CA ALA G 105 46.53 -1.10 -15.16
C ALA G 105 46.53 -0.30 -16.44
N GLY G 106 47.66 -0.30 -17.15
CA GLY G 106 47.88 0.66 -18.22
C GLY G 106 47.09 0.42 -19.49
N THR G 107 46.43 -0.72 -19.62
CA THR G 107 45.70 -1.04 -20.84
C THR G 107 44.46 -0.17 -20.98
N PRO G 108 44.38 0.69 -21.99
CA PRO G 108 43.23 1.59 -22.10
C PRO G 108 42.01 0.87 -22.61
N SER G 109 40.85 1.41 -22.25
CA SER G 109 39.61 0.75 -22.62
C SER G 109 39.23 1.02 -24.07
N ALA G 110 39.19 2.29 -24.46
CA ALA G 110 38.71 2.66 -25.80
C ALA G 110 39.61 3.73 -26.37
N CYS G 111 40.65 3.31 -27.09
CA CYS G 111 41.56 4.23 -27.75
C CYS G 111 41.17 4.36 -29.22
N ASN G 112 41.98 5.08 -29.99
CA ASN G 112 41.79 5.21 -31.42
C ASN G 112 43.00 4.72 -32.21
N ASP G 113 44.19 5.15 -31.83
CA ASP G 113 45.38 4.85 -32.60
C ASP G 113 45.86 3.44 -32.30
N ALA G 114 46.70 2.91 -33.18
CA ALA G 114 47.47 1.71 -32.90
C ALA G 114 48.94 2.01 -32.66
N ALA G 115 49.39 3.24 -32.91
CA ALA G 115 50.74 3.65 -32.59
C ALA G 115 50.82 4.25 -31.19
N TYR G 116 49.89 5.15 -30.89
CA TYR G 116 49.81 5.74 -29.54
C TYR G 116 49.45 4.69 -28.51
N ARG G 117 48.63 3.71 -28.90
CA ARG G 117 48.29 2.61 -28.00
C ARG G 117 49.51 1.78 -27.64
N ASP G 118 50.28 1.36 -28.65
CA ASP G 118 51.45 0.54 -28.38
C ASP G 118 52.53 1.32 -27.66
N LYS G 119 52.63 2.62 -27.92
CA LYS G 119 53.60 3.44 -27.19
C LYS G 119 53.21 3.58 -25.72
N LEU G 120 51.92 3.78 -25.44
CA LEU G 120 51.47 3.89 -24.05
C LEU G 120 51.62 2.54 -23.32
N LEU G 121 51.27 1.44 -23.99
CA LEU G 121 51.42 0.11 -23.41
C LEU G 121 52.87 -0.19 -23.08
N GLN G 122 53.80 0.10 -24.00
CA GLN G 122 55.17 -0.23 -23.68
C GLN G 122 55.80 0.77 -22.71
N THR G 123 55.26 1.97 -22.60
CA THR G 123 55.76 2.91 -21.59
C THR G 123 55.35 2.45 -20.18
N VAL G 124 54.08 2.09 -20.00
CA VAL G 124 53.62 1.57 -18.72
C VAL G 124 54.32 0.27 -18.38
N ALA G 125 54.55 -0.59 -19.38
CA ALA G 125 55.26 -1.83 -19.13
C ALA G 125 56.73 -1.60 -18.81
N THR G 126 57.33 -0.54 -19.38
CA THR G 126 58.69 -0.17 -19.03
C THR G 126 58.79 0.29 -17.59
N TYR G 127 57.81 1.08 -17.13
CA TYR G 127 57.72 1.43 -15.72
C TYR G 127 57.62 0.19 -14.84
N VAL G 128 56.67 -0.70 -15.15
CA VAL G 128 56.40 -1.86 -14.31
C VAL G 128 57.61 -2.79 -14.24
N ASN G 129 58.26 -3.03 -15.38
CA ASN G 129 59.45 -3.86 -15.37
C ASN G 129 60.68 -3.13 -14.86
N ASP G 130 60.63 -1.81 -14.72
CA ASP G 130 61.70 -1.08 -14.05
C ASP G 130 61.57 -1.20 -12.54
N GLN G 131 60.47 -0.69 -12.00
CA GLN G 131 60.19 -0.75 -10.58
C GLN G 131 58.72 -1.12 -10.40
N GLY G 132 58.39 -1.70 -9.27
CA GLY G 132 57.08 -2.28 -9.10
C GLY G 132 55.97 -1.25 -8.93
N PHE G 133 54.80 -1.78 -8.64
CA PHE G 133 53.70 -1.02 -8.07
C PHE G 133 53.82 -0.87 -6.56
N ALA G 134 54.97 -1.19 -5.98
CA ALA G 134 55.10 -1.26 -4.53
C ALA G 134 55.00 0.10 -3.86
N GLU G 135 55.34 1.17 -4.56
CA GLU G 135 55.19 2.51 -3.99
C GLU G 135 53.71 2.87 -3.85
N LEU G 136 52.96 2.74 -4.95
CA LEU G 136 51.51 2.95 -4.90
C LEU G 136 50.82 1.94 -4.01
N ALA G 137 51.39 0.74 -3.86
CA ALA G 137 50.76 -0.27 -3.03
C ALA G 137 50.98 -0.01 -1.55
N ARG G 138 52.16 0.48 -1.16
CA ARG G 138 52.36 0.92 0.22
C ARG G 138 51.47 2.08 0.56
N ARG G 139 51.26 2.98 -0.41
CA ARG G 139 50.46 4.14 -0.05
C ARG G 139 48.96 3.84 -0.05
N TYR G 140 48.52 2.89 -0.88
CA TYR G 140 47.15 2.38 -0.74
C TYR G 140 46.98 1.60 0.56
N ALA G 141 48.02 0.89 1.00
CA ALA G 141 47.93 0.18 2.27
C ALA G 141 47.88 1.16 3.45
N HIS G 142 48.56 2.30 3.34
CA HIS G 142 48.44 3.32 4.39
C HIS G 142 47.05 3.94 4.41
N ASN G 143 46.49 4.26 3.24
CA ASN G 143 45.16 4.85 3.27
C ASN G 143 44.06 3.85 3.54
N LEU G 144 44.33 2.55 3.51
CA LEU G 144 43.41 1.59 4.08
C LEU G 144 43.68 1.29 5.54
N ALA G 145 44.91 1.45 6.01
CA ALA G 145 45.26 1.11 7.37
C ALA G 145 44.93 2.20 8.36
N ASN G 146 44.92 3.45 7.93
CA ASN G 146 44.28 4.45 8.75
C ASN G 146 42.78 4.45 8.43
N ALA G 147 42.07 5.47 8.83
CA ALA G 147 40.65 5.47 8.55
C ALA G 147 40.30 6.68 7.74
N ARG G 148 41.04 6.89 6.64
CA ARG G 148 40.78 8.02 5.77
C ARG G 148 39.40 7.94 5.13
N PHE G 149 38.87 6.73 4.95
CA PHE G 149 37.53 6.60 4.40
C PHE G 149 36.46 6.98 5.41
N LEU G 150 36.75 6.88 6.70
CA LEU G 150 35.93 7.55 7.70
C LEU G 150 36.26 9.03 7.63
N TRP G 151 35.43 9.80 6.94
CA TRP G 151 35.80 11.19 6.66
C TRP G 151 35.63 12.09 7.87
N ARG G 152 34.42 12.27 8.35
CA ARG G 152 34.19 13.06 9.54
C ARG G 152 33.95 12.18 10.76
N ASN G 153 33.66 10.89 10.54
CA ASN G 153 33.48 9.97 11.65
C ASN G 153 34.78 9.67 12.37
N ARG G 154 35.92 9.91 11.72
CA ARG G 154 37.20 9.63 12.34
C ARG G 154 37.59 10.71 13.33
N VAL G 155 37.36 11.97 12.98
CA VAL G 155 37.84 13.11 13.77
C VAL G 155 37.08 13.15 15.09
N GLY G 156 37.83 13.09 16.19
CA GLY G 156 37.24 13.02 17.51
C GLY G 156 36.73 11.63 17.82
N ALA G 157 37.64 10.66 17.90
CA ALA G 157 37.29 9.29 18.23
C ALA G 157 38.27 8.77 19.27
N GLU G 158 37.80 7.84 20.10
CA GLU G 158 38.66 7.26 21.14
C GLU G 158 39.71 6.36 20.53
N ALA G 159 39.28 5.31 19.84
CA ALA G 159 40.22 4.42 19.15
C ALA G 159 39.49 3.84 17.95
N VAL G 160 40.20 3.78 16.83
CA VAL G 160 39.64 3.33 15.56
C VAL G 160 40.38 2.08 15.14
N GLU G 161 39.68 0.95 15.10
CA GLU G 161 40.29 -0.32 14.75
C GLU G 161 39.84 -0.74 13.36
N VAL G 162 40.79 -1.09 12.49
CA VAL G 162 40.45 -1.54 11.15
C VAL G 162 40.87 -2.99 11.02
N ARG G 163 39.92 -3.85 10.67
CA ARG G 163 40.17 -5.26 10.39
C ARG G 163 39.95 -5.49 8.91
N ILE G 164 40.97 -6.00 8.22
CA ILE G 164 40.90 -6.25 6.79
C ILE G 164 41.06 -7.75 6.56
N ASN G 165 40.13 -8.34 5.82
CA ASN G 165 40.24 -9.75 5.48
C ASN G 165 40.36 -9.92 3.98
N HIS G 166 41.20 -10.87 3.59
CA HIS G 166 41.39 -11.21 2.18
C HIS G 166 40.45 -12.35 1.81
N ILE G 167 39.34 -12.01 1.18
CA ILE G 167 38.41 -13.03 0.70
C ILE G 167 38.93 -13.59 -0.61
N ARG G 168 39.18 -14.90 -0.65
CA ARG G 168 39.67 -15.57 -1.85
C ARG G 168 38.65 -16.56 -2.42
N GLN G 169 38.31 -17.57 -1.65
CA GLN G 169 37.12 -18.38 -1.88
C GLN G 169 36.01 -17.76 -1.04
N GLY G 170 34.94 -18.52 -0.76
CA GLY G 170 33.88 -18.03 0.12
C GLY G 170 34.31 -17.71 1.54
N GLU G 171 35.51 -18.11 1.96
CA GLU G 171 36.04 -17.81 3.27
C GLU G 171 37.30 -16.96 3.17
N VAL G 172 37.73 -16.45 4.32
CA VAL G 172 38.86 -15.54 4.43
C VAL G 172 40.18 -16.29 4.24
N ALA G 173 41.26 -15.57 4.03
CA ALA G 173 42.56 -16.20 3.86
C ALA G 173 43.60 -15.58 4.79
N ARG G 174 43.48 -14.29 5.07
CA ARG G 174 44.40 -13.62 5.98
C ARG G 174 43.69 -12.44 6.61
N ALA G 175 43.95 -12.21 7.90
CA ALA G 175 43.32 -11.18 8.69
C ALA G 175 44.36 -10.18 9.18
N TRP G 176 44.09 -8.90 8.95
CA TRP G 176 44.91 -7.80 9.43
C TRP G 176 44.14 -7.02 10.48
N ARG G 177 44.74 -6.86 11.65
CA ARG G 177 44.22 -5.96 12.69
C ARG G 177 45.13 -4.74 12.77
N PHE G 178 44.52 -3.56 12.76
CA PHE G 178 45.26 -2.31 12.69
C PHE G 178 44.83 -1.39 13.83
N ASP G 179 45.35 -0.18 13.81
CA ASP G 179 45.03 0.84 14.81
C ASP G 179 45.19 2.18 14.10
N ALA G 180 44.09 2.76 13.69
CA ALA G 180 44.11 3.90 12.78
C ALA G 180 44.46 5.22 13.46
N LEU G 181 44.86 5.22 14.73
CA LEU G 181 45.41 6.41 15.34
C LEU G 181 46.90 6.32 15.60
N ALA G 182 47.43 5.11 15.80
CA ALA G 182 48.87 4.93 15.90
C ALA G 182 49.53 5.15 14.55
N ILE G 183 48.98 4.55 13.50
CA ILE G 183 49.29 4.96 12.14
C ILE G 183 48.73 6.36 11.94
N GLY G 184 49.56 7.26 11.45
CA GLY G 184 49.21 8.67 11.39
C GLY G 184 48.26 9.02 10.28
N LEU G 185 48.39 10.25 9.81
CA LEU G 185 47.56 10.77 8.74
C LEU G 185 48.38 11.47 7.66
N ARG G 186 49.56 11.96 8.00
CA ARG G 186 50.42 12.68 7.06
C ARG G 186 51.75 11.98 6.80
N ASP G 187 52.02 10.88 7.48
CA ASP G 187 53.28 10.16 7.30
C ASP G 187 53.02 8.80 6.66
N PHE G 188 53.78 8.50 5.63
CA PHE G 188 53.73 7.19 4.98
C PHE G 188 54.88 6.34 5.50
N LYS G 189 54.78 6.04 6.79
CA LYS G 189 55.82 5.31 7.50
C LYS G 189 55.66 3.81 7.27
N ALA G 190 56.79 3.10 7.27
CA ALA G 190 56.80 1.70 6.91
C ALA G 190 56.70 0.82 8.15
N ASP G 191 56.08 -0.34 7.97
CA ASP G 191 55.96 -1.36 9.00
C ASP G 191 56.22 -2.70 8.33
N ALA G 192 55.89 -3.78 9.02
CA ALA G 192 56.04 -5.12 8.45
C ALA G 192 54.74 -5.64 7.86
N GLU G 193 53.67 -5.61 8.64
CA GLU G 193 52.42 -6.17 8.17
C GLU G 193 51.72 -5.23 7.20
N LEU G 194 52.01 -3.94 7.31
CA LEU G 194 51.70 -3.00 6.22
C LEU G 194 52.35 -3.41 4.91
N ASP G 195 53.61 -3.85 4.97
CA ASP G 195 54.24 -4.30 3.74
C ASP G 195 53.73 -5.65 3.27
N ALA G 196 53.19 -6.48 4.17
CA ALA G 196 52.48 -7.67 3.70
C ALA G 196 51.21 -7.28 2.93
N LEU G 197 50.49 -6.28 3.43
CA LEU G 197 49.30 -5.79 2.73
C LEU G 197 49.68 -5.13 1.40
N ALA G 198 50.80 -4.40 1.38
CA ALA G 198 51.26 -3.77 0.15
C ALA G 198 51.72 -4.81 -0.85
N GLU G 199 52.30 -5.91 -0.38
CA GLU G 199 52.68 -6.98 -1.28
C GLU G 199 51.45 -7.64 -1.87
N LEU G 200 50.37 -7.76 -1.09
CA LEU G 200 49.15 -8.35 -1.64
C LEU G 200 48.52 -7.44 -2.69
N ILE G 201 48.48 -6.13 -2.42
CA ILE G 201 47.88 -5.22 -3.39
C ILE G 201 48.77 -5.07 -4.63
N ALA G 202 50.10 -5.16 -4.46
CA ALA G 202 50.98 -5.14 -5.61
C ALA G 202 50.96 -6.45 -6.38
N SER G 203 50.57 -7.55 -5.72
CA SER G 203 50.31 -8.78 -6.45
C SER G 203 49.03 -8.66 -7.26
N GLY G 204 48.03 -7.96 -6.72
CA GLY G 204 46.78 -7.85 -7.43
C GLY G 204 46.76 -6.82 -8.53
N LEU G 205 47.59 -5.79 -8.43
CA LEU G 205 47.56 -4.75 -9.44
C LEU G 205 48.37 -5.07 -10.68
N SER G 206 49.21 -6.10 -10.66
CA SER G 206 50.03 -6.44 -11.80
C SER G 206 49.54 -7.71 -12.50
N GLY G 207 48.23 -7.96 -12.44
CA GLY G 207 47.61 -9.03 -13.20
C GLY G 207 47.79 -10.42 -12.65
N SER G 208 48.55 -10.61 -11.57
CA SER G 208 48.97 -11.93 -11.13
C SER G 208 48.06 -12.50 -10.05
N GLY G 209 46.77 -12.21 -10.11
CA GLY G 209 45.84 -12.79 -9.16
C GLY G 209 44.55 -11.99 -9.15
N HIS G 210 43.63 -12.45 -8.31
CA HIS G 210 42.36 -11.76 -8.09
C HIS G 210 42.19 -11.55 -6.59
N VAL G 211 42.38 -10.31 -6.14
CA VAL G 211 42.30 -9.98 -4.73
C VAL G 211 41.04 -9.17 -4.46
N LEU G 212 40.23 -9.70 -3.55
CA LEU G 212 39.04 -9.05 -3.02
C LEU G 212 39.23 -8.91 -1.53
N LEU G 213 39.20 -7.67 -1.04
CA LEU G 213 39.38 -7.38 0.36
C LEU G 213 38.05 -6.91 0.91
N GLU G 214 37.74 -7.24 2.16
CA GLU G 214 36.70 -6.47 2.81
C GLU G 214 37.32 -5.83 4.04
N VAL G 215 36.81 -4.63 4.35
CA VAL G 215 37.39 -3.75 5.34
C VAL G 215 36.30 -3.40 6.33
N VAL G 216 36.55 -3.70 7.60
CA VAL G 216 35.62 -3.45 8.68
C VAL G 216 36.29 -2.48 9.63
N ALA G 217 35.75 -1.27 9.75
CA ALA G 217 36.35 -0.22 10.55
C ALA G 217 35.43 0.11 11.71
N PHE G 218 35.96 0.03 12.92
CA PHE G 218 35.28 0.32 14.17
C PHE G 218 35.77 1.65 14.71
N ALA G 219 34.88 2.41 15.33
CA ALA G 219 35.25 3.73 15.83
C ALA G 219 34.41 4.07 17.06
N ARG G 220 35.04 4.09 18.24
CA ARG G 220 34.37 4.55 19.45
C ARG G 220 34.06 6.03 19.34
N ILE G 221 32.79 6.37 19.24
CA ILE G 221 32.35 7.75 19.19
C ILE G 221 31.65 8.16 20.47
N GLY G 222 30.60 7.45 20.86
CA GLY G 222 29.92 7.75 22.09
C GLY G 222 28.53 7.16 22.12
N ASP G 223 27.93 7.19 23.32
CA ASP G 223 26.63 6.57 23.56
C ASP G 223 25.54 7.44 22.96
N GLY G 224 25.33 7.28 21.67
CA GLY G 224 24.25 7.98 21.00
C GLY G 224 24.65 9.23 20.26
N GLN G 225 25.89 9.32 19.80
CA GLN G 225 26.41 10.54 19.20
C GLN G 225 25.97 10.57 17.73
N GLU G 226 26.54 11.45 16.93
CA GLU G 226 26.10 11.67 15.55
C GLU G 226 27.16 11.19 14.57
N VAL G 227 26.81 10.20 13.76
CA VAL G 227 27.65 9.76 12.65
C VAL G 227 27.38 10.65 11.44
N PHE G 228 28.21 10.51 10.41
CA PHE G 228 28.07 11.32 9.21
C PHE G 228 28.11 10.43 7.97
N PRO G 229 26.96 10.10 7.41
CA PRO G 229 26.92 9.38 6.13
C PRO G 229 27.18 10.33 4.96
N SER G 230 27.09 9.78 3.76
CA SER G 230 27.22 10.61 2.57
C SER G 230 25.88 11.25 2.26
N GLN G 231 25.93 12.38 1.56
CA GLN G 231 24.81 13.30 1.47
C GLN G 231 24.34 13.41 0.03
N GLU G 232 23.15 12.87 -0.24
CA GLU G 232 22.52 13.03 -1.54
C GLU G 232 22.07 14.47 -1.72
N LEU G 233 22.20 14.97 -2.94
CA LEU G 233 21.76 16.32 -3.24
C LEU G 233 20.27 16.32 -3.53
N ILE G 234 19.66 17.49 -3.34
CA ILE G 234 18.28 17.71 -3.76
C ILE G 234 18.11 19.17 -4.15
N LEU G 235 17.43 19.40 -5.27
CA LEU G 235 17.09 20.75 -5.68
C LEU G 235 15.81 21.16 -4.98
N ASP G 236 15.73 22.44 -4.62
CA ASP G 236 14.51 22.95 -4.02
C ASP G 236 13.48 23.15 -5.13
N LYS G 237 12.22 22.89 -4.80
CA LYS G 237 11.15 22.98 -5.77
C LYS G 237 10.54 24.38 -5.73
N GLY G 238 9.42 24.57 -6.43
CA GLY G 238 8.70 25.82 -6.38
C GLY G 238 7.63 25.81 -5.31
N ASP G 239 7.98 25.33 -4.12
CA ASP G 239 7.07 25.26 -2.99
C ASP G 239 7.45 26.28 -1.92
N LYS G 240 6.49 26.58 -1.05
CA LYS G 240 6.71 27.56 -0.01
C LYS G 240 7.62 27.01 1.08
N LYS G 241 8.34 27.92 1.75
CA LYS G 241 8.99 27.75 3.06
C LYS G 241 10.22 26.84 3.00
N GLY G 242 10.46 26.17 1.88
CA GLY G 242 11.50 25.17 1.80
C GLY G 242 11.09 23.86 2.45
N GLN G 243 11.96 22.87 2.28
CA GLN G 243 11.65 21.51 2.72
C GLN G 243 12.99 20.88 3.07
N LYS G 244 13.04 19.54 3.10
CA LYS G 244 14.19 18.75 3.51
C LYS G 244 15.45 19.13 2.75
N SER G 245 16.46 19.58 3.48
CA SER G 245 17.64 20.19 2.89
C SER G 245 18.94 19.45 3.13
N LYS G 246 18.92 18.31 3.82
CA LYS G 246 20.10 17.45 3.89
C LYS G 246 19.65 15.99 3.76
N THR G 247 19.47 15.53 2.54
CA THR G 247 19.06 14.15 2.32
C THR G 247 20.28 13.25 2.44
N LEU G 248 20.20 12.22 3.26
CA LEU G 248 21.33 11.34 3.49
C LEU G 248 21.21 10.11 2.62
N TYR G 249 22.35 9.63 2.13
CA TYR G 249 22.35 8.44 1.28
C TYR G 249 22.12 7.21 2.12
N SER G 250 21.15 6.41 1.71
CA SER G 250 20.85 5.17 2.43
C SER G 250 20.64 4.05 1.44
N VAL G 251 21.30 2.92 1.71
CA VAL G 251 20.90 1.64 1.15
C VAL G 251 19.80 1.16 2.06
N ARG G 252 19.15 0.04 1.71
CA ARG G 252 17.82 -0.31 2.22
C ARG G 252 17.76 -0.45 3.74
N ASP G 253 17.21 0.60 4.38
CA ASP G 253 17.17 0.79 5.83
C ASP G 253 18.56 0.69 6.45
N ALA G 254 19.50 1.45 5.91
CA ALA G 254 20.87 1.50 6.42
C ALA G 254 21.55 2.75 5.89
N ALA G 255 22.13 3.53 6.80
CA ALA G 255 22.92 4.68 6.37
C ALA G 255 24.20 4.21 5.72
N ALA G 256 24.65 4.95 4.72
CA ALA G 256 25.69 4.43 3.84
C ALA G 256 26.57 5.54 3.32
N ILE G 257 27.87 5.33 3.34
CA ILE G 257 28.81 6.18 2.64
C ILE G 257 28.84 5.75 1.19
N HIS G 258 28.95 6.72 0.28
CA HIS G 258 29.04 6.46 -1.16
C HIS G 258 30.25 5.59 -1.51
N SER G 259 30.23 5.07 -2.72
CA SER G 259 31.37 4.29 -3.21
C SER G 259 32.50 5.21 -3.62
N GLN G 260 32.19 6.28 -4.34
CA GLN G 260 33.24 7.16 -4.84
C GLN G 260 33.88 7.99 -3.74
N LYS G 261 33.23 8.16 -2.60
CA LYS G 261 33.89 8.87 -1.50
C LYS G 261 34.98 8.03 -0.87
N ILE G 262 34.71 6.75 -0.63
CA ILE G 262 35.74 5.84 -0.16
C ILE G 262 36.80 5.63 -1.23
N GLY G 263 36.40 5.67 -2.51
CA GLY G 263 37.39 5.63 -3.58
C GLY G 263 38.26 6.86 -3.63
N ASN G 264 37.73 8.01 -3.23
CA ASN G 264 38.55 9.21 -3.11
C ASN G 264 39.49 9.10 -1.93
N ALA G 265 39.05 8.46 -0.86
CA ALA G 265 39.90 8.39 0.33
C ALA G 265 40.86 7.21 0.30
N LEU G 266 40.79 6.36 -0.72
CA LEU G 266 41.88 5.41 -0.91
C LEU G 266 43.05 6.03 -1.65
N ARG G 267 42.75 6.78 -2.71
CA ARG G 267 43.76 7.28 -3.63
C ARG G 267 44.37 8.61 -3.20
N THR G 268 44.20 9.00 -1.95
CA THR G 268 44.87 10.21 -1.47
C THR G 268 46.32 9.83 -1.25
N ILE G 269 47.11 10.03 -2.30
CA ILE G 269 48.49 9.56 -2.37
C ILE G 269 49.47 10.71 -2.48
N ASP G 270 49.11 11.76 -3.23
CA ASP G 270 50.09 12.66 -3.82
C ASP G 270 50.69 13.55 -2.75
N THR G 271 51.93 13.23 -2.37
CA THR G 271 52.78 14.08 -1.55
C THR G 271 53.85 14.76 -2.38
N TRP G 272 53.75 14.71 -3.70
CA TRP G 272 54.80 15.18 -4.58
C TRP G 272 54.46 16.49 -5.28
N TYR G 273 53.28 17.04 -5.01
CA TYR G 273 52.83 18.26 -5.67
C TYR G 273 53.71 19.44 -5.27
N PRO G 274 53.92 20.40 -6.17
CA PRO G 274 54.98 21.41 -5.96
C PRO G 274 54.66 22.48 -4.92
N ASP G 275 53.49 22.45 -4.27
CA ASP G 275 53.19 23.47 -3.28
C ASP G 275 54.05 23.31 -2.04
N GLU G 276 53.88 22.19 -1.33
CA GLU G 276 54.63 21.87 -0.14
C GLU G 276 54.36 20.42 0.23
N ASP G 277 55.30 19.83 0.96
CA ASP G 277 55.02 18.63 1.73
C ASP G 277 54.53 18.96 3.13
N GLY G 278 54.37 20.26 3.44
CA GLY G 278 53.89 20.70 4.73
C GLY G 278 52.40 20.95 4.76
N LEU G 279 51.67 20.36 3.81
CA LEU G 279 50.22 20.44 3.80
C LEU G 279 49.57 19.07 3.58
N GLY G 280 50.32 17.99 3.69
CA GLY G 280 49.77 16.66 3.67
C GLY G 280 49.54 16.11 2.28
N PRO G 281 49.25 14.81 2.18
CA PRO G 281 48.91 14.23 0.89
C PRO G 281 47.53 14.68 0.42
N ILE G 282 47.40 14.86 -0.90
CA ILE G 282 46.12 15.23 -1.47
C ILE G 282 45.73 14.18 -2.51
N ALA G 283 44.48 14.31 -2.98
CA ALA G 283 43.87 13.33 -3.85
C ALA G 283 44.47 13.38 -5.24
N VAL G 284 44.74 12.21 -5.80
CA VAL G 284 45.41 12.12 -7.09
C VAL G 284 44.39 12.40 -8.19
N GLU G 285 44.54 13.53 -8.86
CA GLU G 285 43.71 13.90 -10.00
C GLU G 285 44.57 14.63 -11.01
N PRO G 286 44.16 14.63 -12.28
CA PRO G 286 44.73 15.60 -13.22
C PRO G 286 44.25 16.98 -12.84
N TYR G 287 45.15 17.97 -13.01
CA TYR G 287 45.01 19.31 -12.44
C TYR G 287 44.69 19.20 -10.95
N GLY G 288 45.66 18.67 -10.19
CA GLY G 288 45.43 18.19 -8.84
C GLY G 288 44.79 19.17 -7.88
N SER G 289 43.52 18.93 -7.58
CA SER G 289 42.65 19.94 -7.00
C SER G 289 41.87 19.35 -5.85
N VAL G 290 41.80 20.09 -4.74
CA VAL G 290 41.01 19.71 -3.59
C VAL G 290 39.94 20.78 -3.37
N THR G 291 38.68 20.36 -3.34
CA THR G 291 37.59 21.32 -3.21
C THR G 291 37.41 21.79 -1.78
N SER G 292 37.92 21.06 -0.79
CA SER G 292 37.85 21.53 0.58
C SER G 292 38.94 22.54 0.91
N GLN G 293 39.80 22.88 -0.03
CA GLN G 293 40.72 24.00 0.13
C GLN G 293 40.64 24.96 -1.05
N GLY G 294 39.71 24.75 -1.99
CA GLY G 294 39.45 25.69 -3.05
C GLY G 294 40.51 25.76 -4.15
N LYS G 295 41.74 26.05 -3.75
CA LYS G 295 42.86 26.22 -4.65
C LYS G 295 43.21 24.90 -5.34
N ALA G 296 43.62 24.99 -6.60
CA ALA G 296 44.08 23.86 -7.36
C ALA G 296 45.60 23.84 -7.40
N TYR G 297 46.19 22.74 -6.97
CA TYR G 297 47.62 22.55 -7.15
C TYR G 297 47.86 22.05 -8.56
N ARG G 298 49.14 21.99 -8.95
CA ARG G 298 49.58 21.49 -10.27
C ARG G 298 48.93 22.27 -11.42
N GLN G 299 49.22 23.56 -11.47
CA GLN G 299 48.67 24.41 -12.51
C GLN G 299 49.31 24.09 -13.86
N PRO G 300 48.54 24.16 -14.96
CA PRO G 300 49.11 23.84 -16.27
C PRO G 300 50.11 24.86 -16.80
N LYS G 301 50.24 26.03 -16.18
CA LYS G 301 51.31 26.94 -16.54
C LYS G 301 52.63 26.57 -15.88
N GLN G 302 52.64 25.56 -15.02
CA GLN G 302 53.86 24.87 -14.66
C GLN G 302 54.02 23.69 -15.61
N LYS G 303 55.01 22.84 -15.35
CA LYS G 303 55.19 21.61 -16.10
C LYS G 303 54.94 20.38 -15.24
N LEU G 304 54.23 20.54 -14.13
CA LEU G 304 53.91 19.44 -13.23
C LEU G 304 52.42 19.12 -13.28
N ASP G 305 51.84 19.18 -14.46
CA ASP G 305 50.45 18.84 -14.69
C ASP G 305 50.35 17.33 -14.85
N PHE G 306 49.23 16.80 -15.32
CA PHE G 306 49.22 15.42 -15.75
C PHE G 306 49.33 15.27 -17.26
N TYR G 307 48.56 16.07 -17.99
CA TYR G 307 48.52 15.99 -19.44
C TYR G 307 49.87 16.34 -20.03
N THR G 308 50.54 17.34 -19.45
CA THR G 308 51.86 17.73 -19.90
C THR G 308 52.89 16.64 -19.63
N LEU G 309 52.79 15.95 -18.49
CA LEU G 309 53.75 14.89 -18.17
C LEU G 309 53.53 13.66 -19.03
N LEU G 310 52.27 13.27 -19.25
CA LEU G 310 52.01 12.11 -20.08
C LEU G 310 52.38 12.36 -21.53
N ASP G 311 52.10 13.55 -22.04
CA ASP G 311 52.45 13.87 -23.41
C ASP G 311 53.92 14.25 -23.58
N ASN G 312 54.66 14.44 -22.49
CA ASN G 312 56.11 14.50 -22.58
C ASN G 312 56.77 13.16 -22.34
N TRP G 313 56.04 12.19 -21.79
CA TRP G 313 56.61 10.89 -21.47
C TRP G 313 56.18 9.81 -22.43
N VAL G 314 55.25 10.09 -23.32
CA VAL G 314 54.82 9.14 -24.34
C VAL G 314 55.23 9.59 -25.73
N LEU G 315 54.95 10.84 -26.08
CA LEU G 315 55.13 11.30 -27.45
C LEU G 315 56.60 11.51 -27.80
N ARG G 316 57.26 12.45 -27.13
CA ARG G 316 58.64 12.80 -27.44
C ARG G 316 59.62 12.28 -26.41
N ASP G 317 59.17 11.42 -25.49
CA ASP G 317 59.96 10.51 -24.68
C ASP G 317 60.87 11.17 -23.65
N GLU G 318 60.82 12.49 -23.47
CA GLU G 318 61.63 13.10 -22.42
C GLU G 318 60.96 12.83 -21.08
N ALA G 319 61.46 11.82 -20.38
CA ALA G 319 60.80 11.28 -19.21
C ALA G 319 60.90 12.24 -18.02
N PRO G 320 59.85 12.30 -17.19
CA PRO G 320 59.95 13.06 -15.94
C PRO G 320 60.69 12.29 -14.86
N ALA G 321 60.71 12.83 -13.65
CA ALA G 321 61.36 12.15 -12.53
C ALA G 321 60.55 10.94 -12.09
N VAL G 322 61.14 10.18 -11.16
CA VAL G 322 60.51 8.95 -10.67
C VAL G 322 59.22 9.26 -9.92
N GLU G 323 59.23 10.34 -9.14
CA GLU G 323 58.04 10.69 -8.36
C GLU G 323 56.91 11.17 -9.26
N GLN G 324 57.22 11.88 -10.33
CA GLN G 324 56.15 12.22 -11.26
C GLN G 324 55.70 11.02 -12.06
N GLN G 325 56.55 10.00 -12.24
CA GLN G 325 56.07 8.75 -12.80
C GLN G 325 55.07 8.07 -11.89
N HIS G 326 55.33 8.10 -10.57
CA HIS G 326 54.36 7.54 -9.61
C HIS G 326 53.03 8.28 -9.70
N TYR G 327 53.08 9.60 -9.88
CA TYR G 327 51.83 10.36 -10.03
C TYR G 327 51.09 10.03 -11.31
N VAL G 328 51.82 9.93 -12.43
CA VAL G 328 51.20 9.62 -13.73
C VAL G 328 50.51 8.27 -13.69
N ILE G 329 51.14 7.28 -13.06
CA ILE G 329 50.48 5.98 -13.05
C ILE G 329 49.43 5.88 -11.95
N ALA G 330 49.47 6.75 -10.93
CA ALA G 330 48.36 6.77 -9.98
C ALA G 330 47.08 7.32 -10.62
N ASN G 331 47.19 8.40 -11.40
CA ASN G 331 45.95 8.80 -12.06
C ASN G 331 45.72 8.12 -13.40
N LEU G 332 46.60 7.21 -13.81
CA LEU G 332 46.14 6.19 -14.76
C LEU G 332 45.27 5.16 -14.06
N ILE G 333 45.69 4.72 -12.88
CA ILE G 333 45.01 3.60 -12.22
C ILE G 333 43.73 4.04 -11.53
N ARG G 334 43.48 5.34 -11.36
CA ARG G 334 42.15 5.77 -10.96
C ARG G 334 41.12 5.58 -12.06
N GLY G 335 41.55 5.51 -13.33
CA GLY G 335 40.63 5.47 -14.44
C GLY G 335 40.46 6.83 -15.08
N GLY G 336 39.39 7.02 -15.83
CA GLY G 336 39.03 8.33 -16.32
C GLY G 336 38.94 8.39 -17.82
N VAL G 337 38.50 9.56 -18.29
CA VAL G 337 38.40 9.87 -19.71
C VAL G 337 39.50 10.88 -20.05
N PHE G 338 40.10 10.73 -21.22
CA PHE G 338 41.17 11.61 -21.67
C PHE G 338 40.99 11.86 -23.16
N GLY G 339 41.77 12.81 -23.68
CA GLY G 339 41.67 13.17 -25.07
C GLY G 339 40.65 14.28 -25.29
N GLU G 340 40.84 15.01 -26.39
CA GLU G 340 39.96 16.12 -26.72
C GLU G 340 39.31 15.93 -28.09
N LEU H 8 25.22 -10.94 -65.14
CA LEU H 8 24.01 -11.08 -64.34
C LEU H 8 23.67 -9.72 -63.73
N SER H 9 22.38 -9.47 -63.54
CA SER H 9 21.88 -8.21 -63.01
C SER H 9 21.52 -8.40 -61.54
N THR H 10 21.90 -7.43 -60.71
CA THR H 10 21.82 -7.59 -59.28
C THR H 10 20.42 -7.29 -58.77
N ALA H 11 20.28 -7.18 -57.46
CA ALA H 11 19.04 -6.78 -56.81
C ALA H 11 19.28 -5.52 -56.01
N SER H 12 18.32 -4.61 -56.03
CA SER H 12 18.46 -3.33 -55.38
C SER H 12 17.81 -3.27 -54.02
N VAL H 13 17.22 -4.36 -53.55
CA VAL H 13 16.66 -4.47 -52.21
C VAL H 13 17.09 -5.82 -51.66
N LEU H 14 17.84 -5.82 -50.56
CA LEU H 14 18.18 -7.06 -49.88
C LEU H 14 17.81 -6.98 -48.41
N ALA H 15 17.19 -8.04 -47.91
CA ALA H 15 16.89 -8.09 -46.49
C ALA H 15 17.14 -9.49 -45.94
N PHE H 16 17.54 -9.56 -44.66
CA PHE H 16 17.73 -10.88 -44.06
C PHE H 16 17.12 -10.95 -42.66
N GLU H 17 16.98 -12.17 -42.15
CA GLU H 17 16.35 -12.41 -40.85
C GLU H 17 17.35 -12.13 -39.73
N ARG H 18 17.04 -12.54 -38.51
CA ARG H 18 18.04 -12.58 -37.44
C ARG H 18 18.00 -13.96 -36.82
N LYS H 19 18.83 -14.85 -37.33
CA LYS H 19 19.12 -16.07 -36.60
C LYS H 19 20.12 -15.73 -35.50
N LEU H 20 20.25 -16.64 -34.54
CA LEU H 20 20.90 -16.39 -33.24
C LEU H 20 20.25 -15.16 -32.58
N ASP H 21 18.98 -15.33 -32.22
CA ASP H 21 18.14 -14.28 -31.67
C ASP H 21 18.16 -14.36 -30.15
N PRO H 22 18.86 -13.47 -29.45
CA PRO H 22 18.88 -13.51 -27.99
C PRO H 22 17.73 -12.73 -27.40
N SER H 23 17.75 -12.56 -26.08
CA SER H 23 16.75 -11.77 -25.39
C SER H 23 17.41 -10.76 -24.47
N ASP H 24 16.61 -10.04 -23.68
CA ASP H 24 17.19 -9.27 -22.59
C ASP H 24 17.68 -10.21 -21.51
N ALA H 25 18.64 -9.74 -20.73
CA ALA H 25 19.23 -10.59 -19.69
C ALA H 25 18.79 -10.08 -18.33
N LEU H 26 17.97 -10.88 -17.64
CA LEU H 26 17.64 -10.60 -16.25
C LEU H 26 18.85 -10.85 -15.39
N MET H 27 19.03 -10.03 -14.35
CA MET H 27 20.09 -10.26 -13.40
C MET H 27 19.51 -10.41 -12.00
N SER H 28 20.13 -11.29 -11.22
CA SER H 28 19.66 -11.57 -9.87
C SER H 28 20.84 -12.04 -9.05
N ALA H 29 20.93 -11.59 -7.80
CA ALA H 29 22.12 -11.77 -7.01
C ALA H 29 21.83 -12.67 -5.81
N GLY H 30 22.48 -13.82 -5.75
CA GLY H 30 22.37 -14.72 -4.63
C GLY H 30 23.72 -15.22 -4.19
N ALA H 31 23.75 -16.22 -3.32
CA ALA H 31 25.02 -16.73 -2.86
C ALA H 31 25.60 -17.72 -3.87
N TRP H 32 26.79 -18.20 -3.57
CA TRP H 32 27.42 -19.29 -4.31
C TRP H 32 27.21 -20.58 -3.54
N ALA H 33 27.25 -21.69 -4.27
CA ALA H 33 26.89 -23.05 -3.85
C ALA H 33 25.44 -23.18 -3.40
N GLN H 34 24.61 -22.16 -3.64
CA GLN H 34 23.16 -22.26 -3.59
C GLN H 34 22.57 -22.00 -4.96
N ARG H 35 23.44 -21.78 -5.97
CA ARG H 35 23.09 -21.56 -7.36
C ARG H 35 22.30 -22.70 -7.97
N ASP H 36 22.41 -23.92 -7.42
CA ASP H 36 21.61 -25.04 -7.92
C ASP H 36 20.13 -24.83 -7.66
N ALA H 37 19.78 -24.06 -6.62
CA ALA H 37 18.41 -23.63 -6.41
C ALA H 37 18.19 -22.20 -6.86
N SER H 38 18.92 -21.76 -7.89
CA SER H 38 18.86 -20.38 -8.36
C SER H 38 17.58 -20.15 -9.15
N GLN H 39 16.47 -20.07 -8.42
CA GLN H 39 15.17 -19.83 -9.03
C GLN H 39 14.33 -18.81 -8.29
N GLU H 40 14.66 -18.49 -7.05
CA GLU H 40 13.95 -17.48 -6.27
C GLU H 40 14.90 -16.39 -5.79
N TRP H 41 15.95 -16.13 -6.56
CA TRP H 41 16.85 -15.07 -6.16
C TRP H 41 16.24 -13.71 -6.47
N PRO H 42 16.39 -12.74 -5.58
CA PRO H 42 15.81 -11.42 -5.84
C PRO H 42 16.61 -10.70 -6.91
N ALA H 43 15.94 -9.77 -7.59
CA ALA H 43 16.55 -9.11 -8.72
C ALA H 43 17.37 -7.91 -8.27
N VAL H 44 18.36 -7.56 -9.08
CA VAL H 44 19.24 -6.43 -8.81
C VAL H 44 18.55 -5.16 -9.28
N THR H 45 18.34 -4.22 -8.36
CA THR H 45 17.53 -3.05 -8.63
C THR H 45 18.40 -1.85 -8.98
N VAL H 46 18.05 -1.19 -10.08
CA VAL H 46 18.67 0.08 -10.44
C VAL H 46 18.23 1.14 -9.45
N ARG H 47 19.18 1.69 -8.71
CA ARG H 47 18.88 2.68 -7.69
C ARG H 47 19.87 3.83 -7.80
N GLU H 48 19.45 5.00 -7.33
CA GLU H 48 20.16 6.23 -7.59
C GLU H 48 21.15 6.57 -6.50
N LYS H 49 22.15 7.35 -6.88
CA LYS H 49 22.94 8.14 -5.96
C LYS H 49 23.20 9.47 -6.63
N SER H 50 24.06 10.30 -6.05
CA SER H 50 24.37 11.57 -6.69
C SER H 50 25.81 11.90 -6.43
N VAL H 51 26.52 12.34 -7.47
CA VAL H 51 27.96 12.48 -7.42
C VAL H 51 28.34 13.89 -7.86
N ARG H 52 29.36 14.43 -7.20
CA ARG H 52 29.85 15.78 -7.42
C ARG H 52 31.15 15.70 -8.19
N GLY H 53 31.14 16.15 -9.43
CA GLY H 53 32.31 16.11 -10.28
C GLY H 53 33.05 17.43 -10.29
N THR H 54 34.37 17.34 -10.30
CA THR H 54 35.27 18.43 -10.55
C THR H 54 35.76 18.34 -11.98
N ILE H 55 36.68 19.22 -12.34
CA ILE H 55 37.19 19.27 -13.72
C ILE H 55 38.39 18.35 -13.85
N SER H 56 38.32 17.43 -14.81
CA SER H 56 39.45 16.58 -15.18
C SER H 56 39.48 16.37 -16.69
N ASN H 57 39.24 17.43 -17.45
CA ASN H 57 39.21 17.36 -18.89
C ASN H 57 40.41 18.10 -19.47
N ARG H 58 40.70 17.87 -20.75
CA ARG H 58 41.71 18.65 -21.44
C ARG H 58 41.17 20.05 -21.69
N LEU H 59 41.79 21.04 -21.06
CA LEU H 59 41.44 22.42 -21.34
C LEU H 59 42.02 22.84 -22.68
N LYS H 60 41.56 23.98 -23.18
CA LYS H 60 41.78 24.35 -24.57
C LYS H 60 43.22 24.81 -24.79
N THR H 61 43.49 25.28 -26.02
CA THR H 61 44.86 25.61 -26.43
C THR H 61 45.40 26.83 -25.68
N LYS H 62 44.54 27.78 -25.35
CA LYS H 62 44.92 28.88 -24.48
C LYS H 62 43.90 28.99 -23.36
N ASP H 63 43.99 30.08 -22.61
CA ASP H 63 43.05 30.43 -21.53
C ASP H 63 43.04 29.36 -20.44
N ARG H 64 44.22 28.89 -20.08
CA ARG H 64 44.41 27.98 -18.96
C ARG H 64 45.05 28.68 -17.77
N ASP H 65 44.79 29.98 -17.63
CA ASP H 65 45.27 30.75 -16.51
C ASP H 65 44.65 30.24 -15.21
N PRO H 66 45.36 30.36 -14.08
CA PRO H 66 44.88 29.74 -12.83
C PRO H 66 43.61 30.34 -12.26
N ALA H 67 43.27 31.59 -12.62
CA ALA H 67 42.14 32.28 -12.01
C ALA H 67 40.82 31.63 -12.37
N LYS H 68 40.58 31.41 -13.67
CA LYS H 68 39.32 30.78 -14.05
C LYS H 68 39.33 29.30 -13.73
N LEU H 69 40.50 28.67 -13.59
CA LEU H 69 40.56 27.28 -13.20
C LEU H 69 40.09 27.09 -11.77
N ASP H 70 40.71 27.80 -10.82
CA ASP H 70 40.24 27.63 -9.45
C ASP H 70 38.97 28.42 -9.15
N ALA H 71 38.46 29.20 -10.11
CA ALA H 71 37.08 29.65 -10.01
C ALA H 71 36.10 28.58 -10.46
N SER H 72 36.47 27.78 -11.47
CA SER H 72 35.60 26.70 -11.92
C SER H 72 35.63 25.50 -11.00
N ILE H 73 36.64 25.40 -10.13
CA ILE H 73 36.63 24.32 -9.14
C ILE H 73 35.78 24.66 -7.92
N GLN H 74 35.67 25.94 -7.57
CA GLN H 74 34.73 26.38 -6.54
C GLN H 74 33.27 26.23 -6.96
N SER H 75 33.01 26.07 -8.27
CA SER H 75 31.67 25.81 -8.79
C SER H 75 31.71 24.48 -9.55
N PRO H 76 31.65 23.35 -8.83
CA PRO H 76 31.73 22.05 -9.50
C PRO H 76 30.43 21.73 -10.22
N ASN H 77 30.46 20.69 -11.03
CA ASN H 77 29.24 20.28 -11.70
C ASN H 77 28.65 19.06 -11.03
N LEU H 78 27.32 18.97 -11.02
CA LEU H 78 26.60 18.04 -10.18
C LEU H 78 25.78 17.12 -11.07
N GLN H 79 25.69 15.85 -10.67
CA GLN H 79 24.93 14.92 -11.50
C GLN H 79 24.42 13.79 -10.64
N THR H 80 23.38 13.13 -11.12
CA THR H 80 22.63 12.14 -10.36
C THR H 80 22.77 10.81 -11.10
N VAL H 81 23.85 10.11 -10.80
CA VAL H 81 24.17 8.84 -11.44
C VAL H 81 23.51 7.72 -10.66
N ASP H 82 22.85 6.80 -11.35
CA ASP H 82 22.29 5.61 -10.72
C ASP H 82 23.09 4.38 -11.11
N VAL H 83 23.57 3.66 -10.09
CA VAL H 83 24.44 2.51 -10.28
C VAL H 83 23.83 1.34 -9.53
N ALA H 84 23.56 0.25 -10.25
CA ALA H 84 23.04 -0.95 -9.62
C ALA H 84 24.16 -1.68 -8.90
N ASN H 85 23.78 -2.46 -7.89
CA ASN H 85 24.74 -3.18 -7.06
C ASN H 85 24.13 -4.48 -6.58
N LEU H 86 24.99 -5.44 -6.26
CA LEU H 86 24.55 -6.59 -5.51
C LEU H 86 24.13 -6.15 -4.11
N PRO H 87 23.25 -6.89 -3.46
CA PRO H 87 23.06 -6.69 -2.02
C PRO H 87 24.28 -7.19 -1.27
N SER H 88 24.39 -6.75 -0.03
CA SER H 88 25.52 -7.13 0.82
C SER H 88 25.43 -8.55 1.34
N ASP H 89 24.37 -9.28 1.02
CA ASP H 89 24.25 -10.69 1.39
C ASP H 89 24.82 -11.62 0.33
N ALA H 90 24.82 -11.20 -0.93
CA ALA H 90 25.10 -12.06 -2.06
C ALA H 90 26.53 -11.86 -2.56
N ASP H 91 27.01 -12.84 -3.31
CA ASP H 91 28.30 -12.70 -3.98
C ASP H 91 28.30 -13.21 -5.41
N THR H 92 27.15 -13.54 -5.99
CA THR H 92 27.10 -14.01 -7.37
C THR H 92 26.25 -13.07 -8.19
N LEU H 93 26.22 -13.32 -9.49
CA LEU H 93 25.42 -12.54 -10.42
C LEU H 93 24.84 -13.52 -11.43
N LYS H 94 23.68 -14.05 -11.12
CA LYS H 94 22.93 -14.88 -12.06
C LYS H 94 22.41 -13.99 -13.17
N VAL H 95 22.98 -14.14 -14.35
CA VAL H 95 22.54 -13.44 -15.55
C VAL H 95 21.89 -14.48 -16.44
N ARG H 96 20.57 -14.40 -16.57
CA ARG H 96 19.81 -15.40 -17.32
C ARG H 96 19.15 -14.72 -18.50
N PHE H 97 19.47 -15.20 -19.70
CA PHE H 97 18.72 -14.80 -20.88
C PHE H 97 18.33 -16.05 -21.64
N THR H 98 17.53 -15.86 -22.67
CA THR H 98 17.13 -16.98 -23.51
C THR H 98 17.47 -16.67 -24.95
N LEU H 99 17.70 -17.73 -25.71
CA LEU H 99 18.26 -17.64 -27.04
C LEU H 99 17.51 -18.61 -27.94
N ARG H 100 16.86 -18.11 -28.96
CA ARG H 100 16.29 -19.03 -29.92
C ARG H 100 17.03 -18.89 -31.24
N VAL H 101 17.11 -20.00 -31.95
CA VAL H 101 17.80 -20.07 -33.23
C VAL H 101 16.77 -20.48 -34.26
N LEU H 102 16.61 -19.66 -35.29
CA LEU H 102 15.42 -19.71 -36.13
C LEU H 102 15.56 -20.62 -37.34
N GLY H 103 16.76 -20.79 -37.87
CA GLY H 103 16.95 -21.66 -39.02
C GLY H 103 16.50 -21.03 -40.32
N GLY H 104 16.94 -21.65 -41.41
CA GLY H 104 16.74 -21.08 -42.72
C GLY H 104 17.66 -19.89 -42.94
N ALA H 105 18.96 -20.16 -43.00
CA ALA H 105 19.96 -19.09 -42.99
C ALA H 105 20.11 -18.42 -44.34
N GLY H 106 20.08 -19.18 -45.41
CA GLY H 106 20.39 -18.62 -46.71
C GLY H 106 19.28 -17.81 -47.33
N THR H 107 18.03 -18.11 -46.97
CA THR H 107 16.87 -17.50 -47.62
C THR H 107 16.72 -16.05 -47.22
N PRO H 108 16.81 -15.10 -48.15
CA PRO H 108 16.61 -13.69 -47.81
C PRO H 108 15.14 -13.41 -47.55
N SER H 109 14.90 -12.26 -46.93
CA SER H 109 13.54 -11.87 -46.59
C SER H 109 12.93 -10.92 -47.60
N ALA H 110 13.74 -10.33 -48.48
CA ALA H 110 13.24 -9.44 -49.53
C ALA H 110 14.33 -9.29 -50.57
N CYS H 111 13.97 -9.55 -51.84
CA CYS H 111 14.87 -9.31 -52.96
C CYS H 111 14.06 -9.08 -54.24
N ASN H 112 14.58 -8.18 -55.08
CA ASN H 112 13.93 -7.82 -56.33
C ASN H 112 13.98 -8.95 -57.36
N ASP H 113 15.19 -9.32 -57.76
CA ASP H 113 15.37 -10.08 -58.98
C ASP H 113 15.34 -11.57 -58.70
N ALA H 114 14.50 -12.29 -59.46
CA ALA H 114 14.30 -13.71 -59.22
C ALA H 114 15.55 -14.51 -59.59
N ALA H 115 16.22 -14.13 -60.67
CA ALA H 115 17.44 -14.83 -61.06
C ALA H 115 18.56 -14.59 -60.07
N TYR H 116 18.62 -13.40 -59.47
CA TYR H 116 19.59 -13.14 -58.42
C TYR H 116 19.28 -13.95 -57.17
N ARG H 117 17.99 -14.15 -56.86
CA ARG H 117 17.63 -15.00 -55.73
C ARG H 117 18.03 -16.46 -55.99
N ASP H 118 17.81 -16.94 -57.21
CA ASP H 118 18.20 -18.32 -57.51
C ASP H 118 19.71 -18.49 -57.53
N LYS H 119 20.45 -17.47 -57.97
CA LYS H 119 21.90 -17.54 -57.94
C LYS H 119 22.42 -17.54 -56.51
N LEU H 120 21.82 -16.72 -55.64
CA LEU H 120 22.25 -16.66 -54.26
C LEU H 120 21.89 -17.95 -53.52
N LEU H 121 20.72 -18.52 -53.79
CA LEU H 121 20.36 -19.77 -53.14
C LEU H 121 21.19 -20.95 -53.64
N GLN H 122 21.60 -20.96 -54.91
CA GLN H 122 22.49 -22.05 -55.28
C GLN H 122 23.91 -21.83 -54.77
N THR H 123 24.31 -20.58 -54.53
CA THR H 123 25.61 -20.33 -53.89
C THR H 123 25.62 -20.82 -52.46
N VAL H 124 24.59 -20.47 -51.68
CA VAL H 124 24.50 -20.91 -50.29
C VAL H 124 24.27 -22.41 -50.21
N ALA H 125 23.52 -22.99 -51.15
CA ALA H 125 23.34 -24.43 -51.17
C ALA H 125 24.65 -25.15 -51.53
N THR H 126 25.44 -24.56 -52.43
CA THR H 126 26.74 -25.12 -52.76
C THR H 126 27.68 -25.06 -51.56
N TYR H 127 27.63 -23.95 -50.81
CA TYR H 127 28.37 -23.83 -49.56
C TYR H 127 27.99 -24.91 -48.57
N VAL H 128 26.70 -25.00 -48.23
CA VAL H 128 26.24 -25.91 -47.16
C VAL H 128 26.45 -27.36 -47.57
N ASN H 129 26.23 -27.70 -48.84
CA ASN H 129 26.47 -29.06 -49.28
C ASN H 129 27.97 -29.37 -49.34
N ASP H 130 28.81 -28.37 -49.58
CA ASP H 130 30.25 -28.58 -49.53
C ASP H 130 30.72 -28.76 -48.09
N GLN H 131 30.49 -27.76 -47.26
CA GLN H 131 30.89 -27.73 -45.86
C GLN H 131 29.77 -27.08 -45.05
N GLY H 132 29.35 -27.76 -43.98
CA GLY H 132 28.20 -27.31 -43.24
C GLY H 132 28.46 -26.06 -42.43
N PHE H 133 27.53 -25.78 -41.52
CA PHE H 133 27.69 -24.63 -40.66
C PHE H 133 28.60 -24.89 -39.48
N ALA H 134 29.49 -25.89 -39.54
CA ALA H 134 30.20 -26.36 -38.36
C ALA H 134 31.20 -25.33 -37.86
N GLU H 135 31.77 -24.51 -38.73
CA GLU H 135 32.74 -23.51 -38.27
C GLU H 135 32.04 -22.37 -37.54
N LEU H 136 31.00 -21.81 -38.14
CA LEU H 136 30.24 -20.76 -37.47
C LEU H 136 29.50 -21.29 -36.26
N ALA H 137 29.18 -22.58 -36.25
CA ALA H 137 28.50 -23.15 -35.10
C ALA H 137 29.47 -23.38 -33.95
N ARG H 138 30.71 -23.80 -34.24
CA ARG H 138 31.72 -23.89 -33.18
C ARG H 138 32.06 -22.53 -32.63
N ARG H 139 32.08 -21.49 -33.47
CA ARG H 139 32.47 -20.21 -32.92
C ARG H 139 31.32 -19.50 -32.18
N TYR H 140 30.06 -19.72 -32.61
CA TYR H 140 28.93 -19.29 -31.80
C TYR H 140 28.85 -20.05 -30.48
N ALA H 141 29.17 -21.36 -30.50
CA ALA H 141 29.20 -22.11 -29.27
C ALA H 141 30.35 -21.67 -28.37
N HIS H 142 31.47 -21.22 -28.94
CA HIS H 142 32.54 -20.68 -28.12
C HIS H 142 32.15 -19.35 -27.48
N ASN H 143 31.44 -18.49 -28.21
CA ASN H 143 30.97 -17.26 -27.58
C ASN H 143 29.86 -17.50 -26.56
N LEU H 144 29.16 -18.62 -26.65
CA LEU H 144 28.27 -18.98 -25.54
C LEU H 144 28.99 -19.70 -24.41
N ALA H 145 30.14 -20.32 -24.69
CA ALA H 145 30.85 -21.07 -23.67
C ALA H 145 31.63 -20.14 -22.75
N ASN H 146 32.35 -19.18 -23.32
CA ASN H 146 32.85 -18.15 -22.43
C ASN H 146 31.73 -17.15 -22.16
N ALA H 147 32.03 -16.13 -21.38
CA ALA H 147 30.96 -15.25 -20.91
C ALA H 147 31.10 -13.90 -21.57
N ARG H 148 31.26 -13.92 -22.89
CA ARG H 148 31.39 -12.69 -23.67
C ARG H 148 30.18 -11.79 -23.51
N PHE H 149 28.99 -12.36 -23.29
CA PHE H 149 27.80 -11.54 -23.06
C PHE H 149 27.88 -10.81 -21.72
N LEU H 150 28.60 -11.36 -20.74
CA LEU H 150 29.01 -10.59 -19.57
C LEU H 150 30.15 -9.70 -20.01
N TRP H 151 29.84 -8.46 -20.40
CA TRP H 151 30.85 -7.62 -21.03
C TRP H 151 31.86 -7.10 -20.03
N ARG H 152 31.44 -6.28 -19.07
CA ARG H 152 32.38 -5.81 -18.07
C ARG H 152 32.30 -6.63 -16.80
N ASN H 153 31.21 -7.35 -16.59
CA ASN H 153 31.06 -8.19 -15.41
C ASN H 153 32.01 -9.37 -15.40
N ARG H 154 32.61 -9.70 -16.54
CA ARG H 154 33.61 -10.75 -16.63
C ARG H 154 35.01 -10.24 -16.30
N VAL H 155 35.24 -8.93 -16.40
CA VAL H 155 36.54 -8.35 -16.10
C VAL H 155 36.76 -8.46 -14.60
N GLY H 156 37.66 -9.35 -14.19
CA GLY H 156 37.98 -9.53 -12.80
C GLY H 156 36.89 -10.20 -12.01
N ALA H 157 36.60 -11.45 -12.31
CA ALA H 157 35.74 -12.29 -11.50
C ALA H 157 36.54 -13.45 -10.95
N GLU H 158 36.11 -13.98 -9.80
CA GLU H 158 36.76 -15.15 -9.25
C GLU H 158 36.57 -16.36 -10.14
N ALA H 159 35.31 -16.68 -10.45
CA ALA H 159 34.99 -17.82 -11.29
C ALA H 159 33.65 -17.58 -11.95
N VAL H 160 33.57 -17.81 -13.26
CA VAL H 160 32.35 -17.68 -14.02
C VAL H 160 31.95 -19.04 -14.52
N GLU H 161 30.71 -19.45 -14.25
CA GLU H 161 30.21 -20.72 -14.75
C GLU H 161 28.94 -20.47 -15.54
N VAL H 162 28.86 -21.10 -16.72
CA VAL H 162 27.77 -20.89 -17.65
C VAL H 162 27.04 -22.22 -17.83
N ARG H 163 25.74 -22.22 -17.59
CA ARG H 163 24.89 -23.38 -17.76
C ARG H 163 23.92 -23.14 -18.89
N ILE H 164 23.88 -24.06 -19.84
CA ILE H 164 23.02 -23.95 -21.00
C ILE H 164 22.06 -25.13 -20.99
N ASN H 165 20.78 -24.86 -21.20
CA ASN H 165 19.79 -25.94 -21.25
C ASN H 165 19.03 -25.87 -22.56
N HIS H 166 18.97 -27.01 -23.25
CA HIS H 166 18.19 -27.14 -24.48
C HIS H 166 16.77 -27.50 -24.14
N ILE H 167 15.88 -26.51 -24.19
CA ILE H 167 14.46 -26.75 -23.96
C ILE H 167 13.83 -27.29 -25.23
N ARG H 168 13.11 -28.41 -25.12
CA ARG H 168 12.43 -28.98 -26.28
C ARG H 168 10.95 -28.63 -26.32
N GLN H 169 10.20 -29.00 -25.28
CA GLN H 169 8.77 -28.68 -25.22
C GLN H 169 8.46 -27.64 -24.15
N GLY H 170 8.73 -27.97 -22.88
CA GLY H 170 8.63 -27.00 -21.81
C GLY H 170 9.67 -27.32 -20.76
N GLU H 171 10.54 -28.27 -21.10
CA GLU H 171 11.44 -28.88 -20.14
C GLU H 171 12.79 -29.06 -20.78
N VAL H 172 13.79 -29.38 -19.96
CA VAL H 172 15.13 -29.56 -20.49
C VAL H 172 15.21 -30.85 -21.28
N ALA H 173 16.19 -30.91 -22.18
CA ALA H 173 16.54 -32.14 -22.87
C ALA H 173 18.01 -32.46 -22.80
N ARG H 174 18.87 -31.47 -22.60
CA ARG H 174 20.28 -31.68 -22.28
C ARG H 174 20.77 -30.45 -21.54
N ALA H 175 21.69 -30.68 -20.61
CA ALA H 175 22.33 -29.64 -19.85
C ALA H 175 23.80 -29.52 -20.25
N TRP H 176 24.37 -28.35 -19.99
CA TRP H 176 25.79 -28.12 -20.25
C TRP H 176 26.33 -27.26 -19.12
N ARG H 177 27.22 -27.85 -18.29
CA ARG H 177 27.92 -27.15 -17.20
C ARG H 177 29.32 -26.80 -17.68
N PHE H 178 29.54 -25.54 -18.00
CA PHE H 178 30.81 -25.07 -18.53
C PHE H 178 31.68 -24.45 -17.44
N ASP H 179 32.76 -23.79 -17.88
CA ASP H 179 33.63 -23.02 -17.01
C ASP H 179 34.25 -21.95 -17.89
N ALA H 180 33.77 -20.72 -17.76
CA ALA H 180 34.08 -19.66 -18.70
C ALA H 180 35.40 -18.96 -18.44
N LEU H 181 36.28 -19.55 -17.66
CA LEU H 181 37.65 -19.06 -17.54
C LEU H 181 38.69 -20.08 -18.02
N ALA H 182 38.44 -21.37 -17.81
CA ALA H 182 39.28 -22.40 -18.41
C ALA H 182 39.16 -22.36 -19.92
N ILE H 183 37.93 -22.30 -20.43
CA ILE H 183 37.71 -22.00 -21.83
C ILE H 183 38.09 -20.54 -22.06
N GLY H 184 38.89 -20.29 -23.08
CA GLY H 184 39.53 -19.01 -23.24
C GLY H 184 38.63 -17.93 -23.79
N LEU H 185 39.27 -16.86 -24.25
CA LEU H 185 38.57 -15.70 -24.80
C LEU H 185 39.02 -15.34 -26.21
N ARG H 186 40.24 -15.71 -26.61
CA ARG H 186 40.78 -15.41 -27.93
C ARG H 186 41.35 -16.63 -28.60
N ASP H 187 40.79 -17.80 -28.33
CA ASP H 187 41.26 -19.05 -28.94
C ASP H 187 40.08 -20.01 -29.09
N PHE H 188 39.79 -20.39 -30.32
CA PHE H 188 38.64 -21.23 -30.61
C PHE H 188 39.07 -22.68 -30.79
N LYS H 189 39.61 -23.26 -29.72
CA LYS H 189 40.06 -24.63 -29.76
C LYS H 189 38.89 -25.58 -29.53
N ALA H 190 39.11 -26.85 -29.86
CA ALA H 190 38.03 -27.83 -29.88
C ALA H 190 37.81 -28.45 -28.50
N ASP H 191 36.58 -28.92 -28.29
CA ASP H 191 36.21 -29.73 -27.14
C ASP H 191 35.39 -30.91 -27.64
N ALA H 192 34.73 -31.61 -26.73
CA ALA H 192 33.72 -32.61 -27.10
C ALA H 192 32.32 -32.13 -26.80
N GLU H 193 32.12 -31.60 -25.59
CA GLU H 193 30.82 -31.12 -25.17
C GLU H 193 30.46 -29.84 -25.92
N LEU H 194 31.46 -28.99 -26.15
CA LEU H 194 31.21 -27.76 -26.89
C LEU H 194 30.97 -28.04 -28.36
N ASP H 195 31.60 -29.08 -28.92
CA ASP H 195 31.25 -29.45 -30.28
C ASP H 195 29.92 -30.19 -30.35
N ALA H 196 29.44 -30.75 -29.24
CA ALA H 196 28.06 -31.21 -29.23
C ALA H 196 27.07 -30.05 -29.30
N LEU H 197 27.36 -28.97 -28.58
CA LEU H 197 26.60 -27.73 -28.77
C LEU H 197 26.71 -27.19 -30.19
N ALA H 198 27.90 -27.29 -30.79
CA ALA H 198 28.07 -26.82 -32.17
C ALA H 198 27.26 -27.65 -33.14
N GLU H 199 27.21 -28.97 -32.92
CA GLU H 199 26.36 -29.83 -33.74
C GLU H 199 24.89 -29.50 -33.54
N LEU H 200 24.50 -29.12 -32.32
CA LEU H 200 23.11 -28.74 -32.07
C LEU H 200 22.76 -27.44 -32.78
N ILE H 201 23.63 -26.44 -32.73
CA ILE H 201 23.35 -25.17 -33.39
C ILE H 201 23.40 -25.30 -34.91
N ALA H 202 24.30 -26.15 -35.43
CA ALA H 202 24.33 -26.37 -36.87
C ALA H 202 23.14 -27.18 -37.34
N SER H 203 22.62 -28.06 -36.48
CA SER H 203 21.36 -28.74 -36.80
C SER H 203 20.18 -27.77 -36.76
N GLY H 204 20.27 -26.74 -35.92
CA GLY H 204 19.22 -25.74 -35.90
C GLY H 204 19.27 -24.82 -37.11
N LEU H 205 20.47 -24.44 -37.54
CA LEU H 205 20.64 -23.48 -38.61
C LEU H 205 20.51 -24.09 -40.00
N SER H 206 20.29 -25.40 -40.11
CA SER H 206 20.12 -26.02 -41.41
C SER H 206 18.66 -26.12 -41.81
N GLY H 207 17.84 -25.17 -41.38
CA GLY H 207 16.46 -25.11 -41.78
C GLY H 207 15.55 -26.14 -41.13
N SER H 208 16.06 -26.93 -40.19
CA SER H 208 15.26 -27.98 -39.57
C SER H 208 14.18 -27.40 -38.67
N GLY H 209 14.39 -26.20 -38.13
CA GLY H 209 13.36 -25.54 -37.37
C GLY H 209 13.85 -24.76 -36.16
N HIS H 210 12.89 -24.15 -35.46
CA HIS H 210 13.10 -23.42 -34.23
C HIS H 210 13.74 -24.27 -33.14
N VAL H 211 14.97 -23.96 -32.75
CA VAL H 211 15.63 -24.67 -31.67
C VAL H 211 15.92 -23.70 -30.53
N LEU H 212 15.63 -24.12 -29.32
CA LEU H 212 15.56 -23.22 -28.18
C LEU H 212 16.71 -23.48 -27.23
N LEU H 213 17.14 -22.44 -26.53
CA LEU H 213 18.16 -22.57 -25.49
C LEU H 213 17.87 -21.52 -24.44
N GLU H 214 18.26 -21.81 -23.20
CA GLU H 214 18.40 -20.70 -22.26
C GLU H 214 19.78 -20.79 -21.60
N VAL H 215 20.32 -19.62 -21.29
CA VAL H 215 21.69 -19.47 -20.82
C VAL H 215 21.64 -18.81 -19.44
N VAL H 216 22.36 -19.39 -18.49
CA VAL H 216 22.43 -18.92 -17.12
C VAL H 216 23.90 -18.80 -16.75
N ALA H 217 24.37 -17.58 -16.50
CA ALA H 217 25.77 -17.35 -16.16
C ALA H 217 25.89 -16.86 -14.73
N PHE H 218 26.96 -17.26 -14.07
CA PHE H 218 27.22 -16.89 -12.68
C PHE H 218 28.53 -16.12 -12.63
N ALA H 219 28.71 -15.31 -11.59
CA ALA H 219 29.92 -14.49 -11.52
C ALA H 219 30.19 -14.14 -10.06
N ARG H 220 31.22 -14.75 -9.47
CA ARG H 220 31.64 -14.35 -8.12
C ARG H 220 32.36 -13.02 -8.22
N ILE H 221 31.58 -11.94 -8.23
CA ILE H 221 32.17 -10.62 -8.24
C ILE H 221 32.65 -10.24 -6.86
N GLY H 222 31.73 -10.16 -5.90
CA GLY H 222 32.10 -9.81 -4.55
C GLY H 222 30.87 -9.64 -3.67
N ASP H 223 31.12 -9.41 -2.38
CA ASP H 223 30.05 -9.24 -1.40
C ASP H 223 29.50 -7.83 -1.51
N GLY H 224 28.70 -7.60 -2.54
CA GLY H 224 28.09 -6.31 -2.71
C GLY H 224 28.88 -5.39 -3.60
N GLN H 225 29.50 -5.94 -4.63
CA GLN H 225 30.37 -5.18 -5.53
C GLN H 225 29.49 -4.55 -6.61
N GLU H 226 30.07 -4.05 -7.69
CA GLU H 226 29.35 -3.28 -8.68
C GLU H 226 29.15 -4.09 -9.95
N VAL H 227 27.90 -4.22 -10.37
CA VAL H 227 27.55 -4.80 -11.66
C VAL H 227 27.58 -3.71 -12.72
N PHE H 228 27.51 -4.11 -13.98
CA PHE H 228 27.42 -3.17 -15.09
C PHE H 228 26.33 -3.62 -16.04
N PRO H 229 25.08 -3.27 -15.79
CA PRO H 229 24.02 -3.51 -16.76
C PRO H 229 24.16 -2.56 -17.94
N SER H 230 23.33 -2.80 -18.95
CA SER H 230 23.36 -1.97 -20.14
C SER H 230 22.82 -0.58 -19.81
N GLN H 231 23.32 0.40 -20.55
CA GLN H 231 23.07 1.80 -20.28
C GLN H 231 22.23 2.38 -21.41
N GLU H 232 21.19 3.11 -21.06
CA GLU H 232 20.35 3.76 -22.05
C GLU H 232 21.15 4.83 -22.78
N LEU H 233 20.72 5.20 -23.96
CA LEU H 233 21.23 6.40 -24.59
C LEU H 233 20.08 7.37 -24.74
N ILE H 234 20.16 8.48 -24.03
CA ILE H 234 19.30 9.62 -24.29
C ILE H 234 20.06 10.52 -25.24
N LEU H 235 19.36 11.01 -26.27
CA LEU H 235 20.03 11.52 -27.48
C LEU H 235 20.87 12.76 -27.19
N ASP H 236 20.45 13.57 -26.20
CA ASP H 236 21.22 14.69 -25.67
C ASP H 236 21.54 15.72 -26.76
N LYS H 237 20.48 16.28 -27.34
CA LYS H 237 20.61 17.26 -28.42
C LYS H 237 20.66 18.66 -27.83
N GLY H 238 21.77 18.95 -27.15
CA GLY H 238 22.00 20.24 -26.54
C GLY H 238 21.75 20.23 -25.04
N ASP H 239 21.47 21.42 -24.53
CA ASP H 239 21.26 21.60 -23.10
C ASP H 239 19.90 21.04 -22.68
N LYS H 240 19.78 20.82 -21.36
CA LYS H 240 18.54 20.39 -20.69
C LYS H 240 18.05 19.04 -21.22
N LYS H 241 18.97 18.12 -21.45
CA LYS H 241 18.64 16.70 -21.57
C LYS H 241 18.71 15.99 -20.23
N GLY H 242 18.93 16.75 -19.16
CA GLY H 242 18.98 16.21 -17.82
C GLY H 242 20.33 16.35 -17.15
N GLN H 243 20.29 16.53 -15.83
CA GLN H 243 21.44 16.25 -14.99
C GLN H 243 21.57 14.76 -14.71
N LYS H 244 20.53 14.00 -15.02
CA LYS H 244 20.42 12.56 -14.76
C LYS H 244 21.29 11.83 -15.77
N SER H 245 22.55 11.63 -15.43
CA SER H 245 23.47 10.90 -16.29
C SER H 245 23.42 9.41 -15.98
N LYS H 246 23.82 8.60 -16.97
CA LYS H 246 23.99 7.15 -16.87
C LYS H 246 22.71 6.41 -16.46
N THR H 247 21.61 6.73 -17.13
CA THR H 247 20.36 6.00 -16.89
C THR H 247 20.50 4.56 -17.36
N LEU H 248 20.33 3.61 -16.46
CA LEU H 248 20.55 2.21 -16.78
C LEU H 248 19.27 1.56 -17.32
N TYR H 249 19.44 0.41 -17.94
CA TYR H 249 18.34 -0.30 -18.58
C TYR H 249 17.65 -1.19 -17.56
N SER H 250 16.32 -1.16 -17.58
CA SER H 250 15.55 -1.87 -16.57
C SER H 250 14.28 -2.44 -17.20
N VAL H 251 14.23 -3.77 -17.29
CA VAL H 251 12.96 -4.49 -17.43
C VAL H 251 12.37 -4.55 -16.04
N ARG H 252 11.11 -4.99 -15.93
CA ARG H 252 10.27 -4.77 -14.75
C ARG H 252 10.85 -5.29 -13.44
N ASP H 253 11.24 -4.34 -12.59
CA ASP H 253 11.94 -4.56 -11.31
C ASP H 253 13.17 -5.44 -11.51
N ALA H 254 14.06 -5.01 -12.40
CA ALA H 254 15.29 -5.74 -12.66
C ALA H 254 16.28 -4.81 -13.33
N ALA H 255 17.54 -5.21 -13.29
CA ALA H 255 18.59 -4.58 -14.09
C ALA H 255 18.96 -5.56 -15.17
N ALA H 256 18.85 -5.12 -16.42
CA ALA H 256 18.90 -6.04 -17.54
C ALA H 256 19.93 -5.59 -18.56
N ILE H 257 20.43 -6.56 -19.32
CA ILE H 257 21.34 -6.27 -20.42
C ILE H 257 20.56 -6.29 -21.72
N HIS H 258 20.88 -5.36 -22.62
CA HIS H 258 20.23 -5.21 -23.91
C HIS H 258 20.36 -6.44 -24.80
N SER H 259 19.30 -6.65 -25.58
CA SER H 259 19.24 -7.80 -26.49
C SER H 259 20.26 -7.65 -27.60
N GLN H 260 20.46 -6.44 -28.12
CA GLN H 260 21.46 -6.29 -29.16
C GLN H 260 22.87 -6.35 -28.60
N LYS H 261 23.06 -6.13 -27.31
CA LYS H 261 24.40 -6.25 -26.76
C LYS H 261 24.78 -7.71 -26.57
N ILE H 262 23.83 -8.55 -26.16
CA ILE H 262 24.12 -9.98 -26.16
C ILE H 262 24.27 -10.51 -27.59
N GLY H 263 23.45 -10.01 -28.51
CA GLY H 263 23.58 -10.41 -29.91
C GLY H 263 24.84 -9.93 -30.58
N ASN H 264 25.47 -8.90 -30.04
CA ASN H 264 26.76 -8.44 -30.51
C ASN H 264 27.90 -9.20 -29.83
N ALA H 265 27.67 -9.68 -28.62
CA ALA H 265 28.72 -10.48 -27.99
C ALA H 265 28.77 -11.89 -28.56
N LEU H 266 27.66 -12.42 -29.05
CA LEU H 266 27.72 -13.78 -29.56
C LEU H 266 28.34 -13.85 -30.95
N ARG H 267 28.16 -12.82 -31.77
CA ARG H 267 28.55 -12.87 -33.16
C ARG H 267 29.97 -12.38 -33.41
N THR H 268 30.77 -12.18 -32.37
CA THR H 268 32.17 -11.83 -32.54
C THR H 268 32.92 -13.07 -32.99
N ILE H 269 33.14 -13.17 -34.30
CA ILE H 269 33.65 -14.38 -34.92
C ILE H 269 34.91 -14.03 -35.70
N ASP H 270 34.96 -12.80 -36.19
CA ASP H 270 35.77 -12.49 -37.37
C ASP H 270 37.23 -12.38 -36.94
N THR H 271 37.98 -13.46 -37.17
CA THR H 271 39.41 -13.47 -36.92
C THR H 271 40.22 -13.17 -38.17
N TRP H 272 39.59 -13.10 -39.33
CA TRP H 272 40.30 -13.16 -40.60
C TRP H 272 40.57 -11.80 -41.21
N TYR H 273 40.23 -10.71 -40.52
CA TYR H 273 40.51 -9.37 -41.01
C TYR H 273 42.03 -9.15 -41.07
N PRO H 274 42.52 -8.41 -42.07
CA PRO H 274 43.93 -8.59 -42.49
C PRO H 274 44.97 -7.99 -41.55
N ASP H 275 44.63 -6.95 -40.78
CA ASP H 275 45.66 -6.09 -40.19
C ASP H 275 46.40 -6.79 -39.06
N GLU H 276 45.68 -7.47 -38.17
CA GLU H 276 46.30 -8.18 -37.06
C GLU H 276 45.34 -9.22 -36.53
N ASP H 277 45.78 -10.48 -36.47
CA ASP H 277 45.02 -11.49 -35.75
C ASP H 277 45.28 -11.43 -34.26
N GLY H 278 46.36 -10.75 -33.84
CA GLY H 278 46.68 -10.62 -32.44
C GLY H 278 45.84 -9.61 -31.69
N LEU H 279 45.10 -8.76 -32.40
CA LEU H 279 44.22 -7.79 -31.78
C LEU H 279 42.81 -8.35 -31.55
N GLY H 280 42.67 -9.67 -31.48
CA GLY H 280 41.43 -10.30 -31.10
C GLY H 280 40.49 -10.53 -32.27
N PRO H 281 39.50 -11.40 -32.08
CA PRO H 281 38.39 -11.46 -33.04
C PRO H 281 37.48 -10.26 -32.88
N ILE H 282 36.95 -9.78 -33.99
CA ILE H 282 36.08 -8.62 -33.99
C ILE H 282 34.67 -9.04 -34.35
N ALA H 283 33.73 -8.12 -34.15
CA ALA H 283 32.33 -8.39 -34.38
C ALA H 283 32.05 -8.34 -35.88
N VAL H 284 31.36 -9.36 -36.37
CA VAL H 284 31.16 -9.54 -37.81
C VAL H 284 30.24 -8.43 -38.31
N GLU H 285 30.75 -7.56 -39.17
CA GLU H 285 30.00 -6.47 -39.75
C GLU H 285 30.46 -6.27 -41.18
N PRO H 286 29.64 -5.65 -42.02
CA PRO H 286 30.17 -5.07 -43.27
C PRO H 286 31.01 -3.86 -42.91
N TYR H 287 32.18 -3.76 -43.54
CA TYR H 287 33.26 -2.85 -43.14
C TYR H 287 33.59 -3.05 -41.66
N GLY H 288 34.09 -4.24 -41.35
CA GLY H 288 34.08 -4.78 -40.00
C GLY H 288 34.74 -3.90 -38.96
N SER H 289 33.89 -3.27 -38.15
CA SER H 289 34.29 -2.10 -37.36
C SER H 289 33.99 -2.36 -35.90
N VAL H 290 35.00 -2.19 -35.06
CA VAL H 290 34.81 -2.17 -33.62
C VAL H 290 34.60 -0.73 -33.18
N THR H 291 33.51 -0.50 -32.45
CA THR H 291 33.19 0.84 -32.00
C THR H 291 34.07 1.29 -30.84
N SER H 292 34.86 0.39 -30.27
CA SER H 292 35.83 0.80 -29.26
C SER H 292 37.08 1.40 -29.90
N GLN H 293 37.69 0.69 -30.84
CA GLN H 293 38.95 1.13 -31.41
C GLN H 293 38.80 2.17 -32.51
N GLY H 294 37.60 2.63 -32.81
CA GLY H 294 37.44 3.72 -33.76
C GLY H 294 37.60 3.35 -35.23
N LYS H 295 38.74 2.80 -35.61
CA LYS H 295 39.00 2.50 -37.00
C LYS H 295 38.17 1.29 -37.45
N ALA H 296 37.61 1.39 -38.66
CA ALA H 296 36.90 0.28 -39.28
C ALA H 296 37.90 -0.61 -40.01
N TYR H 297 37.93 -1.90 -39.66
CA TYR H 297 38.74 -2.87 -40.37
C TYR H 297 37.91 -3.44 -41.52
N ARG H 298 38.53 -4.30 -42.33
CA ARG H 298 38.01 -4.80 -43.60
C ARG H 298 37.55 -3.65 -44.49
N GLN H 299 38.51 -2.80 -44.84
CA GLN H 299 38.25 -1.67 -45.72
C GLN H 299 37.96 -2.16 -47.14
N PRO H 300 37.34 -1.32 -47.97
CA PRO H 300 37.33 -1.59 -49.41
C PRO H 300 38.58 -1.13 -50.15
N LYS H 301 39.65 -0.82 -49.42
CA LYS H 301 40.97 -0.71 -50.03
C LYS H 301 41.37 -2.04 -50.66
N GLN H 302 41.40 -3.10 -49.85
CA GLN H 302 41.66 -4.43 -50.35
C GLN H 302 40.35 -5.09 -50.73
N LYS H 303 40.38 -6.39 -50.99
CA LYS H 303 39.20 -7.13 -51.40
C LYS H 303 38.63 -7.96 -50.26
N LEU H 304 38.64 -7.43 -49.04
CA LEU H 304 38.16 -8.18 -47.88
C LEU H 304 36.90 -7.57 -47.29
N ASP H 305 36.12 -6.87 -48.11
CA ASP H 305 34.88 -6.27 -47.66
C ASP H 305 33.77 -7.31 -47.74
N PHE H 306 32.57 -6.97 -47.26
CA PHE H 306 31.42 -7.83 -47.50
C PHE H 306 30.78 -7.59 -48.86
N TYR H 307 30.60 -6.31 -49.21
CA TYR H 307 29.98 -5.95 -50.47
C TYR H 307 30.79 -6.44 -51.66
N THR H 308 32.10 -6.22 -51.62
CA THR H 308 33.00 -6.62 -52.69
C THR H 308 33.05 -8.14 -52.82
N LEU H 309 33.16 -8.85 -51.69
CA LEU H 309 33.24 -10.30 -51.75
C LEU H 309 31.93 -10.95 -52.14
N LEU H 310 30.79 -10.37 -51.75
CA LEU H 310 29.53 -10.99 -52.12
C LEU H 310 29.24 -10.77 -53.60
N ASP H 311 29.54 -9.57 -54.12
CA ASP H 311 29.35 -9.40 -55.55
C ASP H 311 30.44 -10.05 -56.39
N ASN H 312 31.55 -10.46 -55.80
CA ASN H 312 32.51 -11.27 -56.55
C ASN H 312 32.27 -12.77 -56.41
N TRP H 313 31.47 -13.20 -55.44
CA TRP H 313 31.22 -14.61 -55.25
C TRP H 313 29.85 -15.07 -55.74
N VAL H 314 28.87 -14.17 -55.82
CA VAL H 314 27.60 -14.52 -56.43
C VAL H 314 27.64 -14.30 -57.94
N LEU H 315 28.05 -13.09 -58.37
CA LEU H 315 27.94 -12.72 -59.78
C LEU H 315 29.09 -13.28 -60.60
N ARG H 316 30.33 -12.86 -60.30
CA ARG H 316 31.48 -13.16 -61.14
C ARG H 316 31.95 -14.60 -61.02
N ASP H 317 31.37 -15.39 -60.10
CA ASP H 317 31.53 -16.82 -59.90
C ASP H 317 32.90 -17.22 -59.36
N GLU H 318 33.83 -16.29 -59.17
CA GLU H 318 35.14 -16.64 -58.63
C GLU H 318 35.04 -16.70 -57.10
N ALA H 319 35.26 -17.87 -56.56
CA ALA H 319 35.06 -18.07 -55.14
C ALA H 319 36.25 -17.56 -54.36
N PRO H 320 36.03 -16.87 -53.25
CA PRO H 320 37.11 -16.55 -52.32
C PRO H 320 37.44 -17.78 -51.47
N ALA H 321 38.37 -17.60 -50.54
CA ALA H 321 38.83 -18.69 -49.70
C ALA H 321 37.73 -19.11 -48.72
N VAL H 322 38.00 -20.23 -48.03
CA VAL H 322 37.05 -20.81 -47.10
C VAL H 322 36.76 -19.85 -45.95
N GLU H 323 37.79 -19.15 -45.49
CA GLU H 323 37.64 -18.22 -44.37
C GLU H 323 36.79 -17.01 -44.75
N GLN H 324 36.94 -16.50 -45.97
CA GLN H 324 36.13 -15.36 -46.36
C GLN H 324 34.72 -15.80 -46.70
N GLN H 325 34.53 -17.06 -47.11
CA GLN H 325 33.20 -17.63 -47.19
C GLN H 325 32.52 -17.64 -45.82
N HIS H 326 33.25 -18.02 -44.77
CA HIS H 326 32.68 -18.01 -43.43
C HIS H 326 32.31 -16.60 -42.99
N TYR H 327 33.14 -15.62 -43.35
CA TYR H 327 32.79 -14.22 -43.05
C TYR H 327 31.52 -13.78 -43.76
N VAL H 328 31.41 -14.08 -45.06
CA VAL H 328 30.26 -13.66 -45.85
C VAL H 328 28.98 -14.30 -45.33
N ILE H 329 29.06 -15.55 -44.91
CA ILE H 329 27.84 -16.17 -44.40
C ILE H 329 27.58 -15.80 -42.94
N ALA H 330 28.60 -15.33 -42.21
CA ALA H 330 28.36 -14.83 -40.86
C ALA H 330 27.62 -13.50 -40.89
N ASN H 331 27.93 -12.62 -41.84
CA ASN H 331 27.07 -11.44 -41.92
C ASN H 331 25.94 -11.58 -42.93
N LEU H 332 25.74 -12.77 -43.49
CA LEU H 332 24.39 -13.11 -43.92
C LEU H 332 23.53 -13.49 -42.72
N ILE H 333 24.11 -14.20 -41.75
CA ILE H 333 23.33 -14.77 -40.65
C ILE H 333 23.14 -13.79 -39.51
N ARG H 334 23.89 -12.68 -39.46
CA ARG H 334 23.47 -11.61 -38.56
C ARG H 334 22.33 -10.79 -39.14
N GLY H 335 22.07 -10.88 -40.43
CA GLY H 335 21.03 -10.10 -41.05
C GLY H 335 21.55 -8.85 -41.71
N GLY H 336 20.64 -7.89 -41.85
CA GLY H 336 20.95 -6.62 -42.42
C GLY H 336 20.03 -6.29 -43.56
N VAL H 337 20.29 -5.14 -44.16
CA VAL H 337 19.54 -4.63 -45.30
C VAL H 337 20.52 -3.94 -46.25
N PHE H 338 20.43 -4.28 -47.53
CA PHE H 338 21.44 -3.83 -48.46
C PHE H 338 20.76 -3.19 -49.67
N GLY H 339 21.51 -2.95 -50.74
CA GLY H 339 20.94 -2.47 -51.97
C GLY H 339 21.14 -0.98 -52.16
N GLU H 340 20.90 -0.53 -53.38
CA GLU H 340 21.14 0.86 -53.75
C GLU H 340 20.13 1.37 -54.76
N SER I 2 43.77 5.21 -59.21
CA SER I 2 43.37 5.76 -57.93
C SER I 2 42.36 6.90 -58.12
N MSE I 3 42.17 7.69 -57.07
CA MSE I 3 41.27 8.84 -57.13
C MSE I 3 41.93 10.04 -57.79
O MSE I 3 43.01 9.95 -58.37
CB MSE I 3 40.79 9.22 -55.74
CG MSE I 3 39.80 8.24 -55.13
SE MSE I 3 38.14 8.23 -56.15
CE MSE I 3 37.16 6.91 -55.09
N THR I 4 41.25 11.18 -57.69
CA THR I 4 41.71 12.40 -58.31
C THR I 4 42.59 13.20 -57.36
N THR I 5 43.39 14.09 -57.93
CA THR I 5 44.07 15.08 -57.12
C THR I 5 43.04 16.10 -56.64
N PHE I 6 42.86 16.19 -55.34
CA PHE I 6 41.74 16.91 -54.75
C PHE I 6 42.03 18.41 -54.78
N ARG I 7 41.83 18.99 -55.96
CA ARG I 7 42.02 20.43 -56.14
C ARG I 7 40.74 21.16 -55.77
N ILE I 8 40.40 21.10 -54.47
CA ILE I 8 39.31 21.93 -53.99
C ILE I 8 39.76 23.37 -53.95
N GLU I 9 38.99 24.23 -54.60
CA GLU I 9 39.40 25.62 -54.77
C GLU I 9 38.27 26.54 -54.35
N ASN I 10 38.59 27.85 -54.38
CA ASN I 10 37.80 29.04 -54.04
C ASN I 10 36.81 28.81 -52.89
N VAL I 11 37.34 28.38 -51.75
CA VAL I 11 36.55 27.89 -50.62
C VAL I 11 35.77 29.04 -50.02
N ARG I 12 34.47 29.08 -50.28
CA ARG I 12 33.59 30.17 -49.91
C ARG I 12 33.10 29.98 -48.47
N ILE I 13 32.36 30.98 -47.99
CA ILE I 13 31.65 30.88 -46.72
C ILE I 13 30.43 31.79 -46.80
N GLU I 14 29.26 31.22 -46.53
CA GLU I 14 28.02 31.98 -46.64
C GLU I 14 27.12 31.70 -45.44
N THR I 15 26.13 32.59 -45.28
CA THR I 15 25.10 32.45 -44.27
C THR I 15 23.78 32.74 -44.95
N ILE I 16 22.96 31.70 -45.12
CA ILE I 16 21.80 31.73 -46.01
C ILE I 16 20.58 31.22 -45.26
N ASN I 17 19.71 32.14 -44.83
CA ASN I 17 18.41 31.89 -44.20
C ASN I 17 18.55 31.07 -42.91
N ASP I 18 19.21 31.68 -41.92
CA ASP I 18 19.47 31.38 -40.51
C ASP I 18 20.52 30.30 -40.29
N PHE I 19 20.98 29.60 -41.33
CA PHE I 19 22.07 28.66 -41.20
C PHE I 19 23.23 29.13 -42.08
N ASP I 20 24.25 28.31 -42.17
CA ASP I 20 25.52 28.75 -42.74
C ASP I 20 26.24 27.59 -43.39
N MSE I 21 26.81 27.84 -44.56
CA MSE I 21 27.45 26.79 -45.33
C MSE I 21 28.80 27.17 -45.89
O MSE I 21 29.16 28.34 -45.93
CB MSE I 21 26.54 26.36 -46.50
CG MSE I 21 25.38 25.51 -46.07
SE MSE I 21 24.23 24.99 -47.56
CE MSE I 21 23.04 23.83 -46.56
N VAL I 22 29.53 26.14 -46.31
CA VAL I 22 30.79 26.30 -47.04
C VAL I 22 30.57 25.77 -48.45
N LYS I 23 30.93 26.60 -49.42
CA LYS I 23 30.90 26.28 -50.84
C LYS I 23 32.34 26.24 -51.34
N PHE I 24 32.59 25.38 -52.31
CA PHE I 24 33.91 25.30 -52.92
C PHE I 24 33.75 24.69 -54.31
N ASP I 25 34.88 24.51 -55.00
CA ASP I 25 34.87 23.87 -56.31
C ASP I 25 35.76 22.64 -56.22
N LEU I 26 35.13 21.47 -56.18
CA LEU I 26 35.87 20.25 -56.38
C LEU I 26 36.04 20.09 -57.88
N VAL I 27 37.17 20.53 -58.41
CA VAL I 27 37.50 20.34 -59.82
C VAL I 27 38.47 19.17 -59.92
N THR I 28 38.20 18.27 -60.86
CA THR I 28 39.00 17.07 -61.06
C THR I 28 39.39 16.97 -62.52
N ASP I 29 40.04 15.86 -62.86
CA ASP I 29 40.35 15.58 -64.25
C ASP I 29 39.12 15.19 -65.06
N LEU I 30 38.03 14.78 -64.41
CA LEU I 30 36.80 14.47 -65.14
C LEU I 30 35.84 15.65 -65.15
N GLY I 31 35.63 16.29 -64.02
CA GLY I 31 34.67 17.39 -63.98
C GLY I 31 34.76 18.14 -62.67
N ARG I 32 34.08 19.29 -62.65
CA ARG I 32 34.02 20.13 -61.47
C ARG I 32 32.59 20.23 -60.97
N VAL I 33 32.45 20.26 -59.65
CA VAL I 33 31.17 20.45 -58.99
C VAL I 33 31.35 21.39 -57.80
N GLU I 34 30.23 21.75 -57.19
CA GLU I 34 30.21 22.49 -55.94
C GLU I 34 29.46 21.66 -54.91
N LEU I 35 29.87 21.76 -53.65
CA LEU I 35 29.36 20.89 -52.60
C LEU I 35 28.98 21.74 -51.40
N ALA I 36 27.69 22.06 -51.31
CA ALA I 36 27.14 22.81 -50.18
C ALA I 36 27.25 21.98 -48.91
N GLU I 37 28.08 22.41 -47.96
CA GLU I 37 28.30 21.64 -46.76
C GLU I 37 28.09 22.50 -45.52
N HIS I 38 27.43 21.95 -44.49
CA HIS I 38 27.22 22.69 -43.26
C HIS I 38 28.53 22.96 -42.52
N VAL I 39 28.48 23.94 -41.62
CA VAL I 39 29.61 24.32 -40.81
C VAL I 39 29.14 24.44 -39.36
N ASN I 40 29.93 23.91 -38.44
CA ASN I 40 29.66 24.01 -37.01
C ASN I 40 30.67 24.96 -36.39
N TYR I 41 30.19 26.13 -35.98
CA TYR I 41 31.07 27.07 -35.29
C TYR I 41 31.31 26.61 -33.86
N ASP I 42 32.19 27.32 -33.16
CA ASP I 42 32.38 27.08 -31.74
C ASP I 42 31.32 27.84 -30.95
N SER I 43 31.42 27.83 -29.63
CA SER I 43 30.47 28.57 -28.80
C SER I 43 30.78 30.05 -28.71
N GLU I 44 31.79 30.54 -29.43
CA GLU I 44 32.16 31.95 -29.47
C GLU I 44 31.75 32.64 -30.76
N GLY I 45 31.93 32.01 -31.92
CA GLY I 45 31.55 32.60 -33.18
C GLY I 45 32.55 32.33 -34.29
N ASP I 46 33.62 31.61 -33.98
CA ASP I 46 34.68 31.31 -34.92
C ASP I 46 34.44 29.95 -35.58
N PHE I 47 35.05 29.78 -36.75
CA PHE I 47 35.05 28.51 -37.47
C PHE I 47 35.68 27.41 -36.63
N LYS I 48 34.92 26.35 -36.38
CA LYS I 48 35.43 25.22 -35.61
C LYS I 48 35.49 23.94 -36.43
N SER I 49 34.39 23.47 -36.98
CA SER I 49 34.35 22.20 -37.69
C SER I 49 33.36 22.33 -38.83
N VAL I 50 33.27 21.27 -39.65
CA VAL I 50 32.68 21.42 -40.96
C VAL I 50 31.61 20.34 -41.19
N GLU I 51 31.01 19.88 -40.08
CA GLU I 51 29.88 18.95 -40.07
C GLU I 51 30.24 17.64 -40.79
N TYR I 52 31.13 16.91 -40.14
CA TYR I 52 31.62 15.64 -40.69
C TYR I 52 30.48 14.64 -40.85
N THR I 53 29.87 14.25 -39.74
CA THR I 53 28.70 13.39 -39.75
C THR I 53 27.44 14.24 -39.87
N ASP I 54 26.35 13.58 -40.32
CA ASP I 54 25.03 14.19 -40.52
C ASP I 54 25.10 15.41 -41.44
N SER I 55 25.82 15.24 -42.54
CA SER I 55 26.14 16.36 -43.41
C SER I 55 25.03 16.56 -44.44
N ASN I 56 25.30 17.39 -45.44
CA ASN I 56 24.37 17.63 -46.54
C ASN I 56 24.74 16.83 -47.76
N ILE I 57 26.03 16.72 -48.09
CA ILE I 57 26.45 15.97 -49.27
C ILE I 57 26.53 14.48 -49.00
N ARG I 58 26.21 14.04 -47.79
CA ARG I 58 25.89 12.63 -47.57
C ARG I 58 24.46 12.32 -47.98
N TYR I 59 23.58 13.32 -47.98
CA TYR I 59 22.15 13.10 -48.22
C TYR I 59 21.68 13.65 -49.54
N ASN I 60 21.95 14.93 -49.83
CA ASN I 60 21.34 15.63 -50.95
C ASN I 60 22.26 15.86 -52.14
N MSE I 61 23.52 15.41 -52.07
CA MSE I 61 24.46 15.66 -53.17
C MSE I 61 25.20 14.39 -53.59
O MSE I 61 26.34 14.47 -54.05
CB MSE I 61 25.48 16.72 -52.77
CG MSE I 61 24.94 18.10 -52.44
SE MSE I 61 24.25 19.16 -53.92
CE MSE I 61 23.81 20.79 -52.95
N VAL I 62 24.56 13.24 -53.44
CA VAL I 62 25.24 11.96 -53.66
C VAL I 62 25.51 11.73 -55.14
N ASP I 63 24.47 11.83 -55.97
CA ASP I 63 24.65 11.62 -57.40
C ASP I 63 25.49 12.74 -58.03
N GLU I 64 25.42 13.94 -57.47
CA GLU I 64 26.21 15.03 -57.99
C GLU I 64 27.67 14.94 -57.55
N LEU I 65 27.95 14.19 -56.49
CA LEU I 65 29.32 13.86 -56.15
C LEU I 65 29.83 12.63 -56.90
N CYS I 66 28.93 11.75 -57.31
CA CYS I 66 29.30 10.54 -58.02
C CYS I 66 29.25 10.68 -59.53
N SER I 67 28.85 11.85 -60.04
CA SER I 67 29.01 12.19 -61.45
C SER I 67 30.41 12.68 -61.76
N VAL I 68 31.34 12.55 -60.81
CA VAL I 68 32.71 13.05 -60.93
C VAL I 68 33.72 11.92 -60.84
N PHE I 69 33.54 11.03 -59.87
CA PHE I 69 34.54 10.00 -59.57
C PHE I 69 34.22 8.72 -60.35
N ASP I 70 34.87 7.64 -59.97
CA ASP I 70 34.75 6.36 -60.67
C ASP I 70 33.57 5.59 -60.09
N LEU I 71 32.54 5.40 -60.90
CA LEU I 71 31.41 4.55 -60.54
C LEU I 71 31.30 3.45 -61.60
N THR I 72 32.43 2.84 -61.94
CA THR I 72 32.45 1.70 -62.84
C THR I 72 32.82 0.42 -62.11
N ASP I 73 33.89 0.46 -61.33
CA ASP I 73 34.29 -0.67 -60.49
C ASP I 73 33.72 -0.55 -59.08
N LYS I 74 32.41 -0.35 -58.97
CA LYS I 74 31.74 -0.24 -57.68
C LYS I 74 30.68 -1.32 -57.60
N PRO I 75 30.84 -2.33 -56.76
CA PRO I 75 29.79 -3.35 -56.61
C PRO I 75 28.51 -2.77 -56.04
N SER I 76 27.38 -3.26 -56.55
CA SER I 76 26.10 -2.58 -56.38
C SER I 76 25.56 -2.64 -54.97
N LEU I 77 26.07 -3.53 -54.12
CA LEU I 77 25.66 -3.58 -52.73
C LEU I 77 26.37 -2.54 -51.88
N MSE I 78 27.22 -1.72 -52.47
CA MSE I 78 27.97 -0.74 -51.71
C MSE I 78 27.44 0.64 -52.02
O MSE I 78 27.33 1.00 -53.18
CB MSE I 78 29.46 -0.86 -52.02
CG MSE I 78 30.31 0.22 -51.45
SE MSE I 78 32.17 -0.36 -51.33
CE MSE I 78 32.56 -0.48 -53.23
N PRO I 79 27.05 1.37 -50.98
CA PRO I 79 26.54 2.72 -51.19
C PRO I 79 27.63 3.63 -51.72
N ALA I 80 27.25 4.48 -52.66
CA ALA I 80 28.22 5.24 -53.44
C ALA I 80 28.78 6.44 -52.70
N ILE I 81 28.46 6.61 -51.42
CA ILE I 81 29.15 7.58 -50.57
C ILE I 81 30.25 6.90 -49.76
N ASP I 82 30.31 5.57 -49.78
CA ASP I 82 31.38 4.84 -49.12
C ASP I 82 32.58 4.62 -50.03
N TYR I 83 32.33 4.21 -51.28
CA TYR I 83 33.43 4.00 -52.22
C TYR I 83 34.07 5.32 -52.61
N VAL I 84 33.27 6.37 -52.75
CA VAL I 84 33.80 7.72 -52.90
C VAL I 84 34.56 8.10 -51.63
N THR I 85 35.82 8.48 -51.80
CA THR I 85 36.60 8.99 -50.68
C THR I 85 36.02 10.32 -50.23
N PHE I 86 35.70 10.41 -48.95
CA PHE I 86 34.95 11.51 -48.37
C PHE I 86 35.70 12.23 -47.27
N ALA I 87 36.44 11.46 -46.47
CA ALA I 87 37.04 11.98 -45.23
C ALA I 87 38.09 13.03 -45.52
N GLU I 88 39.08 12.70 -46.36
CA GLU I 88 40.17 13.63 -46.57
C GLU I 88 39.76 14.83 -47.41
N ILE I 89 38.73 14.68 -48.26
CA ILE I 89 38.13 15.83 -48.94
C ILE I 89 37.56 16.80 -47.92
N ILE I 90 36.75 16.30 -46.98
CA ILE I 90 36.14 17.25 -46.07
C ILE I 90 37.12 17.73 -44.99
N GLU I 91 38.19 16.98 -44.69
CA GLU I 91 39.21 17.56 -43.81
C GLU I 91 40.03 18.63 -44.52
N ALA I 92 40.22 18.50 -45.83
CA ALA I 92 40.92 19.55 -46.56
C ALA I 92 40.06 20.81 -46.66
N VAL I 93 38.73 20.63 -46.80
CA VAL I 93 37.79 21.75 -46.70
C VAL I 93 37.87 22.39 -45.32
N GLU I 94 37.99 21.55 -44.27
CA GLU I 94 38.11 22.05 -42.90
C GLU I 94 39.37 22.89 -42.71
N GLU I 95 40.51 22.41 -43.20
CA GLU I 95 41.74 23.13 -42.94
C GLU I 95 41.88 24.39 -43.78
N MSE I 96 41.33 24.42 -45.00
CA MSE I 96 41.46 25.67 -45.76
C MSE I 96 40.40 26.74 -45.49
O MSE I 96 40.17 27.61 -46.33
CB MSE I 96 41.55 25.40 -47.26
CG MSE I 96 42.96 25.07 -47.71
SE MSE I 96 43.20 25.02 -49.65
CE MSE I 96 42.53 23.23 -49.98
N LEU I 97 39.74 26.68 -44.34
CA LEU I 97 39.03 27.84 -43.79
C LEU I 97 39.68 28.36 -42.52
N GLU I 98 40.87 27.86 -42.17
CA GLU I 98 41.56 28.29 -40.97
C GLU I 98 42.77 29.13 -41.31
N MET J 1 -25.96 -81.93 0.51
CA MET J 1 -26.95 -81.34 1.41
C MET J 1 -28.35 -81.81 1.05
N ALA J 2 -29.07 -82.36 2.03
CA ALA J 2 -30.41 -82.91 1.83
C ALA J 2 -31.48 -82.05 2.48
N MET J 3 -31.18 -80.80 2.78
CA MET J 3 -32.12 -79.88 3.41
C MET J 3 -32.18 -78.59 2.61
N ASP J 4 -33.37 -78.00 2.52
CA ASP J 4 -33.57 -76.79 1.76
C ASP J 4 -34.12 -75.66 2.62
N HIS J 5 -33.55 -75.48 3.81
CA HIS J 5 -34.01 -74.44 4.73
C HIS J 5 -32.78 -73.90 5.46
N TYR J 6 -32.28 -72.74 4.99
CA TYR J 6 -31.13 -72.09 5.59
C TYR J 6 -31.35 -70.58 5.54
N LEU J 7 -31.53 -69.96 6.71
CA LEU J 7 -31.75 -68.53 6.79
C LEU J 7 -30.83 -67.90 7.83
N ASP J 8 -31.05 -66.62 8.13
CA ASP J 8 -30.24 -65.91 9.11
C ASP J 8 -31.04 -64.71 9.60
N ILE J 9 -30.37 -63.81 10.33
CA ILE J 9 -30.96 -62.59 10.85
C ILE J 9 -30.20 -61.40 10.26
N ARG J 10 -30.93 -60.45 9.68
CA ARG J 10 -30.34 -59.27 9.08
C ARG J 10 -30.28 -58.14 10.10
N LEU J 11 -29.98 -56.93 9.63
CA LEU J 11 -29.90 -55.77 10.50
C LEU J 11 -31.26 -55.10 10.65
N ARG J 12 -31.49 -54.50 11.82
CA ARG J 12 -32.75 -53.85 12.15
C ARG J 12 -32.58 -52.34 12.11
N PRO J 13 -33.62 -51.61 11.70
CA PRO J 13 -33.50 -50.15 11.56
C PRO J 13 -33.94 -49.43 12.82
N ASP J 14 -33.60 -48.15 12.88
CA ASP J 14 -33.95 -47.28 13.99
C ASP J 14 -33.55 -45.85 13.62
N PRO J 15 -34.19 -44.85 14.22
CA PRO J 15 -33.86 -43.45 13.90
C PRO J 15 -32.88 -42.79 14.86
N GLU J 16 -32.47 -43.47 15.93
CA GLU J 16 -31.61 -42.88 16.95
C GLU J 16 -30.13 -42.92 16.59
N PHE J 17 -29.78 -43.37 15.39
CA PHE J 17 -28.39 -43.40 14.98
C PHE J 17 -28.30 -43.75 13.49
N PRO J 18 -27.11 -43.75 12.93
CA PRO J 18 -26.91 -44.30 11.59
C PRO J 18 -26.81 -45.81 11.65
N PRO J 19 -26.44 -46.46 10.54
CA PRO J 19 -26.31 -47.93 10.55
C PRO J 19 -25.18 -48.48 11.42
N ALA J 20 -24.32 -47.63 12.00
CA ALA J 20 -23.34 -48.11 12.96
C ALA J 20 -24.00 -48.61 14.25
N GLN J 21 -25.10 -47.99 14.66
CA GLN J 21 -25.85 -48.49 15.81
C GLN J 21 -26.53 -49.81 15.49
N LEU J 22 -26.98 -49.98 14.24
CA LEU J 22 -27.51 -51.28 13.82
C LEU J 22 -26.42 -52.33 13.75
N MET J 23 -25.20 -51.94 13.37
CA MET J 23 -24.07 -52.87 13.38
C MET J 23 -23.70 -53.27 14.81
N SER J 24 -23.81 -52.33 15.75
CA SER J 24 -23.57 -52.66 17.17
C SER J 24 -24.68 -53.57 17.72
N VAL J 25 -25.92 -53.35 17.28
CA VAL J 25 -27.02 -54.23 17.71
C VAL J 25 -26.87 -55.62 17.10
N LEU J 26 -26.38 -55.69 15.86
CA LEU J 26 -26.10 -56.99 15.24
C LEU J 26 -24.93 -57.68 15.90
N PHE J 27 -23.94 -56.91 16.38
CA PHE J 27 -22.83 -57.50 17.13
C PHE J 27 -23.29 -58.02 18.49
N GLY J 28 -24.24 -57.32 19.12
CA GLY J 28 -24.83 -57.82 20.35
C GLY J 28 -25.65 -59.09 20.15
N LYS J 29 -26.43 -59.13 19.07
CA LYS J 29 -27.19 -60.34 18.74
C LYS J 29 -26.27 -61.49 18.34
N LEU J 30 -25.12 -61.19 17.73
CA LEU J 30 -24.15 -62.22 17.41
C LEU J 30 -23.47 -62.75 18.66
N HIS J 31 -23.12 -61.85 19.59
CA HIS J 31 -22.56 -62.27 20.88
C HIS J 31 -23.57 -63.04 21.72
N GLN J 32 -24.86 -62.83 21.50
CA GLN J 32 -25.88 -63.62 22.18
C GLN J 32 -26.13 -64.98 21.52
N ALA J 33 -26.10 -65.05 20.18
CA ALA J 33 -26.52 -66.31 19.57
C ALA J 33 -25.62 -66.82 18.46
N LEU J 34 -24.86 -65.96 17.79
CA LEU J 34 -24.16 -66.34 16.57
C LEU J 34 -22.64 -66.28 16.67
N VAL J 35 -22.09 -65.14 17.05
CA VAL J 35 -20.63 -64.98 17.12
C VAL J 35 -20.08 -65.40 18.47
N ALA J 36 -20.67 -64.88 19.55
CA ALA J 36 -20.34 -65.31 20.90
C ALA J 36 -21.21 -66.47 21.38
N GLN J 37 -21.93 -67.11 20.47
CA GLN J 37 -22.70 -68.31 20.79
C GLN J 37 -22.00 -69.58 20.35
N GLY J 38 -20.69 -69.52 20.12
CA GLY J 38 -19.93 -70.69 19.73
C GLY J 38 -20.16 -71.11 18.30
N GLY J 39 -19.46 -72.16 17.91
CA GLY J 39 -19.62 -72.74 16.59
C GLY J 39 -18.83 -72.00 15.53
N ASP J 40 -18.69 -72.64 14.37
CA ASP J 40 -17.93 -72.05 13.27
C ASP J 40 -18.81 -71.14 12.42
N ARG J 41 -19.89 -71.69 11.86
CA ARG J 41 -20.73 -70.95 10.91
C ARG J 41 -21.80 -70.16 11.66
N ILE J 42 -21.34 -69.17 12.42
CA ILE J 42 -22.20 -68.25 13.15
C ILE J 42 -21.67 -66.85 12.88
N GLY J 43 -22.24 -66.18 11.87
CA GLY J 43 -21.79 -64.85 11.51
C GLY J 43 -22.87 -64.04 10.84
N VAL J 44 -22.49 -62.91 10.24
CA VAL J 44 -23.43 -62.01 9.57
C VAL J 44 -22.74 -61.48 8.32
N SER J 45 -23.22 -61.89 7.15
CA SER J 45 -22.71 -61.43 5.87
C SER J 45 -23.81 -60.68 5.12
N PHE J 46 -23.49 -60.26 3.89
CA PHE J 46 -24.45 -59.54 3.08
C PHE J 46 -23.97 -59.48 1.63
N PRO J 47 -24.84 -59.76 0.65
CA PRO J 47 -24.42 -59.70 -0.75
C PRO J 47 -24.64 -58.34 -1.39
N ASP J 48 -24.85 -57.31 -0.56
CA ASP J 48 -25.06 -55.95 -1.02
C ASP J 48 -23.81 -55.10 -0.94
N LEU J 49 -22.64 -55.69 -1.19
CA LEU J 49 -21.37 -54.99 -1.16
C LEU J 49 -20.70 -55.09 -2.53
N ASP J 50 -20.12 -53.99 -2.97
CA ASP J 50 -19.44 -53.92 -4.26
C ASP J 50 -17.97 -54.25 -4.09
N GLU J 51 -17.38 -54.83 -5.14
CA GLU J 51 -15.99 -55.23 -5.12
C GLU J 51 -15.02 -54.09 -5.41
N SER J 52 -15.53 -52.90 -5.72
CA SER J 52 -14.68 -51.76 -6.05
C SER J 52 -14.30 -50.92 -4.83
N ARG J 53 -15.11 -50.94 -3.78
CA ARG J 53 -14.85 -50.13 -2.59
C ARG J 53 -15.02 -50.87 -1.27
N SER J 54 -15.38 -52.16 -1.30
CA SER J 54 -15.60 -52.95 -0.08
C SER J 54 -16.78 -52.41 0.73
N ARG J 55 -17.97 -52.45 0.12
CA ARG J 55 -19.17 -51.96 0.77
C ARG J 55 -19.63 -52.92 1.87
N LEU J 56 -20.52 -52.42 2.72
CA LEU J 56 -21.00 -53.16 3.88
C LEU J 56 -22.27 -53.95 3.64
N GLY J 57 -23.25 -53.37 2.97
CA GLY J 57 -24.47 -54.07 2.65
C GLY J 57 -25.69 -53.16 2.70
N GLU J 58 -26.72 -53.53 1.93
CA GLU J 58 -27.97 -52.80 1.90
C GLU J 58 -29.20 -53.67 2.15
N ARG J 59 -29.05 -54.99 2.20
CA ARG J 59 -30.15 -55.89 2.48
C ARG J 59 -29.63 -56.99 3.41
N LEU J 60 -30.50 -57.95 3.72
CA LEU J 60 -30.17 -59.06 4.61
C LEU J 60 -30.59 -60.36 3.96
N ARG J 61 -29.61 -61.18 3.58
CA ARG J 61 -29.84 -62.52 3.03
C ARG J 61 -28.93 -63.47 3.81
N ILE J 62 -29.43 -63.97 4.94
CA ILE J 62 -28.61 -64.73 5.86
C ILE J 62 -28.60 -66.21 5.46
N HIS J 63 -27.62 -66.94 6.01
CA HIS J 63 -27.51 -68.38 5.79
C HIS J 63 -26.72 -68.94 6.96
N ALA J 64 -27.39 -69.66 7.84
CA ALA J 64 -26.76 -70.19 9.06
C ALA J 64 -27.57 -71.39 9.53
N SER J 65 -27.34 -71.80 10.78
CA SER J 65 -27.98 -72.98 11.34
C SER J 65 -29.40 -72.64 11.82
N ALA J 66 -30.02 -73.57 12.55
CA ALA J 66 -31.40 -73.40 13.00
C ALA J 66 -31.52 -72.83 14.40
N ASP J 67 -30.59 -73.16 15.30
CA ASP J 67 -30.67 -72.65 16.66
C ASP J 67 -30.31 -71.17 16.73
N ASP J 68 -29.29 -70.76 15.98
CA ASP J 68 -28.88 -69.36 15.97
C ASP J 68 -29.87 -68.49 15.19
N LEU J 69 -30.68 -69.08 14.33
CA LEU J 69 -31.73 -68.35 13.62
C LEU J 69 -33.08 -68.41 14.32
N ARG J 70 -33.25 -69.35 15.27
CA ARG J 70 -34.49 -69.47 16.02
C ARG J 70 -34.38 -68.96 17.45
N ALA J 71 -33.18 -68.57 17.90
CA ALA J 71 -33.02 -67.97 19.21
C ALA J 71 -33.22 -66.46 19.20
N LEU J 72 -33.07 -65.82 18.04
CA LEU J 72 -33.31 -64.39 17.89
C LEU J 72 -34.69 -64.10 17.30
N LEU J 73 -35.68 -64.94 17.61
CA LEU J 73 -37.03 -64.77 17.11
C LEU J 73 -38.00 -64.23 18.15
N ALA J 74 -37.84 -64.63 19.41
CA ALA J 74 -38.73 -64.15 20.47
C ALA J 74 -37.97 -63.78 21.75
N ARG J 75 -36.67 -63.54 21.67
CA ARG J 75 -35.90 -63.19 22.84
C ARG J 75 -36.21 -61.76 23.27
N PRO J 76 -36.12 -61.46 24.56
CA PRO J 76 -36.44 -60.12 25.06
C PRO J 76 -35.27 -59.17 25.17
N TRP J 77 -34.10 -59.51 24.61
CA TRP J 77 -32.91 -58.68 24.70
C TRP J 77 -32.64 -57.90 23.43
N LEU J 78 -33.70 -57.51 22.71
CA LEU J 78 -33.58 -56.75 21.46
C LEU J 78 -34.58 -55.60 21.45
N GLU J 79 -34.64 -54.86 22.55
CA GLU J 79 -35.56 -53.74 22.65
C GLU J 79 -35.05 -52.56 21.84
N GLY J 80 -35.94 -51.95 21.06
CA GLY J 80 -35.57 -50.87 20.15
C GLY J 80 -35.19 -51.37 18.77
N LEU J 81 -34.19 -52.25 18.70
CA LEU J 81 -33.85 -52.90 17.44
C LEU J 81 -34.94 -53.86 16.97
N ARG J 82 -35.78 -54.34 17.89
CA ARG J 82 -36.96 -55.11 17.54
C ARG J 82 -38.16 -54.23 17.19
N ASP J 83 -38.00 -52.91 17.23
CA ASP J 83 -39.07 -52.03 16.78
C ASP J 83 -39.16 -51.96 15.26
N HIS J 84 -38.11 -52.36 14.54
CA HIS J 84 -38.13 -52.40 13.09
C HIS J 84 -37.62 -53.75 12.60
N LEU J 85 -36.83 -54.44 13.43
CA LEU J 85 -36.28 -55.73 13.04
C LEU J 85 -37.36 -56.81 13.12
N GLN J 86 -37.40 -57.64 12.09
CA GLN J 86 -38.40 -58.70 11.98
C GLN J 86 -37.93 -59.66 10.88
N PHE J 87 -38.81 -60.58 10.49
CA PHE J 87 -38.50 -61.55 9.45
C PHE J 87 -39.80 -62.25 9.05
N GLY J 88 -39.69 -63.17 8.10
CA GLY J 88 -40.84 -63.90 7.62
C GLY J 88 -41.04 -65.22 8.31
N GLU J 89 -40.77 -66.32 7.61
CA GLU J 89 -40.92 -67.66 8.18
C GLU J 89 -40.15 -68.65 7.31
N PRO J 90 -40.09 -69.92 7.72
CA PRO J 90 -39.38 -70.94 6.93
C PRO J 90 -40.32 -71.59 5.92
N ALA J 91 -39.72 -72.37 5.03
CA ALA J 91 -40.46 -73.06 3.98
C ALA J 91 -39.52 -74.09 3.34
N VAL J 92 -39.95 -74.66 2.22
CA VAL J 92 -39.14 -75.60 1.46
C VAL J 92 -38.22 -74.83 0.51
N VAL J 93 -37.21 -75.51 -0.03
CA VAL J 93 -36.26 -74.90 -0.95
C VAL J 93 -36.11 -75.79 -2.16
N PRO J 94 -35.30 -75.41 -3.15
CA PRO J 94 -35.14 -76.27 -4.34
C PRO J 94 -34.25 -77.46 -4.04
N HIS J 95 -34.34 -78.46 -4.94
CA HIS J 95 -33.55 -79.68 -4.76
C HIS J 95 -32.08 -79.47 -5.08
N PRO J 96 -31.71 -79.05 -6.28
CA PRO J 96 -30.30 -78.79 -6.57
C PRO J 96 -29.86 -77.42 -6.06
N THR J 97 -28.55 -77.27 -5.93
CA THR J 97 -28.01 -76.00 -5.47
C THR J 97 -26.47 -76.03 -5.48
N PRO J 98 -25.82 -74.87 -5.58
CA PRO J 98 -24.36 -74.84 -5.51
C PRO J 98 -23.86 -74.57 -4.10
N TYR J 99 -22.54 -74.62 -3.92
CA TYR J 99 -21.90 -74.34 -2.64
C TYR J 99 -20.97 -73.13 -2.85
N ARG J 100 -21.53 -71.93 -2.71
CA ARG J 100 -20.78 -70.70 -2.79
C ARG J 100 -20.56 -70.14 -1.40
N GLN J 101 -19.39 -69.52 -1.19
CA GLN J 101 -18.99 -69.03 0.11
C GLN J 101 -18.29 -67.69 -0.01
N VAL J 102 -18.69 -66.74 0.84
CA VAL J 102 -18.05 -65.43 0.92
C VAL J 102 -18.35 -64.85 2.30
N SER J 103 -17.33 -64.34 2.97
CA SER J 103 -17.47 -63.85 4.34
C SER J 103 -16.26 -62.98 4.68
N ARG J 104 -16.11 -62.68 5.97
CA ARG J 104 -15.00 -61.85 6.45
C ARG J 104 -14.45 -62.47 7.73
N VAL J 105 -13.15 -62.73 7.74
CA VAL J 105 -12.48 -63.37 8.87
C VAL J 105 -11.43 -62.43 9.45
N GLN J 106 -10.95 -62.78 10.65
CA GLN J 106 -9.99 -61.94 11.37
C GLN J 106 -8.60 -62.20 10.81
N ALA J 107 -8.07 -61.22 10.07
CA ALA J 107 -6.75 -61.31 9.47
C ALA J 107 -5.80 -60.32 10.15
N LYS J 108 -4.51 -60.44 9.81
CA LYS J 108 -3.46 -59.61 10.40
C LYS J 108 -3.12 -58.49 9.44
N SER J 109 -3.91 -57.42 9.50
CA SER J 109 -3.77 -56.26 8.62
C SER J 109 -3.55 -54.98 9.41
N ASN J 110 -2.67 -55.04 10.41
CA ASN J 110 -2.35 -53.88 11.23
C ASN J 110 -0.83 -53.81 11.39
N PRO J 111 -0.18 -52.72 11.00
CA PRO J 111 1.27 -52.60 11.18
C PRO J 111 1.69 -52.05 12.54
N GLU J 112 0.79 -51.99 13.51
CA GLU J 112 1.11 -51.48 14.85
C GLU J 112 1.69 -52.56 15.77
N ARG J 113 1.12 -53.77 15.75
CA ARG J 113 1.56 -54.84 16.64
C ARG J 113 2.92 -55.39 16.25
N LEU J 114 3.16 -55.59 14.95
CA LEU J 114 4.47 -56.05 14.49
C LEU J 114 5.53 -54.97 14.71
N ARG J 115 5.15 -53.70 14.53
CA ARG J 115 6.07 -52.61 14.81
C ARG J 115 6.35 -52.48 16.30
N ARG J 116 5.37 -52.77 17.15
CA ARG J 116 5.58 -52.75 18.59
C ARG J 116 6.50 -53.89 19.03
N ARG J 117 6.35 -55.06 18.39
CA ARG J 117 7.27 -56.17 18.67
C ARG J 117 8.68 -55.85 18.18
N LEU J 118 8.80 -55.20 17.03
CA LEU J 118 10.12 -54.81 16.51
C LEU J 118 10.72 -53.64 17.27
N MET J 119 9.91 -52.89 18.01
CA MET J 119 10.45 -51.86 18.90
C MET J 119 10.81 -52.40 20.28
N ARG J 120 10.08 -53.41 20.75
CA ARG J 120 10.39 -54.02 22.03
C ARG J 120 11.55 -55.00 21.95
N ARG J 121 11.80 -55.56 20.77
CA ARG J 121 12.89 -56.52 20.58
C ARG J 121 14.03 -55.96 19.76
N HIS J 122 13.75 -55.34 18.61
CA HIS J 122 14.81 -54.89 17.71
C HIS J 122 15.43 -53.58 18.17
N ASP J 123 14.61 -52.61 18.58
CA ASP J 123 15.07 -51.29 18.98
C ASP J 123 15.71 -50.53 17.80
N LEU J 124 14.87 -50.27 16.80
CA LEU J 124 15.35 -49.70 15.54
C LEU J 124 15.73 -48.23 15.69
N SER J 125 16.76 -47.84 14.94
CA SER J 125 17.22 -46.45 14.88
C SER J 125 16.51 -45.73 13.74
N GLU J 126 17.00 -44.56 13.33
CA GLU J 126 16.34 -43.79 12.28
C GLU J 126 16.59 -44.39 10.90
N GLU J 127 17.86 -44.44 10.47
CA GLU J 127 18.18 -45.04 9.18
C GLU J 127 17.99 -46.55 9.22
N GLU J 128 18.20 -47.18 10.39
CA GLU J 128 17.93 -48.60 10.54
C GLU J 128 16.44 -48.91 10.48
N ALA J 129 15.59 -48.00 10.97
CA ALA J 129 14.16 -48.20 10.85
C ALA J 129 13.66 -47.89 9.45
N ARG J 130 14.37 -47.00 8.73
CA ARG J 130 14.00 -46.69 7.36
C ARG J 130 14.48 -47.73 6.36
N LYS J 131 15.53 -48.48 6.70
CA LYS J 131 16.09 -49.50 5.81
C LYS J 131 15.67 -50.93 6.18
N ARG J 132 15.85 -51.31 7.45
CA ARG J 132 15.47 -52.65 7.88
C ARG J 132 13.97 -52.77 8.12
N ILE J 133 13.34 -51.71 8.62
CA ILE J 133 11.88 -51.65 8.68
C ILE J 133 11.40 -51.27 7.29
N PRO J 134 10.87 -52.21 6.51
CA PRO J 134 10.62 -51.93 5.10
C PRO J 134 9.42 -51.04 4.82
N ASP J 135 9.08 -50.88 3.54
CA ASP J 135 7.93 -50.09 3.11
C ASP J 135 6.66 -50.92 3.03
N THR J 136 6.55 -51.99 3.81
CA THR J 136 5.33 -52.78 3.93
C THR J 136 4.69 -52.58 5.29
N VAL J 137 4.72 -51.34 5.79
CA VAL J 137 4.13 -51.01 7.08
C VAL J 137 2.76 -50.35 6.96
N ALA J 138 2.43 -49.79 5.79
CA ALA J 138 1.09 -49.23 5.55
C ALA J 138 0.21 -50.35 5.00
N ARG J 139 -0.32 -51.16 5.93
CA ARG J 139 -1.11 -52.35 5.60
C ARG J 139 -2.57 -52.05 5.90
N ALA J 140 -3.29 -51.60 4.87
CA ALA J 140 -4.71 -51.31 5.00
C ALA J 140 -5.35 -51.14 3.63
N LEU J 141 -6.49 -51.79 3.42
CA LEU J 141 -7.24 -51.69 2.17
C LEU J 141 -8.71 -51.43 2.50
N ASP J 142 -9.48 -51.12 1.47
CA ASP J 142 -10.91 -50.87 1.64
C ASP J 142 -11.62 -52.20 1.85
N LEU J 143 -12.18 -52.40 3.03
CA LEU J 143 -12.88 -53.62 3.40
C LEU J 143 -14.25 -53.28 3.96
N PRO J 144 -15.09 -54.27 4.22
CA PRO J 144 -16.43 -54.01 4.75
C PRO J 144 -16.38 -53.90 6.27
N PHE J 145 -16.76 -52.72 6.77
CA PHE J 145 -16.73 -52.47 8.20
C PHE J 145 -17.85 -51.51 8.56
N VAL J 146 -18.31 -51.60 9.82
CA VAL J 146 -19.31 -50.71 10.37
C VAL J 146 -18.77 -50.15 11.68
N THR J 147 -19.51 -49.20 12.25
CA THR J 147 -19.07 -48.49 13.45
C THR J 147 -19.14 -49.39 14.67
N LEU J 148 -18.03 -50.03 15.01
CA LEU J 148 -17.96 -50.95 16.14
C LEU J 148 -17.59 -50.18 17.39
N ARG J 149 -18.45 -50.26 18.41
CA ARG J 149 -18.22 -49.60 19.69
C ARG J 149 -17.40 -50.52 20.59
N SER J 150 -16.33 -49.98 21.17
CA SER J 150 -15.47 -50.74 22.07
C SER J 150 -14.43 -49.81 22.64
N GLN J 151 -13.81 -50.23 23.74
CA GLN J 151 -12.78 -49.45 24.42
C GLN J 151 -11.37 -49.78 23.92
N SER J 152 -11.21 -49.78 22.60
CA SER J 152 -9.91 -49.88 21.95
C SER J 152 -9.48 -48.59 21.30
N THR J 153 -10.42 -47.80 20.81
CA THR J 153 -10.22 -46.42 20.40
C THR J 153 -11.28 -45.56 21.07
N GLY J 154 -11.26 -44.26 20.79
CA GLY J 154 -12.23 -43.35 21.37
C GLY J 154 -13.63 -43.53 20.81
N GLN J 155 -13.81 -43.17 19.55
CA GLN J 155 -15.10 -43.27 18.88
C GLN J 155 -15.25 -44.65 18.23
N HIS J 156 -16.24 -44.79 17.35
CA HIS J 156 -16.44 -46.03 16.62
C HIS J 156 -15.31 -46.26 15.61
N PHE J 157 -15.22 -47.49 15.12
CA PHE J 157 -14.10 -47.90 14.28
C PHE J 157 -14.58 -48.58 13.00
N ARG J 158 -13.65 -49.20 12.28
CA ARG J 158 -13.95 -49.95 11.07
C ARG J 158 -13.38 -51.36 11.18
N LEU J 159 -13.37 -52.10 10.08
CA LEU J 159 -12.81 -53.44 10.07
C LEU J 159 -12.78 -53.95 8.64
N PHE J 160 -11.90 -54.91 8.38
CA PHE J 160 -11.72 -55.49 7.06
C PHE J 160 -12.49 -56.80 6.95
N ILE J 161 -12.31 -57.49 5.83
CA ILE J 161 -12.96 -58.78 5.58
C ILE J 161 -12.06 -59.59 4.65
N ARG J 162 -12.37 -60.88 4.55
CA ARG J 162 -11.63 -61.79 3.67
C ARG J 162 -12.39 -63.10 3.57
N HIS J 163 -12.50 -63.62 2.35
CA HIS J 163 -13.21 -64.87 2.09
C HIS J 163 -12.47 -65.62 0.98
N GLY J 164 -13.12 -66.65 0.45
CA GLY J 164 -12.54 -67.44 -0.61
C GLY J 164 -13.46 -67.56 -1.81
N PRO J 165 -12.93 -68.09 -2.91
CA PRO J 165 -13.76 -68.28 -4.12
C PRO J 165 -14.44 -69.63 -4.12
N LEU J 166 -15.71 -69.62 -4.50
CA LEU J 166 -16.55 -70.82 -4.50
C LEU J 166 -16.91 -71.19 -5.94
N GLN J 167 -17.75 -72.22 -6.06
CA GLN J 167 -18.17 -72.72 -7.37
C GLN J 167 -19.58 -73.26 -7.24
N VAL J 168 -20.01 -74.07 -8.21
CA VAL J 168 -21.34 -74.66 -8.22
C VAL J 168 -21.32 -76.07 -7.62
N THR J 169 -20.28 -76.43 -6.87
CA THR J 169 -20.14 -77.75 -6.28
C THR J 169 -20.95 -77.83 -4.98
N ALA J 170 -20.72 -78.89 -4.21
CA ALA J 170 -21.40 -79.11 -2.95
C ALA J 170 -20.38 -79.22 -1.83
N GLU J 171 -20.65 -78.56 -0.71
CA GLU J 171 -19.76 -78.58 0.44
C GLU J 171 -20.43 -77.78 1.56
N GLU J 172 -19.82 -77.81 2.74
CA GLU J 172 -20.33 -77.09 3.89
C GLU J 172 -19.21 -76.94 4.91
N GLY J 173 -19.31 -75.87 5.71
CA GLY J 173 -18.30 -75.60 6.70
C GLY J 173 -18.70 -74.50 7.66
N GLY J 174 -17.72 -73.77 8.19
CA GLY J 174 -17.98 -72.72 9.16
C GLY J 174 -17.30 -71.42 8.77
N PHE J 175 -17.64 -70.39 9.53
CA PHE J 175 -17.07 -69.06 9.39
C PHE J 175 -16.04 -68.83 10.50
N THR J 176 -15.58 -67.58 10.63
CA THR J 176 -14.61 -67.24 11.66
C THR J 176 -15.27 -67.25 13.04
N CYS J 177 -14.42 -67.19 14.07
CA CYS J 177 -14.85 -67.31 15.46
C CYS J 177 -15.06 -65.95 16.13
N TYR J 178 -15.50 -64.95 15.37
CA TYR J 178 -15.75 -63.62 15.92
C TYR J 178 -17.07 -63.02 15.45
N GLY J 179 -17.87 -63.75 14.67
CA GLY J 179 -19.09 -63.21 14.11
C GLY J 179 -18.91 -62.76 12.68
N LEU J 180 -18.34 -63.63 11.85
CA LEU J 180 -18.12 -63.34 10.44
C LEU J 180 -18.24 -64.64 9.67
N SER J 181 -17.75 -64.64 8.42
CA SER J 181 -17.82 -65.82 7.57
C SER J 181 -16.45 -66.09 6.95
N LYS J 182 -16.23 -67.35 6.57
CA LYS J 182 -15.00 -67.77 5.91
C LYS J 182 -15.30 -68.74 4.78
N GLY J 183 -16.46 -68.61 4.16
CA GLY J 183 -16.94 -69.58 3.20
C GLY J 183 -18.37 -69.98 3.52
N GLY J 184 -19.01 -69.22 4.41
CA GLY J 184 -20.37 -69.48 4.81
C GLY J 184 -21.37 -68.87 3.84
N PHE J 185 -22.62 -68.78 4.32
CA PHE J 185 -23.72 -68.31 3.48
C PHE J 185 -23.69 -66.79 3.39
N VAL J 186 -23.93 -66.28 2.19
CA VAL J 186 -23.99 -64.84 1.94
C VAL J 186 -25.21 -64.56 1.06
N PRO J 187 -25.51 -63.29 0.76
CA PRO J 187 -26.70 -62.97 -0.04
C PRO J 187 -26.45 -63.21 -1.52
N TRP J 188 -27.15 -64.21 -2.07
CA TRP J 188 -27.02 -64.54 -3.50
C TRP J 188 -28.31 -65.21 -3.93
N PHE J 189 -29.18 -64.47 -4.60
CA PHE J 189 -30.46 -64.98 -5.05
C PHE J 189 -31.51 -64.80 -3.95
#